data_9OFO
#
_entry.id   9OFO
#
_cell.length_a   1.00
_cell.length_b   1.00
_cell.length_c   1.00
_cell.angle_alpha   90.00
_cell.angle_beta   90.00
_cell.angle_gamma   90.00
#
_symmetry.space_group_name_H-M   'P 1'
#
loop_
_entity.id
_entity.type
_entity.pdbx_description
1 polymer 'Surface glycoprotein'
2 polymer 'DH1533 FAB heavy chain'
3 polymer 'DH1533 FAB light chain'
4 branched alpha-D-mannopyranose-(1-3)-[alpha-D-mannopyranose-(1-6)]beta-D-mannopyranose-(1-4)-2-acetamido-2-deoxy-beta-D-glucopyranose-(1-4)-2-acetamido-2-deoxy-beta-D-glucopyranose
5 branched beta-D-mannopyranose-(1-4)-2-acetamido-2-deoxy-beta-D-glucopyranose-(1-4)-2-acetamido-2-deoxy-beta-D-glucopyranose
6 branched 2-acetamido-2-deoxy-beta-D-glucopyranose-(1-4)-2-acetamido-2-deoxy-beta-D-glucopyranose
7 non-polymer 2-acetamido-2-deoxy-beta-D-glucopyranose
#
loop_
_entity_poly.entity_id
_entity_poly.type
_entity_poly.pdbx_seq_one_letter_code
_entity_poly.pdbx_strand_id
1 'polypeptide(L)'
;MFVLLVAYALLHIAGCQTTNGTNTSHSVCNGCVGHSENVFAVESGGYIPSNFAFNNWFLLTNTSSVVDGVVRSFQPLLLN
CLWSVSGSQFTTGFVYFNGTGRGACKGFYSNASSDVIRYNINFEENLRRGTILFKTSYGAVVFYCTNNTLVSGDAHIPSG
TVLGNFYCFVNTTIGNETTSAFVGALPKTVREFVISRTGHFYINGYRYFSLGDVEAVNFNVTNAATTVCTVALASYADVL
VNVSQTAIANIIYCNSVINRLRCDQLSFDVPDGFYSTSPIQPVELPVSIVSLPVYHKHTFIVLYVNFEHRRGPGKCYNCR
PAVINITLANFNETKGPLCVDTSHFTTQFVDNVKLARWSASINTGNCPFSFGKVNNFVKFGSVCFSLKDIPGGCAMPIMA
NLVNSKSHNIGSLYVSWSDGDVITGVPKPVEGVSSFMNVTLNKCTKYNIYDVSGVGVIRISNDTFLNGITYTSTSGNLLG
FKDVTNGTIYSITPCNPPDQLVVYQQAVVGAMLSENFTSYGFSNVVEMPKFFYASNGTYNCTDAVLTYSSFGVCADGSII
AVQPRNVSYDSVSAIVTANLSIPFNWTTSVQVEYLQITSTPIVVDCSTYVCNGNVRCVELLKQYTSACKTIEDALRNSAM
LESADVSEMLTFDKKAFTLANVSSFGDYNLSSVIPSLPRSGSRVAGRSAIEDILFSKLVTSGLGTVDADYKKCTKGLSIA
DLACAQYYNGIMVLPGVADAERMAMYTGSLIGGIALGGLTSAASIPFSLAIQSRLNYVALQTDVLQENQRILAASFNKAM
TNIVDAFTGVNDAITQTSQALQTVATALNKIQDVVNQQGNSLNHLTSQLRQNFQAISSSIQAIYDRLDPPQADQQVDRLI
TGRLAALNVFVSHTLTKYTEVRASRQLAQQKVNECVKSQSKRYGFCGNGTHIFSLVNAAPEGLVFLHTVLLPTQYKDVEA
WSGLCVDGINGYVLRQPNLALYKEGNYYRITSRIMFEPRIPTIADFVQIENCNVTFVNISRSELQTIVPEYIDVNKTLQE
LSYKLPNYTVPDLVGSGYIPEAPRDGQAYVRKDGEWVLLSTFLGRSLEVLFQGPGHHHHHHHHSAWSHPQFEKGGGSGGG
GSGGSAWSHPQFEK
;
A,B,C
2 'polypeptide(L)'
;EVQLVESGGGLVQPGGSLRLSCAASGFTFSSYAMSWVRQAPGKGLEWVSAIIGSGSNTYYADSVKGRFTISRDNAKNTLY
LQMNSLRAEDTAVYYCAKDTTPRPLYSSGWYGSFDYWGQGTPVSVSSASTKGPSVFPLAPSSKSTSGGTAALGCLVKDYF
PEPVTVSWNSGALTSGVHTFPAVLQSSGLYSLSSVVTVPSSSLGTQTYICNVNHKPSNTKVDKKVEPKSCDKGLEVLFQ
;
H,M,O
3 'polypeptide(L)'
;DIQMTQSPSSLSASVGDRVTITCQASQDITTYLNWYQQKPGKAPKLLIYDASNLETGVPSRFSGSGSGTDFTLTISSLQP
EDIATYYCQQYDNLFLTFGGGTKVEIKRTVAAPSVFIFPPSDEQLKSGTASVVCLLNNFYPREAKVQWKVDNALQSGNSQ
ESVTEQDSKDSTYSLSSTLTLSKADYEKHKVYACEVTHQGLSSPVTKSFNRGEC
;
L,N,P
#
loop_
_chem_comp.id
_chem_comp.type
_chem_comp.name
_chem_comp.formula
BMA D-saccharide, beta linking beta-D-mannopyranose 'C6 H12 O6'
MAN D-saccharide, alpha linking alpha-D-mannopyranose 'C6 H12 O6'
NAG D-saccharide, beta linking 2-acetamido-2-deoxy-beta-D-glucopyranose 'C8 H15 N O6'
#
# COMPACT_ATOMS: atom_id res chain seq x y z
N CYS A 32 37.10 20.40 34.74
CA CYS A 32 38.18 21.17 35.33
C CYS A 32 38.38 22.51 34.60
N VAL A 33 39.34 23.29 35.10
CA VAL A 33 39.77 24.58 34.56
C VAL A 33 38.60 25.42 34.03
N GLY A 34 38.08 26.31 34.88
CA GLY A 34 36.99 27.18 34.53
C GLY A 34 35.68 26.89 35.23
N HIS A 35 35.10 27.94 35.83
CA HIS A 35 33.81 27.92 36.51
C HIS A 35 33.76 26.99 37.73
N SER A 36 34.83 26.22 37.95
CA SER A 36 34.90 25.20 39.00
C SER A 36 33.86 24.11 38.79
N GLU A 37 33.04 24.25 37.75
CA GLU A 37 31.94 23.34 37.47
C GLU A 37 32.07 22.59 36.15
N ASN A 38 33.14 22.82 35.38
CA ASN A 38 33.37 21.94 34.24
C ASN A 38 33.47 20.51 34.75
N VAL A 39 34.09 20.35 35.91
CA VAL A 39 33.97 19.12 36.68
C VAL A 39 32.83 19.43 37.66
N PHE A 40 31.81 18.60 37.66
CA PHE A 40 30.61 18.91 38.43
C PHE A 40 30.38 17.89 39.54
N ALA A 41 29.47 18.26 40.44
CA ALA A 41 29.06 17.39 41.53
C ALA A 41 28.02 16.43 41.00
N VAL A 42 28.35 15.14 40.96
CA VAL A 42 27.41 14.17 40.43
C VAL A 42 26.18 14.09 41.32
N GLU A 43 25.01 14.20 40.73
CA GLU A 43 23.77 14.15 41.48
C GLU A 43 23.49 12.73 41.94
N SER A 44 22.59 12.61 42.93
CA SER A 44 22.28 11.30 43.48
C SER A 44 21.71 10.37 42.41
N GLY A 45 22.28 9.17 42.35
CA GLY A 45 21.92 8.19 41.34
C GLY A 45 22.81 8.18 40.12
N GLY A 46 23.69 9.16 39.98
CA GLY A 46 24.63 9.21 38.88
C GLY A 46 24.22 10.08 37.72
N TYR A 47 23.19 10.91 37.89
CA TYR A 47 22.75 11.78 36.81
C TYR A 47 23.64 13.02 36.70
N ILE A 48 23.58 13.66 35.54
CA ILE A 48 24.35 14.85 35.24
C ILE A 48 23.45 16.08 35.38
N PRO A 49 23.91 17.16 36.02
CA PRO A 49 23.07 18.34 36.19
C PRO A 49 22.55 18.88 34.86
N SER A 50 21.29 19.34 34.90
CA SER A 50 20.60 19.85 33.73
C SER A 50 21.18 21.14 33.17
N ASN A 51 22.03 21.85 33.91
CA ASN A 51 22.67 23.07 33.40
C ASN A 51 24.09 22.85 32.90
N PHE A 52 24.54 21.61 32.81
CA PHE A 52 25.90 21.32 32.35
C PHE A 52 26.07 21.67 30.88
N ALA A 53 27.19 22.31 30.55
CA ALA A 53 27.47 22.74 29.19
C ALA A 53 27.94 21.62 28.27
N PHE A 54 28.25 20.45 28.80
CA PHE A 54 28.71 19.30 28.00
C PHE A 54 29.90 19.63 27.09
N ASN A 55 30.82 20.46 27.58
CA ASN A 55 31.99 20.79 26.80
C ASN A 55 32.91 19.58 26.69
N ASN A 56 33.30 19.25 25.46
CA ASN A 56 34.13 18.09 25.13
C ASN A 56 33.50 16.75 25.49
N TRP A 57 32.19 16.71 25.72
CA TRP A 57 31.48 15.46 25.96
C TRP A 57 30.85 15.09 24.62
N PHE A 58 31.26 13.96 24.06
CA PHE A 58 30.84 13.59 22.71
C PHE A 58 29.78 12.50 22.67
N LEU A 59 28.87 12.66 21.72
CA LEU A 59 27.85 11.66 21.43
C LEU A 59 28.53 10.49 20.73
N LEU A 60 28.66 9.38 21.44
CA LEU A 60 29.36 8.23 20.89
C LEU A 60 28.56 7.60 19.76
N THR A 61 29.25 7.25 18.69
CA THR A 61 28.61 6.64 17.54
C THR A 61 29.51 5.54 17.01
N ASN A 62 28.88 4.58 16.36
CA ASN A 62 29.55 3.41 15.83
C ASN A 62 29.81 3.51 14.33
N THR A 63 28.90 4.17 13.59
CA THR A 63 29.07 4.34 12.14
C THR A 63 28.95 5.77 11.62
N SER A 64 27.87 6.48 11.98
CA SER A 64 27.60 7.81 11.43
C SER A 64 27.26 8.82 12.53
N SER A 65 27.62 10.08 12.30
CA SER A 65 27.40 11.14 13.27
C SER A 65 26.25 12.07 12.85
N VAL A 66 25.42 12.42 13.83
CA VAL A 66 24.27 13.30 13.61
C VAL A 66 24.72 14.76 13.69
N VAL A 67 24.18 15.59 12.79
CA VAL A 67 24.53 17.00 12.78
C VAL A 67 23.59 17.78 13.69
N ASP A 68 22.30 17.81 13.33
CA ASP A 68 21.27 18.48 14.10
C ASP A 68 20.08 17.56 14.27
N GLY A 69 19.42 17.67 15.41
CA GLY A 69 18.23 16.89 15.66
C GLY A 69 18.12 16.32 17.07
N VAL A 70 17.02 15.63 17.33
CA VAL A 70 16.77 14.98 18.62
C VAL A 70 16.81 13.47 18.37
N VAL A 71 17.65 12.78 19.11
CA VAL A 71 17.86 11.35 18.94
C VAL A 71 17.87 10.66 20.29
N ARG A 72 17.28 9.47 20.34
CA ARG A 72 17.25 8.62 21.52
C ARG A 72 18.25 7.49 21.32
N SER A 73 19.14 7.29 22.29
CA SER A 73 20.14 6.24 22.15
C SER A 73 20.65 5.83 23.53
N PHE A 74 21.26 4.65 23.57
CA PHE A 74 21.92 4.16 24.77
C PHE A 74 23.33 4.76 24.81
N GLN A 75 23.60 5.59 25.80
CA GLN A 75 24.89 6.23 25.89
C GLN A 75 25.46 6.08 27.30
N PRO A 76 26.78 6.03 27.43
CA PRO A 76 27.43 5.94 28.75
C PRO A 76 27.48 7.32 29.41
N LEU A 77 26.33 7.70 29.97
CA LEU A 77 26.19 8.99 30.64
C LEU A 77 25.75 8.86 32.09
N LEU A 78 25.61 7.65 32.62
CA LEU A 78 25.29 7.43 34.02
C LEU A 78 26.63 7.29 34.75
N LEU A 79 27.07 8.37 35.37
CA LEU A 79 28.38 8.42 36.01
C LEU A 79 28.38 7.75 37.36
N ASN A 80 29.37 6.87 37.59
CA ASN A 80 29.57 6.23 38.87
C ASN A 80 30.53 7.01 39.75
N CYS A 81 31.49 7.72 39.15
CA CYS A 81 32.40 8.58 39.91
C CYS A 81 33.16 9.47 38.91
N LEU A 82 33.15 10.77 39.16
CA LEU A 82 33.82 11.76 38.30
C LEU A 82 34.80 12.58 39.13
N TRP A 83 36.09 12.41 38.88
CA TRP A 83 37.11 13.12 39.61
C TRP A 83 38.02 13.90 38.68
N SER A 84 38.53 15.02 39.18
CA SER A 84 39.42 15.89 38.45
C SER A 84 40.88 15.43 38.54
N VAL A 85 41.60 15.67 37.45
CA VAL A 85 43.01 15.33 37.35
C VAL A 85 43.88 16.58 37.38
N SER A 86 43.53 17.58 36.57
CA SER A 86 44.24 18.84 36.62
C SER A 86 43.93 19.55 37.93
N GLY A 87 44.98 20.06 38.59
CA GLY A 87 44.81 20.70 39.88
C GLY A 87 44.63 19.74 41.03
N SER A 88 44.78 18.44 40.79
CA SER A 88 44.68 17.42 41.83
C SER A 88 46.02 17.02 42.41
N GLN A 89 47.08 17.07 41.61
CA GLN A 89 48.45 16.71 41.98
C GLN A 89 48.67 15.23 42.25
N PHE A 90 47.68 14.37 41.98
CA PHE A 90 47.83 12.94 42.21
C PHE A 90 48.30 12.18 40.98
N THR A 91 47.95 12.65 39.78
CA THR A 91 48.25 12.05 38.48
C THR A 91 47.42 10.79 38.24
N THR A 92 46.75 10.30 39.28
CA THR A 92 45.80 9.19 39.22
C THR A 92 46.38 7.81 38.88
N GLY A 93 47.59 7.76 38.33
CA GLY A 93 48.17 6.47 37.98
C GLY A 93 47.27 5.65 37.06
N PHE A 94 47.06 4.38 37.43
CA PHE A 94 46.20 3.47 36.69
C PHE A 94 44.75 3.54 37.18
N VAL A 95 43.84 3.14 36.30
CA VAL A 95 42.41 3.08 36.61
C VAL A 95 41.87 1.70 36.23
N TYR A 96 41.25 1.01 37.18
CA TYR A 96 40.67 -0.30 36.93
C TYR A 96 39.18 -0.12 36.65
N PHE A 97 38.45 -1.22 36.42
CA PHE A 97 37.02 -1.05 36.13
C PHE A 97 36.11 -1.30 37.33
N ASN A 98 36.63 -1.86 38.42
CA ASN A 98 35.83 -1.95 39.62
C ASN A 98 35.51 -0.55 40.12
N GLY A 99 36.54 0.30 40.08
CA GLY A 99 36.60 1.59 40.72
C GLY A 99 37.93 1.72 41.44
N THR A 100 38.73 0.66 41.39
CA THR A 100 40.05 0.71 42.00
C THR A 100 40.90 1.71 41.24
N GLY A 101 41.70 2.49 41.96
CA GLY A 101 42.46 3.54 41.33
C GLY A 101 41.71 4.84 41.10
N ARG A 102 40.42 4.88 41.44
CA ARG A 102 39.65 6.10 41.31
C ARG A 102 40.16 7.18 42.26
N GLY A 103 40.08 8.43 41.80
CA GLY A 103 40.45 9.56 42.62
C GLY A 103 39.28 10.05 43.46
N ALA A 104 39.51 11.16 44.16
CA ALA A 104 38.48 11.77 45.00
C ALA A 104 37.47 12.50 44.12
N CYS A 105 36.42 11.79 43.73
CA CYS A 105 35.36 12.36 42.91
C CYS A 105 34.41 13.24 43.73
N LYS A 106 33.76 14.18 43.03
CA LYS A 106 32.85 15.13 43.65
C LYS A 106 31.41 14.64 43.62
N GLY A 107 30.73 14.74 44.76
CA GLY A 107 29.33 14.39 44.85
C GLY A 107 29.06 12.90 45.00
N PHE A 108 27.96 12.46 44.40
CA PHE A 108 27.54 11.07 44.46
C PHE A 108 28.59 10.19 43.80
N TYR A 109 28.75 8.99 44.34
CA TYR A 109 29.66 8.01 43.78
C TYR A 109 29.07 6.63 44.04
N SER A 110 29.53 5.66 43.24
CA SER A 110 29.01 4.32 43.37
C SER A 110 30.17 3.35 43.53
N ASN A 111 29.85 2.20 44.10
CA ASN A 111 30.74 1.09 44.35
C ASN A 111 30.61 0.00 43.28
N ALA A 112 29.65 0.15 42.36
CA ALA A 112 29.34 -0.82 41.31
C ALA A 112 30.41 -0.83 40.21
N SER A 113 30.35 -1.87 39.39
CA SER A 113 31.29 -2.02 38.28
C SER A 113 30.85 -1.15 37.11
N SER A 114 31.78 -0.40 36.51
CA SER A 114 31.46 0.39 35.35
C SER A 114 31.75 -0.38 34.07
N ASP A 115 31.46 0.22 32.92
CA ASP A 115 31.76 -0.40 31.64
C ASP A 115 32.42 0.56 30.66
N VAL A 116 32.57 1.83 31.00
CA VAL A 116 33.20 2.82 30.15
C VAL A 116 34.01 3.78 30.99
N ILE A 117 35.21 4.11 30.53
CA ILE A 117 36.06 5.13 31.14
C ILE A 117 36.19 6.27 30.14
N ARG A 118 35.88 7.49 30.59
CA ARG A 118 35.95 8.69 29.76
C ARG A 118 37.12 9.56 30.21
N TYR A 119 37.92 10.01 29.25
CA TYR A 119 39.05 10.89 29.50
C TYR A 119 38.84 12.22 28.76
N ASN A 120 38.46 13.23 29.49
CA ASN A 120 38.23 14.49 28.87
C ASN A 120 39.47 15.29 28.76
N ILE A 121 40.20 15.11 27.68
CA ILE A 121 41.47 15.82 27.38
C ILE A 121 41.21 17.29 27.02
N ASN A 122 42.22 18.13 27.16
CA ASN A 122 42.10 19.57 26.90
C ASN A 122 42.00 20.11 25.47
N PHE A 123 41.63 21.39 25.40
CA PHE A 123 41.42 22.13 24.16
C PHE A 123 42.56 21.77 23.20
N GLU A 124 42.20 21.10 22.10
CA GLU A 124 43.09 20.77 20.99
C GLU A 124 44.38 20.07 21.42
N GLU A 125 44.40 19.38 22.55
CA GLU A 125 45.62 18.71 22.96
C GLU A 125 45.75 17.40 22.19
N ASN A 126 46.99 17.01 21.91
CA ASN A 126 47.28 15.81 21.14
C ASN A 126 48.10 14.80 21.93
N LEU A 127 47.65 13.54 21.91
CA LEU A 127 48.27 12.39 22.56
C LEU A 127 49.46 11.87 21.78
N ARG A 128 49.95 12.72 20.88
CA ARG A 128 50.98 12.37 19.92
C ARG A 128 52.31 12.02 20.58
N ARG A 129 52.59 12.55 21.76
CA ARG A 129 53.89 12.38 22.38
C ARG A 129 53.87 11.57 23.67
N GLY A 130 53.16 10.45 23.67
CA GLY A 130 53.07 9.62 24.85
C GLY A 130 52.65 8.21 24.54
N THR A 131 52.10 7.53 25.54
CA THR A 131 51.63 6.16 25.38
C THR A 131 50.41 5.95 26.25
N ILE A 132 49.62 4.95 25.87
CA ILE A 132 48.44 4.53 26.63
C ILE A 132 48.64 3.06 26.99
N LEU A 133 48.74 2.78 28.29
CA LEU A 133 48.97 1.43 28.78
C LEU A 133 47.66 0.73 29.14
N PHE A 134 47.65 -0.58 28.95
CA PHE A 134 46.47 -1.41 29.21
C PHE A 134 46.88 -2.65 29.99
N LYS A 135 45.93 -3.17 30.76
CA LYS A 135 46.10 -4.41 31.52
C LYS A 135 44.96 -5.35 31.16
N THR A 136 45.32 -6.57 30.76
CA THR A 136 44.34 -7.58 30.40
C THR A 136 44.56 -8.83 31.25
N SER A 137 43.76 -9.86 30.98
CA SER A 137 43.91 -11.13 31.66
C SER A 137 45.11 -11.93 31.15
N TYR A 138 45.61 -11.61 29.96
CA TYR A 138 46.71 -12.35 29.36
C TYR A 138 48.05 -11.60 29.42
N GLY A 139 48.10 -10.43 30.00
CA GLY A 139 49.33 -9.69 30.09
C GLY A 139 49.08 -8.19 29.98
N ALA A 140 50.08 -7.48 29.49
CA ALA A 140 50.03 -6.04 29.29
C ALA A 140 50.04 -5.66 27.82
N VAL A 141 49.38 -4.55 27.50
CA VAL A 141 49.25 -4.04 26.14
C VAL A 141 49.51 -2.54 26.19
N VAL A 142 50.26 -2.02 25.23
CA VAL A 142 50.54 -0.59 25.15
C VAL A 142 50.27 -0.08 23.74
N PHE A 143 49.61 1.06 23.65
CA PHE A 143 49.27 1.74 22.41
C PHE A 143 50.13 2.99 22.27
N TYR A 144 50.81 3.13 21.13
CA TYR A 144 51.71 4.25 20.87
C TYR A 144 51.57 4.70 19.41
N CYS A 145 51.91 5.97 19.17
CA CYS A 145 51.84 6.59 17.85
C CYS A 145 53.19 7.23 17.55
N THR A 146 53.73 7.01 16.35
CA THR A 146 55.08 7.49 16.08
C THR A 146 55.37 7.78 14.60
N ASN A 147 56.41 8.60 14.44
CA ASN A 147 57.09 9.11 13.25
C ASN A 147 58.42 8.44 12.95
N ASN A 148 59.10 7.90 13.95
CA ASN A 148 60.40 7.28 13.76
C ASN A 148 60.16 5.79 13.60
N THR A 149 60.60 5.20 12.49
CA THR A 149 60.32 3.78 12.27
C THR A 149 61.04 2.85 13.24
N LEU A 150 62.11 3.31 13.88
CA LEU A 150 62.83 2.48 14.84
C LEU A 150 62.05 2.26 16.13
N VAL A 151 61.02 3.08 16.39
CA VAL A 151 60.24 2.94 17.60
C VAL A 151 59.20 1.82 17.50
N SER A 152 58.67 1.57 16.31
CA SER A 152 57.70 0.50 16.12
C SER A 152 58.33 -0.87 15.90
N GLY A 153 59.63 -0.94 15.63
CA GLY A 153 60.25 -2.22 15.35
C GLY A 153 59.75 -2.86 14.07
N ASP A 154 58.94 -3.90 14.19
CA ASP A 154 58.36 -4.54 13.02
C ASP A 154 56.98 -3.95 12.70
N ALA A 155 56.76 -3.69 11.42
CA ALA A 155 55.49 -3.20 10.89
C ALA A 155 55.20 -4.02 9.65
N HIS A 156 54.11 -4.79 9.67
CA HIS A 156 53.84 -5.69 8.57
C HIS A 156 53.25 -4.91 7.39
N ILE A 157 54.12 -4.54 6.46
CA ILE A 157 53.89 -3.81 5.21
C ILE A 157 52.79 -2.74 5.23
N PRO A 158 52.94 -1.66 6.01
CA PRO A 158 51.94 -0.59 5.98
C PRO A 158 52.05 0.22 4.68
N SER A 159 51.48 -0.28 3.60
CA SER A 159 51.56 0.31 2.28
C SER A 159 50.58 1.46 2.09
N GLY A 160 50.84 2.28 1.07
CA GLY A 160 49.99 3.40 0.70
C GLY A 160 50.06 4.56 1.68
N THR A 161 50.95 4.47 2.64
CA THR A 161 51.13 5.47 3.68
C THR A 161 51.99 6.65 3.22
N VAL A 162 51.73 7.81 3.82
CA VAL A 162 52.56 9.00 3.62
C VAL A 162 53.69 8.89 4.64
N LEU A 163 54.91 8.63 4.17
CA LEU A 163 56.03 8.40 5.07
C LEU A 163 56.36 9.57 5.98
N GLY A 164 55.90 10.78 5.67
CA GLY A 164 56.25 11.94 6.48
C GLY A 164 55.44 12.19 7.75
N ASN A 165 54.39 11.43 8.03
CA ASN A 165 53.56 11.70 9.21
C ASN A 165 53.41 10.48 10.12
N PHE A 166 52.94 10.75 11.34
CA PHE A 166 52.84 9.76 12.41
C PHE A 166 51.69 8.77 12.23
N TYR A 167 51.95 7.52 12.65
CA TYR A 167 50.98 6.43 12.65
C TYR A 167 51.08 5.72 13.99
N CYS A 168 50.01 5.09 14.43
CA CYS A 168 49.98 4.42 15.71
C CYS A 168 50.04 2.90 15.55
N PHE A 169 50.68 2.25 16.54
CA PHE A 169 50.84 0.79 16.60
C PHE A 169 50.48 0.28 17.98
N VAL A 170 50.64 -1.03 18.17
CA VAL A 170 50.39 -1.71 19.43
C VAL A 170 51.47 -2.75 19.75
N ASN A 171 51.89 -2.79 21.02
CA ASN A 171 52.85 -3.75 21.56
C ASN A 171 52.03 -4.61 22.52
N THR A 172 51.98 -5.90 22.26
CA THR A 172 51.27 -6.85 23.10
C THR A 172 52.33 -7.71 23.78
N THR A 173 52.14 -8.01 25.04
CA THR A 173 53.08 -8.89 25.74
C THR A 173 52.29 -10.12 26.20
N ILE A 174 52.37 -11.20 25.44
CA ILE A 174 51.72 -12.43 25.84
C ILE A 174 52.66 -13.10 26.82
N GLY A 175 52.63 -12.67 28.07
CA GLY A 175 53.59 -13.20 29.00
C GLY A 175 55.01 -12.80 28.64
N ASN A 176 55.84 -13.81 28.44
CA ASN A 176 57.24 -13.66 28.05
C ASN A 176 57.35 -13.71 26.52
N GLU A 177 56.65 -12.77 25.87
CA GLU A 177 56.62 -12.66 24.41
C GLU A 177 56.10 -11.30 24.00
N THR A 178 56.95 -10.43 23.46
CA THR A 178 56.53 -9.12 22.97
C THR A 178 56.26 -9.18 21.46
N THR A 179 55.07 -8.73 21.06
CA THR A 179 54.65 -8.72 19.66
C THR A 179 54.08 -7.36 19.27
N SER A 180 54.50 -6.82 18.13
CA SER A 180 54.04 -5.54 17.62
C SER A 180 53.03 -5.73 16.49
N ALA A 181 52.12 -4.76 16.34
CA ALA A 181 51.11 -4.80 15.27
C ALA A 181 50.63 -3.40 14.96
N PHE A 182 50.44 -3.12 13.67
CA PHE A 182 49.92 -1.85 13.21
C PHE A 182 48.40 -1.78 13.43
N VAL A 183 47.92 -0.63 13.90
CA VAL A 183 46.48 -0.47 14.13
C VAL A 183 45.85 0.64 13.30
N GLY A 184 46.61 1.65 12.92
CA GLY A 184 46.04 2.71 12.11
C GLY A 184 46.54 4.11 12.38
N ALA A 185 45.67 5.11 12.24
CA ALA A 185 46.01 6.51 12.47
C ALA A 185 44.97 7.18 13.36
N LEU A 186 45.41 8.24 14.03
CA LEU A 186 44.57 9.08 14.88
C LEU A 186 44.66 10.53 14.42
N PRO A 187 43.62 11.33 14.66
CA PRO A 187 43.64 12.73 14.23
C PRO A 187 44.79 13.52 14.83
N LYS A 188 44.97 14.71 14.26
CA LYS A 188 45.98 15.64 14.74
C LYS A 188 45.75 16.03 16.20
N THR A 189 44.50 16.24 16.58
CA THR A 189 44.13 16.60 17.95
C THR A 189 43.01 15.70 18.44
N VAL A 190 43.03 15.43 19.74
CA VAL A 190 42.03 14.61 20.40
C VAL A 190 41.39 15.42 21.53
N ARG A 191 40.06 15.47 21.54
CA ARG A 191 39.32 16.22 22.55
C ARG A 191 38.86 15.33 23.70
N GLU A 192 38.43 14.11 23.39
CA GLU A 192 38.00 13.17 24.42
C GLU A 192 38.36 11.76 23.97
N PHE A 193 38.88 10.96 24.90
CA PHE A 193 39.22 9.57 24.68
C PHE A 193 38.33 8.71 25.56
N VAL A 194 37.63 7.73 24.98
CA VAL A 194 36.73 6.84 25.69
C VAL A 194 37.13 5.40 25.41
N ILE A 195 37.20 4.58 26.45
CA ILE A 195 37.55 3.17 26.34
C ILE A 195 36.53 2.33 27.10
N SER A 196 36.06 1.26 26.47
CA SER A 196 35.10 0.34 27.06
C SER A 196 35.82 -0.90 27.58
N ARG A 197 35.15 -1.62 28.50
CA ARG A 197 35.73 -2.85 29.01
C ARG A 197 35.93 -3.88 27.90
N THR A 198 35.06 -3.87 26.90
CA THR A 198 35.15 -4.80 25.79
C THR A 198 36.14 -4.36 24.74
N GLY A 199 36.93 -3.33 25.01
CA GLY A 199 37.98 -2.87 24.13
C GLY A 199 37.59 -1.86 23.09
N HIS A 200 36.36 -1.37 23.08
CA HIS A 200 35.97 -0.38 22.09
C HIS A 200 36.75 0.89 22.36
N PHE A 201 37.46 1.37 21.34
CA PHE A 201 38.33 2.53 21.43
C PHE A 201 37.66 3.69 20.70
N TYR A 202 37.25 4.70 21.46
CA TYR A 202 36.58 5.87 20.91
C TYR A 202 37.47 7.10 21.01
N ILE A 203 37.55 7.85 19.92
CA ILE A 203 38.27 9.11 19.86
C ILE A 203 37.35 10.13 19.23
N ASN A 204 37.15 11.26 19.89
CA ASN A 204 36.28 12.33 19.38
C ASN A 204 34.88 11.81 19.02
N GLY A 205 34.43 10.79 19.75
CA GLY A 205 33.12 10.20 19.52
C GLY A 205 33.03 9.09 18.49
N TYR A 206 34.11 8.75 17.80
CA TYR A 206 34.06 7.69 16.80
C TYR A 206 34.90 6.50 17.24
N ARG A 207 34.37 5.29 17.03
CA ARG A 207 35.08 4.07 17.37
C ARG A 207 36.09 3.77 16.27
N TYR A 208 37.38 3.92 16.60
CA TYR A 208 38.44 3.67 15.64
C TYR A 208 38.99 2.25 15.70
N PHE A 209 39.18 1.69 16.89
CA PHE A 209 39.75 0.35 17.05
C PHE A 209 38.87 -0.50 17.97
N SER A 210 39.27 -1.77 18.09
CA SER A 210 38.61 -2.73 18.98
C SER A 210 39.72 -3.66 19.51
N LEU A 211 40.23 -3.32 20.69
CA LEU A 211 41.39 -3.99 21.27
C LEU A 211 41.07 -5.26 22.05
N GLY A 212 39.81 -5.64 22.17
CA GLY A 212 39.46 -6.80 22.98
C GLY A 212 39.31 -6.41 24.45
N ASP A 213 38.96 -7.40 25.27
CA ASP A 213 38.71 -7.16 26.68
C ASP A 213 39.89 -6.48 27.37
N VAL A 214 39.59 -5.41 28.12
CA VAL A 214 40.58 -4.63 28.84
C VAL A 214 40.10 -4.44 30.27
N GLU A 215 40.99 -4.68 31.23
CA GLU A 215 40.62 -4.54 32.64
C GLU A 215 41.15 -3.28 33.30
N ALA A 216 42.14 -2.61 32.72
CA ALA A 216 42.63 -1.35 33.29
C ALA A 216 43.34 -0.57 32.20
N VAL A 217 43.37 0.76 32.37
CA VAL A 217 44.03 1.65 31.43
C VAL A 217 44.85 2.69 32.18
N ASN A 218 45.82 3.27 31.48
CA ASN A 218 46.60 4.37 32.02
C ASN A 218 46.95 5.34 30.90
N PHE A 219 46.62 6.62 31.10
CA PHE A 219 46.93 7.65 30.12
C PHE A 219 48.26 8.32 30.50
N ASN A 220 49.33 7.52 30.57
CA ASN A 220 50.64 8.03 30.95
C ASN A 220 51.28 8.69 29.74
N VAL A 221 50.90 9.95 29.51
CA VAL A 221 51.42 10.77 28.41
C VAL A 221 52.13 11.98 29.01
N THR A 222 53.23 12.40 28.39
CA THR A 222 53.97 13.56 28.86
C THR A 222 53.05 14.77 28.96
N ASN A 223 53.50 15.74 29.77
CA ASN A 223 52.77 16.96 30.17
C ASN A 223 51.47 16.56 30.84
N ALA A 224 51.55 15.46 31.60
CA ALA A 224 50.48 14.88 32.39
C ALA A 224 50.01 15.85 33.47
N ALA A 225 48.84 15.55 34.04
CA ALA A 225 48.20 16.41 35.04
C ALA A 225 47.79 17.76 34.47
N THR A 226 48.12 18.01 33.21
CA THR A 226 47.68 19.23 32.54
C THR A 226 47.08 18.84 31.20
N THR A 227 47.56 17.75 30.61
CA THR A 227 46.97 17.25 29.37
C THR A 227 45.62 16.59 29.59
N VAL A 228 45.29 16.22 30.82
CA VAL A 228 44.02 15.58 31.12
C VAL A 228 43.23 16.49 32.06
N CYS A 229 41.99 16.77 31.69
CA CYS A 229 41.12 17.63 32.49
C CYS A 229 40.34 16.84 33.53
N THR A 230 39.57 15.84 33.08
CA THR A 230 38.72 15.08 33.99
C THR A 230 38.63 13.63 33.54
N VAL A 231 38.38 12.73 34.48
CA VAL A 231 38.23 11.31 34.22
C VAL A 231 36.95 10.85 34.87
N ALA A 232 36.17 10.05 34.15
CA ALA A 232 34.90 9.55 34.66
C ALA A 232 34.70 8.08 34.36
N LEU A 233 34.08 7.38 35.30
CA LEU A 233 33.64 6.01 35.11
C LEU A 233 32.12 6.06 34.91
N ALA A 234 31.65 5.47 33.81
CA ALA A 234 30.23 5.57 33.47
C ALA A 234 29.64 4.21 33.13
N SER A 235 28.32 4.19 33.03
CA SER A 235 27.54 3.02 32.68
C SER A 235 26.51 3.41 31.63
N TYR A 236 26.09 2.43 30.84
CA TYR A 236 25.08 2.66 29.81
C TYR A 236 23.72 2.99 30.39
N ALA A 237 23.03 3.93 29.75
CA ALA A 237 21.69 4.36 30.13
C ALA A 237 21.05 5.01 28.92
N ASP A 238 19.79 4.68 28.66
CA ASP A 238 19.08 5.27 27.53
C ASP A 238 18.72 6.72 27.83
N VAL A 239 19.01 7.61 26.89
CA VAL A 239 18.78 9.04 27.05
C VAL A 239 18.27 9.66 25.74
N LEU A 240 17.71 10.87 25.88
CA LEU A 240 17.27 11.69 24.76
C LEU A 240 18.25 12.85 24.65
N VAL A 241 18.75 13.11 23.44
CA VAL A 241 19.80 14.11 23.25
C VAL A 241 19.39 15.25 22.32
N ASN A 242 19.79 16.46 22.71
CA ASN A 242 19.63 17.75 22.03
C ASN A 242 20.94 17.96 21.28
N VAL A 243 21.02 17.47 20.04
CA VAL A 243 22.24 17.56 19.25
C VAL A 243 22.23 18.81 18.39
N SER A 244 23.31 19.59 18.47
CA SER A 244 23.48 20.78 17.65
C SER A 244 24.93 20.86 17.18
N GLN A 245 25.13 20.97 15.87
CA GLN A 245 26.46 21.01 15.28
C GLN A 245 27.31 19.83 15.73
N THR A 246 26.71 18.64 15.74
CA THR A 246 27.29 17.38 16.20
C THR A 246 27.74 17.44 17.66
N ALA A 247 27.22 18.37 18.45
CA ALA A 247 27.61 18.49 19.84
C ALA A 247 26.38 18.35 20.73
N ILE A 248 26.59 17.80 21.92
CA ILE A 248 25.51 17.63 22.88
C ILE A 248 25.20 18.96 23.55
N ALA A 249 23.93 19.36 23.54
CA ALA A 249 23.50 20.57 24.22
C ALA A 249 22.92 20.26 25.60
N ASN A 250 22.02 19.28 25.68
CA ASN A 250 21.47 18.82 26.94
C ASN A 250 20.90 17.42 26.73
N ILE A 251 20.61 16.74 27.85
CA ILE A 251 20.09 15.39 27.84
C ILE A 251 18.97 15.25 28.86
N ILE A 252 18.20 14.17 28.70
CA ILE A 252 17.16 13.77 29.65
C ILE A 252 17.26 12.27 29.83
N TYR A 253 16.97 11.79 31.03
CA TYR A 253 17.05 10.38 31.35
C TYR A 253 15.66 9.77 31.35
N CYS A 254 15.50 8.64 30.66
CA CYS A 254 14.20 7.99 30.54
C CYS A 254 13.94 7.06 31.74
N ASN A 255 13.86 7.66 32.92
CA ASN A 255 13.69 6.89 34.15
C ASN A 255 12.35 7.10 34.84
N SER A 256 11.77 8.29 34.77
CA SER A 256 10.51 8.58 35.39
C SER A 256 9.34 8.35 34.44
N VAL A 257 8.12 8.53 34.94
CA VAL A 257 6.94 8.33 34.13
C VAL A 257 6.83 9.42 33.07
N ILE A 258 7.03 10.68 33.46
CA ILE A 258 6.96 11.78 32.50
C ILE A 258 8.14 11.73 31.53
N ASN A 259 9.32 11.37 32.03
CA ASN A 259 10.49 11.32 31.15
C ASN A 259 10.37 10.20 30.14
N ARG A 260 9.84 9.05 30.53
CA ARG A 260 9.66 7.97 29.57
C ARG A 260 8.73 8.39 28.44
N LEU A 261 7.63 9.07 28.79
CA LEU A 261 6.69 9.53 27.78
C LEU A 261 7.31 10.51 26.80
N ARG A 262 8.32 11.26 27.25
CA ARG A 262 9.03 12.17 26.36
C ARG A 262 10.01 11.43 25.46
N CYS A 263 10.54 10.29 25.91
CA CYS A 263 11.51 9.54 25.11
C CYS A 263 10.85 8.81 23.95
N ASP A 264 9.67 8.22 24.13
CA ASP A 264 9.02 7.58 22.98
C ASP A 264 8.37 8.61 22.07
N GLN A 265 7.92 9.73 22.65
CA GLN A 265 7.40 10.82 21.83
C GLN A 265 8.51 11.54 21.08
N LEU A 266 9.77 11.24 21.41
CA LEU A 266 10.93 11.80 20.73
C LEU A 266 10.91 13.33 20.72
N SER A 267 10.51 13.92 21.84
CA SER A 267 10.44 15.36 21.94
C SER A 267 10.65 15.76 23.39
N PHE A 268 11.22 16.95 23.59
CA PHE A 268 11.43 17.43 24.95
C PHE A 268 10.19 18.07 25.55
N ASP A 269 9.22 18.43 24.72
CA ASP A 269 7.98 19.06 25.17
C ASP A 269 6.81 18.24 24.66
N VAL A 270 5.93 17.83 25.57
CA VAL A 270 4.76 17.05 25.22
C VAL A 270 3.53 17.95 25.30
N PRO A 271 2.77 18.12 24.22
CA PRO A 271 1.56 18.93 24.28
C PRO A 271 0.54 18.32 25.22
N ASP A 272 -0.28 19.18 25.81
CA ASP A 272 -1.32 18.74 26.74
C ASP A 272 -2.32 17.85 26.03
N GLY A 273 -2.69 16.74 26.67
CA GLY A 273 -3.59 15.80 26.05
C GLY A 273 -3.59 14.46 26.76
N PHE A 274 -4.06 13.44 26.05
CA PHE A 274 -4.16 12.08 26.55
C PHE A 274 -3.23 11.18 25.73
N TYR A 275 -2.38 10.42 26.39
CA TYR A 275 -1.42 9.55 25.72
C TYR A 275 -1.58 8.10 26.17
N SER A 276 -1.52 7.19 25.22
CA SER A 276 -1.61 5.77 25.51
C SER A 276 -0.28 5.24 26.03
N THR A 277 -0.34 4.24 26.90
CA THR A 277 0.85 3.61 27.45
C THR A 277 0.53 2.17 27.85
N SER A 278 1.59 1.38 28.02
CA SER A 278 1.42 -0.02 28.40
C SER A 278 2.39 -0.39 29.52
N PRO A 279 1.93 -1.06 30.57
CA PRO A 279 2.85 -1.51 31.62
C PRO A 279 3.82 -2.55 31.12
N ILE A 280 4.96 -2.65 31.81
CA ILE A 280 5.97 -3.64 31.47
C ILE A 280 5.50 -5.04 31.83
N GLN A 281 5.76 -5.99 30.93
CA GLN A 281 5.36 -7.38 31.12
C GLN A 281 6.27 -8.08 32.14
N PRO A 282 5.73 -8.98 32.95
CA PRO A 282 6.56 -9.75 33.88
C PRO A 282 7.49 -10.70 33.13
N VAL A 283 8.45 -11.26 33.86
CA VAL A 283 9.44 -12.15 33.26
C VAL A 283 9.43 -13.55 33.85
N GLU A 284 8.63 -13.83 34.88
CA GLU A 284 8.60 -15.15 35.51
C GLU A 284 7.53 -16.04 34.92
N LEU A 285 7.24 -15.89 33.63
CA LEU A 285 6.10 -16.52 32.98
C LEU A 285 6.06 -18.04 33.09
N PRO A 286 5.07 -18.58 33.81
CA PRO A 286 4.92 -20.04 33.87
C PRO A 286 4.41 -20.56 32.54
N VAL A 287 4.37 -21.89 32.40
CA VAL A 287 3.90 -22.53 31.19
C VAL A 287 2.61 -23.28 31.49
N SER A 288 1.58 -23.03 30.69
CA SER A 288 0.29 -23.68 30.81
C SER A 288 0.00 -24.40 29.50
N ILE A 289 -0.35 -25.68 29.58
CA ILE A 289 -0.56 -26.50 28.40
C ILE A 289 -1.91 -27.21 28.49
N VAL A 290 -2.68 -27.14 27.41
CA VAL A 290 -3.94 -27.87 27.28
C VAL A 290 -3.90 -28.62 25.96
N SER A 291 -4.20 -29.92 26.00
CA SER A 291 -4.17 -30.71 24.78
C SER A 291 -5.22 -31.80 24.86
N LEU A 292 -5.63 -32.29 23.70
CA LEU A 292 -6.63 -33.35 23.66
C LEU A 292 -5.96 -34.72 23.71
N PRO A 293 -6.42 -35.62 24.59
CA PRO A 293 -5.86 -36.98 24.63
C PRO A 293 -6.22 -37.73 23.36
N VAL A 294 -5.20 -38.24 22.67
CA VAL A 294 -5.37 -38.98 21.43
C VAL A 294 -4.44 -40.19 21.46
N TYR A 295 -4.53 -41.02 20.42
CA TYR A 295 -3.65 -42.17 20.29
C TYR A 295 -2.21 -41.69 20.32
N HIS A 296 -1.47 -42.04 21.37
CA HIS A 296 -0.13 -41.52 21.59
C HIS A 296 0.97 -42.55 21.41
N LYS A 297 1.93 -42.22 20.56
CA LYS A 297 3.19 -42.94 20.40
C LYS A 297 4.27 -41.88 20.31
N HIS A 298 5.40 -42.10 20.98
CA HIS A 298 6.46 -41.11 21.04
C HIS A 298 7.73 -41.60 20.35
N THR A 299 8.25 -40.78 19.44
CA THR A 299 9.47 -41.09 18.71
C THR A 299 10.57 -40.11 19.13
N PHE A 300 11.76 -40.64 19.39
CA PHE A 300 12.90 -39.84 19.81
C PHE A 300 13.88 -39.70 18.66
N ILE A 301 13.96 -38.50 18.10
CA ILE A 301 14.92 -38.18 17.05
C ILE A 301 16.16 -37.66 17.75
N VAL A 302 17.15 -38.52 17.91
CA VAL A 302 18.39 -38.21 18.62
C VAL A 302 19.54 -38.08 17.63
N LEU A 303 20.26 -36.97 17.72
CA LEU A 303 21.42 -36.70 16.88
C LEU A 303 22.66 -36.68 17.76
N TYR A 304 23.66 -37.50 17.42
CA TYR A 304 24.91 -37.58 18.16
C TYR A 304 26.04 -36.98 17.33
N VAL A 305 26.80 -36.07 17.93
CA VAL A 305 27.94 -35.44 17.28
C VAL A 305 29.18 -35.70 18.13
N ASN A 306 30.22 -36.27 17.50
CA ASN A 306 31.47 -36.53 18.19
C ASN A 306 32.63 -36.40 17.22
N PHE A 307 33.73 -35.82 17.69
CA PHE A 307 34.93 -35.68 16.87
C PHE A 307 36.15 -35.63 17.78
N GLU A 308 37.30 -35.92 17.19
CA GLU A 308 38.56 -35.80 17.93
C GLU A 308 39.68 -35.46 16.97
N HIS A 309 40.76 -34.92 17.53
CA HIS A 309 41.95 -34.58 16.77
C HIS A 309 42.73 -35.83 16.36
N ARG A 310 43.39 -35.75 15.21
CA ARG A 310 44.14 -36.90 14.72
C ARG A 310 45.35 -37.13 15.63
N ARG A 311 45.35 -38.28 16.29
CA ARG A 311 46.42 -38.67 17.20
C ARG A 311 47.68 -39.04 16.43
N GLY A 312 48.81 -38.44 16.80
CA GLY A 312 50.06 -38.65 16.10
C GLY A 312 51.19 -37.79 16.65
N PRO A 313 52.21 -37.54 15.83
CA PRO A 313 53.34 -36.73 16.32
C PRO A 313 53.00 -35.27 16.59
N GLY A 314 51.94 -34.73 15.99
CA GLY A 314 51.62 -33.34 16.20
C GLY A 314 50.45 -33.11 17.13
N LYS A 315 50.70 -32.44 18.25
CA LYS A 315 49.65 -32.10 19.21
C LYS A 315 49.11 -30.69 18.93
N CYS A 316 48.50 -30.54 17.76
CA CYS A 316 47.88 -29.28 17.39
C CYS A 316 46.46 -29.25 17.94
N TYR A 317 46.05 -28.09 18.45
CA TYR A 317 44.71 -27.96 19.04
C TYR A 317 43.78 -27.04 18.26
N ASN A 318 44.28 -25.96 17.69
CA ASN A 318 43.43 -25.00 16.99
C ASN A 318 43.07 -25.45 15.58
N CYS A 319 43.66 -26.55 15.11
CA CYS A 319 43.37 -27.06 13.78
C CYS A 319 41.96 -27.63 13.71
N ARG A 320 41.47 -27.77 12.49
CA ARG A 320 40.18 -28.39 12.26
C ARG A 320 40.26 -29.86 12.68
N PRO A 321 39.23 -30.41 13.32
CA PRO A 321 39.26 -31.82 13.69
C PRO A 321 39.34 -32.69 12.45
N ALA A 322 39.99 -33.84 12.57
CA ALA A 322 40.19 -34.71 11.42
C ALA A 322 39.26 -35.92 11.38
N VAL A 323 38.75 -36.39 12.51
CA VAL A 323 37.86 -37.54 12.54
C VAL A 323 36.50 -37.09 13.03
N ILE A 324 35.47 -37.37 12.23
CA ILE A 324 34.09 -36.94 12.52
C ILE A 324 33.20 -38.17 12.54
N ASN A 325 32.37 -38.29 13.57
CA ASN A 325 31.47 -39.43 13.72
C ASN A 325 30.11 -38.82 14.07
N ILE A 326 29.23 -38.71 13.08
CA ILE A 326 27.89 -38.19 13.24
C ILE A 326 26.90 -39.30 12.95
N THR A 327 26.02 -39.57 13.90
CA THR A 327 25.00 -40.60 13.78
C THR A 327 23.63 -40.02 14.10
N LEU A 328 22.60 -40.62 13.50
CA LEU A 328 21.23 -40.16 13.64
C LEU A 328 20.35 -41.26 14.24
N ALA A 329 20.82 -41.88 15.33
CA ALA A 329 20.10 -42.95 16.03
C ALA A 329 19.86 -44.15 15.10
N ASN A 330 18.61 -44.51 14.82
CA ASN A 330 18.21 -45.65 14.00
C ASN A 330 18.28 -45.39 12.50
N PHE A 331 19.00 -44.36 12.07
CA PHE A 331 19.11 -44.06 10.65
C PHE A 331 19.99 -45.13 10.01
N ASN A 332 19.57 -45.60 8.84
CA ASN A 332 20.30 -46.58 8.05
C ASN A 332 20.22 -46.04 6.63
N GLU A 333 21.38 -45.88 5.98
CA GLU A 333 21.36 -45.28 4.65
C GLU A 333 20.56 -46.07 3.64
N THR A 334 20.69 -47.39 3.65
CA THR A 334 19.99 -48.22 2.67
C THR A 334 18.49 -48.33 2.93
N LYS A 335 18.04 -48.09 4.16
CA LYS A 335 16.61 -48.10 4.42
C LYS A 335 15.93 -46.83 3.94
N GLY A 336 16.68 -45.80 3.60
CA GLY A 336 16.11 -44.53 3.25
C GLY A 336 16.03 -43.59 4.43
N PRO A 337 15.48 -42.40 4.22
CA PRO A 337 15.41 -41.41 5.29
C PRO A 337 14.57 -41.87 6.47
N LEU A 338 14.93 -41.35 7.64
CA LEU A 338 14.23 -41.66 8.88
C LEU A 338 13.03 -40.72 8.98
N CYS A 339 11.85 -41.25 8.70
CA CYS A 339 10.62 -40.47 8.73
C CYS A 339 9.84 -40.80 10.00
N VAL A 340 9.38 -39.77 10.70
CA VAL A 340 8.58 -39.97 11.90
C VAL A 340 7.19 -40.43 11.49
N ASP A 341 6.69 -41.49 12.13
CA ASP A 341 5.39 -42.03 11.79
C ASP A 341 4.50 -42.22 13.01
N THR A 342 4.62 -41.34 14.00
CA THR A 342 3.80 -41.38 15.19
C THR A 342 3.16 -40.01 15.42
N SER A 343 2.29 -39.94 16.41
CA SER A 343 1.61 -38.68 16.71
C SER A 343 2.50 -37.66 17.41
N HIS A 344 3.32 -38.08 18.35
CA HIS A 344 4.18 -37.17 19.09
C HIS A 344 5.65 -37.55 18.91
N PHE A 345 6.52 -36.55 18.93
CA PHE A 345 7.94 -36.79 18.80
C PHE A 345 8.71 -35.65 19.43
N THR A 346 9.99 -35.90 19.70
CA THR A 346 10.89 -34.89 20.24
C THR A 346 12.26 -35.06 19.61
N THR A 347 13.02 -33.97 19.59
CA THR A 347 14.36 -33.95 19.03
C THR A 347 15.36 -33.68 20.15
N GLN A 348 16.42 -34.49 20.20
CA GLN A 348 17.47 -34.34 21.21
C GLN A 348 18.83 -34.24 20.54
N PHE A 349 19.65 -33.32 21.04
CA PHE A 349 21.01 -33.09 20.56
C PHE A 349 21.97 -33.55 21.65
N VAL A 350 22.75 -34.59 21.36
CA VAL A 350 23.70 -35.15 22.30
C VAL A 350 25.11 -34.88 21.79
N ASP A 351 25.88 -34.13 22.57
CA ASP A 351 27.27 -33.81 22.25
C ASP A 351 28.16 -34.79 22.99
N ASN A 352 28.91 -35.61 22.25
CA ASN A 352 29.77 -36.62 22.84
C ASN A 352 31.24 -36.24 22.80
N VAL A 353 31.57 -35.00 22.40
CA VAL A 353 32.96 -34.58 22.39
C VAL A 353 33.44 -34.36 23.82
N LYS A 354 34.61 -34.92 24.13
CA LYS A 354 35.19 -34.78 25.45
C LYS A 354 36.32 -33.76 25.49
N LEU A 355 36.79 -33.32 24.33
CA LEU A 355 37.88 -32.35 24.29
C LEU A 355 37.46 -31.07 24.99
N ALA A 356 38.31 -30.57 25.87
CA ALA A 356 38.02 -29.32 26.55
C ALA A 356 37.98 -28.17 25.56
N ARG A 357 37.21 -27.15 25.90
CA ARG A 357 37.03 -25.95 25.08
C ARG A 357 36.35 -26.20 23.74
N TRP A 358 36.08 -27.46 23.42
CA TRP A 358 35.41 -27.81 22.17
C TRP A 358 33.93 -28.07 22.43
N SER A 359 33.08 -27.67 21.49
CA SER A 359 31.65 -27.88 21.61
C SER A 359 31.02 -27.94 20.23
N ALA A 360 29.91 -28.67 20.13
CA ALA A 360 29.16 -28.81 18.89
C ALA A 360 27.90 -27.95 18.92
N SER A 361 27.44 -27.56 17.73
CA SER A 361 26.24 -26.74 17.58
C SER A 361 25.58 -27.05 16.24
N ILE A 362 24.32 -26.69 16.13
CA ILE A 362 23.54 -26.88 14.90
C ILE A 362 22.84 -25.57 14.56
N ASN A 363 22.95 -25.15 13.31
CA ASN A 363 22.33 -23.91 12.85
C ASN A 363 21.06 -24.18 12.05
N THR A 364 20.22 -23.15 11.99
CA THR A 364 18.96 -23.25 11.25
C THR A 364 19.17 -23.40 9.74
N GLY A 365 20.14 -22.70 9.19
CA GLY A 365 20.39 -22.81 7.75
C GLY A 365 19.23 -22.22 6.97
N ASN A 366 18.82 -22.93 5.92
CA ASN A 366 17.70 -22.48 5.10
C ASN A 366 16.37 -23.10 5.52
N CYS A 367 16.36 -23.89 6.59
CA CYS A 367 15.11 -24.50 7.03
C CYS A 367 14.19 -23.46 7.67
N PRO A 368 12.88 -23.65 7.58
CA PRO A 368 11.94 -22.72 8.19
C PRO A 368 11.73 -22.92 9.68
N PHE A 369 12.53 -23.79 10.31
CA PHE A 369 12.44 -24.02 11.75
C PHE A 369 13.80 -24.50 12.23
N SER A 370 14.03 -24.35 13.54
CA SER A 370 15.26 -24.79 14.16
C SER A 370 15.10 -26.16 14.80
N PHE A 371 16.19 -26.93 14.78
CA PHE A 371 16.16 -28.29 15.30
C PHE A 371 15.71 -28.33 16.75
N GLY A 372 16.19 -27.40 17.58
CA GLY A 372 15.82 -27.37 18.97
C GLY A 372 14.45 -26.81 19.27
N LYS A 373 13.90 -26.01 18.37
CA LYS A 373 12.61 -25.37 18.57
C LYS A 373 11.42 -26.19 18.08
N VAL A 374 11.67 -27.36 17.47
CA VAL A 374 10.58 -28.22 17.01
C VAL A 374 9.74 -28.72 18.18
N ASN A 375 10.32 -28.79 19.36
CA ASN A 375 9.65 -29.24 20.57
C ASN A 375 8.65 -28.24 21.12
N ASN A 376 8.29 -27.18 20.39
CA ASN A 376 7.34 -26.18 20.85
C ASN A 376 5.97 -26.35 20.23
N PHE A 377 5.51 -27.60 20.07
CA PHE A 377 4.21 -27.92 19.49
C PHE A 377 4.09 -27.49 18.02
N VAL A 378 5.08 -27.86 17.23
CA VAL A 378 5.07 -27.57 15.79
C VAL A 378 4.28 -28.66 15.07
N LYS A 379 3.47 -28.27 14.10
CA LYS A 379 2.59 -29.17 13.37
C LYS A 379 3.19 -29.55 12.01
N PHE A 380 3.11 -30.83 11.67
CA PHE A 380 3.58 -31.33 10.38
C PHE A 380 2.66 -32.43 9.87
N GLY A 381 2.60 -32.54 8.54
CA GLY A 381 1.86 -33.59 7.89
C GLY A 381 2.73 -34.81 7.71
N SER A 382 4.04 -34.56 7.63
CA SER A 382 5.07 -35.57 7.54
C SER A 382 6.41 -34.87 7.77
N VAL A 383 7.37 -35.61 8.30
CA VAL A 383 8.71 -35.07 8.53
C VAL A 383 9.71 -36.21 8.43
N CYS A 384 10.84 -35.94 7.77
CA CYS A 384 11.88 -36.94 7.60
C CYS A 384 13.24 -36.30 7.81
N PHE A 385 14.14 -37.05 8.45
CA PHE A 385 15.49 -36.62 8.76
C PHE A 385 16.49 -37.57 8.09
N SER A 386 17.60 -37.04 7.60
CA SER A 386 18.61 -37.88 6.98
C SER A 386 19.96 -37.19 7.03
N LEU A 387 21.03 -37.99 7.04
CA LEU A 387 22.39 -37.48 7.00
C LEU A 387 22.91 -37.28 5.59
N LYS A 388 22.17 -37.73 4.58
CA LYS A 388 22.49 -37.50 3.19
C LYS A 388 21.48 -36.53 2.60
N ASP A 389 21.86 -35.90 1.50
CA ASP A 389 21.00 -34.90 0.86
C ASP A 389 19.64 -35.49 0.51
N ILE A 390 18.60 -34.71 0.79
CA ILE A 390 17.21 -35.06 0.47
C ILE A 390 16.74 -34.09 -0.60
N PRO A 391 16.03 -34.56 -1.63
CA PRO A 391 15.64 -33.65 -2.72
C PRO A 391 14.47 -32.77 -2.31
N GLY A 392 14.61 -31.47 -2.55
CA GLY A 392 13.55 -30.55 -2.24
C GLY A 392 13.37 -30.24 -0.77
N GLY A 393 14.32 -30.59 0.07
CA GLY A 393 14.28 -30.30 1.48
C GLY A 393 15.14 -29.11 1.87
N CYS A 394 15.65 -29.15 3.09
CA CYS A 394 16.51 -28.09 3.61
C CYS A 394 17.66 -28.73 4.39
N ALA A 395 18.72 -27.95 4.61
CA ALA A 395 19.90 -28.42 5.30
C ALA A 395 20.22 -27.57 6.52
N MET A 396 20.46 -28.21 7.65
CA MET A 396 20.84 -27.57 8.90
C MET A 396 22.32 -27.81 9.16
N PRO A 397 23.19 -26.82 8.98
CA PRO A 397 24.62 -27.03 9.20
C PRO A 397 24.98 -27.41 10.63
N ILE A 398 26.00 -28.26 10.75
CA ILE A 398 26.54 -28.71 12.04
C ILE A 398 27.92 -28.08 12.17
N MET A 399 28.18 -27.43 13.30
CA MET A 399 29.43 -26.72 13.50
C MET A 399 30.13 -27.14 14.78
N ALA A 400 31.46 -27.08 14.75
CA ALA A 400 32.32 -27.34 15.88
C ALA A 400 32.95 -26.01 16.30
N ASN A 401 32.88 -25.69 17.58
CA ASN A 401 33.34 -24.41 18.08
C ASN A 401 34.43 -24.53 19.13
N LEU A 402 35.40 -23.63 19.05
CA LEU A 402 36.45 -23.45 20.04
C LEU A 402 36.23 -22.13 20.75
N VAL A 403 36.57 -22.08 22.04
CA VAL A 403 36.39 -20.86 22.82
C VAL A 403 37.28 -19.77 22.26
N ASN A 404 36.67 -18.60 22.01
CA ASN A 404 37.35 -17.41 21.46
C ASN A 404 38.14 -17.71 20.20
N SER A 405 37.70 -18.70 19.41
CA SER A 405 38.39 -19.08 18.19
C SER A 405 37.35 -19.38 17.11
N LYS A 406 37.80 -19.32 15.87
CA LYS A 406 36.89 -19.51 14.74
C LYS A 406 36.39 -20.94 14.67
N SER A 407 35.11 -21.09 14.32
CA SER A 407 34.44 -22.37 14.25
C SER A 407 34.47 -22.95 12.83
N HIS A 408 34.42 -24.27 12.76
CA HIS A 408 34.50 -25.00 11.49
C HIS A 408 33.24 -25.82 11.24
N ASN A 409 32.81 -25.84 9.98
CA ASN A 409 31.68 -26.67 9.56
C ASN A 409 32.13 -28.13 9.53
N ILE A 410 31.30 -29.02 10.09
CA ILE A 410 31.68 -30.43 10.11
C ILE A 410 30.61 -31.34 9.51
N GLY A 411 29.68 -30.77 8.75
CA GLY A 411 28.62 -31.54 8.14
C GLY A 411 27.30 -30.81 8.19
N SER A 412 26.23 -31.55 7.96
CA SER A 412 24.88 -30.98 7.98
C SER A 412 23.85 -32.07 8.20
N LEU A 413 22.64 -31.65 8.54
CA LEU A 413 21.48 -32.51 8.71
C LEU A 413 20.43 -32.10 7.70
N TYR A 414 19.89 -33.06 6.97
CA TYR A 414 18.89 -32.78 5.94
C TYR A 414 17.49 -33.13 6.45
N VAL A 415 16.55 -32.21 6.27
CA VAL A 415 15.18 -32.36 6.74
C VAL A 415 14.21 -32.06 5.61
N SER A 416 13.15 -32.85 5.52
CA SER A 416 12.06 -32.64 4.57
C SER A 416 10.76 -32.65 5.35
N TRP A 417 9.81 -31.81 4.95
CA TRP A 417 8.55 -31.72 5.68
C TRP A 417 7.40 -31.36 4.76
N SER A 418 6.19 -31.59 5.25
CA SER A 418 4.96 -31.19 4.59
C SER A 418 4.01 -30.66 5.65
N ASP A 419 3.14 -29.73 5.25
CA ASP A 419 2.21 -29.15 6.20
C ASP A 419 1.10 -30.15 6.54
N GLY A 420 0.60 -30.05 7.77
CA GLY A 420 -0.45 -30.94 8.23
C GLY A 420 -0.50 -30.95 9.74
N ASP A 421 -1.53 -31.64 10.26
CA ASP A 421 -1.79 -31.68 11.69
C ASP A 421 -1.70 -33.09 12.28
N VAL A 422 -1.08 -34.04 11.60
CA VAL A 422 -1.02 -35.40 12.12
C VAL A 422 0.14 -35.62 13.10
N ILE A 423 1.32 -35.03 12.85
CA ILE A 423 2.46 -35.16 13.76
C ILE A 423 2.76 -33.81 14.40
N THR A 424 3.03 -33.84 15.71
CA THR A 424 3.42 -32.65 16.45
C THR A 424 4.61 -32.96 17.36
N GLY A 425 5.40 -31.94 17.65
CA GLY A 425 6.57 -32.08 18.49
C GLY A 425 6.32 -31.59 19.90
N VAL A 426 6.57 -32.47 20.87
CA VAL A 426 6.36 -32.14 22.28
C VAL A 426 7.71 -32.08 22.98
N PRO A 427 7.85 -31.34 24.08
CA PRO A 427 9.14 -31.24 24.76
C PRO A 427 9.73 -32.57 25.22
N LYS A 428 9.06 -33.27 26.15
CA LYS A 428 9.55 -34.57 26.60
C LYS A 428 8.53 -35.24 27.52
N PRO A 429 8.36 -36.55 27.41
CA PRO A 429 7.50 -37.26 28.36
C PRO A 429 8.14 -37.40 29.73
N VAL A 430 7.93 -36.42 30.60
CA VAL A 430 8.35 -36.52 31.99
C VAL A 430 7.39 -37.47 32.71
N GLU A 431 7.94 -38.39 33.50
CA GLU A 431 7.13 -39.33 34.24
C GLU A 431 6.45 -38.64 35.42
N GLY A 432 5.15 -38.41 35.28
CA GLY A 432 4.34 -37.78 36.32
C GLY A 432 3.77 -36.41 36.01
N VAL A 433 3.78 -35.96 34.76
CA VAL A 433 3.23 -34.66 34.38
C VAL A 433 2.00 -34.88 33.51
N SER A 434 0.87 -34.34 33.94
CA SER A 434 -0.37 -34.46 33.17
C SER A 434 -0.42 -33.31 32.19
N SER A 435 0.17 -33.53 31.02
CA SER A 435 0.21 -32.52 29.98
C SER A 435 -1.15 -32.27 29.34
N PHE A 436 -2.18 -33.05 29.67
CA PHE A 436 -3.48 -32.80 29.08
C PHE A 436 -4.13 -31.51 29.61
N MET A 437 -4.08 -31.28 30.92
CA MET A 437 -4.66 -30.05 31.47
C MET A 437 -3.84 -29.63 32.69
N ASN A 438 -2.91 -28.69 32.49
CA ASN A 438 -2.05 -28.16 33.56
C ASN A 438 -1.92 -26.66 33.32
N VAL A 439 -2.77 -25.86 33.96
CA VAL A 439 -2.75 -24.41 33.79
C VAL A 439 -2.83 -23.71 35.14
N THR A 440 -2.28 -22.49 35.17
CA THR A 440 -2.33 -21.61 36.33
C THR A 440 -3.32 -20.49 36.06
N LEU A 441 -3.84 -19.92 37.15
CA LEU A 441 -4.90 -18.91 37.08
C LEU A 441 -4.53 -17.63 37.79
N ASN A 442 -5.07 -16.52 37.26
CA ASN A 442 -4.89 -15.17 37.80
C ASN A 442 -3.44 -14.68 37.74
N LYS A 443 -2.61 -15.27 36.89
CA LYS A 443 -1.25 -14.79 36.75
C LYS A 443 -0.89 -14.78 35.28
N CYS A 444 0.00 -13.85 34.91
CA CYS A 444 0.49 -13.79 33.54
C CYS A 444 1.31 -15.04 33.24
N THR A 445 0.85 -15.84 32.29
CA THR A 445 1.51 -17.09 31.94
C THR A 445 1.55 -17.29 30.43
N LYS A 446 2.57 -18.00 29.98
CA LYS A 446 2.67 -18.39 28.58
C LYS A 446 1.85 -19.66 28.40
N TYR A 447 1.01 -19.69 27.39
CA TYR A 447 0.15 -20.85 27.15
C TYR A 447 0.26 -21.40 25.75
N ASN A 448 -0.04 -22.69 25.64
CA ASN A 448 -0.19 -23.40 24.36
C ASN A 448 -1.45 -24.23 24.57
N ILE A 449 -2.60 -23.65 24.22
CA ILE A 449 -3.90 -24.26 24.46
C ILE A 449 -4.50 -24.67 23.12
N TYR A 450 -4.69 -25.98 22.96
CA TYR A 450 -5.28 -26.54 21.74
C TYR A 450 -4.59 -26.01 20.49
N ASP A 451 -3.26 -26.14 20.48
CA ASP A 451 -2.41 -25.76 19.36
C ASP A 451 -2.43 -24.27 19.06
N VAL A 452 -2.76 -23.42 20.02
CA VAL A 452 -2.71 -21.97 19.87
C VAL A 452 -1.81 -21.43 20.96
N SER A 453 -0.78 -20.69 20.57
CA SER A 453 0.23 -20.20 21.50
C SER A 453 0.13 -18.70 21.69
N GLY A 454 0.36 -18.26 22.92
CA GLY A 454 0.29 -16.84 23.23
C GLY A 454 0.63 -16.60 24.69
N VAL A 455 0.49 -15.35 25.11
CA VAL A 455 0.75 -14.92 26.47
C VAL A 455 -0.48 -14.21 27.00
N GLY A 456 -0.93 -14.58 28.19
CA GLY A 456 -2.12 -13.98 28.74
C GLY A 456 -2.42 -14.42 30.15
N VAL A 457 -3.65 -14.15 30.58
CA VAL A 457 -4.16 -14.52 31.89
C VAL A 457 -5.41 -15.37 31.72
N ILE A 458 -5.48 -16.48 32.44
CA ILE A 458 -6.59 -17.43 32.35
C ILE A 458 -7.44 -17.31 33.61
N ARG A 459 -8.76 -17.29 33.43
CA ARG A 459 -9.70 -17.16 34.54
C ARG A 459 -10.97 -17.95 34.23
N ILE A 460 -11.82 -18.11 35.24
CA ILE A 460 -13.07 -18.85 35.12
C ILE A 460 -14.23 -17.89 34.93
N SER A 461 -15.03 -18.14 33.88
CA SER A 461 -16.24 -17.37 33.59
C SER A 461 -17.45 -18.28 33.72
N ASN A 462 -18.62 -17.70 34.06
CA ASN A 462 -19.77 -18.58 34.17
C ASN A 462 -20.40 -18.92 32.82
N ASP A 463 -19.85 -18.43 31.71
CA ASP A 463 -20.44 -18.71 30.40
C ASP A 463 -20.58 -20.21 30.17
N THR A 464 -21.68 -20.58 29.51
CA THR A 464 -22.02 -21.98 29.31
C THR A 464 -22.21 -22.32 27.84
N PHE A 465 -21.28 -21.90 26.99
CA PHE A 465 -21.39 -22.21 25.57
C PHE A 465 -21.39 -23.72 25.36
N LEU A 466 -22.21 -24.18 24.42
CA LEU A 466 -22.35 -25.61 24.22
C LEU A 466 -21.53 -26.13 23.03
N ASN A 467 -21.25 -25.28 22.05
CA ASN A 467 -20.54 -25.69 20.85
C ASN A 467 -19.04 -25.43 20.95
N GLY A 468 -18.25 -26.37 20.46
CA GLY A 468 -16.81 -26.21 20.36
C GLY A 468 -16.04 -26.31 21.66
N ILE A 469 -14.73 -26.11 21.52
CA ILE A 469 -13.80 -26.13 22.65
C ILE A 469 -12.89 -24.90 22.64
N THR A 470 -12.87 -24.16 21.52
CA THR A 470 -12.00 -22.96 21.37
C THR A 470 -12.78 -21.80 20.75
N TYR A 471 -12.70 -20.60 21.32
CA TYR A 471 -13.42 -19.42 20.87
C TYR A 471 -12.42 -18.32 20.55
N THR A 472 -12.51 -17.76 19.34
CA THR A 472 -11.55 -16.77 18.88
C THR A 472 -12.27 -15.52 18.39
N SER A 473 -11.55 -14.41 18.44
CA SER A 473 -12.04 -13.12 17.98
C SER A 473 -11.77 -12.93 16.49
N THR A 474 -12.21 -11.79 15.97
CA THR A 474 -12.02 -11.50 14.55
C THR A 474 -10.55 -11.43 14.19
N SER A 475 -9.72 -10.88 15.08
CA SER A 475 -8.28 -10.82 14.84
C SER A 475 -7.63 -12.20 14.82
N GLY A 476 -8.31 -13.22 15.32
CA GLY A 476 -7.77 -14.57 15.39
C GLY A 476 -7.26 -14.95 16.76
N ASN A 477 -7.11 -13.97 17.66
CA ASN A 477 -6.62 -14.25 19.01
C ASN A 477 -7.62 -15.08 19.79
N LEU A 478 -7.10 -15.96 20.62
CA LEU A 478 -7.92 -16.86 21.43
C LEU A 478 -8.55 -16.11 22.60
N LEU A 479 -9.88 -16.11 22.67
CA LEU A 479 -10.61 -15.45 23.74
C LEU A 479 -11.01 -16.39 24.87
N GLY A 480 -11.10 -17.68 24.61
CA GLY A 480 -11.45 -18.63 25.66
C GLY A 480 -11.41 -20.05 25.14
N PHE A 481 -11.53 -20.99 26.08
CA PHE A 481 -11.51 -22.40 25.75
C PHE A 481 -12.32 -23.18 26.78
N LYS A 482 -12.70 -24.39 26.41
CA LYS A 482 -13.49 -25.29 27.24
C LYS A 482 -12.68 -26.52 27.63
N ASP A 483 -12.82 -26.94 28.88
CA ASP A 483 -12.20 -28.17 29.35
C ASP A 483 -13.15 -29.32 29.07
N VAL A 484 -12.71 -30.29 28.27
CA VAL A 484 -13.57 -31.42 27.90
C VAL A 484 -13.91 -32.32 29.08
N THR A 485 -13.07 -32.38 30.09
CA THR A 485 -13.34 -33.25 31.24
C THR A 485 -14.21 -32.58 32.30
N ASN A 486 -14.17 -31.25 32.37
CA ASN A 486 -14.88 -30.47 33.37
C ASN A 486 -16.26 -30.06 32.86
N GLY A 487 -16.26 -29.33 31.74
CA GLY A 487 -17.38 -28.63 31.16
C GLY A 487 -17.28 -27.14 31.35
N THR A 488 -16.36 -26.71 32.23
CA THR A 488 -16.10 -25.31 32.53
C THR A 488 -15.40 -24.61 31.38
N ILE A 489 -15.72 -23.33 31.19
CA ILE A 489 -15.13 -22.50 30.14
C ILE A 489 -14.23 -21.48 30.81
N TYR A 490 -13.02 -21.32 30.30
CA TYR A 490 -12.04 -20.37 30.80
C TYR A 490 -11.83 -19.25 29.79
N SER A 491 -11.61 -18.04 30.28
CA SER A 491 -11.38 -16.87 29.45
C SER A 491 -9.91 -16.48 29.47
N ILE A 492 -9.49 -15.80 28.40
CA ILE A 492 -8.10 -15.36 28.25
C ILE A 492 -8.08 -13.86 28.02
N THR A 493 -7.22 -13.16 28.77
CA THR A 493 -7.06 -11.72 28.73
C THR A 493 -5.59 -11.35 28.59
N PRO A 494 -5.26 -10.31 27.80
CA PRO A 494 -3.85 -9.90 27.71
C PRO A 494 -3.32 -9.47 29.05
N CYS A 495 -2.01 -9.70 29.25
CA CYS A 495 -1.39 -9.42 30.55
C CYS A 495 -1.32 -7.93 30.85
N ASN A 496 -0.99 -7.09 29.87
CA ASN A 496 -0.81 -5.66 30.08
C ASN A 496 -1.64 -4.83 29.11
N PRO A 497 -2.93 -4.66 29.35
CA PRO A 497 -3.74 -3.84 28.46
C PRO A 497 -3.32 -2.38 28.52
N PRO A 498 -3.53 -1.63 27.46
CA PRO A 498 -3.14 -0.21 27.44
C PRO A 498 -3.94 0.68 28.37
N ASP A 499 -3.28 1.71 28.88
CA ASP A 499 -3.85 2.75 29.74
C ASP A 499 -3.73 4.10 29.03
N GLN A 500 -4.21 5.15 29.67
CA GLN A 500 -4.09 6.51 29.15
C GLN A 500 -3.60 7.43 30.25
N LEU A 501 -2.71 8.36 29.88
CA LEU A 501 -2.12 9.32 30.80
C LEU A 501 -2.51 10.73 30.43
N VAL A 502 -2.87 11.54 31.43
CA VAL A 502 -3.26 12.93 31.22
C VAL A 502 -2.06 13.80 31.53
N VAL A 503 -1.64 14.61 30.57
CA VAL A 503 -0.51 15.50 30.75
C VAL A 503 -1.01 16.93 30.75
N TYR A 504 -0.50 17.72 31.69
CA TYR A 504 -0.88 19.12 31.82
C TYR A 504 0.35 19.89 32.30
N GLN A 505 0.79 20.86 31.51
CA GLN A 505 1.95 21.69 31.86
C GLN A 505 3.20 20.84 32.12
N GLN A 506 3.50 19.96 31.18
CA GLN A 506 4.68 19.09 31.22
C GLN A 506 4.68 18.10 32.39
N ALA A 507 3.52 17.80 32.97
CA ALA A 507 3.47 16.86 34.07
C ALA A 507 2.27 15.93 33.91
N VAL A 508 2.37 14.74 34.49
CA VAL A 508 1.29 13.76 34.46
C VAL A 508 0.40 13.98 35.67
N VAL A 509 -0.85 14.34 35.43
CA VAL A 509 -1.79 14.65 36.50
C VAL A 509 -2.77 13.53 36.81
N GLY A 510 -2.95 12.57 35.91
CA GLY A 510 -3.86 11.48 36.18
C GLY A 510 -3.69 10.37 35.15
N ALA A 511 -4.42 9.29 35.36
CA ALA A 511 -4.36 8.14 34.47
C ALA A 511 -5.68 7.38 34.47
N MET A 512 -6.10 6.94 33.28
CA MET A 512 -7.28 6.09 33.15
C MET A 512 -6.83 4.65 33.20
N LEU A 513 -7.48 3.86 34.06
CA LEU A 513 -7.11 2.48 34.29
C LEU A 513 -8.32 1.57 34.17
N SER A 514 -8.04 0.31 33.86
CA SER A 514 -9.05 -0.74 33.78
C SER A 514 -9.14 -1.56 35.05
N GLU A 515 -8.32 -1.25 36.05
CA GLU A 515 -8.24 -1.99 37.30
C GLU A 515 -8.23 -1.04 38.49
N ASN A 516 -8.59 -1.60 39.66
CA ASN A 516 -8.68 -0.84 40.90
C ASN A 516 -7.32 -0.80 41.61
N PHE A 517 -6.32 -0.26 40.92
CA PHE A 517 -4.99 -0.14 41.52
C PHE A 517 -4.55 1.31 41.48
N THR A 518 -3.88 1.77 42.53
CA THR A 518 -3.36 3.14 42.58
C THR A 518 -2.02 3.14 41.82
N SER A 519 -2.12 2.99 40.51
CA SER A 519 -0.94 2.88 39.67
C SER A 519 -0.28 4.24 39.43
N TYR A 520 0.95 4.18 38.94
CA TYR A 520 1.80 5.32 38.60
C TYR A 520 2.07 6.24 39.78
N GLY A 521 1.94 5.74 41.00
CA GLY A 521 2.22 6.51 42.20
C GLY A 521 1.12 7.42 42.69
N PHE A 522 -0.04 7.44 42.03
CA PHE A 522 -1.13 8.28 42.51
C PHE A 522 -1.72 7.71 43.79
N SER A 523 -2.06 8.61 44.72
CA SER A 523 -2.58 8.22 46.02
C SER A 523 -4.10 8.10 46.09
N ASN A 524 -4.83 8.48 45.04
CA ASN A 524 -6.29 8.42 45.09
C ASN A 524 -6.82 7.80 43.81
N VAL A 525 -7.90 7.03 43.94
CA VAL A 525 -8.56 6.36 42.82
C VAL A 525 -10.06 6.47 42.99
N VAL A 526 -10.77 6.73 41.89
CA VAL A 526 -12.22 6.86 41.89
C VAL A 526 -12.80 5.94 40.83
N GLU A 527 -14.07 5.58 41.02
CA GLU A 527 -14.79 4.69 40.11
C GLU A 527 -15.62 5.56 39.18
N MET A 528 -15.37 5.43 37.88
CA MET A 528 -16.12 6.14 36.86
C MET A 528 -16.96 5.15 36.06
N PRO A 529 -18.01 5.62 35.37
CA PRO A 529 -18.93 4.69 34.69
C PRO A 529 -18.29 3.63 33.80
N LYS A 530 -17.18 3.91 33.12
CA LYS A 530 -16.59 2.90 32.25
C LYS A 530 -15.10 2.68 32.45
N PHE A 531 -14.51 3.22 33.51
CA PHE A 531 -13.09 3.00 33.78
C PHE A 531 -12.81 3.51 35.18
N PHE A 532 -11.62 3.22 35.65
CA PHE A 532 -11.16 3.77 36.91
C PHE A 532 -10.28 4.97 36.58
N TYR A 533 -10.26 5.92 37.50
CA TYR A 533 -9.45 7.11 37.31
C TYR A 533 -8.61 7.28 38.56
N ALA A 534 -7.30 7.45 38.36
CA ALA A 534 -6.38 7.61 39.46
C ALA A 534 -5.67 8.94 39.29
N SER A 535 -5.57 9.70 40.37
CA SER A 535 -4.91 10.99 40.32
C SER A 535 -4.57 11.39 41.75
N ASN A 536 -3.81 12.47 41.87
CA ASN A 536 -3.47 13.05 43.15
C ASN A 536 -4.49 14.08 43.62
N GLY A 537 -5.57 14.25 42.85
CA GLY A 537 -6.56 15.28 43.13
C GLY A 537 -7.37 15.09 44.39
N THR A 538 -7.86 16.21 44.93
CA THR A 538 -8.65 16.24 46.15
C THR A 538 -10.13 16.49 45.88
N TYR A 539 -10.50 16.68 44.61
CA TYR A 539 -11.90 16.85 44.19
C TYR A 539 -12.63 18.02 44.85
N ASN A 540 -11.92 19.14 45.02
CA ASN A 540 -12.49 20.36 45.57
C ASN A 540 -12.44 21.48 44.53
N CYS A 541 -12.40 21.10 43.25
CA CYS A 541 -12.26 21.99 42.11
C CYS A 541 -13.53 22.04 41.26
N THR A 542 -13.63 23.09 40.46
CA THR A 542 -14.77 23.31 39.57
C THR A 542 -14.41 23.72 38.15
N ASP A 543 -13.18 24.14 37.87
CA ASP A 543 -12.75 24.61 36.56
C ASP A 543 -11.86 23.56 35.91
N ALA A 544 -12.25 23.10 34.73
CA ALA A 544 -11.52 22.08 33.99
C ALA A 544 -10.57 22.70 32.98
N VAL A 545 -9.32 22.23 32.98
CA VAL A 545 -8.31 22.73 32.07
C VAL A 545 -8.19 21.88 30.80
N LEU A 546 -8.47 20.58 30.89
CA LEU A 546 -8.51 19.69 29.74
C LEU A 546 -9.86 19.02 29.73
N THR A 547 -10.50 18.98 28.57
CA THR A 547 -11.82 18.38 28.45
C THR A 547 -11.93 17.48 27.22
N TYR A 548 -12.81 16.49 27.35
CA TYR A 548 -13.23 15.64 26.24
C TYR A 548 -14.64 15.20 26.56
N SER A 549 -15.56 15.47 25.63
CA SER A 549 -16.98 15.18 25.76
C SER A 549 -17.54 15.67 27.09
N SER A 550 -18.02 14.76 27.94
CA SER A 550 -18.57 15.12 29.24
C SER A 550 -17.56 15.09 30.37
N PHE A 551 -16.30 14.81 30.10
CA PHE A 551 -15.31 14.67 31.15
C PHE A 551 -14.29 15.80 31.09
N GLY A 552 -13.77 16.18 32.25
CA GLY A 552 -12.75 17.19 32.33
C GLY A 552 -11.90 17.00 33.56
N VAL A 553 -10.68 17.53 33.50
CA VAL A 553 -9.73 17.43 34.60
C VAL A 553 -9.26 18.84 34.97
N CYS A 554 -9.13 19.10 36.27
CA CYS A 554 -8.64 20.39 36.72
C CYS A 554 -7.13 20.35 36.96
N ALA A 555 -6.59 21.43 37.52
CA ALA A 555 -5.14 21.56 37.71
C ALA A 555 -4.58 20.47 38.62
N ASP A 556 -5.29 20.10 39.69
CA ASP A 556 -4.76 19.06 40.57
C ASP A 556 -5.00 17.65 40.04
N GLY A 557 -5.72 17.50 38.93
CA GLY A 557 -6.00 16.22 38.33
C GLY A 557 -7.33 15.58 38.64
N SER A 558 -8.17 16.21 39.47
CA SER A 558 -9.48 15.63 39.75
C SER A 558 -10.34 15.65 38.49
N ILE A 559 -11.12 14.60 38.31
CA ILE A 559 -11.99 14.49 37.15
C ILE A 559 -13.40 14.93 37.56
N ILE A 560 -14.00 15.81 36.77
CA ILE A 560 -15.32 16.36 37.02
C ILE A 560 -16.12 16.35 35.73
N ALA A 561 -17.43 16.45 35.88
CA ALA A 561 -18.33 16.50 34.73
C ALA A 561 -18.43 17.92 34.21
N VAL A 562 -18.27 18.09 32.91
CA VAL A 562 -18.34 19.41 32.28
C VAL A 562 -19.78 19.72 31.90
N GLN A 563 -20.14 20.99 32.00
CA GLN A 563 -21.47 21.48 31.70
C GLN A 563 -21.45 22.48 30.54
N PRO A 564 -22.54 22.59 29.79
CA PRO A 564 -22.59 23.55 28.69
C PRO A 564 -22.49 24.99 29.18
N ARG A 565 -21.94 25.84 28.33
CA ARG A 565 -21.79 27.26 28.64
C ARG A 565 -23.14 27.95 28.77
N ASN A 566 -23.25 28.85 29.76
CA ASN A 566 -24.48 29.61 29.96
C ASN A 566 -24.60 30.70 28.89
N VAL A 567 -25.72 30.72 28.17
CA VAL A 567 -25.97 31.77 27.18
C VAL A 567 -27.44 32.18 27.27
N SER A 568 -27.71 33.47 27.10
CA SER A 568 -29.07 34.00 27.12
C SER A 568 -29.51 34.22 25.67
N TYR A 569 -30.46 33.42 25.22
CA TYR A 569 -30.93 33.52 23.84
C TYR A 569 -31.68 34.83 23.56
N ASP A 570 -31.43 35.40 22.40
CA ASP A 570 -32.15 36.58 21.96
C ASP A 570 -33.58 36.20 21.60
N SER A 571 -34.51 37.12 21.80
CA SER A 571 -35.91 36.83 21.56
C SER A 571 -36.54 37.88 20.68
N VAL A 572 -37.49 37.42 19.87
CA VAL A 572 -38.24 38.30 18.96
C VAL A 572 -39.28 39.05 19.77
N SER A 573 -39.16 40.37 19.82
CA SER A 573 -40.08 41.17 20.63
C SER A 573 -41.49 41.07 20.05
N ALA A 574 -42.45 40.77 20.91
CA ALA A 574 -43.83 40.60 20.49
C ALA A 574 -44.55 41.93 20.35
N ILE A 575 -45.42 42.03 19.35
CA ILE A 575 -46.26 43.21 19.16
C ILE A 575 -47.52 42.95 19.98
N VAL A 576 -47.49 43.37 21.24
CA VAL A 576 -48.62 43.16 22.14
C VAL A 576 -48.58 44.22 23.23
N THR A 577 -49.76 44.57 23.75
CA THR A 577 -49.90 45.47 24.87
C THR A 577 -49.47 44.72 26.13
N ALA A 578 -48.24 44.97 26.57
CA ALA A 578 -47.69 44.32 27.75
C ALA A 578 -46.48 45.14 28.21
N ASN A 579 -45.73 44.59 29.16
CA ASN A 579 -44.54 45.23 29.67
C ASN A 579 -43.34 44.62 28.95
N LEU A 580 -42.60 45.44 28.21
CA LEU A 580 -41.48 44.99 27.40
C LEU A 580 -40.15 45.41 28.01
N SER A 581 -39.16 44.51 27.91
CA SER A 581 -37.80 44.78 28.36
C SER A 581 -36.94 45.05 27.14
N ILE A 582 -36.28 46.20 27.12
CA ILE A 582 -35.49 46.63 25.97
C ILE A 582 -34.06 46.93 26.39
N PRO A 583 -33.05 46.49 25.64
CA PRO A 583 -31.66 46.80 26.00
C PRO A 583 -31.46 48.31 26.11
N PHE A 584 -30.73 48.72 27.14
CA PHE A 584 -30.57 50.13 27.45
C PHE A 584 -29.12 50.57 27.55
N ASN A 585 -28.23 49.69 27.98
CA ASN A 585 -26.82 50.00 28.09
C ASN A 585 -26.03 48.90 27.39
N TRP A 586 -24.86 49.27 26.85
CA TRP A 586 -24.09 48.34 26.03
C TRP A 586 -22.62 48.32 26.42
N THR A 587 -21.98 47.19 26.17
CA THR A 587 -20.55 47.00 26.34
C THR A 587 -19.98 46.44 25.05
N THR A 588 -18.69 46.71 24.82
CA THR A 588 -18.00 46.28 23.61
C THR A 588 -17.17 45.03 23.93
N SER A 589 -17.40 43.97 23.17
CA SER A 589 -16.65 42.73 23.34
C SER A 589 -15.95 42.38 22.03
N VAL A 590 -14.71 41.93 22.14
CA VAL A 590 -13.90 41.55 20.99
C VAL A 590 -13.68 40.05 21.03
N GLN A 591 -13.96 39.38 19.91
CA GLN A 591 -13.85 37.94 19.80
C GLN A 591 -12.89 37.60 18.67
N VAL A 592 -12.18 36.48 18.82
CA VAL A 592 -11.13 36.08 17.88
C VAL A 592 -11.52 34.81 17.17
N GLU A 593 -11.21 34.75 15.88
CA GLU A 593 -11.44 33.58 15.03
C GLU A 593 -10.25 33.43 14.09
N TYR A 594 -9.78 32.19 13.92
CA TYR A 594 -8.67 31.90 13.02
C TYR A 594 -9.13 30.94 11.93
N LEU A 595 -8.85 31.30 10.68
CA LEU A 595 -9.18 30.46 9.53
C LEU A 595 -7.96 30.30 8.65
N GLN A 596 -7.63 29.05 8.32
CA GLN A 596 -6.51 28.77 7.43
C GLN A 596 -6.90 29.10 5.99
N ILE A 597 -6.05 29.82 5.28
CA ILE A 597 -6.32 30.18 3.90
C ILE A 597 -5.32 29.60 2.91
N THR A 598 -4.19 29.07 3.37
CA THR A 598 -3.22 28.54 2.42
C THR A 598 -2.46 27.38 3.05
N SER A 599 -1.85 26.58 2.20
CA SER A 599 -0.98 25.48 2.59
C SER A 599 0.24 25.49 1.67
N THR A 600 1.43 25.37 2.25
CA THR A 600 2.67 25.39 1.48
C THR A 600 2.70 24.32 0.39
N PRO A 601 2.68 24.72 -0.88
CA PRO A 601 2.69 23.74 -1.96
C PRO A 601 4.03 23.02 -2.05
N ILE A 602 3.98 21.74 -2.37
CA ILE A 602 5.17 20.90 -2.49
C ILE A 602 5.10 20.14 -3.80
N VAL A 603 6.19 20.20 -4.58
CA VAL A 603 6.32 19.47 -5.83
C VAL A 603 7.51 18.55 -5.72
N VAL A 604 7.39 17.34 -6.25
CA VAL A 604 8.43 16.33 -6.19
C VAL A 604 8.78 15.87 -7.60
N ASP A 605 10.07 15.81 -7.91
CA ASP A 605 10.53 15.24 -9.17
C ASP A 605 10.57 13.72 -8.99
N CYS A 606 9.72 13.03 -9.74
CA CYS A 606 9.57 11.59 -9.61
C CYS A 606 10.86 10.84 -9.96
N SER A 607 11.57 11.27 -10.99
CA SER A 607 12.79 10.59 -11.40
C SER A 607 13.88 10.64 -10.35
N THR A 608 14.07 11.79 -9.69
CA THR A 608 15.13 11.89 -8.69
C THR A 608 14.78 11.17 -7.39
N TYR A 609 13.52 11.24 -6.95
CA TYR A 609 13.16 10.60 -5.69
C TYR A 609 13.30 9.09 -5.72
N VAL A 610 12.91 8.44 -6.81
CA VAL A 610 12.95 6.99 -6.85
C VAL A 610 14.29 6.43 -7.35
N CYS A 611 14.95 7.11 -8.27
CA CYS A 611 16.18 6.58 -8.84
C CYS A 611 17.46 7.20 -8.28
N ASN A 612 17.36 8.27 -7.50
CA ASN A 612 18.52 8.92 -6.89
C ASN A 612 19.57 9.31 -7.93
N GLY A 613 19.13 9.64 -9.14
CA GLY A 613 20.05 10.02 -10.18
C GLY A 613 20.83 8.91 -10.85
N ASN A 614 20.51 7.65 -10.56
CA ASN A 614 21.22 6.54 -11.21
C ASN A 614 20.76 6.44 -12.66
N VAL A 615 21.71 6.51 -13.59
CA VAL A 615 21.37 6.51 -15.02
C VAL A 615 20.67 5.21 -15.41
N ARG A 616 21.17 4.06 -14.96
CA ARG A 616 20.53 2.81 -15.30
C ARG A 616 19.11 2.71 -14.73
N CYS A 617 18.88 3.27 -13.55
CA CYS A 617 17.56 3.22 -12.94
C CYS A 617 16.52 3.99 -13.74
N VAL A 618 16.87 5.16 -14.28
CA VAL A 618 15.89 5.96 -14.99
C VAL A 618 15.40 5.25 -16.26
N GLU A 619 16.24 4.40 -16.85
CA GLU A 619 15.79 3.63 -18.02
C GLU A 619 14.74 2.60 -17.62
N LEU A 620 14.88 1.99 -16.45
CA LEU A 620 13.85 1.07 -15.96
C LEU A 620 12.57 1.80 -15.58
N LEU A 621 12.70 3.04 -15.09
CA LEU A 621 11.53 3.82 -14.69
C LEU A 621 10.61 4.10 -15.86
N LYS A 622 11.16 4.23 -17.07
CA LYS A 622 10.36 4.53 -18.26
C LYS A 622 9.33 3.45 -18.57
N GLN A 623 9.49 2.24 -18.03
CA GLN A 623 8.46 1.23 -18.23
C GLN A 623 7.18 1.57 -17.49
N TYR A 624 7.29 2.25 -16.35
CA TYR A 624 6.11 2.70 -15.59
C TYR A 624 5.65 4.03 -16.18
N THR A 625 5.07 3.93 -17.37
CA THR A 625 4.70 5.09 -18.18
C THR A 625 3.75 6.04 -17.45
N SER A 626 2.74 5.51 -16.77
CA SER A 626 1.75 6.34 -16.10
C SER A 626 2.08 6.65 -14.64
N ALA A 627 3.19 6.15 -14.10
CA ALA A 627 3.45 6.35 -12.68
C ALA A 627 3.91 7.78 -12.38
N CYS A 628 5.02 8.20 -12.97
CA CYS A 628 5.55 9.54 -12.70
C CYS A 628 4.63 10.64 -13.23
N LYS A 629 4.06 10.46 -14.41
CA LYS A 629 3.19 11.48 -14.99
C LYS A 629 1.97 11.77 -14.10
N THR A 630 1.36 10.74 -13.54
CA THR A 630 0.20 10.94 -12.67
C THR A 630 0.55 11.64 -11.37
N ILE A 631 1.68 11.29 -10.76
CA ILE A 631 2.09 11.90 -9.51
C ILE A 631 2.46 13.36 -9.71
N GLU A 632 3.27 13.65 -10.73
CA GLU A 632 3.72 15.01 -10.97
C GLU A 632 2.57 15.92 -11.39
N ASP A 633 1.64 15.41 -12.21
CA ASP A 633 0.50 16.22 -12.62
C ASP A 633 -0.41 16.57 -11.45
N ALA A 634 -0.63 15.62 -10.55
CA ALA A 634 -1.50 15.88 -9.40
C ALA A 634 -0.94 16.96 -8.49
N LEU A 635 0.36 16.93 -8.24
CA LEU A 635 0.97 17.94 -7.36
C LEU A 635 1.07 19.30 -8.03
N ARG A 636 1.46 19.34 -9.31
CA ARG A 636 1.61 20.61 -10.00
C ARG A 636 0.29 21.36 -10.16
N ASN A 637 -0.78 20.65 -10.54
CA ASN A 637 -2.06 21.32 -10.74
C ASN A 637 -2.59 21.89 -9.44
N SER A 638 -2.45 21.16 -8.34
CA SER A 638 -2.93 21.66 -7.06
C SER A 638 -2.19 22.92 -6.64
N ALA A 639 -0.89 22.97 -6.90
CA ALA A 639 -0.10 24.16 -6.58
C ALA A 639 -0.52 25.36 -7.43
N MET A 640 -0.78 25.14 -8.72
CA MET A 640 -1.19 26.25 -9.59
C MET A 640 -2.56 26.78 -9.18
N LEU A 641 -3.52 25.89 -8.90
CA LEU A 641 -4.85 26.31 -8.51
C LEU A 641 -4.87 26.97 -7.15
N GLU A 642 -4.02 26.50 -6.23
CA GLU A 642 -3.93 27.11 -4.91
C GLU A 642 -3.37 28.53 -4.99
N SER A 643 -2.40 28.75 -5.88
CA SER A 643 -1.85 30.09 -6.06
C SER A 643 -2.79 31.02 -6.81
N ALA A 644 -3.62 30.47 -7.71
CA ALA A 644 -4.52 31.31 -8.49
C ALA A 644 -5.63 31.91 -7.64
N ASP A 645 -6.33 31.09 -6.86
CA ASP A 645 -7.45 31.60 -6.08
C ASP A 645 -7.02 32.40 -4.86
N VAL A 646 -5.80 32.20 -4.36
CA VAL A 646 -5.30 33.05 -3.28
C VAL A 646 -4.98 34.44 -3.81
N SER A 647 -4.41 34.52 -5.00
CA SER A 647 -4.12 35.82 -5.60
C SER A 647 -5.37 36.61 -5.92
N GLU A 648 -6.48 35.93 -6.25
CA GLU A 648 -7.74 36.63 -6.48
C GLU A 648 -8.27 37.26 -5.21
N MET A 649 -8.05 36.63 -4.05
CA MET A 649 -8.51 37.19 -2.78
C MET A 649 -7.73 38.43 -2.38
N LEU A 650 -6.43 38.45 -2.62
CA LEU A 650 -5.56 39.55 -2.19
C LEU A 650 -5.69 40.77 -3.09
N THR A 651 -6.62 41.65 -2.74
CA THR A 651 -6.83 42.91 -3.44
C THR A 651 -6.09 44.01 -2.66
N PHE A 652 -5.91 45.15 -3.32
CA PHE A 652 -5.24 46.28 -2.68
C PHE A 652 -5.96 47.58 -3.00
N ASP A 653 -5.81 48.56 -2.10
CA ASP A 653 -6.40 49.88 -2.29
C ASP A 653 -5.46 50.89 -1.63
N LYS A 654 -4.65 51.58 -2.44
CA LYS A 654 -3.71 52.55 -1.91
C LYS A 654 -4.42 53.71 -1.21
N LYS A 655 -5.59 54.09 -1.71
CA LYS A 655 -6.33 55.20 -1.12
C LYS A 655 -6.74 54.89 0.31
N ALA A 656 -7.21 53.67 0.57
CA ALA A 656 -7.57 53.25 1.92
C ALA A 656 -6.36 52.87 2.76
N PHE A 657 -5.28 52.44 2.14
CA PHE A 657 -4.09 52.02 2.87
C PHE A 657 -3.44 53.19 3.61
N THR A 658 -3.43 54.38 3.01
CA THR A 658 -2.83 55.54 3.64
C THR A 658 -3.56 56.00 4.90
N LEU A 659 -4.75 55.48 5.19
CA LEU A 659 -5.42 55.83 6.42
C LEU A 659 -5.16 54.85 7.56
N ALA A 660 -4.25 53.90 7.38
CA ALA A 660 -4.04 52.92 8.44
C ALA A 660 -3.12 53.42 9.56
N ASN A 661 -3.12 54.71 9.80
CA ASN A 661 -2.39 55.28 10.89
C ASN A 661 -3.18 55.18 12.13
N VAL A 662 -2.53 55.42 13.25
CA VAL A 662 -3.24 55.43 14.52
C VAL A 662 -3.98 56.75 14.77
N SER A 663 -3.61 57.84 14.12
CA SER A 663 -4.33 59.08 14.36
C SER A 663 -5.70 59.09 13.70
N SER A 664 -5.96 58.16 12.79
CA SER A 664 -7.25 58.09 12.11
C SER A 664 -8.35 57.46 12.96
N PHE A 665 -8.01 56.81 14.07
CA PHE A 665 -9.01 56.11 14.88
C PHE A 665 -9.35 56.79 16.20
N GLY A 666 -8.69 57.90 16.54
CA GLY A 666 -9.01 58.61 17.77
C GLY A 666 -8.85 57.79 19.04
N ASP A 667 -9.93 57.67 19.82
CA ASP A 667 -9.86 56.92 21.08
C ASP A 667 -9.70 55.42 20.86
N TYR A 668 -10.23 54.86 19.79
CA TYR A 668 -9.98 53.44 19.52
C TYR A 668 -8.51 53.36 19.17
N ASN A 669 -7.69 52.79 20.05
CA ASN A 669 -6.25 52.98 19.88
C ASN A 669 -5.72 52.12 18.73
N LEU A 670 -6.11 50.83 18.66
CA LEU A 670 -5.76 49.99 17.52
C LEU A 670 -4.29 49.88 17.10
N SER A 671 -3.35 50.31 17.92
CA SER A 671 -1.95 50.27 17.50
C SER A 671 -1.41 48.84 17.34
N SER A 672 -2.04 47.86 17.98
CA SER A 672 -1.57 46.48 17.87
C SER A 672 -1.84 45.84 16.52
N VAL A 673 -2.71 46.40 15.69
CA VAL A 673 -3.07 45.74 14.43
C VAL A 673 -2.58 46.47 13.19
N ILE A 674 -2.20 47.74 13.28
CA ILE A 674 -1.75 48.49 12.11
C ILE A 674 -0.36 48.04 11.66
N PRO A 675 -0.04 48.13 10.36
CA PRO A 675 1.27 47.69 9.89
C PRO A 675 2.40 48.53 10.47
N SER A 676 3.58 47.93 10.54
CA SER A 676 4.76 48.64 11.02
C SER A 676 5.46 49.42 9.93
N LEU A 677 6.12 50.49 10.34
CA LEU A 677 6.84 51.38 9.43
C LEU A 677 8.02 50.66 8.79
N PRO A 678 8.19 50.75 7.46
CA PRO A 678 9.31 50.06 6.81
C PRO A 678 10.64 50.60 7.32
N ARG A 679 11.44 49.69 7.89
CA ARG A 679 12.66 50.10 8.58
C ARG A 679 13.68 50.76 7.66
N SER A 680 13.91 50.22 6.47
CA SER A 680 14.96 50.77 5.61
C SER A 680 14.53 50.84 4.15
N GLY A 681 13.28 51.24 3.90
CA GLY A 681 12.85 51.31 2.53
C GLY A 681 12.77 49.95 1.85
N SER A 682 12.71 49.99 0.52
CA SER A 682 12.62 48.83 -0.36
C SER A 682 11.35 48.01 -0.12
N ARG A 683 10.45 48.50 0.73
CA ARG A 683 9.19 47.84 1.03
C ARG A 683 8.19 48.91 1.46
N VAL A 684 6.91 48.55 1.42
CA VAL A 684 5.87 49.51 1.77
C VAL A 684 5.24 49.30 3.15
N ALA A 685 5.40 48.13 3.75
CA ALA A 685 4.79 47.90 5.05
C ALA A 685 5.53 46.79 5.78
N GLY A 686 5.12 46.55 7.02
CA GLY A 686 5.67 45.48 7.82
C GLY A 686 4.61 44.88 8.71
N ARG A 687 4.99 43.80 9.40
CA ARG A 687 4.06 43.11 10.27
C ARG A 687 3.68 43.96 11.48
N SER A 688 2.44 43.78 11.93
CA SER A 688 1.91 44.48 13.08
C SER A 688 2.35 43.80 14.37
N ALA A 689 2.04 44.44 15.50
CA ALA A 689 2.43 43.90 16.81
C ALA A 689 1.74 42.59 17.15
N ILE A 690 0.74 42.18 16.39
CA ILE A 690 0.09 40.88 16.59
C ILE A 690 0.61 39.85 15.60
N GLU A 691 0.87 40.26 14.36
CA GLU A 691 1.35 39.36 13.32
C GLU A 691 2.74 38.81 13.61
N ASP A 692 3.53 39.51 14.43
CA ASP A 692 4.84 38.99 14.79
C ASP A 692 4.77 38.14 16.05
N ILE A 693 3.85 38.43 16.95
CA ILE A 693 3.67 37.59 18.13
C ILE A 693 3.20 36.20 17.69
N LEU A 694 2.20 36.16 16.82
CA LEU A 694 1.68 34.89 16.32
C LEU A 694 2.66 34.18 15.41
N PHE A 695 3.76 34.82 15.02
CA PHE A 695 4.77 34.21 14.17
C PHE A 695 6.06 33.86 14.89
N SER A 696 6.21 34.26 16.15
CA SER A 696 7.40 33.98 16.95
C SER A 696 7.07 33.26 18.23
N LYS A 697 5.95 33.61 18.88
CA LYS A 697 5.56 32.96 20.12
C LYS A 697 5.31 31.48 19.89
N LEU A 698 4.68 31.13 18.77
CA LEU A 698 4.51 29.75 18.39
C LEU A 698 5.84 29.17 17.89
N VAL A 699 5.93 27.84 17.93
CA VAL A 699 7.17 27.15 17.57
C VAL A 699 7.59 27.50 16.15
N THR A 700 8.85 27.92 16.01
CA THR A 700 9.41 28.22 14.71
C THR A 700 9.48 26.96 13.87
N SER A 701 9.01 27.06 12.63
CA SER A 701 8.95 25.89 11.74
C SER A 701 10.28 25.59 11.09
N GLY A 702 11.35 25.51 11.88
CA GLY A 702 12.66 25.18 11.33
C GLY A 702 12.70 23.78 10.77
N LEU A 703 11.96 22.86 11.39
CA LEU A 703 11.84 21.47 10.97
C LEU A 703 10.66 21.27 10.04
N GLY A 704 9.95 22.33 9.69
CA GLY A 704 8.79 22.25 8.83
C GLY A 704 9.07 22.68 7.40
N THR A 705 8.01 23.10 6.73
CA THR A 705 8.07 23.51 5.33
C THR A 705 8.60 24.92 5.15
N VAL A 706 9.91 25.01 4.92
CA VAL A 706 10.59 26.26 4.60
C VAL A 706 11.29 26.04 3.28
N ASP A 707 11.06 26.93 2.32
CA ASP A 707 11.71 26.77 1.03
C ASP A 707 13.22 26.92 1.13
N ALA A 708 13.93 26.22 0.25
CA ALA A 708 15.38 26.17 0.26
C ALA A 708 15.97 27.16 -0.73
N ASP A 709 17.12 27.71 -0.34
CA ASP A 709 17.90 28.59 -1.22
C ASP A 709 18.66 27.69 -2.18
N TYR A 710 18.06 27.42 -3.35
CA TYR A 710 18.66 26.50 -4.30
C TYR A 710 20.02 26.98 -4.76
N LYS A 711 20.23 28.29 -4.71
CA LYS A 711 21.50 28.89 -5.12
C LYS A 711 22.63 28.53 -4.14
N LYS A 712 22.29 28.25 -2.89
CA LYS A 712 23.27 27.79 -1.91
C LYS A 712 23.39 26.27 -1.81
N CYS A 713 22.36 25.52 -2.18
CA CYS A 713 22.41 24.08 -2.00
C CYS A 713 23.45 23.40 -2.90
N THR A 714 23.73 23.96 -4.07
CA THR A 714 24.69 23.36 -4.99
C THR A 714 26.08 23.97 -4.90
N LYS A 715 26.32 24.91 -3.99
CA LYS A 715 27.64 25.50 -3.91
C LYS A 715 28.61 24.62 -3.13
N GLY A 716 28.11 23.89 -2.14
CA GLY A 716 28.93 23.01 -1.34
C GLY A 716 29.82 23.70 -0.34
N LEU A 717 29.66 25.02 -0.16
CA LEU A 717 30.51 25.77 0.75
C LEU A 717 30.22 25.42 2.21
N SER A 718 29.14 24.69 2.47
CA SER A 718 28.78 24.23 3.80
C SER A 718 27.98 22.95 3.62
N ILE A 719 27.98 22.11 4.66
CA ILE A 719 27.19 20.88 4.60
C ILE A 719 25.72 21.24 4.56
N ALA A 720 24.98 20.54 3.69
CA ALA A 720 23.57 20.83 3.46
C ALA A 720 22.72 20.68 4.72
N ASP A 721 21.83 21.64 4.91
CA ASP A 721 20.87 21.65 6.01
C ASP A 721 19.68 20.77 5.65
N LEU A 722 18.64 20.80 6.48
CA LEU A 722 17.44 20.00 6.22
C LEU A 722 16.76 20.41 4.92
N ALA A 723 16.73 21.70 4.62
CA ALA A 723 16.09 22.16 3.39
C ALA A 723 16.85 21.72 2.15
N CYS A 724 18.18 21.88 2.14
CA CYS A 724 18.96 21.47 0.98
C CYS A 724 19.02 19.96 0.84
N ALA A 725 19.00 19.23 1.95
CA ALA A 725 19.02 17.77 1.88
C ALA A 725 17.80 17.22 1.17
N GLN A 726 16.63 17.82 1.40
CA GLN A 726 15.42 17.38 0.70
C GLN A 726 15.49 17.70 -0.79
N TYR A 727 16.16 18.79 -1.15
CA TYR A 727 16.29 19.15 -2.56
C TYR A 727 17.05 18.08 -3.33
N TYR A 728 18.02 17.41 -2.68
CA TYR A 728 18.76 16.35 -3.34
C TYR A 728 17.89 15.14 -3.63
N ASN A 729 16.75 15.00 -2.95
CA ASN A 729 15.83 13.90 -3.16
C ASN A 729 14.64 14.30 -4.03
N GLY A 730 14.76 15.42 -4.74
CA GLY A 730 13.71 15.89 -5.63
C GLY A 730 12.56 16.61 -4.97
N ILE A 731 12.56 16.78 -3.65
CA ILE A 731 11.48 17.45 -2.96
C ILE A 731 11.76 18.94 -2.99
N MET A 732 10.87 19.72 -3.60
CA MET A 732 11.02 21.15 -3.72
C MET A 732 9.84 21.85 -3.04
N VAL A 733 10.10 22.49 -1.91
CA VAL A 733 9.08 23.28 -1.22
C VAL A 733 9.02 24.64 -1.91
N LEU A 734 7.88 24.93 -2.55
CA LEU A 734 7.74 26.19 -3.26
C LEU A 734 7.55 27.35 -2.29
N PRO A 735 7.91 28.57 -2.71
CA PRO A 735 7.71 29.75 -1.85
C PRO A 735 6.24 29.96 -1.53
N GLY A 736 5.97 30.39 -0.31
CA GLY A 736 4.60 30.61 0.12
C GLY A 736 3.87 31.61 -0.73
N VAL A 737 2.64 31.28 -1.13
CA VAL A 737 1.84 32.19 -1.94
C VAL A 737 1.46 33.43 -1.14
N ALA A 738 1.35 33.31 0.18
CA ALA A 738 1.02 34.43 1.06
C ALA A 738 2.30 35.22 1.35
N ASP A 739 2.72 36.00 0.37
CA ASP A 739 3.92 36.81 0.51
C ASP A 739 3.73 37.79 1.66
N ALA A 740 4.74 37.89 2.53
CA ALA A 740 4.65 38.77 3.70
C ALA A 740 4.44 40.23 3.32
N GLU A 741 4.93 40.66 2.16
CA GLU A 741 4.69 42.03 1.75
C GLU A 741 3.24 42.22 1.29
N ARG A 742 2.73 41.29 0.48
CA ARG A 742 1.36 41.41 0.00
C ARG A 742 0.35 41.31 1.12
N MET A 743 0.65 40.51 2.16
CA MET A 743 -0.27 40.38 3.28
C MET A 743 -0.37 41.67 4.06
N ALA A 744 0.76 42.36 4.27
CA ALA A 744 0.73 43.62 5.00
C ALA A 744 -0.07 44.68 4.23
N MET A 745 0.06 44.70 2.91
CA MET A 745 -0.77 45.60 2.09
C MET A 745 -2.24 45.21 2.14
N TYR A 746 -2.53 43.91 2.14
CA TYR A 746 -3.91 43.44 2.15
C TYR A 746 -4.60 43.76 3.48
N THR A 747 -3.99 43.39 4.59
CA THR A 747 -4.60 43.66 5.89
C THR A 747 -4.60 45.14 6.21
N GLY A 748 -3.55 45.86 5.78
CA GLY A 748 -3.52 47.30 6.00
C GLY A 748 -4.62 48.05 5.27
N SER A 749 -4.91 47.66 4.03
CA SER A 749 -6.00 48.30 3.30
C SER A 749 -7.35 48.03 3.95
N LEU A 750 -7.59 46.81 4.41
CA LEU A 750 -8.87 46.48 5.03
C LEU A 750 -9.06 47.24 6.34
N ILE A 751 -8.01 47.36 7.15
CA ILE A 751 -8.11 48.10 8.40
C ILE A 751 -8.38 49.58 8.11
N GLY A 752 -7.70 50.14 7.11
CA GLY A 752 -7.91 51.54 6.78
C GLY A 752 -9.24 51.83 6.12
N GLY A 753 -9.89 50.82 5.56
CA GLY A 753 -11.17 51.03 4.89
C GLY A 753 -12.31 51.39 5.83
N ILE A 754 -12.20 51.00 7.11
CA ILE A 754 -13.23 51.34 8.08
C ILE A 754 -13.30 52.84 8.30
N ALA A 755 -12.18 53.55 8.19
CA ALA A 755 -12.15 55.00 8.36
C ALA A 755 -12.69 55.78 7.17
N LEU A 756 -12.97 55.14 6.04
CA LEU A 756 -13.54 55.86 4.91
C LEU A 756 -15.03 56.10 5.10
N GLY A 757 -15.44 57.35 4.95
CA GLY A 757 -16.83 57.75 5.10
C GLY A 757 -17.51 58.24 3.85
N GLY A 758 -16.88 58.16 2.70
CA GLY A 758 -17.49 58.63 1.46
C GLY A 758 -17.50 60.12 1.27
N LEU A 759 -16.63 60.86 1.97
CA LEU A 759 -16.59 62.29 1.80
C LEU A 759 -15.97 62.67 0.45
N THR A 760 -16.27 63.89 0.01
CA THR A 760 -15.67 64.40 -1.20
C THR A 760 -14.17 64.54 -0.98
N SER A 761 -13.39 64.26 -2.02
CA SER A 761 -11.93 64.22 -1.98
C SER A 761 -11.41 63.11 -1.07
N ALA A 762 -12.28 62.22 -0.62
CA ALA A 762 -11.93 61.11 0.27
C ALA A 762 -11.28 61.56 1.57
N ALA A 763 -11.67 62.73 2.07
CA ALA A 763 -11.14 63.20 3.34
C ALA A 763 -11.62 62.29 4.46
N SER A 764 -10.73 61.98 5.40
CA SER A 764 -11.09 61.13 6.53
C SER A 764 -12.03 61.85 7.49
N ILE A 765 -12.87 61.05 8.16
CA ILE A 765 -13.81 61.55 9.17
C ILE A 765 -13.32 61.11 10.55
N PRO A 766 -13.68 61.83 11.61
CA PRO A 766 -13.37 61.33 12.96
C PRO A 766 -13.99 59.95 13.15
N PHE A 767 -13.26 59.07 13.85
CA PHE A 767 -13.73 57.70 14.01
C PHE A 767 -15.01 57.59 14.81
N SER A 768 -15.33 58.60 15.62
CA SER A 768 -16.60 58.58 16.34
C SER A 768 -17.79 58.61 15.39
N LEU A 769 -17.62 59.25 14.23
CA LEU A 769 -18.66 59.29 13.21
C LEU A 769 -18.82 57.94 12.53
N ALA A 770 -17.72 57.23 12.30
CA ALA A 770 -17.80 55.91 11.70
C ALA A 770 -18.55 54.93 12.60
N ILE A 771 -18.30 54.99 13.90
CA ILE A 771 -19.05 54.13 14.83
C ILE A 771 -20.51 54.55 14.87
N GLN A 772 -20.78 55.85 14.88
CA GLN A 772 -22.17 56.32 14.89
C GLN A 772 -22.91 55.90 13.64
N SER A 773 -22.24 55.93 12.49
CA SER A 773 -22.84 55.48 11.24
C SER A 773 -23.13 53.99 11.25
N ARG A 774 -22.23 53.20 11.84
CA ARG A 774 -22.47 51.77 11.94
C ARG A 774 -23.53 51.43 12.98
N LEU A 775 -23.70 52.26 14.01
CA LEU A 775 -24.79 52.04 14.95
C LEU A 775 -26.14 52.33 14.30
N ASN A 776 -26.19 53.31 13.40
CA ASN A 776 -27.43 53.66 12.73
C ASN A 776 -27.94 52.51 11.87
N TYR A 777 -27.03 51.70 11.34
CA TYR A 777 -27.43 50.54 10.55
C TYR A 777 -28.22 49.54 11.37
N VAL A 778 -27.98 49.50 12.68
CA VAL A 778 -28.72 48.59 13.56
C VAL A 778 -30.09 49.18 13.89
N ALA A 779 -30.10 50.37 14.46
CA ALA A 779 -31.33 51.07 14.78
C ALA A 779 -31.10 52.56 14.59
N LEU A 780 -32.13 53.27 14.12
CA LEU A 780 -32.03 54.70 13.89
C LEU A 780 -31.71 55.43 15.19
N GLN A 781 -30.50 55.96 15.27
CA GLN A 781 -30.03 56.62 16.48
C GLN A 781 -30.72 57.95 16.70
N THR A 782 -31.19 58.18 17.93
CA THR A 782 -31.84 59.43 18.31
C THR A 782 -31.04 60.23 19.33
N ASP A 783 -29.98 59.64 19.89
CA ASP A 783 -29.08 60.35 20.78
C ASP A 783 -28.30 61.38 19.98
N VAL A 784 -28.61 62.66 20.20
CA VAL A 784 -28.00 63.74 19.44
C VAL A 784 -26.65 64.19 19.99
N LEU A 785 -26.28 63.76 21.19
CA LEU A 785 -25.02 64.18 21.79
C LEU A 785 -23.98 63.07 21.90
N GLN A 786 -24.36 61.81 21.64
CA GLN A 786 -23.45 60.67 21.57
C GLN A 786 -22.60 60.49 22.84
N GLU A 787 -23.29 60.36 23.98
CA GLU A 787 -22.57 60.17 25.24
C GLU A 787 -21.99 58.77 25.35
N ASN A 788 -22.69 57.77 24.81
CA ASN A 788 -22.25 56.38 24.88
C ASN A 788 -20.97 56.09 24.10
N GLN A 789 -20.51 57.01 23.26
CA GLN A 789 -19.30 56.74 22.48
C GLN A 789 -18.07 56.55 23.36
N ARG A 790 -18.03 57.22 24.52
CA ARG A 790 -16.87 57.14 25.40
C ARG A 790 -16.79 55.79 26.13
N ILE A 791 -17.90 55.29 26.64
CA ILE A 791 -17.87 53.99 27.31
C ILE A 791 -17.54 52.87 26.33
N LEU A 792 -18.04 52.97 25.09
CA LEU A 792 -17.73 51.97 24.09
C LEU A 792 -16.24 51.96 23.77
N ALA A 793 -15.62 53.14 23.64
CA ALA A 793 -14.20 53.21 23.34
C ALA A 793 -13.36 52.67 24.49
N ALA A 794 -13.71 53.02 25.72
CA ALA A 794 -12.96 52.51 26.88
C ALA A 794 -13.05 50.99 26.98
N SER A 795 -14.24 50.43 26.72
CA SER A 795 -14.41 48.99 26.77
C SER A 795 -13.61 48.30 25.67
N PHE A 796 -13.58 48.88 24.47
CA PHE A 796 -12.83 48.30 23.38
C PHE A 796 -11.33 48.30 23.67
N ASN A 797 -10.81 49.39 24.25
CA ASN A 797 -9.40 49.46 24.58
C ASN A 797 -9.01 48.41 25.61
N LYS A 798 -9.88 48.17 26.59
CA LYS A 798 -9.60 47.14 27.60
C LYS A 798 -9.57 45.75 26.97
N ALA A 799 -10.52 45.45 26.08
CA ALA A 799 -10.56 44.14 25.44
C ALA A 799 -9.32 43.90 24.60
N MET A 800 -8.89 44.90 23.83
CA MET A 800 -7.71 44.75 22.99
C MET A 800 -6.46 44.48 23.82
N THR A 801 -6.36 45.07 25.01
CA THR A 801 -5.22 44.80 25.88
C THR A 801 -5.22 43.35 26.34
N ASN A 802 -6.38 42.83 26.76
CA ASN A 802 -6.44 41.45 27.21
C ASN A 802 -6.16 40.47 26.08
N ILE A 803 -6.48 40.85 24.84
CA ILE A 803 -6.20 39.99 23.70
C ILE A 803 -4.69 39.82 23.51
N VAL A 804 -3.94 40.91 23.60
CA VAL A 804 -2.48 40.83 23.47
C VAL A 804 -1.88 40.06 24.65
N ASP A 805 -2.44 40.27 25.85
CA ASP A 805 -1.99 39.51 27.02
C ASP A 805 -2.24 38.03 26.84
N ALA A 806 -3.40 37.66 26.28
CA ALA A 806 -3.71 36.26 26.06
C ALA A 806 -2.85 35.64 24.97
N PHE A 807 -2.44 36.41 23.97
CA PHE A 807 -1.56 35.86 22.94
C PHE A 807 -0.17 35.57 23.50
N THR A 808 0.31 36.41 24.42
CA THR A 808 1.63 36.17 25.00
C THR A 808 1.56 35.07 26.07
N GLY A 809 0.71 35.24 27.07
CA GLY A 809 0.55 34.26 28.12
C GLY A 809 0.69 34.79 29.53
N VAL A 810 0.72 36.12 29.69
CA VAL A 810 0.88 36.74 30.99
C VAL A 810 -0.37 36.66 31.86
N ASN A 811 -1.49 36.24 31.31
CA ASN A 811 -2.75 36.13 32.04
C ASN A 811 -3.36 34.73 31.89
N ASP A 812 -2.50 33.72 31.70
CA ASP A 812 -2.95 32.37 31.44
C ASP A 812 -3.81 31.79 32.55
N ALA A 813 -3.43 32.01 33.81
CA ALA A 813 -4.18 31.44 34.93
C ALA A 813 -5.55 32.07 35.15
N ILE A 814 -5.89 33.17 34.46
CA ILE A 814 -7.20 33.79 34.65
C ILE A 814 -7.92 33.93 33.31
N THR A 815 -7.40 33.31 32.25
CA THR A 815 -8.06 33.42 30.95
C THR A 815 -9.42 32.76 30.91
N GLN A 816 -9.70 31.83 31.82
CA GLN A 816 -10.99 31.13 31.84
C GLN A 816 -12.14 32.01 32.30
N THR A 817 -11.87 33.19 32.86
CA THR A 817 -12.92 34.03 33.40
C THR A 817 -13.86 34.62 32.35
N SER A 818 -13.48 34.61 31.06
CA SER A 818 -14.34 35.19 30.04
C SER A 818 -14.37 34.33 28.79
N GLN A 819 -15.53 34.28 28.15
CA GLN A 819 -15.64 33.57 26.87
C GLN A 819 -14.83 34.28 25.80
N ALA A 820 -14.69 35.59 25.90
CA ALA A 820 -13.88 36.32 24.94
C ALA A 820 -12.44 35.83 24.98
N LEU A 821 -11.91 35.64 26.18
CA LEU A 821 -10.55 35.11 26.31
C LEU A 821 -10.51 33.64 25.92
N GLN A 822 -11.64 32.94 26.03
CA GLN A 822 -11.71 31.55 25.59
C GLN A 822 -11.52 31.43 24.09
N THR A 823 -12.04 32.38 23.31
CA THR A 823 -11.84 32.34 21.87
C THR A 823 -10.37 32.47 21.51
N VAL A 824 -9.61 33.19 22.31
CA VAL A 824 -8.18 33.32 22.06
C VAL A 824 -7.49 31.99 22.28
N ALA A 825 -7.88 31.26 23.32
CA ALA A 825 -7.32 29.93 23.55
C ALA A 825 -7.65 28.99 22.40
N THR A 826 -8.88 29.05 21.90
CA THR A 826 -9.26 28.22 20.76
C THR A 826 -8.46 28.58 19.51
N ALA A 827 -8.27 29.87 19.27
CA ALA A 827 -7.49 30.30 18.12
C ALA A 827 -6.04 29.86 18.24
N LEU A 828 -5.46 30.00 19.43
CA LEU A 828 -4.06 29.58 19.63
C LEU A 828 -3.90 28.08 19.44
N ASN A 829 -4.87 27.28 19.90
CA ASN A 829 -4.78 25.83 19.72
C ASN A 829 -4.80 25.45 18.24
N LYS A 830 -5.65 26.10 17.44
CA LYS A 830 -5.71 25.78 16.02
C LYS A 830 -4.43 26.19 15.30
N ILE A 831 -3.86 27.35 15.66
CA ILE A 831 -2.61 27.78 15.05
C ILE A 831 -1.47 26.85 15.45
N GLN A 832 -1.47 26.40 16.71
CA GLN A 832 -0.43 25.48 17.16
C GLN A 832 -0.48 24.16 16.42
N ASP A 833 -1.69 23.67 16.14
CA ASP A 833 -1.85 22.42 15.39
C ASP A 833 -1.25 22.57 14.00
N VAL A 834 -1.60 23.66 13.31
CA VAL A 834 -1.10 23.90 11.95
C VAL A 834 0.41 24.00 11.95
N VAL A 835 0.98 24.69 12.94
CA VAL A 835 2.43 24.84 13.05
C VAL A 835 3.14 23.51 13.31
N ASN A 836 2.44 22.54 13.90
CA ASN A 836 3.02 21.24 14.20
C ASN A 836 2.64 20.16 13.20
N GLN A 837 2.12 20.52 12.02
CA GLN A 837 1.67 19.51 11.08
C GLN A 837 2.37 19.47 9.73
N GLN A 838 3.01 20.56 9.28
CA GLN A 838 3.56 20.56 7.92
C GLN A 838 4.66 19.51 7.74
N GLY A 839 5.55 19.38 8.72
CA GLY A 839 6.66 18.45 8.60
C GLY A 839 6.31 16.98 8.69
N ASN A 840 5.11 16.64 9.14
CA ASN A 840 4.75 15.23 9.28
C ASN A 840 4.73 14.50 7.94
N SER A 841 4.16 15.14 6.91
CA SER A 841 4.09 14.51 5.60
C SER A 841 5.47 14.39 4.94
N LEU A 842 6.30 15.42 5.05
CA LEU A 842 7.63 15.35 4.46
C LEU A 842 8.52 14.33 5.16
N ASN A 843 8.47 14.26 6.49
CA ASN A 843 9.29 13.29 7.20
C ASN A 843 8.90 11.87 6.86
N HIS A 844 7.60 11.62 6.68
CA HIS A 844 7.14 10.29 6.28
C HIS A 844 7.65 9.94 4.89
N LEU A 845 7.62 10.90 3.95
CA LEU A 845 8.10 10.66 2.60
C LEU A 845 9.61 10.40 2.56
N THR A 846 10.40 11.18 3.30
CA THR A 846 11.85 10.97 3.30
C THR A 846 12.27 9.72 4.07
N SER A 847 11.51 9.34 5.10
CA SER A 847 11.87 8.14 5.85
C SER A 847 11.70 6.88 5.03
N GLN A 848 10.79 6.87 4.07
CA GLN A 848 10.57 5.68 3.25
C GLN A 848 11.74 5.37 2.33
N LEU A 849 12.68 6.30 2.14
CA LEU A 849 13.85 6.01 1.33
C LEU A 849 14.83 5.08 2.01
N ARG A 850 14.70 4.88 3.31
CA ARG A 850 15.59 3.98 4.03
C ARG A 850 15.11 2.54 4.00
N GLN A 851 13.90 2.28 3.53
CA GLN A 851 13.35 0.93 3.52
C GLN A 851 14.03 0.09 2.44
N ASN A 852 14.42 -1.12 2.81
CA ASN A 852 15.03 -2.05 1.85
C ASN A 852 14.00 -2.66 0.91
N PHE A 853 12.73 -2.68 1.30
CA PHE A 853 11.65 -3.25 0.49
C PHE A 853 11.98 -4.68 0.06
N GLN A 854 12.59 -5.44 0.97
CA GLN A 854 12.99 -6.82 0.72
C GLN A 854 13.93 -6.93 -0.48
N ALA A 855 14.88 -6.00 -0.56
CA ALA A 855 15.92 -6.03 -1.56
C ALA A 855 17.26 -6.17 -0.85
N ILE A 856 18.34 -6.25 -1.64
CA ILE A 856 19.66 -6.39 -1.06
C ILE A 856 20.01 -5.17 -0.23
N SER A 857 19.69 -3.97 -0.71
CA SER A 857 19.99 -2.76 0.01
C SER A 857 19.07 -1.65 -0.46
N SER A 858 18.98 -0.61 0.36
CA SER A 858 18.19 0.57 0.02
C SER A 858 18.94 1.52 -0.91
N SER A 859 20.22 1.29 -1.14
CA SER A 859 21.01 2.11 -2.05
C SER A 859 21.05 1.45 -3.41
N ILE A 860 20.67 2.19 -4.44
CA ILE A 860 20.67 1.65 -5.80
C ILE A 860 22.09 1.38 -6.26
N GLN A 861 23.03 2.26 -5.93
CA GLN A 861 24.41 2.05 -6.34
C GLN A 861 25.00 0.80 -5.71
N ALA A 862 24.59 0.47 -4.48
CA ALA A 862 25.11 -0.72 -3.83
C ALA A 862 24.71 -1.99 -4.56
N ILE A 863 23.51 -2.02 -5.15
CA ILE A 863 23.07 -3.18 -5.91
C ILE A 863 23.90 -3.35 -7.17
N TYR A 864 24.12 -2.26 -7.91
CA TYR A 864 24.88 -2.34 -9.16
C TYR A 864 26.36 -2.57 -8.92
N ASP A 865 26.84 -2.39 -7.70
CA ASP A 865 28.22 -2.69 -7.37
C ASP A 865 28.41 -4.13 -6.93
N ARG A 866 27.33 -4.88 -6.75
CA ARG A 866 27.40 -6.25 -6.26
C ARG A 866 26.91 -7.31 -7.23
N LEU A 867 26.10 -6.97 -8.22
CA LEU A 867 25.51 -7.96 -9.10
C LEU A 867 25.64 -7.55 -10.56
N ASP A 868 25.56 -8.53 -11.44
CA ASP A 868 25.54 -8.24 -12.88
C ASP A 868 24.20 -7.62 -13.24
N PRO A 869 24.15 -6.83 -14.30
CA PRO A 869 22.91 -6.13 -14.69
C PRO A 869 21.69 -7.04 -14.77
N PRO A 870 21.81 -8.27 -15.28
CA PRO A 870 20.61 -9.14 -15.31
C PRO A 870 19.99 -9.39 -13.94
N GLN A 871 20.80 -9.52 -12.91
CA GLN A 871 20.29 -9.78 -11.56
C GLN A 871 20.00 -8.51 -10.78
N ALA A 872 20.78 -7.44 -11.00
CA ALA A 872 20.56 -6.20 -10.28
C ALA A 872 19.25 -5.54 -10.67
N ASP A 873 18.83 -5.67 -11.93
CA ASP A 873 17.58 -5.07 -12.38
C ASP A 873 16.38 -5.66 -11.64
N GLN A 874 16.40 -6.97 -11.40
CA GLN A 874 15.31 -7.60 -10.66
C GLN A 874 15.26 -7.14 -9.21
N GLN A 875 16.39 -6.73 -8.65
CA GLN A 875 16.41 -6.21 -7.29
C GLN A 875 16.00 -4.73 -7.24
N VAL A 876 16.40 -3.95 -8.25
CA VAL A 876 16.05 -2.54 -8.29
C VAL A 876 14.55 -2.35 -8.49
N ASP A 877 13.91 -3.25 -9.25
CA ASP A 877 12.46 -3.14 -9.46
C ASP A 877 11.69 -3.15 -8.15
N ARG A 878 12.22 -3.80 -7.12
CA ARG A 878 11.58 -3.76 -5.80
C ARG A 878 11.59 -2.35 -5.21
N LEU A 879 12.70 -1.65 -5.36
CA LEU A 879 12.79 -0.27 -4.88
C LEU A 879 11.90 0.66 -5.68
N ILE A 880 11.81 0.44 -7.00
CA ILE A 880 10.97 1.30 -7.83
C ILE A 880 9.51 1.18 -7.44
N THR A 881 9.01 -0.05 -7.33
CA THR A 881 7.61 -0.25 -6.96
C THR A 881 7.31 0.24 -5.54
N GLY A 882 8.22 -0.03 -4.60
CA GLY A 882 8.01 0.42 -3.24
C GLY A 882 8.04 1.92 -3.07
N ARG A 883 8.97 2.59 -3.75
CA ARG A 883 9.06 4.04 -3.64
C ARG A 883 7.93 4.76 -4.37
N LEU A 884 7.43 4.18 -5.47
CA LEU A 884 6.27 4.79 -6.13
C LEU A 884 5.04 4.72 -5.22
N ALA A 885 4.93 3.67 -4.43
CA ALA A 885 3.84 3.58 -3.47
C ALA A 885 3.94 4.66 -2.41
N ALA A 886 5.16 4.98 -1.98
CA ALA A 886 5.35 6.04 -0.99
C ALA A 886 4.94 7.40 -1.55
N LEU A 887 5.24 7.65 -2.83
CA LEU A 887 4.83 8.91 -3.45
C LEU A 887 3.32 9.01 -3.53
N ASN A 888 2.62 7.91 -3.88
CA ASN A 888 1.17 7.94 -3.95
C ASN A 888 0.54 8.21 -2.59
N VAL A 889 1.15 7.72 -1.52
CA VAL A 889 0.67 8.03 -0.17
C VAL A 889 0.83 9.51 0.10
N PHE A 890 1.96 10.10 -0.29
CA PHE A 890 2.19 11.53 -0.09
C PHE A 890 1.21 12.37 -0.88
N VAL A 891 0.89 11.96 -2.11
CA VAL A 891 -0.12 12.68 -2.91
C VAL A 891 -1.47 12.63 -2.23
N SER A 892 -1.81 11.49 -1.63
CA SER A 892 -3.07 11.36 -0.91
C SER A 892 -3.11 12.29 0.30
N HIS A 893 -1.99 12.46 0.99
CA HIS A 893 -1.94 13.36 2.13
C HIS A 893 -2.09 14.82 1.71
N THR A 894 -1.41 15.23 0.64
CA THR A 894 -1.50 16.61 0.18
C THR A 894 -2.87 16.96 -0.38
N LEU A 895 -3.45 16.07 -1.20
CA LEU A 895 -4.77 16.34 -1.75
C LEU A 895 -5.83 16.48 -0.67
N THR A 896 -5.76 15.66 0.37
CA THR A 896 -6.72 15.78 1.46
C THR A 896 -6.61 17.11 2.18
N LYS A 897 -5.38 17.58 2.43
CA LYS A 897 -5.19 18.86 3.08
C LYS A 897 -5.66 20.03 2.23
N TYR A 898 -5.55 19.93 0.90
CA TYR A 898 -6.05 21.00 0.05
C TYR A 898 -7.57 21.13 0.16
N THR A 899 -8.26 20.03 0.44
CA THR A 899 -9.71 20.09 0.61
C THR A 899 -10.06 20.85 1.88
N GLU A 900 -9.33 20.61 2.98
CA GLU A 900 -9.53 21.35 4.21
C GLU A 900 -9.28 22.84 4.03
N VAL A 901 -8.16 23.19 3.37
CA VAL A 901 -7.82 24.60 3.17
C VAL A 901 -8.79 25.28 2.21
N ARG A 902 -9.22 24.59 1.15
CA ARG A 902 -10.15 25.21 0.20
C ARG A 902 -11.48 25.55 0.86
N ALA A 903 -11.98 24.68 1.73
CA ALA A 903 -13.22 25.00 2.44
C ALA A 903 -13.04 26.18 3.37
N SER A 904 -11.93 26.21 4.12
CA SER A 904 -11.69 27.30 5.06
C SER A 904 -11.34 28.62 4.35
N ARG A 905 -10.71 28.55 3.18
CA ARG A 905 -10.43 29.75 2.41
C ARG A 905 -11.71 30.43 1.93
N GLN A 906 -12.69 29.66 1.48
CA GLN A 906 -13.94 30.26 1.03
C GLN A 906 -14.67 30.94 2.17
N LEU A 907 -14.66 30.33 3.36
CA LEU A 907 -15.30 30.96 4.51
C LEU A 907 -14.60 32.25 4.88
N ALA A 908 -13.27 32.27 4.80
CA ALA A 908 -12.49 33.47 5.11
C ALA A 908 -12.82 34.59 4.14
N GLN A 909 -12.97 34.27 2.85
CA GLN A 909 -13.35 35.30 1.87
C GLN A 909 -14.75 35.83 2.13
N GLN A 910 -15.68 34.96 2.54
CA GLN A 910 -17.02 35.44 2.89
C GLN A 910 -16.98 36.37 4.09
N LYS A 911 -16.13 36.06 5.08
CA LYS A 911 -16.03 36.91 6.25
C LYS A 911 -15.34 38.23 5.93
N VAL A 912 -14.44 38.26 4.95
CA VAL A 912 -13.83 39.52 4.55
C VAL A 912 -14.86 40.40 3.85
N ASN A 913 -15.68 39.80 2.99
CA ASN A 913 -16.69 40.56 2.26
C ASN A 913 -17.89 40.95 3.11
N GLU A 914 -18.28 40.12 4.08
CA GLU A 914 -19.47 40.38 4.88
C GLU A 914 -19.22 40.91 6.28
N CYS A 915 -18.08 40.61 6.91
CA CYS A 915 -17.81 41.12 8.24
C CYS A 915 -16.80 42.26 8.26
N VAL A 916 -15.85 42.29 7.33
CA VAL A 916 -14.80 43.30 7.33
C VAL A 916 -15.15 44.48 6.42
N LYS A 917 -15.48 44.21 5.16
CA LYS A 917 -15.81 45.29 4.25
C LYS A 917 -17.19 45.87 4.55
N SER A 918 -18.15 45.02 4.90
CA SER A 918 -19.52 45.43 5.18
C SER A 918 -19.87 45.14 6.62
N GLN A 919 -21.07 45.56 7.02
CA GLN A 919 -21.62 45.26 8.33
C GLN A 919 -22.69 44.20 8.13
N SER A 920 -22.62 43.12 8.90
CA SER A 920 -23.52 41.99 8.73
C SER A 920 -24.58 41.92 9.80
N LYS A 921 -25.80 41.57 9.38
CA LYS A 921 -26.91 41.31 10.28
C LYS A 921 -27.20 39.82 10.42
N ARG A 922 -26.46 38.98 9.68
CA ARG A 922 -26.61 37.53 9.81
C ARG A 922 -26.13 37.14 11.19
N TYR A 923 -27.05 36.72 12.04
CA TYR A 923 -26.69 36.40 13.42
C TYR A 923 -25.71 35.24 13.50
N GLY A 924 -24.66 35.43 14.30
CA GLY A 924 -23.64 34.43 14.53
C GLY A 924 -22.53 34.35 13.52
N PHE A 925 -22.61 35.09 12.41
CA PHE A 925 -21.55 35.00 11.41
C PHE A 925 -20.30 35.77 11.81
N CYS A 926 -20.45 36.90 12.49
CA CYS A 926 -19.32 37.74 12.88
C CYS A 926 -19.31 37.98 14.38
N GLY A 927 -19.51 36.91 15.16
CA GLY A 927 -19.53 36.96 16.62
C GLY A 927 -20.81 36.35 17.13
N ASN A 928 -21.17 36.69 18.38
CA ASN A 928 -22.40 36.16 18.95
C ASN A 928 -23.36 37.28 19.36
N GLY A 929 -23.03 38.53 19.07
CA GLY A 929 -23.89 39.65 19.38
C GLY A 929 -24.10 40.56 18.20
N THR A 930 -24.46 41.82 18.45
CA THR A 930 -24.69 42.78 17.37
C THR A 930 -23.35 43.23 16.79
N HIS A 931 -23.13 42.90 15.53
CA HIS A 931 -21.87 43.23 14.87
C HIS A 931 -21.75 44.72 14.56
N ILE A 932 -20.55 45.25 14.74
CA ILE A 932 -20.26 46.65 14.46
C ILE A 932 -19.22 46.74 13.35
N PHE A 933 -18.03 46.18 13.61
CA PHE A 933 -16.98 46.14 12.60
C PHE A 933 -16.03 45.01 12.95
N SER A 934 -15.19 44.66 11.99
CA SER A 934 -14.20 43.61 12.17
C SER A 934 -12.84 44.05 11.66
N LEU A 935 -11.80 43.48 12.27
CA LEU A 935 -10.42 43.72 11.89
C LEU A 935 -9.79 42.39 11.50
N VAL A 936 -8.74 42.45 10.70
CA VAL A 936 -8.06 41.26 10.21
C VAL A 936 -6.55 41.46 10.29
N ASN A 937 -5.84 40.37 10.55
CA ASN A 937 -4.38 40.37 10.61
C ASN A 937 -3.84 39.07 10.04
N ALA A 938 -2.60 39.12 9.61
CA ALA A 938 -1.95 37.93 9.07
C ALA A 938 -1.61 36.97 10.18
N ALA A 939 -1.76 35.68 9.90
CA ALA A 939 -1.48 34.62 10.85
C ALA A 939 -0.75 33.52 10.10
N PRO A 940 -0.05 32.63 10.82
CA PRO A 940 0.63 31.52 10.14
C PRO A 940 -0.30 30.69 9.28
N GLU A 941 -0.03 30.66 7.97
CA GLU A 941 -0.83 29.95 6.98
C GLU A 941 -2.27 30.40 6.93
N GLY A 942 -2.61 31.60 7.38
CA GLY A 942 -4.00 31.97 7.42
C GLY A 942 -4.23 33.41 7.83
N LEU A 943 -5.47 33.69 8.19
CA LEU A 943 -5.92 34.99 8.68
C LEU A 943 -6.53 34.86 10.06
N VAL A 944 -6.45 35.93 10.83
CA VAL A 944 -7.07 36.02 12.15
C VAL A 944 -8.03 37.19 12.14
N PHE A 945 -9.25 36.98 12.63
CA PHE A 945 -10.29 37.99 12.66
C PHE A 945 -10.55 38.43 14.08
N LEU A 946 -10.72 39.74 14.27
CA LEU A 946 -11.02 40.33 15.57
C LEU A 946 -12.40 40.98 15.43
N HIS A 947 -13.45 40.19 15.66
CA HIS A 947 -14.81 40.69 15.57
C HIS A 947 -15.12 41.61 16.74
N THR A 948 -15.80 42.72 16.45
CA THR A 948 -16.21 43.68 17.46
C THR A 948 -17.74 43.68 17.50
N VAL A 949 -18.30 43.27 18.62
CA VAL A 949 -19.74 43.13 18.80
C VAL A 949 -20.17 43.88 20.05
N LEU A 950 -21.47 44.15 20.11
CA LEU A 950 -22.10 44.80 21.26
C LEU A 950 -22.92 43.78 22.03
N LEU A 951 -22.74 43.76 23.35
CA LEU A 951 -23.48 42.89 24.25
C LEU A 951 -24.25 43.74 25.24
N PRO A 952 -25.54 43.52 25.42
CA PRO A 952 -26.30 44.34 26.37
C PRO A 952 -25.91 44.02 27.80
N THR A 953 -25.91 45.06 28.63
CA THR A 953 -25.61 44.93 30.05
C THR A 953 -26.77 45.27 30.96
N GLN A 954 -27.65 46.19 30.56
CA GLN A 954 -28.78 46.60 31.35
C GLN A 954 -30.01 46.66 30.47
N TYR A 955 -31.18 46.52 31.08
CA TYR A 955 -32.45 46.52 30.38
C TYR A 955 -33.37 47.56 31.00
N LYS A 956 -34.27 48.10 30.17
CA LYS A 956 -35.26 49.06 30.61
C LYS A 956 -36.65 48.51 30.36
N ASP A 957 -37.53 48.64 31.35
CA ASP A 957 -38.91 48.18 31.23
C ASP A 957 -39.80 49.34 30.82
N VAL A 958 -40.66 49.10 29.82
CA VAL A 958 -41.60 50.10 29.32
C VAL A 958 -42.97 49.45 29.15
N GLU A 959 -44.02 50.21 29.48
CA GLU A 959 -45.39 49.77 29.31
C GLU A 959 -45.81 50.06 27.88
N ALA A 960 -45.66 49.05 27.02
CA ALA A 960 -45.93 49.19 25.60
C ALA A 960 -47.38 48.89 25.26
N TRP A 961 -47.82 49.44 24.13
CA TRP A 961 -49.17 49.27 23.62
C TRP A 961 -49.10 48.84 22.16
N SER A 962 -50.10 48.06 21.74
CA SER A 962 -50.12 47.54 20.38
C SER A 962 -50.43 48.60 19.33
N GLY A 963 -51.30 49.56 19.65
CA GLY A 963 -51.64 50.57 18.68
C GLY A 963 -52.64 51.55 19.23
N LEU A 964 -53.16 52.40 18.34
CA LEU A 964 -54.14 53.40 18.69
C LEU A 964 -55.45 53.12 17.98
N CYS A 965 -56.55 53.40 18.67
CA CYS A 965 -57.89 53.34 18.10
C CYS A 965 -58.53 54.69 18.36
N VAL A 966 -58.71 55.49 17.31
CA VAL A 966 -59.23 56.85 17.42
C VAL A 966 -60.69 56.87 17.02
N ASP A 967 -61.53 57.42 17.90
CA ASP A 967 -62.97 57.54 17.74
C ASP A 967 -63.66 56.18 17.61
N GLY A 968 -62.98 55.10 17.95
CA GLY A 968 -63.56 53.78 17.86
C GLY A 968 -63.75 53.23 16.46
N ILE A 969 -63.33 53.97 15.43
CA ILE A 969 -63.55 53.50 14.07
C ILE A 969 -62.26 53.56 13.24
N ASN A 970 -61.24 54.25 13.75
CA ASN A 970 -59.96 54.34 13.06
C ASN A 970 -58.88 53.61 13.85
N GLY A 971 -58.22 52.66 13.20
CA GLY A 971 -57.16 51.88 13.82
C GLY A 971 -55.80 52.25 13.26
N TYR A 972 -54.79 52.29 14.12
CA TYR A 972 -53.43 52.64 13.71
C TYR A 972 -52.43 51.69 14.33
N VAL A 973 -51.42 51.32 13.54
CA VAL A 973 -50.32 50.46 13.97
C VAL A 973 -49.02 51.14 13.53
N LEU A 974 -47.92 50.76 14.16
CA LEU A 974 -46.64 51.37 13.81
C LEU A 974 -46.18 50.96 12.42
N ARG A 975 -45.54 51.91 11.74
CA ARG A 975 -45.11 51.72 10.36
C ARG A 975 -44.08 50.60 10.23
N GLN A 976 -43.17 50.49 11.19
CA GLN A 976 -42.19 49.42 11.18
C GLN A 976 -42.49 48.41 12.27
N PRO A 977 -42.48 47.12 11.97
CA PRO A 977 -42.76 46.13 13.01
C PRO A 977 -41.73 46.10 14.11
N ASN A 978 -40.53 46.63 13.89
CA ASN A 978 -39.48 46.66 14.89
C ASN A 978 -39.56 47.87 15.81
N LEU A 979 -40.61 48.68 15.70
CA LEU A 979 -40.82 49.82 16.58
C LEU A 979 -41.90 49.48 17.61
N ALA A 980 -41.80 50.11 18.78
CA ALA A 980 -42.77 49.90 19.85
C ALA A 980 -43.20 51.22 20.47
N LEU A 981 -44.49 51.33 20.77
CA LEU A 981 -45.08 52.52 21.37
C LEU A 981 -45.28 52.27 22.86
N TYR A 982 -44.81 53.19 23.69
CA TYR A 982 -44.90 53.01 25.14
C TYR A 982 -45.23 54.33 25.84
N LYS A 983 -45.71 54.20 27.06
CA LYS A 983 -46.13 55.32 27.89
C LYS A 983 -45.07 55.61 28.96
N GLU A 984 -44.68 56.87 29.07
CA GLU A 984 -43.67 57.30 30.03
C GLU A 984 -44.24 58.51 30.75
N GLY A 985 -44.62 58.32 32.01
CA GLY A 985 -45.24 59.37 32.78
C GLY A 985 -46.59 59.74 32.20
N ASN A 986 -46.75 61.01 31.81
CA ASN A 986 -48.02 61.47 31.27
C ASN A 986 -48.05 61.50 29.75
N TYR A 987 -46.91 61.32 29.08
CA TYR A 987 -46.85 61.37 27.63
C TYR A 987 -46.55 59.99 27.04
N TYR A 988 -46.36 59.95 25.72
CA TYR A 988 -46.05 58.73 24.98
C TYR A 988 -44.77 58.92 24.17
N ARG A 989 -44.07 57.81 23.94
CA ARG A 989 -42.85 57.81 23.16
C ARG A 989 -42.77 56.53 22.34
N ILE A 990 -41.93 56.56 21.30
CA ILE A 990 -41.70 55.43 20.42
C ILE A 990 -40.23 55.06 20.50
N THR A 991 -39.94 53.77 20.61
CA THR A 991 -38.56 53.30 20.67
C THR A 991 -38.40 52.07 19.79
N SER A 992 -37.15 51.83 19.36
CA SER A 992 -36.84 50.61 18.66
C SER A 992 -36.79 49.45 19.65
N ARG A 993 -37.25 48.28 19.20
CA ARG A 993 -37.20 47.10 20.04
C ARG A 993 -35.79 46.53 20.20
N ILE A 994 -34.86 46.91 19.33
CA ILE A 994 -33.50 46.40 19.39
C ILE A 994 -32.62 47.23 20.29
N MET A 995 -32.68 48.56 20.16
CA MET A 995 -31.95 49.50 20.97
C MET A 995 -32.92 50.55 21.48
N PHE A 996 -32.70 51.03 22.70
CA PHE A 996 -33.58 52.03 23.30
C PHE A 996 -33.27 53.40 22.72
N GLU A 997 -34.02 53.77 21.69
CA GLU A 997 -33.89 55.04 20.98
C GLU A 997 -35.21 55.79 21.13
N PRO A 998 -35.34 56.66 22.14
CA PRO A 998 -36.60 57.39 22.31
C PRO A 998 -36.87 58.32 21.12
N ARG A 999 -38.13 58.39 20.74
CA ARG A 999 -38.55 59.17 19.59
C ARG A 999 -39.92 59.79 19.86
N ILE A 1000 -40.07 61.04 19.47
CA ILE A 1000 -41.36 61.73 19.63
C ILE A 1000 -42.32 61.23 18.56
N PRO A 1001 -43.51 60.77 18.94
CA PRO A 1001 -44.47 60.28 17.94
C PRO A 1001 -44.89 61.36 16.95
N THR A 1002 -44.95 60.96 15.67
CA THR A 1002 -45.33 61.81 14.57
C THR A 1002 -46.37 61.07 13.75
N ILE A 1003 -47.20 61.82 13.02
CA ILE A 1003 -48.28 61.17 12.27
C ILE A 1003 -47.74 60.23 11.21
N ALA A 1004 -46.51 60.47 10.73
CA ALA A 1004 -45.91 59.59 9.74
C ALA A 1004 -45.42 58.27 10.32
N ASP A 1005 -45.42 58.12 11.64
CA ASP A 1005 -45.00 56.87 12.28
C ASP A 1005 -46.09 55.82 12.32
N PHE A 1006 -47.31 56.15 11.92
CA PHE A 1006 -48.43 55.22 12.01
C PHE A 1006 -48.95 54.84 10.63
N VAL A 1007 -49.55 53.66 10.57
CA VAL A 1007 -50.20 53.12 9.38
C VAL A 1007 -51.64 52.84 9.75
N GLN A 1008 -52.56 53.39 8.95
CA GLN A 1008 -53.99 53.23 9.20
C GLN A 1008 -54.51 51.89 8.68
N ILE A 1009 -55.31 51.22 9.50
CA ILE A 1009 -55.90 49.93 9.17
C ILE A 1009 -57.41 50.01 9.30
N GLU A 1010 -58.08 49.02 8.70
CA GLU A 1010 -59.54 49.03 8.60
C GLU A 1010 -60.23 48.91 9.97
N ASN A 1011 -59.75 48.03 10.83
CA ASN A 1011 -60.38 47.77 12.12
C ASN A 1011 -59.42 47.97 13.29
N CYS A 1012 -60.01 47.97 14.48
CA CYS A 1012 -59.36 48.10 15.78
C CYS A 1012 -59.34 46.81 16.59
N ASN A 1013 -58.45 46.79 17.59
CA ASN A 1013 -58.35 45.78 18.62
C ASN A 1013 -58.87 46.30 19.95
N VAL A 1014 -59.20 45.35 20.84
CA VAL A 1014 -59.65 45.68 22.18
C VAL A 1014 -58.51 46.28 22.99
N THR A 1015 -57.28 45.84 22.73
CA THR A 1015 -56.07 46.30 23.40
C THR A 1015 -55.52 47.61 22.88
N PHE A 1016 -56.13 48.20 21.85
CA PHE A 1016 -55.61 49.47 21.38
C PHE A 1016 -55.94 50.57 22.40
N VAL A 1017 -55.18 51.65 22.34
CA VAL A 1017 -55.41 52.77 23.25
C VAL A 1017 -56.66 53.51 22.80
N ASN A 1018 -57.62 53.66 23.71
CA ASN A 1018 -58.85 54.38 23.42
C ASN A 1018 -58.52 55.87 23.42
N ILE A 1019 -58.88 56.60 22.37
CA ILE A 1019 -58.67 58.04 22.34
C ILE A 1019 -59.58 58.65 21.28
N SER A 1020 -59.89 59.93 21.45
CA SER A 1020 -60.71 60.69 20.53
C SER A 1020 -59.83 61.63 19.71
N ARG A 1021 -60.42 62.17 18.63
CA ARG A 1021 -59.67 63.09 17.77
C ARG A 1021 -59.20 64.32 18.53
N SER A 1022 -60.01 64.82 19.46
CA SER A 1022 -59.64 66.01 20.21
C SER A 1022 -58.45 65.79 21.14
N GLU A 1023 -58.28 64.59 21.68
CA GLU A 1023 -57.21 64.34 22.62
C GLU A 1023 -55.98 63.69 22.00
N LEU A 1024 -55.98 63.44 20.70
CA LEU A 1024 -54.85 62.77 20.05
C LEU A 1024 -53.57 63.58 20.17
N GLN A 1025 -53.66 64.87 20.49
CA GLN A 1025 -52.48 65.71 20.66
C GLN A 1025 -51.61 65.20 21.81
N THR A 1026 -52.21 64.61 22.84
CA THR A 1026 -51.44 64.08 23.96
C THR A 1026 -50.50 62.97 23.50
N ILE A 1027 -50.84 62.26 22.44
CA ILE A 1027 -49.98 61.22 21.90
C ILE A 1027 -49.09 61.77 20.78
N VAL A 1028 -49.66 62.53 19.86
CA VAL A 1028 -48.89 63.11 18.76
C VAL A 1028 -48.89 64.63 18.95
N PRO A 1029 -47.82 65.19 19.51
CA PRO A 1029 -47.78 66.63 19.79
C PRO A 1029 -47.99 67.53 18.58
N GLU A 1030 -47.63 67.10 17.39
CA GLU A 1030 -47.82 67.94 16.21
C GLU A 1030 -49.20 67.86 15.60
N TYR A 1031 -50.04 66.91 15.99
CA TYR A 1031 -51.34 66.75 15.38
C TYR A 1031 -52.26 67.94 15.66
N ILE A 1032 -53.00 68.35 14.63
CA ILE A 1032 -53.98 69.43 14.71
C ILE A 1032 -55.24 68.94 14.02
N ASP A 1033 -56.37 68.99 14.73
CA ASP A 1033 -57.65 68.60 14.13
C ASP A 1033 -58.13 69.75 13.27
N VAL A 1034 -57.68 69.79 12.03
CA VAL A 1034 -58.02 70.87 11.10
C VAL A 1034 -59.50 70.86 10.77
N ASN A 1035 -60.05 69.69 10.43
CA ASN A 1035 -61.41 69.59 9.94
C ASN A 1035 -62.43 69.93 11.02
N LYS A 1036 -62.13 69.63 12.28
CA LYS A 1036 -62.98 70.06 13.39
C LYS A 1036 -62.80 71.54 13.67
N THR A 1037 -61.56 72.02 13.67
CA THR A 1037 -61.28 73.41 14.02
C THR A 1037 -61.94 74.39 13.07
N LEU A 1038 -61.91 74.11 11.77
CA LEU A 1038 -62.54 75.01 10.82
C LEU A 1038 -64.06 75.06 10.99
N GLN A 1039 -64.69 73.92 11.29
CA GLN A 1039 -66.13 73.92 11.49
C GLN A 1039 -66.52 74.75 12.71
N GLU A 1040 -65.78 74.58 13.80
CA GLU A 1040 -66.04 75.37 15.01
C GLU A 1040 -65.63 76.83 14.84
N LEU A 1041 -64.58 77.09 14.05
CA LEU A 1041 -64.15 78.46 13.79
C LEU A 1041 -65.20 79.30 13.05
N SER A 1042 -66.14 78.66 12.35
CA SER A 1042 -67.18 79.41 11.66
C SER A 1042 -68.06 80.21 12.62
N TYR A 1043 -68.11 79.82 13.89
CA TYR A 1043 -68.89 80.55 14.88
C TYR A 1043 -68.01 81.43 15.74
N CYS B 32 -37.99 -34.21 18.42
CA CYS B 32 -39.05 -34.90 19.15
C CYS B 32 -39.19 -34.40 20.58
N VAL B 33 -40.30 -34.79 21.21
CA VAL B 33 -40.63 -34.44 22.59
C VAL B 33 -40.80 -32.94 22.73
N GLY B 34 -42.02 -32.51 23.05
CA GLY B 34 -42.33 -31.11 23.21
C GLY B 34 -42.72 -30.41 21.92
N HIS B 35 -43.77 -29.59 22.00
CA HIS B 35 -44.27 -28.73 20.93
C HIS B 35 -44.76 -29.49 19.71
N SER B 36 -44.57 -30.82 19.70
CA SER B 36 -44.90 -31.69 18.58
C SER B 36 -44.11 -31.34 17.32
N GLU B 37 -43.33 -30.26 17.35
CA GLU B 37 -42.64 -29.76 16.18
C GLU B 37 -41.12 -29.78 16.31
N ASN B 38 -40.58 -30.27 17.43
CA ASN B 38 -39.13 -30.48 17.48
C ASN B 38 -38.73 -31.43 16.36
N VAL B 39 -39.55 -32.45 16.12
CA VAL B 39 -39.47 -33.21 14.89
C VAL B 39 -40.44 -32.55 13.92
N PHE B 40 -39.94 -32.15 12.76
CA PHE B 40 -40.74 -31.41 11.80
C PHE B 40 -40.91 -32.18 10.49
N ALA B 41 -41.77 -31.64 9.64
CA ALA B 41 -42.03 -32.19 8.31
C ALA B 41 -41.03 -31.58 7.33
N VAL B 42 -40.18 -32.41 6.74
CA VAL B 42 -39.19 -31.91 5.80
C VAL B 42 -39.87 -31.33 4.58
N GLU B 43 -39.50 -30.10 4.22
CA GLU B 43 -40.10 -29.45 3.07
C GLU B 43 -39.55 -30.05 1.78
N SER B 44 -40.24 -29.77 0.67
CA SER B 44 -39.85 -30.33 -0.62
C SER B 44 -38.44 -29.88 -1.00
N GLY B 45 -37.61 -30.86 -1.36
CA GLY B 45 -36.22 -30.62 -1.69
C GLY B 45 -35.26 -30.81 -0.55
N GLY B 46 -35.75 -31.04 0.66
CA GLY B 46 -34.90 -31.29 1.80
C GLY B 46 -34.59 -30.09 2.66
N TYR B 47 -35.33 -29.00 2.52
CA TYR B 47 -35.09 -27.81 3.31
C TYR B 47 -35.74 -27.90 4.68
N ILE B 48 -35.17 -27.18 5.63
CA ILE B 48 -35.67 -27.11 7.00
C ILE B 48 -36.60 -25.92 7.14
N PRO B 49 -37.75 -26.07 7.80
CA PRO B 49 -38.68 -24.95 7.93
C PRO B 49 -38.04 -23.72 8.56
N SER B 50 -38.45 -22.55 8.08
CA SER B 50 -37.90 -21.27 8.50
C SER B 50 -38.22 -20.87 9.93
N ASN B 51 -39.11 -21.57 10.62
CA ASN B 51 -39.41 -21.28 12.01
C ASN B 51 -38.83 -22.29 13.00
N PHE B 52 -37.99 -23.21 12.53
CA PHE B 52 -37.40 -24.21 13.40
C PHE B 52 -36.46 -23.57 14.42
N ALA B 53 -36.56 -24.03 15.67
CA ALA B 53 -35.75 -23.49 16.76
C ALA B 53 -34.31 -24.00 16.79
N PHE B 54 -33.98 -25.00 15.98
CA PHE B 54 -32.62 -25.57 15.92
C PHE B 54 -32.08 -26.00 17.29
N ASN B 55 -32.96 -26.55 18.12
CA ASN B 55 -32.53 -27.01 19.44
C ASN B 55 -31.67 -28.27 19.29
N ASN B 56 -30.46 -28.22 19.85
CA ASN B 56 -29.45 -29.27 19.73
C ASN B 56 -28.96 -29.50 18.30
N TRP B 57 -29.14 -28.53 17.41
CA TRP B 57 -28.63 -28.60 16.04
C TRP B 57 -27.42 -27.67 16.01
N PHE B 58 -26.22 -28.23 16.11
CA PHE B 58 -25.02 -27.43 16.22
C PHE B 58 -24.29 -27.19 14.91
N LEU B 59 -23.59 -26.06 14.86
CA LEU B 59 -22.76 -25.66 13.73
C LEU B 59 -21.47 -26.48 13.77
N LEU B 60 -21.30 -27.35 12.79
CA LEU B 60 -20.12 -28.22 12.75
C LEU B 60 -18.88 -27.41 12.39
N THR B 61 -17.79 -27.68 13.13
CA THR B 61 -16.51 -26.97 12.94
C THR B 61 -15.36 -27.94 13.17
N ASN B 62 -14.24 -27.74 12.48
CA ASN B 62 -13.04 -28.60 12.65
C ASN B 62 -12.08 -27.93 13.63
N THR B 63 -12.11 -26.59 13.69
CA THR B 63 -11.17 -25.85 14.57
C THR B 63 -11.94 -24.98 15.56
N SER B 64 -11.92 -23.66 15.38
CA SER B 64 -12.56 -22.73 16.35
C SER B 64 -14.06 -22.64 16.10
N SER B 65 -14.80 -22.10 17.06
CA SER B 65 -16.27 -21.98 16.94
C SER B 65 -16.70 -20.52 17.08
N VAL B 66 -17.60 -20.06 16.22
CA VAL B 66 -18.07 -18.68 16.27
C VAL B 66 -19.02 -18.50 17.45
N VAL B 67 -18.90 -17.36 18.12
CA VAL B 67 -19.78 -17.04 19.25
C VAL B 67 -21.01 -16.29 18.74
N ASP B 68 -20.77 -15.12 18.13
CA ASP B 68 -21.84 -14.29 17.59
C ASP B 68 -21.44 -13.79 16.21
N GLY B 69 -22.41 -13.67 15.32
CA GLY B 69 -22.16 -13.16 13.99
C GLY B 69 -22.95 -13.94 12.95
N VAL B 70 -22.68 -13.60 11.69
CA VAL B 70 -23.28 -14.25 10.53
C VAL B 70 -22.16 -14.87 9.72
N VAL B 71 -22.28 -16.17 9.43
CA VAL B 71 -21.24 -16.90 8.74
C VAL B 71 -21.83 -17.74 7.61
N ARG B 72 -21.07 -17.86 6.53
CA ARG B 72 -21.42 -18.67 5.37
C ARG B 72 -20.52 -19.90 5.37
N SER B 73 -21.12 -21.08 5.25
CA SER B 73 -20.33 -22.31 5.23
C SER B 73 -21.14 -23.44 4.64
N PHE B 74 -20.42 -24.49 4.24
CA PHE B 74 -21.04 -25.73 3.76
C PHE B 74 -21.35 -26.57 4.98
N GLN B 75 -22.63 -26.81 5.24
CA GLN B 75 -23.05 -27.58 6.39
C GLN B 75 -24.03 -28.66 5.98
N PRO B 76 -24.04 -29.79 6.68
CA PRO B 76 -24.99 -30.87 6.39
C PRO B 76 -26.37 -30.55 6.97
N LEU B 77 -27.10 -29.69 6.25
CA LEU B 77 -28.43 -29.26 6.64
C LEU B 77 -29.48 -29.60 5.60
N LEU B 78 -29.11 -30.23 4.49
CA LEU B 78 -30.07 -30.65 3.48
C LEU B 78 -30.47 -32.07 3.84
N LEU B 79 -31.67 -32.22 4.40
CA LEU B 79 -32.12 -33.50 4.92
C LEU B 79 -32.73 -34.37 3.84
N ASN B 80 -32.26 -35.62 3.77
CA ASN B 80 -32.83 -36.61 2.88
C ASN B 80 -33.95 -37.39 3.54
N CYS B 81 -33.90 -37.53 4.87
CA CYS B 81 -34.97 -38.15 5.64
C CYS B 81 -34.79 -37.89 7.12
N LEU B 82 -35.86 -37.48 7.80
CA LEU B 82 -35.85 -37.26 9.24
C LEU B 82 -36.97 -38.08 9.88
N TRP B 83 -36.63 -38.91 10.85
CA TRP B 83 -37.62 -39.70 11.56
C TRP B 83 -37.38 -39.65 13.05
N SER B 84 -38.49 -39.75 13.80
CA SER B 84 -38.44 -39.75 15.26
C SER B 84 -38.15 -41.15 15.79
N VAL B 85 -37.37 -41.21 16.87
CA VAL B 85 -37.05 -42.46 17.53
C VAL B 85 -37.87 -42.65 18.79
N SER B 86 -37.92 -41.63 19.64
CA SER B 86 -38.74 -41.73 20.85
C SER B 86 -40.22 -41.72 20.48
N GLY B 87 -40.98 -42.60 21.12
CA GLY B 87 -42.40 -42.71 20.86
C GLY B 87 -42.77 -43.40 19.57
N SER B 88 -41.80 -43.93 18.83
CA SER B 88 -42.05 -44.62 17.58
C SER B 88 -42.08 -46.13 17.73
N GLN B 89 -41.47 -46.66 18.79
CA GLN B 89 -41.41 -48.09 19.10
C GLN B 89 -40.65 -48.91 18.06
N PHE B 90 -40.15 -48.28 16.99
CA PHE B 90 -39.42 -49.03 15.97
C PHE B 90 -38.05 -49.44 16.49
N THR B 91 -37.46 -48.62 17.38
CA THR B 91 -36.15 -48.84 17.99
C THR B 91 -35.02 -48.64 16.99
N THR B 92 -35.36 -48.52 15.70
CA THR B 92 -34.43 -48.26 14.60
C THR B 92 -33.40 -49.36 14.34
N GLY B 93 -32.39 -49.50 15.19
CA GLY B 93 -31.34 -50.48 14.98
C GLY B 93 -30.17 -49.88 14.20
N PHE B 94 -29.79 -50.53 13.10
CA PHE B 94 -28.70 -50.05 12.27
C PHE B 94 -29.20 -49.10 11.19
N VAL B 95 -28.39 -48.08 10.89
CA VAL B 95 -28.68 -47.11 9.84
C VAL B 95 -27.49 -47.03 8.91
N TYR B 96 -27.74 -47.11 7.62
CA TYR B 96 -26.71 -47.00 6.59
C TYR B 96 -26.77 -45.61 5.97
N PHE B 97 -25.72 -45.23 5.24
CA PHE B 97 -25.71 -43.93 4.57
C PHE B 97 -26.67 -43.96 3.39
N ASN B 98 -26.82 -45.12 2.78
CA ASN B 98 -27.84 -45.28 1.74
C ASN B 98 -29.13 -45.59 2.47
N GLY B 99 -30.19 -45.64 1.79
CA GLY B 99 -31.50 -45.74 2.42
C GLY B 99 -31.76 -46.95 3.30
N THR B 100 -30.90 -47.95 3.31
CA THR B 100 -31.12 -49.13 4.14
C THR B 100 -31.20 -48.78 5.62
N GLY B 101 -32.23 -49.30 6.30
CA GLY B 101 -32.40 -49.08 7.71
C GLY B 101 -33.11 -47.82 8.16
N ARG B 102 -33.49 -46.93 7.25
CA ARG B 102 -34.15 -45.71 7.67
C ARG B 102 -35.53 -46.01 8.26
N GLY B 103 -35.98 -45.11 9.14
CA GLY B 103 -37.29 -45.20 9.75
C GLY B 103 -38.35 -44.49 8.92
N ALA B 104 -39.54 -44.39 9.50
CA ALA B 104 -40.65 -43.72 8.82
C ALA B 104 -40.38 -42.22 8.75
N CYS B 105 -39.90 -41.77 7.60
CA CYS B 105 -39.55 -40.36 7.42
C CYS B 105 -40.79 -39.47 7.53
N LYS B 106 -40.65 -38.37 8.26
CA LYS B 106 -41.73 -37.42 8.42
C LYS B 106 -41.58 -36.33 7.37
N GLY B 107 -42.48 -36.33 6.38
CA GLY B 107 -42.45 -35.36 5.32
C GLY B 107 -41.72 -35.80 4.08
N PHE B 108 -41.10 -34.86 3.38
CA PHE B 108 -40.36 -35.17 2.15
C PHE B 108 -39.19 -36.08 2.46
N TYR B 109 -38.91 -37.01 1.54
CA TYR B 109 -37.80 -37.93 1.67
C TYR B 109 -37.26 -38.27 0.29
N SER B 110 -36.05 -38.83 0.26
CA SER B 110 -35.39 -39.17 -0.99
C SER B 110 -34.59 -40.46 -0.84
N ASN B 111 -34.36 -41.12 -1.98
CA ASN B 111 -33.50 -42.28 -2.08
C ASN B 111 -32.10 -41.91 -2.52
N ALA B 112 -31.67 -40.69 -2.25
CA ALA B 112 -30.31 -40.30 -2.54
C ALA B 112 -29.34 -40.85 -1.50
N SER B 113 -28.07 -40.85 -1.86
CA SER B 113 -27.05 -41.28 -0.90
C SER B 113 -26.71 -40.08 -0.04
N SER B 114 -26.64 -40.30 1.27
CA SER B 114 -26.28 -39.23 2.20
C SER B 114 -24.80 -39.30 2.53
N ASP B 115 -24.32 -38.26 3.21
CA ASP B 115 -22.94 -38.20 3.64
C ASP B 115 -22.79 -37.95 5.12
N VAL B 116 -23.85 -37.60 5.83
CA VAL B 116 -23.81 -37.36 7.27
C VAL B 116 -25.05 -37.95 7.93
N ILE B 117 -24.86 -38.61 9.06
CA ILE B 117 -25.95 -39.14 9.88
C ILE B 117 -25.94 -38.37 11.19
N ARG B 118 -27.08 -37.79 11.55
CA ARG B 118 -27.23 -36.99 12.76
C ARG B 118 -28.11 -37.70 13.78
N TYR B 119 -27.58 -37.85 15.00
CA TYR B 119 -28.28 -38.46 16.12
C TYR B 119 -28.55 -37.40 17.17
N ASN B 120 -29.76 -36.91 17.28
CA ASN B 120 -30.08 -35.97 18.32
C ASN B 120 -30.21 -36.72 19.63
N ILE B 121 -29.59 -36.25 20.72
CA ILE B 121 -29.58 -36.99 22.00
C ILE B 121 -30.22 -36.49 23.30
N ASN B 122 -31.13 -35.52 23.25
CA ASN B 122 -31.84 -34.96 24.46
C ASN B 122 -31.11 -34.00 25.47
N PHE B 123 -31.69 -33.80 26.65
CA PHE B 123 -31.19 -32.88 27.67
C PHE B 123 -30.17 -33.59 28.57
N GLU B 124 -28.91 -33.17 28.45
CA GLU B 124 -27.79 -33.63 29.27
C GLU B 124 -27.57 -35.14 29.25
N GLU B 125 -28.12 -35.88 28.28
CA GLU B 125 -27.90 -37.31 28.29
C GLU B 125 -26.47 -37.62 27.88
N ASN B 126 -25.92 -38.71 28.42
CA ASN B 126 -24.55 -39.12 28.14
C ASN B 126 -24.49 -40.58 27.70
N LEU B 127 -23.76 -40.82 26.61
CA LEU B 127 -23.51 -42.12 26.00
C LEU B 127 -22.53 -42.97 26.80
N ARG B 128 -22.26 -42.56 28.03
CA ARG B 128 -21.25 -43.14 28.89
C ARG B 128 -21.49 -44.61 29.22
N ARG B 129 -22.70 -45.11 29.10
CA ARG B 129 -23.06 -46.47 29.51
C ARG B 129 -23.58 -47.33 28.36
N GLY B 130 -22.91 -47.31 27.23
CA GLY B 130 -23.34 -48.08 26.08
C GLY B 130 -22.22 -48.22 25.07
N THR B 131 -22.59 -48.55 23.84
CA THR B 131 -21.62 -48.73 22.77
C THR B 131 -22.20 -48.20 21.47
N ILE B 132 -21.31 -47.91 20.52
CA ILE B 132 -21.71 -47.48 19.20
C ILE B 132 -21.06 -48.41 18.18
N LEU B 133 -21.86 -49.15 17.43
CA LEU B 133 -21.36 -50.10 16.45
C LEU B 133 -21.14 -49.44 15.09
N PHE B 134 -20.20 -50.00 14.32
CA PHE B 134 -19.90 -49.50 12.99
C PHE B 134 -19.67 -50.68 12.06
N LYS B 135 -19.92 -50.46 10.77
CA LYS B 135 -19.70 -51.44 9.71
C LYS B 135 -18.83 -50.81 8.64
N THR B 136 -17.77 -51.50 8.26
CA THR B 136 -16.86 -50.99 7.24
C THR B 136 -16.66 -52.06 6.17
N SER B 137 -15.78 -51.75 5.21
CA SER B 137 -15.42 -52.68 4.15
C SER B 137 -14.41 -53.72 4.60
N TYR B 138 -13.92 -53.63 5.83
CA TYR B 138 -12.94 -54.58 6.35
C TYR B 138 -13.43 -55.36 7.57
N GLY B 139 -14.64 -55.11 8.04
CA GLY B 139 -15.14 -55.81 9.21
C GLY B 139 -16.08 -54.93 10.02
N ALA B 140 -16.06 -55.15 11.32
CA ALA B 140 -16.85 -54.39 12.28
C ALA B 140 -15.96 -53.65 13.28
N VAL B 141 -16.43 -52.46 13.69
CA VAL B 141 -15.72 -51.59 14.61
C VAL B 141 -16.72 -51.14 15.68
N VAL B 142 -16.29 -51.13 16.93
CA VAL B 142 -17.14 -50.69 18.04
C VAL B 142 -16.42 -49.65 18.89
N PHE B 143 -17.12 -48.57 19.21
CA PHE B 143 -16.63 -47.48 20.04
C PHE B 143 -17.28 -47.55 21.41
N TYR B 144 -16.48 -47.49 22.47
CA TYR B 144 -16.96 -47.58 23.84
C TYR B 144 -16.11 -46.68 24.73
N CYS B 145 -16.66 -46.34 25.90
CA CYS B 145 -16.02 -45.49 26.90
C CYS B 145 -16.13 -46.15 28.27
N THR B 146 -15.03 -46.21 29.02
CA THR B 146 -15.05 -46.94 30.28
C THR B 146 -14.10 -46.39 31.35
N ASN B 147 -14.40 -46.81 32.58
CA ASN B 147 -13.75 -46.58 33.87
C ASN B 147 -13.09 -47.79 34.49
N ASN B 148 -13.50 -49.00 34.15
CA ASN B 148 -12.86 -50.19 34.69
C ASN B 148 -11.89 -50.68 33.64
N THR B 149 -10.62 -50.84 34.01
CA THR B 149 -9.63 -51.23 33.00
C THR B 149 -9.86 -52.63 32.48
N LEU B 150 -10.71 -53.41 33.14
CA LEU B 150 -11.05 -54.76 32.70
C LEU B 150 -11.83 -54.77 31.41
N VAL B 151 -12.51 -53.67 31.07
CA VAL B 151 -13.33 -53.62 29.87
C VAL B 151 -12.57 -53.23 28.62
N SER B 152 -11.48 -52.47 28.74
CA SER B 152 -10.71 -52.07 27.58
C SER B 152 -9.73 -53.12 27.10
N GLY B 153 -9.46 -54.15 27.90
CA GLY B 153 -8.44 -55.11 27.54
C GLY B 153 -7.08 -54.48 27.62
N ASP B 154 -6.38 -54.35 26.49
CA ASP B 154 -5.11 -53.65 26.50
C ASP B 154 -5.34 -52.15 26.30
N ALA B 155 -4.32 -51.38 26.66
CA ALA B 155 -4.35 -49.92 26.49
C ALA B 155 -2.90 -49.50 26.25
N HIS B 156 -2.60 -49.04 25.04
CA HIS B 156 -1.23 -48.69 24.70
C HIS B 156 -0.85 -47.35 25.33
N ILE B 157 -0.09 -47.43 26.42
CA ILE B 157 0.46 -46.33 27.22
C ILE B 157 -0.44 -45.10 27.39
N PRO B 158 -1.62 -45.24 28.03
CA PRO B 158 -2.50 -44.07 28.28
C PRO B 158 -1.99 -43.28 29.47
N SER B 159 -0.83 -42.64 29.31
CA SER B 159 -0.20 -41.89 30.38
C SER B 159 -0.75 -40.47 30.52
N GLY B 160 -0.52 -39.91 31.71
CA GLY B 160 -0.90 -38.55 32.06
C GLY B 160 -2.37 -38.33 32.33
N THR B 161 -3.19 -39.36 32.29
CA THR B 161 -4.62 -39.23 32.51
C THR B 161 -4.95 -39.40 33.99
N VAL B 162 -6.12 -38.92 34.36
CA VAL B 162 -6.61 -39.09 35.72
C VAL B 162 -7.24 -40.48 35.78
N LEU B 163 -6.68 -41.35 36.62
CA LEU B 163 -7.17 -42.72 36.68
C LEU B 163 -8.59 -42.84 37.24
N GLY B 164 -9.13 -41.80 37.85
CA GLY B 164 -10.46 -41.84 38.42
C GLY B 164 -11.63 -41.49 37.52
N ASN B 165 -11.41 -41.32 36.21
CA ASN B 165 -12.51 -40.99 35.32
C ASN B 165 -12.41 -41.79 34.03
N PHE B 166 -13.56 -41.87 33.34
CA PHE B 166 -13.75 -42.66 32.13
C PHE B 166 -12.97 -42.13 30.94
N TYR B 167 -12.57 -43.06 30.07
CA TYR B 167 -11.89 -42.77 28.81
C TYR B 167 -12.46 -43.73 27.77
N CYS B 168 -12.43 -43.31 26.51
CA CYS B 168 -13.01 -44.08 25.43
C CYS B 168 -11.94 -44.78 24.58
N PHE B 169 -12.26 -45.99 24.11
CA PHE B 169 -11.34 -46.78 23.30
C PHE B 169 -12.08 -47.24 22.06
N VAL B 170 -11.48 -48.14 21.28
CA VAL B 170 -12.17 -48.67 20.10
C VAL B 170 -11.62 -50.04 19.73
N ASN B 171 -12.50 -51.00 19.53
CA ASN B 171 -12.17 -52.31 18.97
C ASN B 171 -12.46 -52.39 17.49
N THR B 172 -11.43 -52.74 16.73
CA THR B 172 -11.53 -53.00 15.30
C THR B 172 -11.30 -54.49 15.11
N THR B 173 -12.28 -55.14 14.49
CA THR B 173 -12.23 -56.57 14.23
C THR B 173 -11.98 -56.71 12.75
N ILE B 174 -10.73 -57.01 12.39
CA ILE B 174 -10.42 -57.21 10.98
C ILE B 174 -10.88 -58.63 10.70
N GLY B 175 -12.16 -58.79 10.34
CA GLY B 175 -12.64 -60.14 10.15
C GLY B 175 -12.81 -60.88 11.46
N ASN B 176 -11.86 -61.77 11.65
CA ASN B 176 -11.67 -62.65 12.79
C ASN B 176 -10.55 -62.23 13.74
N GLU B 177 -9.76 -61.22 13.40
CA GLU B 177 -8.71 -60.71 14.29
C GLU B 177 -9.23 -59.51 15.10
N THR B 178 -9.30 -59.62 16.43
CA THR B 178 -9.75 -58.48 17.27
C THR B 178 -8.56 -57.64 17.76
N THR B 179 -8.65 -56.31 17.56
CA THR B 179 -7.64 -55.36 18.00
C THR B 179 -8.25 -54.16 18.72
N SER B 180 -7.65 -53.75 19.83
CA SER B 180 -8.10 -52.60 20.63
C SER B 180 -7.16 -51.40 20.45
N ALA B 181 -7.70 -50.20 20.66
CA ALA B 181 -6.91 -48.97 20.57
C ALA B 181 -7.56 -47.86 21.39
N PHE B 182 -6.73 -46.95 21.90
CA PHE B 182 -7.18 -45.79 22.67
C PHE B 182 -7.47 -44.64 21.71
N VAL B 183 -8.61 -43.97 21.89
CA VAL B 183 -8.97 -42.84 21.04
C VAL B 183 -9.00 -41.51 21.77
N GLY B 184 -9.33 -41.47 23.05
CA GLY B 184 -9.34 -40.20 23.74
C GLY B 184 -10.45 -40.14 24.80
N ALA B 185 -11.03 -38.95 24.95
CA ALA B 185 -12.09 -38.69 25.91
C ALA B 185 -13.23 -37.89 25.29
N LEU B 186 -14.42 -38.05 25.87
CA LEU B 186 -15.65 -37.36 25.49
C LEU B 186 -16.20 -36.59 26.69
N PRO B 187 -16.92 -35.50 26.45
CA PRO B 187 -17.47 -34.71 27.57
C PRO B 187 -18.40 -35.51 28.46
N LYS B 188 -18.69 -34.91 29.62
CA LYS B 188 -19.63 -35.50 30.57
C LYS B 188 -21.02 -35.68 29.98
N THR B 189 -21.47 -34.71 29.19
CA THR B 189 -22.78 -34.77 28.54
C THR B 189 -22.64 -34.48 27.05
N VAL B 190 -23.37 -35.25 26.24
CA VAL B 190 -23.38 -35.07 24.80
C VAL B 190 -24.79 -34.70 24.36
N ARG B 191 -24.91 -33.59 23.64
CA ARG B 191 -26.20 -33.10 23.17
C ARG B 191 -26.54 -33.57 21.77
N GLU B 192 -25.55 -33.89 20.96
CA GLU B 192 -25.78 -34.35 19.60
C GLU B 192 -24.62 -35.22 19.16
N PHE B 193 -24.92 -36.14 18.26
CA PHE B 193 -23.96 -37.03 17.63
C PHE B 193 -24.05 -36.90 16.11
N VAL B 194 -22.91 -36.70 15.46
CA VAL B 194 -22.87 -36.60 13.99
C VAL B 194 -21.70 -37.43 13.50
N ILE B 195 -21.96 -38.31 12.52
CA ILE B 195 -20.93 -39.15 11.92
C ILE B 195 -21.00 -38.99 10.41
N SER B 196 -19.86 -38.77 9.78
CA SER B 196 -19.75 -38.66 8.34
C SER B 196 -19.35 -40.00 7.72
N ARG B 197 -19.61 -40.14 6.42
CA ARG B 197 -19.26 -41.37 5.72
C ARG B 197 -17.75 -41.57 5.72
N THR B 198 -16.99 -40.50 5.73
CA THR B 198 -15.54 -40.55 5.73
C THR B 198 -14.97 -40.72 7.14
N GLY B 199 -15.83 -41.07 8.10
CA GLY B 199 -15.42 -41.32 9.47
C GLY B 199 -15.27 -40.13 10.36
N HIS B 200 -15.62 -38.93 9.92
CA HIS B 200 -15.49 -37.77 10.78
C HIS B 200 -16.47 -37.92 11.94
N PHE B 201 -15.96 -37.79 13.15
CA PHE B 201 -16.72 -38.02 14.38
C PHE B 201 -16.92 -36.68 15.08
N TYR B 202 -18.16 -36.20 15.10
CA TYR B 202 -18.50 -34.91 15.68
C TYR B 202 -19.31 -35.09 16.96
N ILE B 203 -18.93 -34.35 18.00
CA ILE B 203 -19.64 -34.33 19.27
C ILE B 203 -19.83 -32.88 19.64
N ASN B 204 -21.07 -32.47 19.92
CA ASN B 204 -21.38 -31.11 20.32
C ASN B 204 -20.82 -30.09 19.32
N GLY B 205 -20.84 -30.45 18.05
CA GLY B 205 -20.36 -29.59 16.98
C GLY B 205 -18.88 -29.59 16.71
N TYR B 206 -18.11 -30.39 17.45
CA TYR B 206 -16.64 -30.39 17.26
C TYR B 206 -16.16 -31.77 16.80
N ARG B 207 -15.24 -31.80 15.85
CA ARG B 207 -14.67 -33.07 15.38
C ARG B 207 -13.61 -33.55 16.34
N TYR B 208 -13.85 -34.69 16.99
CA TYR B 208 -12.92 -35.25 17.95
C TYR B 208 -12.01 -36.32 17.34
N PHE B 209 -12.56 -37.19 16.48
CA PHE B 209 -11.79 -38.29 15.90
C PHE B 209 -11.89 -38.38 14.39
N SER B 210 -11.34 -39.46 13.84
CA SER B 210 -11.44 -39.78 12.41
C SER B 210 -11.28 -41.30 12.31
N LEU B 211 -12.39 -41.99 12.16
CA LEU B 211 -12.42 -43.45 12.15
C LEU B 211 -12.21 -44.08 10.77
N GLY B 212 -11.97 -43.28 9.74
CA GLY B 212 -11.88 -43.82 8.40
C GLY B 212 -13.25 -44.08 7.80
N ASP B 213 -13.26 -44.60 6.58
CA ASP B 213 -14.52 -44.85 5.87
C ASP B 213 -15.46 -45.75 6.66
N VAL B 214 -16.72 -45.33 6.78
CA VAL B 214 -17.76 -46.04 7.52
C VAL B 214 -19.02 -46.15 6.68
N GLU B 215 -19.57 -47.35 6.60
CA GLU B 215 -20.77 -47.60 5.80
C GLU B 215 -22.05 -47.73 6.62
N ALA B 216 -21.96 -47.92 7.94
CA ALA B 216 -23.16 -48.01 8.76
C ALA B 216 -22.81 -47.69 10.21
N VAL B 217 -23.84 -47.41 11.01
CA VAL B 217 -23.65 -47.09 12.41
C VAL B 217 -24.89 -47.53 13.19
N ASN B 218 -24.66 -47.95 14.43
CA ASN B 218 -25.72 -48.33 15.36
C ASN B 218 -25.46 -47.65 16.69
N PHE B 219 -26.48 -46.98 17.21
CA PHE B 219 -26.44 -46.27 18.49
C PHE B 219 -27.02 -47.09 19.64
N ASN B 220 -26.53 -48.31 19.84
CA ASN B 220 -27.08 -49.20 20.86
C ASN B 220 -26.50 -48.84 22.22
N VAL B 221 -27.25 -48.04 22.96
CA VAL B 221 -26.85 -47.60 24.29
C VAL B 221 -28.03 -47.91 25.20
N THR B 222 -27.73 -48.22 26.45
CA THR B 222 -28.78 -48.44 27.45
C THR B 222 -29.70 -47.23 27.50
N ASN B 223 -30.92 -47.39 28.01
CA ASN B 223 -31.97 -46.36 28.00
C ASN B 223 -32.23 -45.87 26.58
N ALA B 224 -32.19 -46.82 25.64
CA ALA B 224 -32.45 -46.56 24.23
C ALA B 224 -33.89 -46.10 24.02
N ALA B 225 -34.14 -45.53 22.84
CA ALA B 225 -35.45 -44.99 22.48
C ALA B 225 -35.88 -43.83 23.39
N THR B 226 -35.02 -43.44 24.31
CA THR B 226 -35.28 -42.28 25.15
C THR B 226 -34.05 -41.37 25.13
N THR B 227 -32.87 -41.98 25.01
CA THR B 227 -31.65 -41.18 24.83
C THR B 227 -31.60 -40.59 23.43
N VAL B 228 -31.99 -41.36 22.42
CA VAL B 228 -32.05 -40.90 21.04
C VAL B 228 -33.43 -40.28 20.81
N CYS B 229 -33.46 -39.08 20.27
CA CYS B 229 -34.71 -38.37 20.04
C CYS B 229 -35.10 -38.37 18.57
N THR B 230 -34.19 -37.92 17.69
CA THR B 230 -34.45 -37.90 16.25
C THR B 230 -33.18 -38.29 15.52
N VAL B 231 -33.35 -38.93 14.37
CA VAL B 231 -32.23 -39.35 13.53
C VAL B 231 -32.50 -38.80 12.14
N ALA B 232 -31.49 -38.17 11.54
CA ALA B 232 -31.62 -37.58 10.22
C ALA B 232 -30.42 -37.89 9.35
N LEU B 233 -30.69 -38.19 8.09
CA LEU B 233 -29.67 -38.36 7.07
C LEU B 233 -29.61 -37.05 6.31
N ALA B 234 -28.43 -36.46 6.20
CA ALA B 234 -28.29 -35.17 5.57
C ALA B 234 -27.15 -35.17 4.56
N SER B 235 -27.14 -34.13 3.73
CA SER B 235 -26.12 -33.90 2.73
C SER B 235 -25.64 -32.46 2.85
N TYR B 236 -24.41 -32.23 2.39
CA TYR B 236 -23.81 -30.91 2.42
C TYR B 236 -24.56 -29.92 1.53
N ALA B 237 -24.74 -28.71 2.04
CA ALA B 237 -25.40 -27.65 1.30
C ALA B 237 -24.81 -26.31 1.71
N ASP B 238 -24.87 -25.35 0.79
CA ASP B 238 -24.38 -24.00 1.03
C ASP B 238 -25.43 -23.19 1.79
N VAL B 239 -25.10 -22.77 3.01
CA VAL B 239 -26.04 -22.07 3.86
C VAL B 239 -25.39 -20.86 4.51
N LEU B 240 -26.25 -19.91 4.90
CA LEU B 240 -25.87 -18.72 5.65
C LEU B 240 -26.52 -18.88 7.03
N VAL B 241 -25.73 -18.80 8.09
CA VAL B 241 -26.24 -19.05 9.43
C VAL B 241 -26.07 -17.81 10.31
N ASN B 242 -27.14 -17.45 11.02
CA ASN B 242 -27.13 -16.41 12.04
C ASN B 242 -26.86 -17.18 13.33
N VAL B 243 -25.63 -17.08 13.84
CA VAL B 243 -25.22 -17.79 15.06
C VAL B 243 -25.19 -16.84 16.24
N SER B 244 -25.86 -17.24 17.33
CA SER B 244 -25.91 -16.51 18.58
C SER B 244 -25.61 -17.45 19.73
N GLN B 245 -24.65 -17.06 20.58
CA GLN B 245 -24.19 -17.87 21.71
C GLN B 245 -23.75 -19.27 21.26
N THR B 246 -23.05 -19.32 20.14
CA THR B 246 -22.59 -20.55 19.48
C THR B 246 -23.73 -21.47 19.10
N ALA B 247 -24.93 -20.96 18.94
CA ALA B 247 -26.08 -21.77 18.59
C ALA B 247 -26.72 -21.22 17.33
N ILE B 248 -27.28 -22.13 16.52
CA ILE B 248 -27.93 -21.72 15.29
C ILE B 248 -29.28 -21.09 15.60
N ALA B 249 -29.52 -19.89 15.08
CA ALA B 249 -30.80 -19.23 15.27
C ALA B 249 -31.72 -19.40 14.06
N ASN B 250 -31.18 -19.17 12.86
CA ASN B 250 -31.92 -19.36 11.62
C ASN B 250 -30.92 -19.57 10.50
N ILE B 251 -31.40 -20.14 9.40
CA ILE B 251 -30.55 -20.40 8.23
C ILE B 251 -31.28 -19.98 6.95
N ILE B 252 -30.48 -19.79 5.90
CA ILE B 252 -30.96 -19.47 4.57
C ILE B 252 -30.17 -20.32 3.57
N TYR B 253 -30.87 -20.98 2.66
CA TYR B 253 -30.21 -21.78 1.64
C TYR B 253 -29.87 -20.93 0.43
N CYS B 254 -28.61 -20.98 -0.01
CA CYS B 254 -28.16 -20.20 -1.16
C CYS B 254 -28.50 -20.93 -2.45
N ASN B 255 -29.79 -21.02 -2.75
CA ASN B 255 -30.26 -21.74 -3.93
C ASN B 255 -30.93 -20.88 -4.97
N SER B 256 -31.65 -19.84 -4.57
CA SER B 256 -32.33 -18.96 -5.50
C SER B 256 -31.45 -17.76 -5.88
N VAL B 257 -31.99 -16.92 -6.76
CA VAL B 257 -31.27 -15.73 -7.21
C VAL B 257 -31.14 -14.72 -6.06
N ILE B 258 -32.24 -14.46 -5.36
CA ILE B 258 -32.20 -13.52 -4.24
C ILE B 258 -31.38 -14.08 -3.08
N ASN B 259 -31.51 -15.38 -2.81
CA ASN B 259 -30.76 -15.97 -1.71
C ASN B 259 -29.28 -15.98 -1.99
N ARG B 260 -28.87 -16.27 -3.22
CA ARG B 260 -27.44 -16.23 -3.54
C ARG B 260 -26.88 -14.83 -3.32
N LEU B 261 -27.62 -13.80 -3.75
CA LEU B 261 -27.16 -12.42 -3.55
C LEU B 261 -27.00 -12.11 -2.08
N ARG B 262 -27.91 -12.60 -1.25
CA ARG B 262 -27.80 -12.42 0.19
C ARG B 262 -26.57 -13.15 0.74
N CYS B 263 -26.29 -14.35 0.24
CA CYS B 263 -25.12 -15.09 0.70
C CYS B 263 -23.81 -14.41 0.31
N ASP B 264 -23.71 -13.89 -0.92
CA ASP B 264 -22.50 -13.16 -1.29
C ASP B 264 -22.38 -11.84 -0.54
N GLN B 265 -23.50 -11.19 -0.26
CA GLN B 265 -23.48 -9.97 0.52
C GLN B 265 -23.32 -10.23 2.01
N LEU B 266 -23.35 -11.48 2.43
CA LEU B 266 -23.17 -11.87 3.83
C LEU B 266 -24.14 -11.15 4.78
N SER B 267 -25.38 -11.01 4.34
CA SER B 267 -26.38 -10.33 5.15
C SER B 267 -27.74 -10.90 4.85
N PHE B 268 -28.59 -10.97 5.87
CA PHE B 268 -29.95 -11.47 5.67
C PHE B 268 -30.86 -10.45 5.02
N ASP B 269 -30.53 -9.17 5.12
CA ASP B 269 -31.32 -8.10 4.53
C ASP B 269 -30.43 -7.36 3.55
N VAL B 270 -30.95 -7.09 2.35
CA VAL B 270 -30.20 -6.40 1.31
C VAL B 270 -30.84 -5.03 1.09
N PRO B 271 -30.11 -3.94 1.27
CA PRO B 271 -30.68 -2.63 1.01
C PRO B 271 -31.04 -2.47 -0.47
N ASP B 272 -32.08 -1.69 -0.71
CA ASP B 272 -32.54 -1.46 -2.08
C ASP B 272 -31.47 -0.76 -2.91
N GLY B 273 -31.26 -1.23 -4.13
CA GLY B 273 -30.22 -0.69 -4.98
C GLY B 273 -29.93 -1.59 -6.16
N PHE B 274 -28.78 -1.36 -6.78
CA PHE B 274 -28.31 -2.10 -7.94
C PHE B 274 -27.07 -2.90 -7.56
N TYR B 275 -27.10 -4.21 -7.75
CA TYR B 275 -26.01 -5.10 -7.37
C TYR B 275 -25.45 -5.83 -8.58
N SER B 276 -24.14 -5.86 -8.71
CA SER B 276 -23.47 -6.58 -9.78
C SER B 276 -23.49 -8.08 -9.54
N THR B 277 -23.48 -8.84 -10.63
CA THR B 277 -23.46 -10.30 -10.55
C THR B 277 -22.85 -10.86 -11.83
N SER B 278 -22.44 -12.12 -11.78
CA SER B 278 -21.84 -12.79 -12.93
C SER B 278 -22.46 -14.17 -13.13
N PRO B 279 -22.87 -14.51 -14.35
CA PRO B 279 -23.38 -15.86 -14.61
C PRO B 279 -22.31 -16.92 -14.44
N ILE B 280 -22.76 -18.14 -14.14
CA ILE B 280 -21.84 -19.26 -13.99
C ILE B 280 -21.27 -19.65 -15.35
N GLN B 281 -19.96 -19.90 -15.39
CA GLN B 281 -19.21 -20.28 -16.58
C GLN B 281 -19.47 -21.75 -16.95
N PRO B 282 -19.54 -22.06 -18.24
CA PRO B 282 -19.71 -23.46 -18.65
C PRO B 282 -18.47 -24.29 -18.31
N VAL B 283 -18.61 -25.61 -18.42
CA VAL B 283 -17.53 -26.53 -18.10
C VAL B 283 -17.11 -27.39 -19.28
N GLU B 284 -17.78 -27.30 -20.43
CA GLU B 284 -17.47 -28.14 -21.58
C GLU B 284 -16.54 -27.42 -22.56
N LEU B 285 -15.64 -26.59 -22.05
CA LEU B 285 -14.86 -25.68 -22.88
C LEU B 285 -13.95 -26.41 -23.88
N PRO B 286 -14.17 -26.23 -25.18
CA PRO B 286 -13.26 -26.82 -26.17
C PRO B 286 -11.91 -26.11 -26.15
N VAL B 287 -10.96 -26.57 -26.95
CA VAL B 287 -9.64 -25.95 -27.01
C VAL B 287 -9.42 -25.36 -28.40
N SER B 288 -9.05 -24.08 -28.44
CA SER B 288 -8.77 -23.37 -29.68
C SER B 288 -7.29 -22.99 -29.67
N ILE B 289 -6.58 -23.33 -30.73
CA ILE B 289 -5.14 -23.11 -30.81
C ILE B 289 -4.79 -22.41 -32.12
N VAL B 290 -4.02 -21.33 -32.02
CA VAL B 290 -3.50 -20.60 -33.16
C VAL B 290 -2.01 -20.41 -32.95
N SER B 291 -1.21 -20.76 -33.96
CA SER B 291 0.24 -20.63 -33.83
C SER B 291 0.84 -20.33 -35.19
N LEU B 292 2.01 -19.71 -35.16
CA LEU B 292 2.71 -19.35 -36.39
C LEU B 292 3.52 -20.53 -36.92
N PRO B 293 3.34 -20.91 -38.19
CA PRO B 293 4.15 -21.99 -38.76
C PRO B 293 5.60 -21.54 -38.91
N VAL B 294 6.51 -22.25 -38.26
CA VAL B 294 7.93 -21.94 -38.31
C VAL B 294 8.70 -23.23 -38.54
N TYR B 295 10.02 -23.12 -38.59
CA TYR B 295 10.89 -24.28 -38.75
C TYR B 295 10.65 -25.20 -37.56
N HIS B 296 10.02 -26.35 -37.79
CA HIS B 296 9.61 -27.24 -36.72
C HIS B 296 10.45 -28.51 -36.66
N LYS B 297 10.92 -28.82 -35.46
CA LYS B 297 11.54 -30.09 -35.10
C LYS B 297 11.03 -30.42 -33.71
N HIS B 298 10.77 -31.71 -33.47
CA HIS B 298 10.19 -32.15 -32.21
C HIS B 298 11.07 -33.18 -31.52
N THR B 299 11.27 -33.01 -30.21
CA THR B 299 12.03 -33.93 -29.38
C THR B 299 11.15 -34.38 -28.22
N PHE B 300 11.26 -35.66 -27.87
CA PHE B 300 10.49 -36.26 -26.80
C PHE B 300 11.35 -36.47 -25.55
N ILE B 301 10.96 -35.84 -24.45
CA ILE B 301 11.62 -36.01 -23.17
C ILE B 301 10.81 -37.05 -22.42
N VAL B 302 11.29 -38.30 -22.42
CA VAL B 302 10.59 -39.42 -21.82
C VAL B 302 11.30 -39.88 -20.55
N LEU B 303 10.55 -39.97 -19.46
CA LEU B 303 11.07 -40.42 -18.17
C LEU B 303 10.43 -41.76 -17.85
N TYR B 304 11.25 -42.78 -17.59
CA TYR B 304 10.79 -44.12 -17.27
C TYR B 304 11.05 -44.42 -15.81
N VAL B 305 10.04 -44.95 -15.12
CA VAL B 305 10.15 -45.32 -13.71
C VAL B 305 9.75 -46.78 -13.54
N ASN B 306 10.58 -47.57 -12.87
CA ASN B 306 10.30 -48.95 -12.60
C ASN B 306 11.01 -49.39 -11.32
N PHE B 307 10.31 -50.12 -10.47
CA PHE B 307 10.91 -50.64 -9.25
C PHE B 307 10.29 -51.98 -8.90
N GLU B 308 11.03 -52.79 -8.14
CA GLU B 308 10.51 -54.08 -7.71
C GLU B 308 11.04 -54.40 -6.34
N HIS B 309 10.31 -55.26 -5.64
CA HIS B 309 10.73 -55.75 -4.34
C HIS B 309 11.82 -56.80 -4.52
N ARG B 310 12.81 -56.79 -3.63
CA ARG B 310 13.91 -57.74 -3.75
C ARG B 310 13.36 -59.13 -3.46
N ARG B 311 13.27 -59.94 -4.51
CA ARG B 311 12.73 -61.29 -4.38
C ARG B 311 13.66 -62.20 -3.58
N GLY B 312 13.05 -63.08 -2.78
CA GLY B 312 13.78 -63.94 -1.89
C GLY B 312 12.88 -64.58 -0.85
N PRO B 313 13.43 -64.87 0.33
CA PRO B 313 12.64 -65.53 1.38
C PRO B 313 11.51 -64.68 1.94
N GLY B 314 11.55 -63.37 1.79
CA GLY B 314 10.50 -62.53 2.34
C GLY B 314 9.56 -61.93 1.31
N LYS B 315 8.30 -62.32 1.35
CA LYS B 315 7.30 -61.77 0.43
C LYS B 315 6.60 -60.55 1.04
N CYS B 316 7.39 -59.61 1.55
CA CYS B 316 6.82 -58.39 2.12
C CYS B 316 6.32 -57.49 0.99
N TYR B 317 5.22 -56.78 1.25
CA TYR B 317 4.65 -55.89 0.24
C TYR B 317 4.65 -54.42 0.64
N ASN B 318 4.41 -54.10 1.90
CA ASN B 318 4.35 -52.71 2.34
C ASN B 318 5.72 -52.10 2.56
N CYS B 319 6.78 -52.88 2.43
CA CYS B 319 8.14 -52.37 2.59
C CYS B 319 8.50 -51.43 1.44
N ARG B 320 9.52 -50.62 1.68
CA ARG B 320 10.04 -49.77 0.62
C ARG B 320 10.67 -50.64 -0.46
N PRO B 321 10.51 -50.29 -1.74
CA PRO B 321 11.16 -51.08 -2.79
C PRO B 321 12.68 -50.99 -2.66
N ALA B 322 13.35 -52.06 -3.05
CA ALA B 322 14.79 -52.14 -2.94
C ALA B 322 15.54 -51.94 -4.25
N VAL B 323 14.94 -52.28 -5.38
CA VAL B 323 15.58 -52.09 -6.69
C VAL B 323 14.84 -50.98 -7.43
N ILE B 324 15.58 -49.93 -7.78
CA ILE B 324 15.04 -48.74 -8.45
C ILE B 324 15.73 -48.55 -9.79
N ASN B 325 14.93 -48.40 -10.84
CA ASN B 325 15.43 -48.18 -12.20
C ASN B 325 14.72 -46.99 -12.80
N ILE B 326 15.44 -45.87 -12.88
CA ILE B 326 14.94 -44.62 -13.44
C ILE B 326 15.83 -44.25 -14.61
N THR B 327 15.23 -44.04 -15.79
CA THR B 327 15.98 -43.67 -16.98
C THR B 327 15.34 -42.45 -17.63
N LEU B 328 16.13 -41.76 -18.45
CA LEU B 328 15.72 -40.52 -19.12
C LEU B 328 16.00 -40.62 -20.61
N ALA B 329 15.60 -41.73 -21.21
CA ALA B 329 15.76 -41.97 -22.64
C ALA B 329 17.21 -41.90 -23.10
N ASN B 330 17.55 -40.87 -23.90
CA ASN B 330 18.90 -40.75 -24.44
C ASN B 330 19.87 -40.10 -23.47
N PHE B 331 19.52 -40.01 -22.20
CA PHE B 331 20.44 -39.45 -21.21
C PHE B 331 21.64 -40.35 -21.02
N ASN B 332 22.80 -39.74 -20.80
CA ASN B 332 24.02 -40.49 -20.51
C ASN B 332 24.88 -39.52 -19.72
N GLU B 333 25.16 -39.89 -18.47
CA GLU B 333 25.86 -39.02 -17.54
C GLU B 333 27.23 -38.55 -18.03
N THR B 334 28.01 -39.44 -18.63
CA THR B 334 29.34 -39.03 -19.04
C THR B 334 29.28 -38.01 -20.18
N LYS B 335 28.22 -38.01 -20.96
CA LYS B 335 28.08 -37.04 -22.04
C LYS B 335 27.54 -35.70 -21.55
N GLY B 336 26.94 -35.66 -20.37
CA GLY B 336 26.41 -34.43 -19.83
C GLY B 336 24.89 -34.36 -19.83
N PRO B 337 24.37 -33.23 -19.38
CA PRO B 337 22.91 -33.06 -19.30
C PRO B 337 22.24 -33.13 -20.67
N LEU B 338 20.99 -33.58 -20.66
CA LEU B 338 20.17 -33.66 -21.87
C LEU B 338 19.47 -32.32 -22.05
N CYS B 339 19.92 -31.53 -23.00
CA CYS B 339 19.35 -30.22 -23.28
C CYS B 339 18.54 -30.25 -24.56
N VAL B 340 17.35 -29.67 -24.52
CA VAL B 340 16.48 -29.61 -25.70
C VAL B 340 16.97 -28.47 -26.58
N ASP B 341 17.11 -28.75 -27.88
CA ASP B 341 17.60 -27.75 -28.82
C ASP B 341 16.66 -27.46 -29.98
N THR B 342 15.58 -28.23 -30.13
CA THR B 342 14.64 -27.98 -31.22
C THR B 342 13.68 -26.86 -30.84
N SER B 343 12.77 -26.55 -31.77
CA SER B 343 11.78 -25.51 -31.53
C SER B 343 10.62 -25.98 -30.67
N HIS B 344 10.18 -27.23 -30.85
CA HIS B 344 9.09 -27.79 -30.08
C HIS B 344 9.54 -29.04 -29.35
N PHE B 345 8.90 -29.31 -28.21
CA PHE B 345 9.21 -30.52 -27.45
C PHE B 345 8.01 -30.87 -26.59
N THR B 346 8.05 -32.09 -26.04
CA THR B 346 7.01 -32.55 -25.14
C THR B 346 7.62 -33.51 -24.12
N THR B 347 6.94 -33.66 -22.99
CA THR B 347 7.38 -34.53 -21.92
C THR B 347 6.38 -35.66 -21.74
N GLN B 348 6.90 -36.87 -21.51
CA GLN B 348 6.08 -38.05 -21.29
C GLN B 348 6.57 -38.82 -20.08
N PHE B 349 5.62 -39.26 -19.25
CA PHE B 349 5.87 -40.05 -18.05
C PHE B 349 5.39 -41.46 -18.30
N VAL B 350 6.30 -42.43 -18.25
CA VAL B 350 5.98 -43.83 -18.50
C VAL B 350 6.21 -44.62 -17.23
N ASP B 351 5.14 -45.19 -16.68
CA ASP B 351 5.18 -46.00 -15.47
C ASP B 351 5.27 -47.47 -15.87
N ASN B 352 6.46 -48.07 -15.71
CA ASN B 352 6.66 -49.47 -16.07
C ASN B 352 6.51 -50.43 -14.91
N VAL B 353 6.05 -49.97 -13.74
CA VAL B 353 5.85 -50.88 -12.62
C VAL B 353 4.64 -51.77 -12.90
N LYS B 354 4.77 -53.05 -12.58
CA LYS B 354 3.70 -54.01 -12.83
C LYS B 354 3.02 -54.48 -11.57
N LEU B 355 3.63 -54.25 -10.41
CA LEU B 355 3.03 -54.66 -9.16
C LEU B 355 1.69 -53.96 -8.95
N ALA B 356 0.69 -54.74 -8.52
CA ALA B 356 -0.61 -54.15 -8.23
C ALA B 356 -0.49 -53.22 -7.02
N ARG B 357 -1.47 -52.32 -6.89
CA ARG B 357 -1.52 -51.35 -5.81
C ARG B 357 -0.37 -50.37 -5.80
N TRP B 358 0.59 -50.51 -6.70
CA TRP B 358 1.77 -49.64 -6.76
C TRP B 358 1.70 -48.72 -7.97
N SER B 359 2.14 -47.48 -7.79
CA SER B 359 2.13 -46.50 -8.87
C SER B 359 3.17 -45.43 -8.59
N ALA B 360 3.78 -44.91 -9.65
CA ALA B 360 4.77 -43.85 -9.58
C ALA B 360 4.12 -42.47 -9.73
N SER B 361 4.83 -41.45 -9.25
CA SER B 361 4.36 -40.08 -9.35
C SER B 361 5.56 -39.14 -9.31
N ILE B 362 5.34 -37.90 -9.75
CA ILE B 362 6.37 -36.87 -9.77
C ILE B 362 5.79 -35.59 -9.18
N ASN B 363 6.57 -34.93 -8.33
CA ASN B 363 6.13 -33.70 -7.68
C ASN B 363 6.88 -32.48 -8.21
N THR B 364 6.24 -31.33 -8.06
CA THR B 364 6.82 -30.07 -8.53
C THR B 364 8.10 -29.71 -7.78
N GLY B 365 8.13 -29.94 -6.47
CA GLY B 365 9.31 -29.61 -5.70
C GLY B 365 9.50 -28.11 -5.63
N ASN B 366 10.72 -27.64 -5.88
CA ASN B 366 11.02 -26.22 -5.88
C ASN B 366 11.04 -25.62 -7.28
N CYS B 367 10.69 -26.39 -8.32
CA CYS B 367 10.68 -25.86 -9.66
C CYS B 367 9.50 -24.92 -9.87
N PRO B 368 9.66 -23.91 -10.73
CA PRO B 368 8.56 -23.00 -11.02
C PRO B 368 7.53 -23.53 -12.01
N PHE B 369 7.60 -24.81 -12.36
CA PHE B 369 6.63 -25.42 -13.26
C PHE B 369 6.62 -26.92 -12.99
N SER B 370 5.55 -27.56 -13.42
CA SER B 370 5.40 -29.00 -13.24
C SER B 370 5.76 -29.76 -14.51
N PHE B 371 6.29 -30.97 -14.30
CA PHE B 371 6.75 -31.80 -15.40
C PHE B 371 5.65 -32.07 -16.42
N GLY B 372 4.44 -32.35 -15.93
CA GLY B 372 3.33 -32.61 -16.83
C GLY B 372 2.69 -31.39 -17.45
N LYS B 373 2.81 -30.24 -16.80
CA LYS B 373 2.20 -29.01 -17.26
C LYS B 373 3.05 -28.23 -18.26
N VAL B 374 4.28 -28.67 -18.51
CA VAL B 374 5.15 -28.01 -19.48
C VAL B 374 4.53 -28.01 -20.88
N ASN B 375 3.77 -29.04 -21.22
CA ASN B 375 3.16 -29.14 -22.54
C ASN B 375 2.09 -28.09 -22.81
N ASN B 376 1.81 -27.20 -21.88
CA ASN B 376 0.79 -26.16 -22.12
C ASN B 376 1.39 -24.88 -22.70
N PHE B 377 2.17 -25.05 -23.78
CA PHE B 377 2.80 -23.94 -24.50
C PHE B 377 3.69 -23.06 -23.61
N VAL B 378 4.51 -23.69 -22.78
CA VAL B 378 5.42 -22.96 -21.91
C VAL B 378 6.65 -22.56 -22.72
N LYS B 379 7.06 -21.30 -22.59
CA LYS B 379 8.20 -20.76 -23.33
C LYS B 379 9.49 -20.78 -22.52
N PHE B 380 10.60 -21.09 -23.20
CA PHE B 380 11.92 -21.11 -22.59
C PHE B 380 12.95 -20.65 -23.60
N GLY B 381 14.11 -20.27 -23.09
CA GLY B 381 15.24 -19.89 -23.92
C GLY B 381 16.11 -21.12 -24.10
N SER B 382 16.17 -21.91 -23.03
CA SER B 382 16.86 -23.19 -23.01
C SER B 382 16.32 -23.98 -21.84
N VAL B 383 16.41 -25.31 -21.93
CA VAL B 383 15.98 -26.19 -20.84
C VAL B 383 16.77 -27.48 -20.92
N CYS B 384 17.15 -28.00 -19.75
CA CYS B 384 17.91 -29.24 -19.69
C CYS B 384 17.40 -30.11 -18.55
N PHE B 385 17.52 -31.42 -18.74
CA PHE B 385 17.07 -32.43 -17.79
C PHE B 385 18.24 -33.35 -17.46
N SER B 386 18.31 -33.80 -16.21
CA SER B 386 19.38 -34.71 -15.83
C SER B 386 18.98 -35.48 -14.58
N LEU B 387 19.57 -36.66 -14.42
CA LEU B 387 19.34 -37.50 -13.25
C LEU B 387 20.30 -37.19 -12.11
N LYS B 388 21.28 -36.33 -12.34
CA LYS B 388 22.20 -35.88 -11.32
C LYS B 388 22.02 -34.39 -11.09
N ASP B 389 22.48 -33.94 -9.93
CA ASP B 389 22.31 -32.54 -9.54
C ASP B 389 22.92 -31.61 -10.59
N ILE B 390 22.17 -30.56 -10.92
CA ILE B 390 22.60 -29.50 -11.82
C ILE B 390 22.70 -28.22 -11.00
N PRO B 391 23.86 -27.57 -10.94
CA PRO B 391 23.99 -26.39 -10.09
C PRO B 391 23.11 -25.24 -10.57
N GLY B 392 22.45 -24.59 -9.62
CA GLY B 392 21.59 -23.47 -9.94
C GLY B 392 20.26 -23.83 -10.56
N GLY B 393 19.88 -25.10 -10.55
CA GLY B 393 18.62 -25.55 -11.09
C GLY B 393 17.60 -25.85 -10.00
N CYS B 394 16.71 -26.80 -10.30
CA CYS B 394 15.66 -27.22 -9.39
C CYS B 394 15.52 -28.73 -9.44
N ALA B 395 14.90 -29.29 -8.41
CA ALA B 395 14.73 -30.73 -8.28
C ALA B 395 13.26 -31.11 -8.17
N MET B 396 12.83 -32.09 -8.98
CA MET B 396 11.47 -32.60 -8.97
C MET B 396 11.47 -33.99 -8.35
N PRO B 397 10.99 -34.16 -7.12
CA PRO B 397 10.99 -35.47 -6.47
C PRO B 397 10.14 -36.50 -7.21
N ILE B 398 10.64 -37.74 -7.21
CA ILE B 398 9.95 -38.89 -7.80
C ILE B 398 9.47 -39.75 -6.64
N MET B 399 8.20 -40.13 -6.66
CA MET B 399 7.58 -40.84 -5.55
C MET B 399 6.93 -42.15 -6.00
N ALA B 400 6.91 -43.12 -5.10
CA ALA B 400 6.24 -44.39 -5.30
C ALA B 400 5.12 -44.46 -4.26
N ASN B 401 3.91 -44.82 -4.71
CA ASN B 401 2.74 -44.80 -3.83
C ASN B 401 2.03 -46.14 -3.78
N LEU B 402 1.50 -46.46 -2.59
CA LEU B 402 0.64 -47.61 -2.34
C LEU B 402 -0.76 -47.10 -2.03
N VAL B 403 -1.77 -47.86 -2.46
CA VAL B 403 -3.14 -47.48 -2.17
C VAL B 403 -3.40 -47.53 -0.67
N ASN B 404 -4.02 -46.47 -0.15
CA ASN B 404 -4.32 -46.29 1.28
C ASN B 404 -3.12 -46.58 2.18
N SER B 405 -1.92 -46.38 1.68
CA SER B 405 -0.71 -46.63 2.45
C SER B 405 0.31 -45.53 2.17
N LYS B 406 1.27 -45.37 3.07
CA LYS B 406 2.25 -44.31 2.95
C LYS B 406 3.13 -44.50 1.72
N SER B 407 3.44 -43.39 1.06
CA SER B 407 4.32 -43.33 -0.11
C SER B 407 5.78 -43.16 0.31
N HIS B 408 6.66 -43.42 -0.64
CA HIS B 408 8.10 -43.35 -0.41
C HIS B 408 8.78 -42.56 -1.52
N ASN B 409 9.87 -41.89 -1.16
CA ASN B 409 10.69 -41.15 -2.12
C ASN B 409 11.68 -42.12 -2.74
N ILE B 410 11.79 -42.10 -4.08
CA ILE B 410 12.68 -43.00 -4.78
C ILE B 410 13.70 -42.30 -5.65
N GLY B 411 13.74 -40.97 -5.67
CA GLY B 411 14.71 -40.28 -6.49
C GLY B 411 14.24 -38.87 -6.80
N SER B 412 14.92 -38.26 -7.78
CA SER B 412 14.56 -36.91 -8.20
C SER B 412 15.05 -36.65 -9.62
N LEU B 413 14.37 -35.74 -10.30
CA LEU B 413 14.72 -35.28 -11.63
C LEU B 413 15.16 -33.83 -11.53
N TYR B 414 16.34 -33.51 -12.07
CA TYR B 414 16.89 -32.16 -11.99
C TYR B 414 16.65 -31.41 -13.30
N VAL B 415 16.24 -30.15 -13.17
CA VAL B 415 15.89 -29.32 -14.32
C VAL B 415 16.58 -27.96 -14.21
N SER B 416 17.08 -27.47 -15.34
CA SER B 416 17.67 -26.15 -15.46
C SER B 416 17.00 -25.43 -16.62
N TRP B 417 16.76 -24.13 -16.47
CA TRP B 417 16.07 -23.40 -17.52
C TRP B 417 16.48 -21.93 -17.54
N SER B 418 16.19 -21.28 -18.67
CA SER B 418 16.39 -19.86 -18.85
C SER B 418 15.19 -19.30 -19.61
N ASP B 419 14.87 -18.04 -19.37
CA ASP B 419 13.75 -17.43 -20.05
C ASP B 419 14.07 -17.16 -21.53
N GLY B 420 13.03 -17.15 -22.35
CA GLY B 420 13.19 -16.93 -23.76
C GLY B 420 11.93 -17.36 -24.50
N ASP B 421 12.06 -17.42 -25.83
CA ASP B 421 10.95 -17.79 -26.70
C ASP B 421 11.33 -18.75 -27.81
N VAL B 422 12.59 -19.17 -27.91
CA VAL B 422 13.03 -20.04 -28.99
C VAL B 422 12.45 -21.45 -28.88
N ILE B 423 12.41 -22.02 -27.68
CA ILE B 423 11.90 -23.37 -27.45
C ILE B 423 10.63 -23.32 -26.62
N THR B 424 9.58 -24.01 -27.10
CA THR B 424 8.31 -24.12 -26.40
C THR B 424 7.84 -25.57 -26.38
N GLY B 425 7.03 -25.90 -25.38
CA GLY B 425 6.51 -27.24 -25.21
C GLY B 425 5.06 -27.35 -25.67
N VAL B 426 4.83 -28.28 -26.59
CA VAL B 426 3.50 -28.48 -27.15
C VAL B 426 2.91 -29.76 -26.57
N PRO B 427 1.57 -29.94 -26.61
CA PRO B 427 0.97 -31.15 -26.03
C PRO B 427 1.48 -32.46 -26.61
N LYS B 428 1.28 -32.68 -27.91
CA LYS B 428 1.79 -33.86 -28.59
C LYS B 428 1.53 -33.78 -30.09
N PRO B 429 2.49 -34.17 -30.92
CA PRO B 429 2.22 -34.24 -32.36
C PRO B 429 1.31 -35.41 -32.69
N VAL B 430 0.09 -35.08 -33.11
CA VAL B 430 -0.91 -36.06 -33.54
C VAL B 430 -1.07 -35.92 -35.05
N GLU B 431 -1.05 -37.05 -35.75
CA GLU B 431 -1.20 -37.05 -37.19
C GLU B 431 -2.59 -36.57 -37.59
N GLY B 432 -2.65 -35.82 -38.68
CA GLY B 432 -3.90 -35.30 -39.22
C GLY B 432 -4.59 -34.23 -38.40
N VAL B 433 -3.83 -33.36 -37.73
CA VAL B 433 -4.40 -32.25 -36.98
C VAL B 433 -3.66 -30.98 -37.36
N SER B 434 -4.41 -29.96 -37.79
CA SER B 434 -3.82 -28.69 -38.19
C SER B 434 -3.75 -27.80 -36.95
N SER B 435 -2.69 -27.96 -36.18
CA SER B 435 -2.49 -27.19 -34.96
C SER B 435 -2.22 -25.71 -35.23
N PHE B 436 -2.03 -25.33 -36.49
CA PHE B 436 -1.81 -23.93 -36.83
C PHE B 436 -3.07 -23.09 -36.68
N MET B 437 -4.22 -23.62 -37.08
CA MET B 437 -5.46 -22.84 -37.00
C MET B 437 -6.63 -23.80 -36.73
N ASN B 438 -7.01 -23.91 -35.46
CA ASN B 438 -8.07 -24.81 -35.02
C ASN B 438 -8.87 -24.07 -33.94
N VAL B 439 -9.96 -23.42 -34.36
CA VAL B 439 -10.75 -22.60 -33.45
C VAL B 439 -12.23 -22.86 -33.62
N THR B 440 -12.96 -22.71 -32.52
CA THR B 440 -14.42 -22.82 -32.50
C THR B 440 -14.99 -21.42 -32.32
N LEU B 441 -16.09 -21.13 -33.01
CA LEU B 441 -16.69 -19.81 -32.98
C LEU B 441 -18.03 -19.79 -32.25
N ASN B 442 -18.34 -18.64 -31.66
CA ASN B 442 -19.61 -18.40 -30.95
C ASN B 442 -19.81 -19.32 -29.76
N LYS B 443 -18.75 -19.88 -29.19
CA LYS B 443 -18.90 -20.72 -28.02
C LYS B 443 -17.79 -20.39 -27.03
N CYS B 444 -18.10 -20.61 -25.74
CA CYS B 444 -17.10 -20.41 -24.71
C CYS B 444 -16.01 -21.46 -24.87
N THR B 445 -14.76 -21.02 -25.01
CA THR B 445 -13.66 -21.96 -25.23
C THR B 445 -12.38 -21.46 -24.58
N LYS B 446 -11.51 -22.41 -24.23
CA LYS B 446 -10.18 -22.09 -23.74
C LYS B 446 -9.29 -21.96 -24.97
N TYR B 447 -8.53 -20.87 -25.04
CA TYR B 447 -7.70 -20.62 -26.20
C TYR B 447 -6.25 -20.36 -25.82
N ASN B 448 -5.38 -20.65 -26.78
CA ASN B 448 -3.95 -20.33 -26.72
C ASN B 448 -3.66 -19.78 -28.12
N ILE B 449 -3.81 -18.47 -28.27
CA ILE B 449 -3.67 -17.79 -29.55
C ILE B 449 -2.39 -16.97 -29.53
N TYR B 450 -1.42 -17.34 -30.37
CA TYR B 450 -0.15 -16.64 -30.47
C TYR B 450 0.51 -16.45 -29.11
N ASP B 451 0.65 -17.56 -28.39
CA ASP B 451 1.30 -17.59 -27.09
C ASP B 451 0.57 -16.76 -26.03
N VAL B 452 -0.74 -16.60 -26.16
CA VAL B 452 -1.55 -15.91 -25.16
C VAL B 452 -2.68 -16.84 -24.75
N SER B 453 -2.77 -17.14 -23.46
CA SER B 453 -3.73 -18.10 -22.94
C SER B 453 -4.86 -17.38 -22.20
N GLY B 454 -6.08 -17.86 -22.40
CA GLY B 454 -7.23 -17.27 -21.76
C GLY B 454 -8.49 -18.04 -22.12
N VAL B 455 -9.62 -17.52 -21.63
CA VAL B 455 -10.93 -18.09 -21.87
C VAL B 455 -11.84 -17.01 -22.44
N GLY B 456 -12.54 -17.33 -23.53
CA GLY B 456 -13.38 -16.32 -24.15
C GLY B 456 -14.20 -16.89 -25.28
N VAL B 457 -14.77 -15.98 -26.08
CA VAL B 457 -15.57 -16.31 -27.26
C VAL B 457 -14.96 -15.62 -28.47
N ILE B 458 -14.81 -16.37 -29.56
CA ILE B 458 -14.19 -15.87 -30.79
C ILE B 458 -15.28 -15.67 -31.84
N ARG B 459 -15.26 -14.51 -32.52
CA ARG B 459 -16.22 -14.18 -33.57
C ARG B 459 -15.51 -13.48 -34.71
N ILE B 460 -16.13 -13.52 -35.89
CA ILE B 460 -15.58 -12.83 -37.06
C ILE B 460 -15.90 -11.34 -36.93
N SER B 461 -14.88 -10.50 -37.15
CA SER B 461 -14.97 -9.05 -37.06
C SER B 461 -14.99 -8.34 -38.41
N ASN B 462 -15.49 -7.10 -38.37
CA ASN B 462 -15.55 -6.19 -39.51
C ASN B 462 -14.29 -5.35 -39.64
N ASP B 463 -13.35 -5.47 -38.70
CA ASP B 463 -12.14 -4.67 -38.78
C ASP B 463 -11.22 -5.14 -39.89
N THR B 464 -10.42 -4.20 -40.40
CA THR B 464 -9.49 -4.44 -41.49
C THR B 464 -8.13 -3.84 -41.16
N PHE B 465 -7.68 -4.03 -39.93
CA PHE B 465 -6.40 -3.48 -39.51
C PHE B 465 -5.28 -4.08 -40.36
N LEU B 466 -4.31 -3.25 -40.69
CA LEU B 466 -3.23 -3.68 -41.56
C LEU B 466 -1.96 -4.06 -40.82
N ASN B 467 -1.75 -3.51 -39.62
CA ASN B 467 -0.53 -3.76 -38.85
C ASN B 467 -0.72 -4.86 -37.82
N GLY B 468 0.30 -5.72 -37.72
CA GLY B 468 0.35 -6.75 -36.70
C GLY B 468 -0.60 -7.93 -36.86
N ILE B 469 -0.53 -8.80 -35.86
CA ILE B 469 -1.37 -10.00 -35.80
C ILE B 469 -2.12 -10.15 -34.48
N THR B 470 -1.72 -9.42 -33.44
CA THR B 470 -2.38 -9.53 -32.11
C THR B 470 -2.68 -8.14 -31.53
N TYR B 471 -3.90 -7.92 -31.03
CA TYR B 471 -4.31 -6.63 -30.49
C TYR B 471 -4.73 -6.79 -29.05
N THR B 472 -4.13 -6.01 -28.15
CA THR B 472 -4.39 -6.14 -26.73
C THR B 472 -4.83 -4.80 -26.16
N SER B 473 -5.55 -4.89 -25.04
CA SER B 473 -6.02 -3.72 -24.31
C SER B 473 -4.96 -3.23 -23.34
N THR B 474 -5.29 -2.15 -22.63
CA THR B 474 -4.34 -1.58 -21.67
C THR B 474 -4.00 -2.57 -20.57
N SER B 475 -4.99 -3.35 -20.12
CA SER B 475 -4.74 -4.33 -19.07
C SER B 475 -3.84 -5.48 -19.54
N GLY B 476 -3.67 -5.64 -20.85
CA GLY B 476 -2.87 -6.72 -21.40
C GLY B 476 -3.70 -7.84 -21.99
N ASN B 477 -5.00 -7.87 -21.74
CA ASN B 477 -5.87 -8.91 -22.26
C ASN B 477 -5.98 -8.82 -23.77
N LEU B 478 -6.08 -9.98 -24.40
CA LEU B 478 -6.17 -10.08 -25.85
C LEU B 478 -7.58 -9.73 -26.32
N LEU B 479 -7.67 -8.71 -27.18
CA LEU B 479 -8.94 -8.26 -27.72
C LEU B 479 -9.23 -8.82 -29.10
N GLY B 480 -8.22 -9.27 -29.83
CA GLY B 480 -8.44 -9.84 -31.15
C GLY B 480 -7.14 -10.29 -31.76
N PHE B 481 -7.26 -10.96 -32.90
CA PHE B 481 -6.08 -11.46 -33.61
C PHE B 481 -6.41 -11.58 -35.10
N LYS B 482 -5.36 -11.72 -35.90
CA LYS B 482 -5.47 -11.85 -37.35
C LYS B 482 -4.93 -13.19 -37.81
N ASP B 483 -5.65 -13.82 -38.74
CA ASP B 483 -5.19 -15.04 -39.39
C ASP B 483 -4.30 -14.66 -40.56
N VAL B 484 -3.14 -15.32 -40.67
CA VAL B 484 -2.21 -14.97 -41.73
C VAL B 484 -2.57 -15.55 -43.10
N THR B 485 -3.40 -16.59 -43.16
CA THR B 485 -3.74 -17.16 -44.46
C THR B 485 -4.79 -16.36 -45.22
N ASN B 486 -5.53 -15.51 -44.54
CA ASN B 486 -6.56 -14.63 -45.08
C ASN B 486 -6.39 -13.16 -44.73
N GLY B 487 -5.99 -12.86 -43.51
CA GLY B 487 -5.97 -11.51 -43.02
C GLY B 487 -7.23 -11.16 -42.29
N THR B 488 -8.14 -12.13 -42.15
CA THR B 488 -9.38 -11.92 -41.41
C THR B 488 -9.07 -11.66 -39.95
N ILE B 489 -9.81 -10.74 -39.34
CA ILE B 489 -9.59 -10.35 -37.95
C ILE B 489 -10.73 -10.91 -37.11
N TYR B 490 -10.39 -11.58 -36.02
CA TYR B 490 -11.34 -12.12 -35.07
C TYR B 490 -11.33 -11.30 -33.79
N SER B 491 -12.43 -11.38 -33.04
CA SER B 491 -12.59 -10.65 -31.80
C SER B 491 -12.78 -11.62 -30.65
N ILE B 492 -12.29 -11.24 -29.47
CA ILE B 492 -12.38 -12.06 -28.27
C ILE B 492 -13.15 -11.29 -27.21
N THR B 493 -14.16 -11.94 -26.64
CA THR B 493 -15.03 -11.39 -25.61
C THR B 493 -15.05 -12.32 -24.40
N PRO B 494 -15.12 -11.79 -23.18
CA PRO B 494 -15.21 -12.67 -22.01
C PRO B 494 -16.46 -13.54 -22.07
N CYS B 495 -16.36 -14.73 -21.48
CA CYS B 495 -17.44 -15.70 -21.55
C CYS B 495 -18.67 -15.32 -20.72
N ASN B 496 -18.50 -14.52 -19.66
CA ASN B 496 -19.63 -14.15 -18.79
C ASN B 496 -19.41 -12.76 -18.22
N PRO B 497 -19.77 -11.73 -18.97
CA PRO B 497 -19.60 -10.35 -18.49
C PRO B 497 -20.56 -10.05 -17.35
N PRO B 498 -20.21 -9.09 -16.49
CA PRO B 498 -21.07 -8.75 -15.36
C PRO B 498 -22.40 -8.14 -15.78
N ASP B 499 -23.42 -8.43 -14.97
CA ASP B 499 -24.77 -7.89 -15.11
C ASP B 499 -25.11 -7.06 -13.88
N GLN B 500 -26.29 -6.44 -13.88
CA GLN B 500 -26.75 -5.67 -12.74
C GLN B 500 -28.16 -6.11 -12.37
N LEU B 501 -28.41 -6.28 -11.08
CA LEU B 501 -29.70 -6.70 -10.55
C LEU B 501 -30.32 -5.58 -9.75
N VAL B 502 -31.61 -5.34 -9.97
CA VAL B 502 -32.34 -4.29 -9.26
C VAL B 502 -33.15 -4.99 -8.18
N VAL B 503 -32.94 -4.61 -6.93
CA VAL B 503 -33.65 -5.21 -5.81
C VAL B 503 -34.51 -4.15 -5.13
N TYR B 504 -35.72 -4.55 -4.75
CA TYR B 504 -36.67 -3.66 -4.11
C TYR B 504 -37.48 -4.48 -3.12
N GLN B 505 -37.44 -4.09 -1.84
CA GLN B 505 -38.18 -4.75 -0.78
C GLN B 505 -37.85 -6.25 -0.71
N GLN B 506 -36.55 -6.54 -0.56
CA GLN B 506 -36.01 -7.90 -0.42
C GLN B 506 -36.27 -8.79 -1.63
N ALA B 507 -36.59 -8.24 -2.79
CA ALA B 507 -36.85 -9.08 -3.96
C ALA B 507 -36.20 -8.48 -5.19
N VAL B 508 -35.84 -9.33 -6.14
CA VAL B 508 -35.23 -8.90 -7.38
C VAL B 508 -36.34 -8.57 -8.37
N VAL B 509 -36.45 -7.29 -8.73
CA VAL B 509 -37.51 -6.83 -9.61
C VAL B 509 -37.09 -6.72 -11.07
N GLY B 510 -35.79 -6.69 -11.37
CA GLY B 510 -35.36 -6.61 -12.75
C GLY B 510 -33.86 -6.82 -12.86
N ALA B 511 -33.40 -6.83 -14.11
CA ALA B 511 -31.98 -7.01 -14.40
C ALA B 511 -31.58 -6.24 -15.64
N MET B 512 -30.38 -5.68 -15.62
CA MET B 512 -29.80 -4.98 -16.76
C MET B 512 -28.85 -5.97 -17.43
N LEU B 513 -29.06 -6.23 -18.71
CA LEU B 513 -28.31 -7.24 -19.44
C LEU B 513 -27.66 -6.64 -20.67
N SER B 514 -26.64 -7.34 -21.16
CA SER B 514 -25.94 -6.97 -22.38
C SER B 514 -26.42 -7.75 -23.59
N GLU B 515 -27.42 -8.60 -23.43
CA GLU B 515 -27.92 -9.46 -24.49
C GLU B 515 -29.43 -9.60 -24.45
N ASN B 516 -30.01 -9.98 -25.60
CA ASN B 516 -31.44 -10.18 -25.79
C ASN B 516 -31.90 -11.56 -25.33
N PHE B 517 -31.83 -11.80 -24.03
CA PHE B 517 -32.28 -13.05 -23.45
C PHE B 517 -33.10 -12.77 -22.20
N THR B 518 -34.17 -13.54 -22.00
CA THR B 518 -35.02 -13.42 -20.81
C THR B 518 -34.35 -14.16 -19.66
N SER B 519 -33.24 -13.61 -19.20
CA SER B 519 -32.45 -14.22 -18.14
C SER B 519 -33.12 -14.03 -16.78
N TYR B 520 -32.63 -14.82 -15.82
CA TYR B 520 -33.07 -14.81 -14.42
C TYR B 520 -34.57 -15.10 -14.25
N GLY B 521 -35.20 -15.70 -15.25
CA GLY B 521 -36.61 -16.04 -15.19
C GLY B 521 -37.59 -14.93 -15.50
N PHE B 522 -37.12 -13.74 -15.87
CA PHE B 522 -38.04 -12.66 -16.21
C PHE B 522 -38.69 -12.95 -17.56
N SER B 523 -39.95 -12.58 -17.70
CA SER B 523 -40.71 -12.89 -18.91
C SER B 523 -40.82 -11.73 -19.90
N ASN B 524 -40.31 -10.55 -19.59
CA ASN B 524 -40.42 -9.42 -20.50
C ASN B 524 -39.03 -8.80 -20.64
N VAL B 525 -38.67 -8.46 -21.88
CA VAL B 525 -37.39 -7.83 -22.19
C VAL B 525 -37.63 -6.60 -23.07
N VAL B 526 -36.96 -5.49 -22.74
CA VAL B 526 -37.07 -4.25 -23.49
C VAL B 526 -35.68 -3.75 -23.82
N GLU B 527 -35.59 -2.91 -24.85
CA GLU B 527 -34.32 -2.37 -25.32
C GLU B 527 -34.13 -0.91 -24.91
N MET B 528 -33.24 -0.67 -23.96
CA MET B 528 -32.88 0.67 -23.56
C MET B 528 -31.81 1.21 -24.52
N PRO B 529 -31.57 2.52 -24.52
CA PRO B 529 -30.57 3.08 -25.44
C PRO B 529 -29.18 2.45 -25.37
N LYS B 530 -28.73 2.00 -24.19
CA LYS B 530 -27.39 1.43 -24.08
C LYS B 530 -27.33 0.06 -23.40
N PHE B 531 -28.47 -0.60 -23.20
CA PHE B 531 -28.47 -1.93 -22.60
C PHE B 531 -29.86 -2.53 -22.77
N PHE B 532 -30.01 -3.78 -22.34
CA PHE B 532 -31.28 -4.47 -22.33
C PHE B 532 -31.78 -4.58 -20.90
N TYR B 533 -33.10 -4.64 -20.73
CA TYR B 533 -33.69 -4.74 -19.40
C TYR B 533 -34.74 -5.84 -19.38
N ALA B 534 -34.72 -6.69 -18.35
CA ALA B 534 -35.69 -7.77 -18.24
C ALA B 534 -36.37 -7.74 -16.87
N SER B 535 -37.68 -7.96 -16.87
CA SER B 535 -38.49 -7.94 -15.64
C SER B 535 -39.88 -8.47 -15.96
N ASN B 536 -40.64 -8.78 -14.89
CA ASN B 536 -42.05 -9.12 -15.07
C ASN B 536 -42.94 -7.89 -15.17
N GLY B 537 -42.34 -6.73 -15.43
CA GLY B 537 -43.09 -5.50 -15.48
C GLY B 537 -44.08 -5.45 -16.64
N THR B 538 -45.20 -4.76 -16.40
CA THR B 538 -46.25 -4.60 -17.39
C THR B 538 -46.27 -3.22 -18.03
N TYR B 539 -45.44 -2.29 -17.55
CA TYR B 539 -45.32 -0.94 -18.13
C TYR B 539 -46.63 -0.16 -18.15
N ASN B 540 -47.34 -0.19 -17.02
CA ASN B 540 -48.61 0.53 -16.85
C ASN B 540 -48.52 1.44 -15.64
N CYS B 541 -47.31 1.77 -15.21
CA CYS B 541 -47.01 2.57 -14.04
C CYS B 541 -46.41 3.91 -14.42
N THR B 542 -46.41 4.83 -13.45
CA THR B 542 -45.84 6.16 -13.63
C THR B 542 -44.94 6.61 -12.49
N ASP B 543 -44.94 5.94 -11.34
CA ASP B 543 -44.15 6.32 -10.18
C ASP B 543 -42.99 5.34 -10.01
N ALA B 544 -41.80 5.87 -9.77
CA ALA B 544 -40.59 5.08 -9.62
C ALA B 544 -40.15 5.04 -8.16
N VAL B 545 -39.87 3.83 -7.67
CA VAL B 545 -39.41 3.64 -6.30
C VAL B 545 -37.89 3.75 -6.19
N LEU B 546 -37.17 3.42 -7.26
CA LEU B 546 -35.73 3.53 -7.33
C LEU B 546 -35.40 4.32 -8.59
N THR B 547 -34.42 5.21 -8.50
CA THR B 547 -34.06 6.05 -9.63
C THR B 547 -32.56 6.25 -9.71
N TYR B 548 -32.10 6.54 -10.92
CA TYR B 548 -30.70 6.89 -11.16
C TYR B 548 -30.61 7.72 -12.43
N SER B 549 -30.27 8.99 -12.30
CA SER B 549 -30.22 9.85 -13.50
C SER B 549 -31.59 9.84 -14.17
N SER B 550 -31.68 9.28 -15.37
CA SER B 550 -32.96 9.40 -16.12
C SER B 550 -33.81 8.15 -16.02
N PHE B 551 -33.35 7.09 -15.33
CA PHE B 551 -34.12 5.87 -15.33
C PHE B 551 -34.68 5.61 -13.95
N GLY B 552 -35.86 4.99 -13.92
CA GLY B 552 -36.47 4.61 -12.66
C GLY B 552 -37.26 3.33 -12.86
N VAL B 553 -37.44 2.60 -11.77
CA VAL B 553 -38.18 1.35 -11.78
C VAL B 553 -39.37 1.47 -10.85
N CYS B 554 -40.53 1.01 -11.34
CA CYS B 554 -41.75 0.99 -10.54
C CYS B 554 -41.75 -0.20 -9.60
N ALA B 555 -42.85 -0.36 -8.86
CA ALA B 555 -42.96 -1.45 -7.91
C ALA B 555 -42.93 -2.81 -8.60
N ASP B 556 -43.48 -2.91 -9.80
CA ASP B 556 -43.49 -4.17 -10.54
C ASP B 556 -42.24 -4.39 -11.37
N GLY B 557 -41.31 -3.44 -11.38
CA GLY B 557 -40.06 -3.56 -12.09
C GLY B 557 -39.98 -2.88 -13.44
N SER B 558 -41.07 -2.33 -13.95
CA SER B 558 -41.02 -1.67 -15.24
C SER B 558 -40.09 -0.46 -15.19
N ILE B 559 -39.31 -0.27 -16.24
CA ILE B 559 -38.38 0.84 -16.31
C ILE B 559 -39.04 2.00 -17.04
N ILE B 560 -38.98 3.19 -16.44
CA ILE B 560 -39.57 4.40 -17.02
C ILE B 560 -38.57 5.54 -16.92
N ALA B 561 -38.83 6.57 -17.73
CA ALA B 561 -37.99 7.77 -17.71
C ALA B 561 -38.45 8.71 -16.61
N VAL B 562 -37.52 9.10 -15.75
CA VAL B 562 -37.83 9.99 -14.64
C VAL B 562 -37.94 11.42 -15.15
N GLN B 563 -38.73 12.23 -14.45
CA GLN B 563 -38.98 13.62 -14.80
C GLN B 563 -38.63 14.55 -13.65
N PRO B 564 -38.23 15.78 -13.95
CA PRO B 564 -37.92 16.75 -12.90
C PRO B 564 -39.14 17.09 -12.08
N ARG B 565 -38.91 17.46 -10.82
CA ARG B 565 -40.01 17.85 -9.95
C ARG B 565 -40.58 19.18 -10.45
N ASN B 566 -41.91 19.23 -10.56
CA ASN B 566 -42.65 20.37 -11.09
C ASN B 566 -42.85 21.39 -9.98
N VAL B 567 -42.33 22.62 -10.16
CA VAL B 567 -42.49 23.71 -9.19
C VAL B 567 -42.82 25.03 -9.87
N SER B 568 -43.44 25.94 -9.12
CA SER B 568 -43.78 27.29 -9.59
C SER B 568 -42.76 28.28 -9.03
N TYR B 569 -41.93 28.86 -9.89
CA TYR B 569 -40.90 29.80 -9.43
C TYR B 569 -41.49 31.12 -8.95
N ASP B 570 -40.92 31.67 -7.88
CA ASP B 570 -41.31 32.97 -7.37
C ASP B 570 -40.84 34.07 -8.32
N SER B 571 -41.57 35.19 -8.33
CA SER B 571 -41.27 36.28 -9.24
C SER B 571 -41.27 37.60 -8.49
N VAL B 572 -40.43 38.51 -8.95
CA VAL B 572 -40.35 39.85 -8.37
C VAL B 572 -41.49 40.67 -8.92
N SER B 573 -42.37 41.16 -8.05
CA SER B 573 -43.51 41.94 -8.50
C SER B 573 -43.04 43.24 -9.13
N ALA B 574 -43.54 43.53 -10.32
CA ALA B 574 -43.11 44.72 -11.04
C ALA B 574 -43.90 45.95 -10.62
N ILE B 575 -43.24 47.11 -10.69
CA ILE B 575 -43.87 48.39 -10.41
C ILE B 575 -44.42 48.89 -11.74
N VAL B 576 -45.67 48.55 -12.01
CA VAL B 576 -46.31 48.93 -13.27
C VAL B 576 -47.82 49.01 -13.07
N THR B 577 -48.44 49.90 -13.82
CA THR B 577 -49.89 49.99 -13.85
C THR B 577 -50.38 48.79 -14.63
N ALA B 578 -50.78 47.74 -13.91
CA ALA B 578 -51.17 46.50 -14.56
C ALA B 578 -52.08 45.73 -13.61
N ASN B 579 -52.34 44.48 -13.95
CA ASN B 579 -53.30 43.65 -13.24
C ASN B 579 -52.44 42.67 -12.43
N LEU B 580 -52.32 42.88 -11.12
CA LEU B 580 -51.42 42.12 -10.25
C LEU B 580 -52.08 41.03 -9.41
N SER B 581 -51.42 39.86 -9.37
CA SER B 581 -51.83 38.71 -8.58
C SER B 581 -50.98 38.64 -7.30
N ILE B 582 -51.65 38.59 -6.15
CA ILE B 582 -51.01 38.58 -4.84
C ILE B 582 -51.48 37.40 -4.00
N PRO B 583 -50.59 36.68 -3.31
CA PRO B 583 -51.04 35.57 -2.47
C PRO B 583 -52.06 36.03 -1.44
N PHE B 584 -53.10 35.20 -1.27
CA PHE B 584 -54.24 35.54 -0.41
C PHE B 584 -54.52 34.55 0.70
N ASN B 585 -54.30 33.26 0.48
CA ASN B 585 -54.54 32.23 1.49
C ASN B 585 -53.25 31.42 1.64
N TRP B 586 -53.01 30.93 2.85
CA TRP B 586 -51.74 30.26 3.14
C TRP B 586 -51.95 28.94 3.87
N THR B 587 -51.04 28.01 3.60
CA THR B 587 -50.99 26.71 4.25
C THR B 587 -49.61 26.51 4.87
N THR B 588 -49.56 25.72 5.94
CA THR B 588 -48.32 25.47 6.66
C THR B 588 -47.73 24.14 6.24
N SER B 589 -46.45 24.14 5.88
CA SER B 589 -45.75 22.94 5.48
C SER B 589 -44.50 22.76 6.34
N VAL B 590 -44.22 21.51 6.70
CA VAL B 590 -43.06 21.15 7.50
C VAL B 590 -42.13 20.31 6.63
N GLN B 591 -40.88 20.74 6.52
CA GLN B 591 -39.88 20.06 5.71
C GLN B 591 -38.76 19.58 6.62
N VAL B 592 -38.19 18.43 6.29
CA VAL B 592 -37.19 17.77 7.13
C VAL B 592 -35.83 17.78 6.44
N GLU B 593 -34.80 18.01 7.23
CA GLU B 593 -33.41 17.98 6.77
C GLU B 593 -32.55 17.37 7.86
N TYR B 594 -31.60 16.52 7.47
CA TYR B 594 -30.67 15.90 8.41
C TYR B 594 -29.25 16.29 8.08
N LEU B 595 -28.49 16.70 9.10
CA LEU B 595 -27.09 17.07 8.93
C LEU B 595 -26.25 16.36 9.98
N GLN B 596 -25.18 15.71 9.54
CA GLN B 596 -24.26 15.05 10.47
C GLN B 596 -23.39 16.12 11.12
N ILE B 597 -23.26 16.05 12.44
CA ILE B 597 -22.44 17.02 13.17
C ILE B 597 -21.26 16.39 13.90
N THR B 598 -21.20 15.07 14.02
CA THR B 598 -20.07 14.45 14.71
C THR B 598 -19.85 13.05 14.18
N SER B 599 -18.63 12.56 14.39
CA SER B 599 -18.25 11.20 14.06
C SER B 599 -17.54 10.60 15.26
N THR B 600 -17.77 9.33 15.52
CA THR B 600 -17.17 8.68 16.68
C THR B 600 -15.65 8.65 16.55
N PRO B 601 -14.91 9.26 17.46
CA PRO B 601 -13.45 9.25 17.37
C PRO B 601 -12.86 7.93 17.85
N ILE B 602 -11.81 7.49 17.16
CA ILE B 602 -11.15 6.24 17.47
C ILE B 602 -9.65 6.49 17.60
N VAL B 603 -9.06 5.99 18.67
CA VAL B 603 -7.62 6.08 18.90
C VAL B 603 -7.07 4.66 18.99
N VAL B 604 -5.91 4.45 18.39
CA VAL B 604 -5.27 3.14 18.34
C VAL B 604 -3.90 3.23 18.99
N ASP B 605 -3.62 2.32 19.92
CA ASP B 605 -2.28 2.20 20.49
C ASP B 605 -1.45 1.42 19.47
N CYS B 606 -0.48 2.12 18.86
CA CYS B 606 0.33 1.53 17.79
C CYS B 606 1.14 0.33 18.26
N SER B 607 1.71 0.40 19.46
CA SER B 607 2.53 -0.71 19.96
C SER B 607 1.72 -1.99 20.14
N THR B 608 0.50 -1.90 20.67
CA THR B 608 -0.29 -3.11 20.88
C THR B 608 -0.84 -3.68 19.59
N TYR B 609 -1.27 -2.83 18.66
CA TYR B 609 -1.85 -3.34 17.41
C TYR B 609 -0.82 -4.09 16.56
N VAL B 610 0.40 -3.59 16.49
CA VAL B 610 1.40 -4.24 15.65
C VAL B 610 2.17 -5.36 16.33
N CYS B 611 2.37 -5.28 17.65
CA CYS B 611 3.18 -6.29 18.33
C CYS B 611 2.39 -7.25 19.21
N ASN B 612 1.11 -6.99 19.45
CA ASN B 612 0.27 -7.88 20.26
C ASN B 612 0.86 -8.15 21.65
N GLY B 613 1.54 -7.15 22.21
CA GLY B 613 2.16 -7.31 23.51
C GLY B 613 3.41 -8.16 23.58
N ASN B 614 4.00 -8.55 22.45
CA ASN B 614 5.22 -9.32 22.47
C ASN B 614 6.40 -8.42 22.80
N VAL B 615 7.13 -8.74 23.86
CA VAL B 615 8.24 -7.90 24.31
C VAL B 615 9.32 -7.79 23.24
N ARG B 616 9.66 -8.91 22.59
CA ARG B 616 10.70 -8.87 21.58
C ARG B 616 10.29 -8.02 20.37
N CYS B 617 9.00 -7.98 20.06
CA CYS B 617 8.54 -7.17 18.94
C CYS B 617 8.65 -5.68 19.21
N VAL B 618 8.37 -5.24 20.43
CA VAL B 618 8.41 -3.81 20.72
C VAL B 618 9.83 -3.26 20.60
N GLU B 619 10.84 -4.10 20.83
CA GLU B 619 12.22 -3.64 20.63
C GLU B 619 12.50 -3.36 19.16
N LEU B 620 12.03 -4.24 18.27
CA LEU B 620 12.21 -4.02 16.84
C LEU B 620 11.37 -2.86 16.33
N LEU B 621 10.21 -2.63 16.96
CA LEU B 621 9.33 -1.55 16.53
C LEU B 621 9.96 -0.19 16.72
N LYS B 622 10.81 -0.03 17.73
CA LYS B 622 11.46 1.26 17.98
C LYS B 622 12.38 1.69 16.86
N GLN B 623 12.82 0.76 16.00
CA GLN B 623 13.71 1.14 14.91
C GLN B 623 13.00 2.00 13.86
N TYR B 624 11.72 1.69 13.72
CA TYR B 624 10.84 2.62 12.99
C TYR B 624 10.68 3.56 14.18
N THR B 625 10.88 4.85 14.02
CA THR B 625 11.03 5.78 15.13
C THR B 625 9.69 6.51 15.01
N SER B 626 9.59 7.42 14.04
CA SER B 626 8.39 8.24 13.82
C SER B 626 7.23 7.50 13.18
N ALA B 627 7.32 6.19 12.95
CA ALA B 627 6.21 5.48 12.34
C ALA B 627 4.97 5.49 13.24
N CYS B 628 5.13 5.07 14.50
CA CYS B 628 3.99 5.08 15.42
C CYS B 628 3.62 6.47 15.88
N LYS B 629 4.60 7.37 16.00
CA LYS B 629 4.30 8.74 16.42
C LYS B 629 3.39 9.45 15.41
N THR B 630 3.65 9.28 14.12
CA THR B 630 2.83 9.93 13.10
C THR B 630 1.39 9.41 13.10
N ILE B 631 1.21 8.10 13.28
CA ILE B 631 -0.13 7.52 13.29
C ILE B 631 -0.91 7.98 14.52
N GLU B 632 -0.29 7.91 15.70
CA GLU B 632 -0.99 8.26 16.93
C GLU B 632 -1.29 9.74 17.01
N ASP B 633 -0.36 10.60 16.57
CA ASP B 633 -0.61 12.03 16.59
C ASP B 633 -1.75 12.42 15.67
N ALA B 634 -1.85 11.78 14.50
CA ALA B 634 -2.93 12.09 13.58
C ALA B 634 -4.30 11.79 14.15
N LEU B 635 -4.44 10.65 14.83
CA LEU B 635 -5.75 10.28 15.39
C LEU B 635 -6.08 11.11 16.63
N ARG B 636 -5.10 11.33 17.50
CA ARG B 636 -5.35 12.05 18.75
C ARG B 636 -5.70 13.52 18.49
N ASN B 637 -4.92 14.20 17.64
CA ASN B 637 -5.18 15.61 17.40
C ASN B 637 -6.54 15.83 16.76
N SER B 638 -6.92 14.95 15.84
CA SER B 638 -8.22 15.08 15.19
C SER B 638 -9.36 14.89 16.18
N ALA B 639 -9.19 13.96 17.13
CA ALA B 639 -10.21 13.74 18.15
C ALA B 639 -10.36 14.92 19.10
N MET B 640 -9.24 15.54 19.50
CA MET B 640 -9.31 16.70 20.38
C MET B 640 -10.03 17.86 19.70
N LEU B 641 -9.71 18.11 18.43
CA LEU B 641 -10.34 19.20 17.70
C LEU B 641 -11.81 18.92 17.44
N GLU B 642 -12.14 17.66 17.16
CA GLU B 642 -13.54 17.28 16.97
C GLU B 642 -14.35 17.47 18.24
N SER B 643 -13.76 17.17 19.39
CA SER B 643 -14.45 17.36 20.67
C SER B 643 -14.46 18.81 21.13
N ALA B 644 -13.63 19.68 20.56
CA ALA B 644 -13.56 21.07 20.98
C ALA B 644 -14.62 21.94 20.30
N ASP B 645 -14.75 21.85 18.98
CA ASP B 645 -15.71 22.67 18.27
C ASP B 645 -17.14 22.19 18.47
N VAL B 646 -17.35 20.91 18.78
CA VAL B 646 -18.69 20.44 19.11
C VAL B 646 -19.13 20.98 20.45
N SER B 647 -18.21 21.06 21.41
CA SER B 647 -18.54 21.61 22.71
C SER B 647 -18.87 23.09 22.64
N GLU B 648 -18.23 23.83 21.72
CA GLU B 648 -18.57 25.24 21.54
C GLU B 648 -19.99 25.42 21.03
N MET B 649 -20.43 24.54 20.14
CA MET B 649 -21.80 24.61 19.62
C MET B 649 -22.84 24.35 20.70
N LEU B 650 -22.60 23.35 21.55
CA LEU B 650 -23.57 22.97 22.56
C LEU B 650 -23.68 23.96 23.71
N THR B 651 -24.54 24.95 23.55
CA THR B 651 -24.82 25.96 24.56
C THR B 651 -26.11 25.58 25.29
N PHE B 652 -26.35 26.25 26.42
CA PHE B 652 -27.54 25.98 27.20
C PHE B 652 -28.12 27.26 27.78
N ASP B 653 -29.44 27.27 27.97
CA ASP B 653 -30.15 28.41 28.54
C ASP B 653 -31.25 27.88 29.47
N LYS B 654 -31.00 27.88 30.78
CA LYS B 654 -31.99 27.40 31.74
C LYS B 654 -33.28 28.21 31.64
N LYS B 655 -33.16 29.51 31.36
CA LYS B 655 -34.32 30.37 31.20
C LYS B 655 -35.23 29.88 30.07
N ALA B 656 -34.68 29.62 28.89
CA ALA B 656 -35.48 29.13 27.78
C ALA B 656 -35.87 27.66 27.92
N PHE B 657 -35.11 26.87 28.68
CA PHE B 657 -35.40 25.44 28.81
C PHE B 657 -36.70 25.18 29.57
N THR B 658 -37.01 26.00 30.59
CA THR B 658 -38.21 25.83 31.41
C THR B 658 -39.50 26.07 30.65
N LEU B 659 -39.42 26.55 29.41
CA LEU B 659 -40.56 26.76 28.53
C LEU B 659 -40.83 25.56 27.63
N ALA B 660 -40.21 24.41 27.91
CA ALA B 660 -40.37 23.20 27.13
C ALA B 660 -41.68 22.46 27.41
N ASN B 661 -42.67 23.12 28.02
CA ASN B 661 -43.96 22.49 28.23
C ASN B 661 -44.72 22.36 26.92
N VAL B 662 -45.74 21.49 26.97
CA VAL B 662 -46.65 21.34 25.85
C VAL B 662 -47.66 22.47 25.89
N SER B 663 -47.85 23.06 27.08
CA SER B 663 -48.76 24.16 27.31
C SER B 663 -48.23 25.51 26.83
N SER B 664 -46.95 25.62 26.51
CA SER B 664 -46.42 26.90 26.05
C SER B 664 -46.74 27.16 24.60
N PHE B 665 -47.19 26.16 23.86
CA PHE B 665 -47.44 26.29 22.43
C PHE B 665 -48.92 26.31 22.05
N GLY B 666 -49.82 26.25 23.01
CA GLY B 666 -51.24 26.32 22.70
C GLY B 666 -51.74 25.27 21.74
N ASP B 667 -52.36 25.72 20.65
CA ASP B 667 -52.92 24.86 19.62
C ASP B 667 -51.88 24.12 18.78
N TYR B 668 -50.61 24.50 18.86
CA TYR B 668 -49.56 23.85 18.10
C TYR B 668 -49.01 22.63 18.84
N ASN B 669 -49.34 21.43 18.35
CA ASN B 669 -48.88 20.18 18.94
C ASN B 669 -47.37 20.03 18.75
N LEU B 670 -46.62 20.27 19.82
CA LEU B 670 -45.17 20.09 19.79
C LEU B 670 -44.73 18.98 20.74
N SER B 671 -45.65 18.08 21.09
CA SER B 671 -45.33 17.00 22.01
C SER B 671 -44.36 15.99 21.44
N SER B 672 -44.26 15.91 20.11
CA SER B 672 -43.34 14.95 19.49
C SER B 672 -41.89 15.40 19.52
N VAL B 673 -41.60 16.63 19.92
CA VAL B 673 -40.22 17.11 19.91
C VAL B 673 -39.73 17.58 21.27
N ILE B 674 -40.59 17.86 22.24
CA ILE B 674 -40.13 18.35 23.53
C ILE B 674 -39.44 17.23 24.32
N PRO B 675 -38.49 17.57 25.20
CA PRO B 675 -37.79 16.53 25.95
C PRO B 675 -38.73 15.76 26.86
N SER B 676 -38.38 14.50 27.12
CA SER B 676 -39.18 13.67 28.02
C SER B 676 -38.83 13.91 29.48
N LEU B 677 -39.82 13.69 30.34
CA LEU B 677 -39.67 13.89 31.77
C LEU B 677 -38.68 12.88 32.36
N PRO B 678 -37.69 13.31 33.15
CA PRO B 678 -36.72 12.35 33.70
C PRO B 678 -37.43 11.34 34.60
N ARG B 679 -37.26 10.06 34.25
CA ARG B 679 -38.00 9.00 34.93
C ARG B 679 -37.67 8.89 36.41
N SER B 680 -36.38 8.94 36.77
CA SER B 680 -36.01 8.73 38.17
C SER B 680 -34.94 9.70 38.63
N GLY B 681 -35.02 10.95 38.21
CA GLY B 681 -34.02 11.90 38.64
C GLY B 681 -32.65 11.61 38.04
N SER B 682 -31.64 12.22 38.65
CA SER B 682 -30.24 12.10 38.26
C SER B 682 -29.96 12.64 36.86
N ARG B 683 -30.96 13.25 36.23
CA ARG B 683 -30.84 13.83 34.90
C ARG B 683 -31.91 14.90 34.77
N VAL B 684 -31.74 15.79 33.79
CA VAL B 684 -32.71 16.86 33.61
C VAL B 684 -33.68 16.60 32.47
N ALA B 685 -33.28 15.81 31.49
CA ALA B 685 -34.17 15.54 30.36
C ALA B 685 -33.83 14.21 29.70
N GLY B 686 -34.72 13.76 28.82
CA GLY B 686 -34.52 12.56 28.04
C GLY B 686 -34.91 12.77 26.59
N ARG B 687 -34.77 11.70 25.82
CA ARG B 687 -35.08 11.73 24.39
C ARG B 687 -36.56 12.00 24.17
N SER B 688 -36.87 12.75 23.11
CA SER B 688 -38.24 13.04 22.74
C SER B 688 -38.84 11.89 21.91
N ALA B 689 -40.14 12.00 21.64
CA ALA B 689 -40.86 10.96 20.92
C ALA B 689 -40.40 10.79 19.48
N ILE B 690 -39.55 11.66 18.96
CA ILE B 690 -38.99 11.52 17.63
C ILE B 690 -37.57 10.97 17.67
N GLU B 691 -36.78 11.43 18.65
CA GLU B 691 -35.40 11.01 18.76
C GLU B 691 -35.28 9.51 19.04
N ASP B 692 -36.14 8.98 19.90
CA ASP B 692 -36.09 7.54 20.18
C ASP B 692 -36.50 6.72 18.96
N ILE B 693 -37.41 7.25 18.14
CA ILE B 693 -37.77 6.55 16.90
C ILE B 693 -36.57 6.48 15.96
N LEU B 694 -35.85 7.59 15.81
CA LEU B 694 -34.67 7.60 14.96
C LEU B 694 -33.54 6.76 15.55
N PHE B 695 -33.49 6.62 16.87
CA PHE B 695 -32.45 5.86 17.53
C PHE B 695 -32.77 4.37 17.73
N SER B 696 -33.98 3.95 17.45
CA SER B 696 -34.32 2.54 17.64
C SER B 696 -34.92 1.89 16.40
N LYS B 697 -35.76 2.62 15.65
CA LYS B 697 -36.34 2.06 14.43
C LYS B 697 -35.26 1.81 13.39
N LEU B 698 -34.13 2.50 13.48
CA LEU B 698 -32.97 2.22 12.65
C LEU B 698 -32.20 1.04 13.23
N VAL B 699 -31.32 0.46 12.39
CA VAL B 699 -30.56 -0.71 12.80
C VAL B 699 -29.71 -0.40 14.02
N THR B 700 -29.85 -1.25 15.04
CA THR B 700 -29.08 -1.11 16.27
C THR B 700 -27.61 -1.34 15.98
N SER B 701 -26.77 -0.37 16.38
CA SER B 701 -25.35 -0.43 16.09
C SER B 701 -24.58 -1.27 17.10
N GLY B 702 -25.06 -2.48 17.37
CA GLY B 702 -24.35 -3.36 18.28
C GLY B 702 -23.03 -3.83 17.71
N LEU B 703 -22.96 -3.96 16.39
CA LEU B 703 -21.77 -4.34 15.66
C LEU B 703 -20.96 -3.13 15.19
N GLY B 704 -21.39 -1.92 15.55
CA GLY B 704 -20.73 -0.71 15.15
C GLY B 704 -19.83 -0.13 16.22
N THR B 705 -19.62 1.19 16.13
CA THR B 705 -18.76 1.91 17.06
C THR B 705 -19.48 2.23 18.37
N VAL B 706 -19.28 1.35 19.34
CA VAL B 706 -19.78 1.53 20.70
C VAL B 706 -18.59 1.43 21.64
N ASP B 707 -18.44 2.42 22.51
CA ASP B 707 -17.33 2.38 23.45
C ASP B 707 -17.47 1.21 24.41
N ALA B 708 -16.33 0.64 24.79
CA ALA B 708 -16.26 -0.55 25.63
C ALA B 708 -16.10 -0.19 27.09
N ASP B 709 -16.72 -0.99 27.95
CA ASP B 709 -16.57 -0.86 29.40
C ASP B 709 -15.23 -1.49 29.74
N TYR B 710 -14.19 -0.64 29.75
CA TYR B 710 -12.83 -1.11 30.00
C TYR B 710 -12.72 -1.79 31.36
N LYS B 711 -13.58 -1.40 32.29
CA LYS B 711 -13.64 -2.00 33.61
C LYS B 711 -14.06 -3.46 33.54
N LYS B 712 -14.93 -3.80 32.60
CA LYS B 712 -15.40 -5.16 32.39
C LYS B 712 -14.43 -6.03 31.60
N CYS B 713 -13.72 -5.46 30.63
CA CYS B 713 -12.84 -6.27 29.78
C CYS B 713 -11.69 -6.89 30.57
N THR B 714 -11.09 -6.14 31.50
CA THR B 714 -9.97 -6.66 32.28
C THR B 714 -10.40 -7.65 33.35
N LYS B 715 -11.66 -7.58 33.80
CA LYS B 715 -12.12 -8.48 34.86
C LYS B 715 -12.07 -9.93 34.40
N GLY B 716 -12.46 -10.19 33.15
CA GLY B 716 -12.42 -11.53 32.61
C GLY B 716 -13.51 -12.45 33.11
N LEU B 717 -14.53 -11.90 33.77
CA LEU B 717 -15.60 -12.70 34.34
C LEU B 717 -16.50 -13.31 33.27
N SER B 718 -16.32 -12.91 32.02
CA SER B 718 -17.07 -13.44 30.89
C SER B 718 -16.19 -13.33 29.66
N ILE B 719 -16.49 -14.16 28.66
CA ILE B 719 -15.73 -14.10 27.41
C ILE B 719 -15.95 -12.74 26.76
N ALA B 720 -14.86 -12.16 26.26
CA ALA B 720 -14.91 -10.82 25.68
C ALA B 720 -15.88 -10.74 24.50
N ASP B 721 -16.66 -9.65 24.49
CA ASP B 721 -17.57 -9.34 23.41
C ASP B 721 -16.81 -8.64 22.28
N LEU B 722 -17.54 -8.15 21.29
CA LEU B 722 -16.93 -7.47 20.16
C LEU B 722 -16.18 -6.21 20.58
N ALA B 723 -16.74 -5.46 21.54
CA ALA B 723 -16.08 -4.24 22.01
C ALA B 723 -14.80 -4.53 22.78
N CYS B 724 -14.84 -5.49 23.71
CA CYS B 724 -13.64 -5.82 24.47
C CYS B 724 -12.57 -6.47 23.61
N ALA B 725 -12.97 -7.23 22.59
CA ALA B 725 -12.00 -7.87 21.71
C ALA B 725 -11.14 -6.84 20.98
N GLN B 726 -11.75 -5.73 20.56
CA GLN B 726 -10.98 -4.68 19.90
C GLN B 726 -10.03 -3.98 20.87
N TYR B 727 -10.44 -3.86 22.13
CA TYR B 727 -9.57 -3.23 23.12
C TYR B 727 -8.28 -4.02 23.32
N TYR B 728 -8.34 -5.35 23.21
CA TYR B 728 -7.15 -6.16 23.32
C TYR B 728 -6.17 -5.92 22.17
N ASN B 729 -6.64 -5.33 21.08
CA ASN B 729 -5.81 -5.01 19.92
C ASN B 729 -5.42 -3.55 19.88
N GLY B 730 -5.63 -2.81 20.96
CA GLY B 730 -5.27 -1.41 21.03
C GLY B 730 -6.30 -0.45 20.46
N ILE B 731 -7.40 -0.93 19.90
CA ILE B 731 -8.41 -0.05 19.34
C ILE B 731 -9.32 0.40 20.47
N MET B 732 -9.39 1.72 20.70
CA MET B 732 -10.22 2.29 21.74
C MET B 732 -11.24 3.25 21.11
N VAL B 733 -12.51 2.90 21.18
CA VAL B 733 -13.58 3.76 20.70
C VAL B 733 -13.90 4.74 21.83
N LEU B 734 -13.62 6.02 21.62
CA LEU B 734 -13.87 7.00 22.66
C LEU B 734 -15.37 7.28 22.82
N PRO B 735 -15.79 7.69 24.01
CA PRO B 735 -17.21 8.01 24.23
C PRO B 735 -17.65 9.15 23.32
N GLY B 736 -18.90 9.07 22.87
CA GLY B 736 -19.44 10.07 21.98
C GLY B 736 -19.40 11.47 22.56
N VAL B 737 -18.93 12.44 21.75
CA VAL B 737 -18.89 13.81 22.21
C VAL B 737 -20.29 14.37 22.43
N ALA B 738 -21.26 13.91 21.64
CA ALA B 738 -22.65 14.34 21.77
C ALA B 738 -23.32 13.55 22.89
N ASP B 739 -23.05 13.96 24.12
CA ASP B 739 -23.65 13.32 25.28
C ASP B 739 -25.17 13.40 25.19
N ALA B 740 -25.83 12.28 25.53
CA ALA B 740 -27.29 12.24 25.46
C ALA B 740 -27.94 13.23 26.41
N GLU B 741 -27.29 13.54 27.53
CA GLU B 741 -27.84 14.55 28.43
C GLU B 741 -27.69 15.95 27.85
N ARG B 742 -26.50 16.27 27.34
CA ARG B 742 -26.26 17.60 26.80
C ARG B 742 -27.09 17.87 25.56
N MET B 743 -27.38 16.84 24.77
CA MET B 743 -28.18 17.03 23.57
C MET B 743 -29.61 17.41 23.93
N ALA B 744 -30.19 16.74 24.93
CA ALA B 744 -31.55 17.08 25.35
C ALA B 744 -31.65 18.49 25.90
N MET B 745 -30.63 18.93 26.64
CA MET B 745 -30.59 20.31 27.13
C MET B 745 -30.38 21.30 25.99
N TYR B 746 -29.59 20.93 24.99
CA TYR B 746 -29.34 21.80 23.85
C TYR B 746 -30.58 21.98 23.00
N THR B 747 -31.23 20.88 22.61
CA THR B 747 -32.42 20.97 21.78
C THR B 747 -33.61 21.51 22.58
N GLY B 748 -33.69 21.18 23.86
CA GLY B 748 -34.78 21.70 24.68
C GLY B 748 -34.72 23.20 24.86
N SER B 749 -33.52 23.75 25.00
CA SER B 749 -33.38 25.20 25.11
C SER B 749 -33.78 25.91 23.82
N LEU B 750 -33.39 25.36 22.68
CA LEU B 750 -33.74 25.98 21.40
C LEU B 750 -35.23 25.93 21.12
N ILE B 751 -35.89 24.82 21.45
CA ILE B 751 -37.33 24.72 21.25
C ILE B 751 -38.06 25.73 22.14
N GLY B 752 -37.64 25.86 23.40
CA GLY B 752 -38.27 26.80 24.30
C GLY B 752 -38.00 28.25 23.99
N GLY B 753 -36.91 28.54 23.26
CA GLY B 753 -36.61 29.91 22.91
C GLY B 753 -37.59 30.54 21.95
N ILE B 754 -38.31 29.71 21.18
CA ILE B 754 -39.31 30.21 20.25
C ILE B 754 -40.47 30.86 20.99
N ALA B 755 -40.74 30.42 22.22
CA ALA B 755 -41.80 30.98 23.05
C ALA B 755 -41.40 32.23 23.81
N LEU B 756 -40.15 32.68 23.72
CA LEU B 756 -39.75 33.92 24.39
C LEU B 756 -40.10 35.13 23.54
N GLY B 757 -40.76 36.11 24.16
CA GLY B 757 -41.18 37.30 23.45
C GLY B 757 -40.61 38.60 23.98
N GLY B 758 -39.62 38.51 24.86
CA GLY B 758 -39.00 39.70 25.41
C GLY B 758 -39.82 40.43 26.45
N LEU B 759 -40.72 39.75 27.15
CA LEU B 759 -41.52 40.40 28.18
C LEU B 759 -40.72 40.65 29.44
N THR B 760 -41.14 41.67 30.18
CA THR B 760 -40.56 41.98 31.48
C THR B 760 -40.87 40.85 32.45
N SER B 761 -39.92 40.59 33.35
CA SER B 761 -40.00 39.50 34.33
C SER B 761 -40.08 38.12 33.68
N ALA B 762 -39.69 38.03 32.40
CA ALA B 762 -39.60 36.78 31.67
C ALA B 762 -40.95 36.08 31.49
N ALA B 763 -42.05 36.81 31.54
CA ALA B 763 -43.35 36.18 31.39
C ALA B 763 -43.51 35.62 29.98
N SER B 764 -44.06 34.41 29.90
CA SER B 764 -44.33 33.79 28.61
C SER B 764 -45.55 34.42 27.94
N ILE B 765 -45.54 34.43 26.61
CA ILE B 765 -46.64 34.97 25.81
C ILE B 765 -47.41 33.83 25.16
N PRO B 766 -48.70 34.00 24.88
CA PRO B 766 -49.43 32.98 24.12
C PRO B 766 -48.74 32.75 22.78
N PHE B 767 -48.70 31.49 22.35
CA PHE B 767 -47.96 31.17 21.14
C PHE B 767 -48.56 31.81 19.90
N SER B 768 -49.83 32.22 19.95
CA SER B 768 -50.43 32.93 18.82
C SER B 768 -49.71 34.25 18.57
N LEU B 769 -49.28 34.92 19.65
CA LEU B 769 -48.53 36.16 19.51
C LEU B 769 -47.17 35.94 18.89
N ALA B 770 -46.52 34.82 19.23
CA ALA B 770 -45.21 34.53 18.64
C ALA B 770 -45.31 34.32 17.14
N ILE B 771 -46.34 33.60 16.68
CA ILE B 771 -46.53 33.42 15.24
C ILE B 771 -46.87 34.75 14.58
N GLN B 772 -47.68 35.58 15.24
CA GLN B 772 -48.03 36.89 14.69
C GLN B 772 -46.81 37.79 14.57
N SER B 773 -45.91 37.74 15.54
CA SER B 773 -44.70 38.54 15.47
C SER B 773 -43.78 38.09 14.35
N ARG B 774 -43.66 36.79 14.14
CA ARG B 774 -42.86 36.26 13.04
C ARG B 774 -43.50 36.53 11.69
N LEU B 775 -44.84 36.60 11.63
CA LEU B 775 -45.51 36.97 10.39
C LEU B 775 -45.25 38.43 10.05
N ASN B 776 -45.22 39.29 11.06
CA ASN B 776 -44.95 40.71 10.84
C ASN B 776 -43.57 40.95 10.24
N TYR B 777 -42.62 40.09 10.56
CA TYR B 777 -41.28 40.22 9.98
C TYR B 777 -41.32 40.06 8.47
N VAL B 778 -42.28 39.31 7.95
CA VAL B 778 -42.40 39.11 6.51
C VAL B 778 -43.09 40.31 5.86
N ALA B 779 -44.23 40.71 6.42
CA ALA B 779 -44.99 41.83 5.94
C ALA B 779 -45.76 42.43 7.11
N LEU B 780 -45.95 43.75 7.08
CA LEU B 780 -46.67 44.42 8.16
C LEU B 780 -48.12 43.95 8.17
N GLN B 781 -48.50 43.29 9.26
CA GLN B 781 -49.84 42.73 9.38
C GLN B 781 -50.89 43.79 9.63
N THR B 782 -51.99 43.72 8.89
CA THR B 782 -53.14 44.60 9.04
C THR B 782 -54.39 43.87 9.51
N ASP B 783 -54.41 42.55 9.43
CA ASP B 783 -55.48 41.74 9.99
C ASP B 783 -55.43 41.86 11.50
N VAL B 784 -56.37 42.60 12.07
CA VAL B 784 -56.38 42.87 13.51
C VAL B 784 -56.92 41.70 14.31
N LEU B 785 -57.89 40.96 13.78
CA LEU B 785 -58.50 39.88 14.53
C LEU B 785 -57.78 38.53 14.39
N GLN B 786 -56.81 38.43 13.49
CA GLN B 786 -55.98 37.23 13.32
C GLN B 786 -56.79 35.95 13.09
N GLU B 787 -57.64 35.97 12.05
CA GLU B 787 -58.46 34.80 11.76
C GLU B 787 -57.63 33.67 11.16
N ASN B 788 -56.59 34.00 10.40
CA ASN B 788 -55.74 33.01 9.75
C ASN B 788 -54.93 32.15 10.71
N GLN B 789 -54.90 32.47 12.00
CA GLN B 789 -54.13 31.66 12.94
C GLN B 789 -54.68 30.23 13.05
N ARG B 790 -56.00 30.07 13.01
CA ARG B 790 -56.59 28.74 13.18
C ARG B 790 -56.28 27.80 12.01
N ILE B 791 -56.33 28.29 10.78
CA ILE B 791 -56.01 27.43 9.64
C ILE B 791 -54.53 27.05 9.66
N LEU B 792 -53.66 27.99 10.02
CA LEU B 792 -52.22 27.69 10.09
C LEU B 792 -51.92 26.65 11.16
N ALA B 793 -52.56 26.77 12.33
CA ALA B 793 -52.33 25.80 13.40
C ALA B 793 -52.83 24.41 13.02
N ALA B 794 -54.02 24.33 12.43
CA ALA B 794 -54.56 23.03 12.02
C ALA B 794 -53.69 22.35 10.96
N SER B 795 -53.17 23.13 10.03
CA SER B 795 -52.30 22.58 8.99
C SER B 795 -50.98 22.08 9.58
N PHE B 796 -50.42 22.82 10.54
CA PHE B 796 -49.17 22.39 11.18
C PHE B 796 -49.34 21.08 11.94
N ASN B 797 -50.45 20.91 12.66
CA ASN B 797 -50.68 19.68 13.38
C ASN B 797 -50.80 18.48 12.46
N LYS B 798 -51.45 18.67 11.30
CA LYS B 798 -51.57 17.58 10.33
C LYS B 798 -50.20 17.16 9.80
N ALA B 799 -49.36 18.14 9.46
CA ALA B 799 -48.03 17.81 8.94
C ALA B 799 -47.18 17.10 9.99
N MET B 800 -47.25 17.56 11.24
CA MET B 800 -46.45 16.93 12.29
C MET B 800 -46.83 15.47 12.48
N THR B 801 -48.12 15.15 12.35
CA THR B 801 -48.56 13.76 12.47
C THR B 801 -48.01 12.92 11.32
N ASN B 802 -48.07 13.43 10.10
CA ASN B 802 -47.54 12.68 8.96
C ASN B 802 -46.04 12.48 9.04
N ILE B 803 -45.31 13.43 9.65
CA ILE B 803 -43.87 13.28 9.80
C ILE B 803 -43.53 12.09 10.70
N VAL B 804 -44.25 11.95 11.81
CA VAL B 804 -44.03 10.83 12.71
C VAL B 804 -44.44 9.51 12.03
N ASP B 805 -45.52 9.55 11.26
CA ASP B 805 -45.94 8.37 10.50
C ASP B 805 -44.89 7.97 9.48
N ALA B 806 -44.28 8.95 8.80
CA ALA B 806 -43.25 8.66 7.82
C ALA B 806 -41.98 8.13 8.47
N PHE B 807 -41.66 8.58 9.68
CA PHE B 807 -40.48 8.06 10.36
C PHE B 807 -40.64 6.59 10.73
N THR B 808 -41.85 6.19 11.11
CA THR B 808 -42.10 4.78 11.44
C THR B 808 -42.24 3.93 10.19
N GLY B 809 -43.19 4.27 9.32
CA GLY B 809 -43.39 3.53 8.08
C GLY B 809 -44.81 3.09 7.81
N VAL B 810 -45.76 3.62 8.57
CA VAL B 810 -47.16 3.22 8.43
C VAL B 810 -47.84 3.82 7.20
N ASN B 811 -47.15 4.70 6.46
CA ASN B 811 -47.72 5.33 5.27
C ASN B 811 -46.73 5.25 4.10
N ASP B 812 -45.93 4.19 4.07
CA ASP B 812 -44.85 4.07 3.08
C ASP B 812 -45.38 4.05 1.64
N ALA B 813 -46.47 3.35 1.38
CA ALA B 813 -47.02 3.27 0.03
C ALA B 813 -47.66 4.56 -0.44
N ILE B 814 -47.79 5.57 0.41
CA ILE B 814 -48.43 6.84 0.07
C ILE B 814 -47.52 8.04 0.29
N THR B 815 -46.28 7.81 0.73
CA THR B 815 -45.36 8.93 0.98
C THR B 815 -45.01 9.72 -0.28
N GLN B 816 -45.17 9.13 -1.46
CA GLN B 816 -44.86 9.85 -2.69
C GLN B 816 -45.87 10.94 -3.04
N THR B 817 -47.02 10.96 -2.38
CA THR B 817 -48.06 11.93 -2.71
C THR B 817 -47.67 13.37 -2.39
N SER B 818 -46.65 13.58 -1.56
CA SER B 818 -46.20 14.92 -1.23
C SER B 818 -44.69 14.97 -1.17
N GLN B 819 -44.10 16.05 -1.71
CA GLN B 819 -42.66 16.20 -1.64
C GLN B 819 -42.21 16.54 -0.23
N ALA B 820 -43.13 16.96 0.64
CA ALA B 820 -42.78 17.15 2.05
C ALA B 820 -42.44 15.79 2.66
N LEU B 821 -43.21 14.76 2.32
CA LEU B 821 -42.93 13.42 2.80
C LEU B 821 -41.70 12.85 2.10
N GLN B 822 -41.40 13.34 0.90
CA GLN B 822 -40.18 12.95 0.21
C GLN B 822 -38.94 13.37 0.98
N THR B 823 -38.97 14.55 1.60
CA THR B 823 -37.82 14.98 2.40
C THR B 823 -37.57 14.04 3.57
N VAL B 824 -38.64 13.43 4.09
CA VAL B 824 -38.48 12.47 5.17
C VAL B 824 -37.78 11.22 4.66
N ALA B 825 -38.13 10.77 3.45
CA ALA B 825 -37.46 9.62 2.87
C ALA B 825 -35.99 9.92 2.65
N THR B 826 -35.68 11.12 2.15
CA THR B 826 -34.29 11.52 1.93
C THR B 826 -33.53 11.57 3.25
N ALA B 827 -34.16 12.07 4.31
CA ALA B 827 -33.52 12.12 5.62
C ALA B 827 -33.28 10.73 6.18
N LEU B 828 -34.26 9.84 6.05
CA LEU B 828 -34.09 8.47 6.51
C LEU B 828 -32.98 7.75 5.75
N ASN B 829 -32.90 7.98 4.44
CA ASN B 829 -31.83 7.39 3.65
C ASN B 829 -30.45 7.83 4.12
N LYS B 830 -30.30 9.12 4.42
CA LYS B 830 -29.00 9.61 4.87
C LYS B 830 -28.65 9.06 6.25
N ILE B 831 -29.62 9.00 7.16
CA ILE B 831 -29.37 8.46 8.49
C ILE B 831 -29.05 6.98 8.41
N GLN B 832 -29.75 6.24 7.55
CA GLN B 832 -29.49 4.82 7.40
C GLN B 832 -28.09 4.55 6.87
N ASP B 833 -27.62 5.41 5.96
CA ASP B 833 -26.26 5.28 5.45
C ASP B 833 -25.24 5.46 6.57
N VAL B 834 -25.43 6.51 7.38
CA VAL B 834 -24.50 6.81 8.47
C VAL B 834 -24.45 5.65 9.45
N VAL B 835 -25.61 5.09 9.79
CA VAL B 835 -25.72 3.96 10.71
C VAL B 835 -25.05 2.69 10.17
N ASN B 836 -25.05 2.48 8.86
CA ASN B 836 -24.40 1.30 8.29
C ASN B 836 -22.91 1.45 8.02
N GLN B 837 -22.30 2.62 8.22
CA GLN B 837 -20.90 2.80 7.87
C GLN B 837 -19.89 2.83 9.01
N GLN B 838 -20.30 2.86 10.28
CA GLN B 838 -19.28 2.99 11.32
C GLN B 838 -18.38 1.76 11.41
N GLY B 839 -18.96 0.57 11.32
CA GLY B 839 -18.17 -0.64 11.48
C GLY B 839 -17.29 -1.01 10.31
N ASN B 840 -17.47 -0.38 9.15
CA ASN B 840 -16.69 -0.76 7.98
C ASN B 840 -15.20 -0.46 8.16
N SER B 841 -14.86 0.70 8.71
CA SER B 841 -13.44 1.02 8.90
C SER B 841 -12.79 0.16 9.97
N LEU B 842 -13.49 -0.11 11.07
CA LEU B 842 -12.92 -0.95 12.12
C LEU B 842 -12.78 -2.41 11.68
N ASN B 843 -13.79 -2.94 10.98
CA ASN B 843 -13.71 -4.33 10.53
C ASN B 843 -12.58 -4.53 9.54
N HIS B 844 -12.34 -3.55 8.68
CA HIS B 844 -11.22 -3.64 7.75
C HIS B 844 -9.88 -3.64 8.49
N LEU B 845 -9.75 -2.80 9.51
CA LEU B 845 -8.51 -2.75 10.27
C LEU B 845 -8.24 -4.03 11.04
N THR B 846 -9.26 -4.60 11.67
CA THR B 846 -9.08 -5.84 12.43
C THR B 846 -8.84 -7.05 11.53
N SER B 847 -9.43 -7.07 10.33
CA SER B 847 -9.22 -8.21 9.44
C SER B 847 -7.79 -8.29 8.92
N GLN B 848 -7.09 -7.16 8.83
CA GLN B 848 -5.71 -7.17 8.34
C GLN B 848 -4.75 -7.84 9.32
N LEU B 849 -5.17 -8.09 10.57
CA LEU B 849 -4.32 -8.79 11.50
C LEU B 849 -4.17 -10.26 11.15
N ARG B 850 -5.10 -10.81 10.37
CA ARG B 850 -5.02 -12.22 9.99
C ARG B 850 -4.10 -12.47 8.82
N GLN B 851 -3.65 -11.42 8.13
CA GLN B 851 -2.79 -11.62 6.96
C GLN B 851 -1.40 -12.10 7.37
N ASN B 852 -0.87 -13.04 6.60
CA ASN B 852 0.48 -13.55 6.83
C ASN B 852 1.56 -12.63 6.30
N PHE B 853 1.22 -11.76 5.34
CA PHE B 853 2.20 -10.84 4.74
C PHE B 853 3.45 -11.57 4.27
N GLN B 854 3.25 -12.73 3.65
CA GLN B 854 4.35 -13.58 3.17
C GLN B 854 5.30 -13.98 4.31
N ALA B 855 4.74 -14.38 5.44
CA ALA B 855 5.50 -14.88 6.56
C ALA B 855 5.00 -16.27 6.92
N ILE B 856 5.70 -16.93 7.84
CA ILE B 856 5.30 -18.27 8.25
C ILE B 856 3.93 -18.26 8.90
N SER B 857 3.67 -17.28 9.77
CA SER B 857 2.38 -17.20 10.43
C SER B 857 2.07 -15.76 10.78
N SER B 858 0.79 -15.48 10.94
CA SER B 858 0.36 -14.15 11.38
C SER B 858 0.57 -13.94 12.87
N SER B 859 0.73 -15.01 13.64
CA SER B 859 0.96 -14.92 15.08
C SER B 859 2.45 -14.71 15.34
N ILE B 860 2.77 -13.63 16.04
CA ILE B 860 4.16 -13.32 16.36
C ILE B 860 4.75 -14.38 17.28
N GLN B 861 3.98 -14.84 18.26
CA GLN B 861 4.50 -15.85 19.18
C GLN B 861 4.81 -17.15 18.47
N ALA B 862 4.07 -17.47 17.41
CA ALA B 862 4.33 -18.70 16.66
C ALA B 862 5.69 -18.65 15.99
N ILE B 863 6.10 -17.49 15.49
CA ILE B 863 7.40 -17.35 14.87
C ILE B 863 8.52 -17.56 15.88
N TYR B 864 8.42 -16.92 17.05
CA TYR B 864 9.46 -17.05 18.05
C TYR B 864 9.52 -18.43 18.67
N ASP B 865 8.45 -19.21 18.57
CA ASP B 865 8.48 -20.58 19.07
C ASP B 865 9.12 -21.56 18.09
N ARG B 866 9.30 -21.15 16.84
CA ARG B 866 9.83 -22.04 15.80
C ARG B 866 11.24 -21.73 15.34
N LEU B 867 11.68 -20.49 15.43
CA LEU B 867 12.98 -20.10 14.89
C LEU B 867 13.85 -19.44 15.95
N ASP B 868 15.15 -19.46 15.69
CA ASP B 868 16.08 -18.76 16.56
C ASP B 868 15.93 -17.26 16.35
N PRO B 869 16.27 -16.45 17.35
CA PRO B 869 16.08 -15.00 17.25
C PRO B 869 16.67 -14.38 15.99
N PRO B 870 17.86 -14.79 15.53
CA PRO B 870 18.38 -14.19 14.29
C PRO B 870 17.47 -14.35 13.07
N GLN B 871 16.78 -15.47 12.95
CA GLN B 871 15.90 -15.70 11.80
C GLN B 871 14.48 -15.22 12.04
N ALA B 872 14.01 -15.28 13.29
CA ALA B 872 12.65 -14.84 13.60
C ALA B 872 12.49 -13.35 13.39
N ASP B 873 13.53 -12.56 13.65
CA ASP B 873 13.45 -11.11 13.47
C ASP B 873 13.19 -10.75 12.02
N GLN B 874 13.82 -11.46 11.08
CA GLN B 874 13.56 -11.20 9.67
C GLN B 874 12.15 -11.54 9.26
N GLN B 875 11.48 -12.44 9.98
CA GLN B 875 10.10 -12.78 9.71
C GLN B 875 9.12 -11.83 10.38
N VAL B 876 9.44 -11.37 11.59
CA VAL B 876 8.59 -10.42 12.29
C VAL B 876 8.56 -9.09 11.56
N ASP B 877 9.70 -8.68 10.97
CA ASP B 877 9.74 -7.43 10.23
C ASP B 877 8.72 -7.39 9.09
N ARG B 878 8.38 -8.55 8.55
CA ARG B 878 7.35 -8.61 7.50
C ARG B 878 5.99 -8.22 8.05
N LEU B 879 5.67 -8.68 9.26
CA LEU B 879 4.41 -8.34 9.91
C LEU B 879 4.38 -6.88 10.34
N ILE B 880 5.52 -6.35 10.79
CA ILE B 880 5.57 -4.97 11.25
C ILE B 880 5.30 -4.01 10.10
N THR B 881 5.99 -4.19 8.97
CA THR B 881 5.78 -3.30 7.84
C THR B 881 4.36 -3.42 7.27
N GLY B 882 3.85 -4.64 7.17
CA GLY B 882 2.50 -4.83 6.67
C GLY B 882 1.42 -4.25 7.56
N ARG B 883 1.55 -4.42 8.87
CA ARG B 883 0.56 -3.90 9.79
C ARG B 883 0.62 -2.38 9.90
N LEU B 884 1.81 -1.80 9.82
CA LEU B 884 1.91 -0.34 9.83
C LEU B 884 1.24 0.26 8.60
N ALA B 885 1.28 -0.45 7.47
CA ALA B 885 0.60 0.02 6.27
C ALA B 885 -0.91 0.00 6.48
N ALA B 886 -1.42 -1.01 7.18
CA ALA B 886 -2.86 -1.08 7.46
C ALA B 886 -3.30 0.08 8.33
N LEU B 887 -2.47 0.48 9.31
CA LEU B 887 -2.79 1.63 10.15
C LEU B 887 -2.84 2.91 9.33
N ASN B 888 -1.92 3.08 8.39
CA ASN B 888 -1.95 4.27 7.54
C ASN B 888 -3.21 4.32 6.69
N VAL B 889 -3.67 3.18 6.21
CA VAL B 889 -4.92 3.13 5.45
C VAL B 889 -6.09 3.54 6.33
N PHE B 890 -6.09 3.07 7.58
CA PHE B 890 -7.15 3.45 8.51
C PHE B 890 -7.14 4.94 8.82
N VAL B 891 -5.94 5.53 8.96
CA VAL B 891 -5.85 6.97 9.21
C VAL B 891 -6.45 7.75 8.04
N SER B 892 -6.22 7.27 6.82
CA SER B 892 -6.80 7.92 5.64
C SER B 892 -8.32 7.86 5.66
N HIS B 893 -8.89 6.73 6.09
CA HIS B 893 -10.35 6.62 6.17
C HIS B 893 -10.93 7.58 7.20
N THR B 894 -10.30 7.69 8.37
CA THR B 894 -10.83 8.58 9.40
C THR B 894 -10.70 10.05 9.03
N LEU B 895 -9.54 10.46 8.51
CA LEU B 895 -9.36 11.86 8.13
C LEU B 895 -10.30 12.29 7.03
N THR B 896 -10.53 11.43 6.03
CA THR B 896 -11.45 11.78 4.95
C THR B 896 -12.87 11.96 5.47
N LYS B 897 -13.29 11.12 6.41
CA LYS B 897 -14.61 11.27 7.01
C LYS B 897 -14.71 12.52 7.88
N TYR B 898 -13.63 12.88 8.57
CA TYR B 898 -13.64 14.11 9.35
C TYR B 898 -13.79 15.34 8.47
N THR B 899 -13.35 15.26 7.22
CA THR B 899 -13.57 16.36 6.28
C THR B 899 -15.04 16.53 5.99
N GLU B 900 -15.75 15.42 5.76
CA GLU B 900 -17.18 15.45 5.51
C GLU B 900 -17.95 15.98 6.72
N VAL B 901 -17.60 15.51 7.93
CA VAL B 901 -18.30 15.95 9.13
C VAL B 901 -18.00 17.42 9.45
N ARG B 902 -16.77 17.86 9.25
CA ARG B 902 -16.43 19.24 9.58
C ARG B 902 -17.21 20.23 8.71
N ALA B 903 -17.34 19.92 7.42
CA ALA B 903 -18.12 20.78 6.53
C ALA B 903 -19.59 20.78 6.90
N SER B 904 -20.15 19.60 7.18
CA SER B 904 -21.56 19.51 7.54
C SER B 904 -21.86 20.10 8.92
N ARG B 905 -20.90 20.04 9.84
CA ARG B 905 -21.09 20.64 11.15
C ARG B 905 -21.17 22.16 11.07
N GLN B 906 -20.36 22.77 10.22
CA GLN B 906 -20.41 24.23 10.06
C GLN B 906 -21.75 24.66 9.49
N LEU B 907 -22.28 23.91 8.53
CA LEU B 907 -23.59 24.24 7.98
C LEU B 907 -24.67 24.12 9.03
N ALA B 908 -24.57 23.11 9.90
CA ALA B 908 -25.54 22.94 10.97
C ALA B 908 -25.53 24.11 11.93
N GLN B 909 -24.35 24.63 12.26
CA GLN B 909 -24.26 25.80 13.13
C GLN B 909 -24.89 27.02 12.48
N GLN B 910 -24.68 27.20 11.18
CA GLN B 910 -25.31 28.32 10.48
C GLN B 910 -26.82 28.20 10.47
N LYS B 911 -27.34 26.98 10.31
CA LYS B 911 -28.79 26.80 10.31
C LYS B 911 -29.39 26.95 11.71
N VAL B 912 -28.61 26.68 12.74
CA VAL B 912 -29.09 26.92 14.10
C VAL B 912 -29.15 28.41 14.39
N ASN B 913 -28.13 29.15 13.96
CA ASN B 913 -28.10 30.59 14.20
C ASN B 913 -29.08 31.35 13.32
N GLU B 914 -29.25 30.92 12.06
CA GLU B 914 -30.11 31.65 11.13
C GLU B 914 -31.53 31.11 10.98
N CYS B 915 -31.76 29.80 11.12
CA CYS B 915 -33.12 29.29 10.97
C CYS B 915 -33.79 28.98 12.30
N VAL B 916 -33.06 28.49 13.30
CA VAL B 916 -33.68 28.08 14.55
C VAL B 916 -33.85 29.24 15.51
N LYS B 917 -32.79 30.01 15.76
CA LYS B 917 -32.91 31.15 16.66
C LYS B 917 -33.57 32.34 15.98
N SER B 918 -33.02 32.78 14.85
CA SER B 918 -33.55 33.91 14.12
C SER B 918 -34.51 33.46 13.02
N GLN B 919 -35.11 34.43 12.35
CA GLN B 919 -35.97 34.18 11.19
C GLN B 919 -35.18 34.61 9.97
N SER B 920 -35.10 33.74 8.98
CA SER B 920 -34.30 33.98 7.79
C SER B 920 -35.12 34.37 6.57
N LYS B 921 -34.60 35.34 5.82
CA LYS B 921 -35.18 35.75 4.55
C LYS B 921 -34.35 35.27 3.37
N ARG B 922 -33.23 34.60 3.61
CA ARG B 922 -32.41 34.03 2.55
C ARG B 922 -33.22 32.91 1.90
N TYR B 923 -33.59 33.10 0.64
CA TYR B 923 -34.43 32.12 -0.03
C TYR B 923 -33.75 30.76 -0.17
N GLY B 924 -34.46 29.72 0.23
CA GLY B 924 -33.98 28.35 0.12
C GLY B 924 -33.11 27.84 1.25
N PHE B 925 -32.72 28.69 2.19
CA PHE B 925 -31.86 28.22 3.26
C PHE B 925 -32.63 27.40 4.30
N CYS B 926 -33.89 27.73 4.56
CA CYS B 926 -34.66 27.01 5.56
C CYS B 926 -35.96 26.46 4.98
N GLY B 927 -35.90 25.83 3.80
CA GLY B 927 -37.06 25.23 3.14
C GLY B 927 -37.20 25.80 1.74
N ASN B 928 -38.38 25.78 1.10
CA ASN B 928 -38.42 26.41 -0.22
C ASN B 928 -39.35 27.61 -0.22
N GLY B 929 -39.98 27.93 0.90
CA GLY B 929 -40.88 29.07 0.93
C GLY B 929 -40.61 30.07 2.02
N THR B 930 -41.61 30.87 2.38
CA THR B 930 -41.43 31.86 3.43
C THR B 930 -41.28 31.18 4.77
N HIS B 931 -40.13 31.38 5.39
CA HIS B 931 -39.77 30.78 6.66
C HIS B 931 -40.43 31.48 7.83
N ILE B 932 -40.95 30.69 8.76
CA ILE B 932 -41.58 31.21 9.98
C ILE B 932 -40.74 30.86 11.21
N PHE B 933 -40.56 29.57 11.47
CA PHE B 933 -39.72 29.11 12.58
C PHE B 933 -39.22 27.72 12.24
N SER B 934 -38.17 27.30 12.93
CA SER B 934 -37.59 25.99 12.74
C SER B 934 -37.36 25.32 14.08
N LEU B 935 -37.49 23.99 14.08
CA LEU B 935 -37.25 23.18 15.26
C LEU B 935 -36.07 22.25 14.98
N VAL B 936 -35.47 21.74 16.04
CA VAL B 936 -34.34 20.83 15.92
C VAL B 936 -34.44 19.73 16.97
N ASN B 937 -33.98 18.53 16.59
CA ASN B 937 -33.98 17.39 17.49
C ASN B 937 -32.70 16.59 17.28
N ALA B 938 -32.32 15.84 18.30
CA ALA B 938 -31.12 15.00 18.23
C ALA B 938 -31.36 13.84 17.26
N ALA B 939 -30.30 13.48 16.55
CA ALA B 939 -30.34 12.39 15.59
C ALA B 939 -29.05 11.60 15.71
N PRO B 940 -29.03 10.35 15.23
CA PRO B 940 -27.80 9.57 15.26
C PRO B 940 -26.65 10.28 14.55
N GLU B 941 -25.62 10.61 15.32
CA GLU B 941 -24.42 11.31 14.84
C GLU B 941 -24.73 12.70 14.29
N GLY B 942 -25.88 13.29 14.57
CA GLY B 942 -26.19 14.56 13.98
C GLY B 942 -27.44 15.20 14.54
N LEU B 943 -27.99 16.12 13.75
CA LEU B 943 -29.20 16.86 14.09
C LEU B 943 -30.20 16.73 12.95
N VAL B 944 -31.48 16.81 13.29
CA VAL B 944 -32.56 16.82 12.32
C VAL B 944 -33.35 18.11 12.49
N PHE B 945 -33.55 18.84 11.41
CA PHE B 945 -34.27 20.11 11.41
C PHE B 945 -35.67 19.92 10.85
N LEU B 946 -36.64 20.58 11.46
CA LEU B 946 -38.03 20.58 11.00
C LEU B 946 -38.37 22.02 10.64
N HIS B 947 -38.10 22.40 9.40
CA HIS B 947 -38.39 23.74 8.92
C HIS B 947 -39.89 23.93 8.74
N THR B 948 -40.42 25.03 9.23
CA THR B 948 -41.83 25.37 9.07
C THR B 948 -41.90 26.56 8.12
N VAL B 949 -42.59 26.36 6.99
CA VAL B 949 -42.69 27.36 5.94
C VAL B 949 -44.14 27.57 5.56
N LEU B 950 -44.40 28.70 4.93
CA LEU B 950 -45.72 29.06 4.43
C LEU B 950 -45.73 28.94 2.92
N LEU B 951 -46.75 28.27 2.39
CA LEU B 951 -46.89 28.09 0.96
C LEU B 951 -48.23 28.68 0.51
N PRO B 952 -48.26 29.51 -0.52
CA PRO B 952 -49.53 30.07 -0.97
C PRO B 952 -50.41 29.01 -1.61
N THR B 953 -51.71 29.17 -1.42
CA THR B 953 -52.70 28.29 -2.01
C THR B 953 -53.64 28.98 -2.97
N GLN B 954 -53.96 30.25 -2.72
CA GLN B 954 -54.86 31.03 -3.56
C GLN B 954 -54.26 32.41 -3.79
N TYR B 955 -54.64 33.01 -4.91
CA TYR B 955 -54.14 34.32 -5.31
C TYR B 955 -55.33 35.25 -5.55
N LYS B 956 -55.11 36.54 -5.26
CA LYS B 956 -56.11 37.57 -5.47
C LYS B 956 -55.59 38.56 -6.52
N ASP B 957 -56.45 38.89 -7.47
CA ASP B 957 -56.09 39.85 -8.53
C ASP B 957 -56.55 41.24 -8.14
N VAL B 958 -55.67 42.22 -8.34
CA VAL B 958 -55.96 43.62 -8.02
C VAL B 958 -55.52 44.51 -9.17
N GLU B 959 -56.32 45.52 -9.46
CA GLU B 959 -56.04 46.52 -10.50
C GLU B 959 -55.07 47.54 -9.92
N ALA B 960 -53.78 47.30 -10.10
CA ALA B 960 -52.75 48.15 -9.52
C ALA B 960 -52.37 49.32 -10.42
N TRP B 961 -51.85 50.37 -9.78
CA TRP B 961 -51.39 51.58 -10.46
C TRP B 961 -49.98 51.89 -10.00
N SER B 962 -49.21 52.51 -10.90
CA SER B 962 -47.81 52.80 -10.62
C SER B 962 -47.61 53.99 -9.67
N GLY B 963 -48.49 54.98 -9.71
CA GLY B 963 -48.32 56.12 -8.83
C GLY B 963 -49.44 57.13 -9.03
N LEU B 964 -49.27 58.29 -8.42
CA LEU B 964 -50.25 59.36 -8.53
C LEU B 964 -49.64 60.61 -9.16
N CYS B 965 -50.45 61.30 -9.93
CA CYS B 965 -50.10 62.60 -10.49
C CYS B 965 -51.21 63.57 -10.08
N VAL B 966 -50.84 64.62 -9.35
CA VAL B 966 -51.79 65.59 -8.84
C VAL B 966 -51.56 66.92 -9.54
N ASP B 967 -52.63 67.47 -10.12
CA ASP B 967 -52.62 68.74 -10.84
C ASP B 967 -51.68 68.71 -12.05
N GLY B 968 -51.29 67.53 -12.50
CA GLY B 968 -50.39 67.44 -13.63
C GLY B 968 -48.97 67.90 -13.37
N ILE B 969 -48.63 68.29 -12.14
CA ILE B 969 -47.28 68.78 -11.85
C ILE B 969 -46.62 68.09 -10.67
N ASN B 970 -47.34 67.39 -9.81
CA ASN B 970 -46.74 66.68 -8.68
C ASN B 970 -46.92 65.18 -8.85
N GLY B 971 -45.82 64.45 -8.73
CA GLY B 971 -45.82 62.99 -8.85
C GLY B 971 -45.53 62.35 -7.51
N TYR B 972 -46.22 61.25 -7.22
CA TYR B 972 -46.03 60.52 -5.97
C TYR B 972 -45.89 59.02 -6.26
N VAL B 973 -44.87 58.42 -5.65
CA VAL B 973 -44.63 56.98 -5.73
C VAL B 973 -44.77 56.44 -4.31
N LEU B 974 -44.87 55.12 -4.20
CA LEU B 974 -44.97 54.53 -2.87
C LEU B 974 -43.64 54.55 -2.15
N ARG B 975 -43.72 54.73 -0.82
CA ARG B 975 -42.53 54.86 0.01
C ARG B 975 -41.66 53.61 -0.01
N GLN B 976 -42.28 52.43 -0.08
CA GLN B 976 -41.55 51.18 -0.15
C GLN B 976 -41.81 50.50 -1.49
N PRO B 977 -40.77 50.00 -2.16
CA PRO B 977 -41.01 49.33 -3.44
C PRO B 977 -41.80 48.05 -3.31
N ASN B 978 -41.86 47.44 -2.12
CA ASN B 978 -42.61 46.22 -1.90
C ASN B 978 -44.07 46.48 -1.57
N LEU B 979 -44.57 47.68 -1.84
CA LEU B 979 -45.96 48.05 -1.65
C LEU B 979 -46.59 48.33 -3.00
N ALA B 980 -47.90 48.07 -3.12
CA ALA B 980 -48.62 48.30 -4.35
C ALA B 980 -49.94 48.99 -4.09
N LEU B 981 -50.24 50.01 -4.89
CA LEU B 981 -51.47 50.77 -4.80
C LEU B 981 -52.46 50.20 -5.82
N TYR B 982 -53.69 49.94 -5.38
CA TYR B 982 -54.67 49.36 -6.27
C TYR B 982 -56.06 49.91 -5.98
N LYS B 983 -56.96 49.70 -6.94
CA LYS B 983 -58.34 50.18 -6.87
C LYS B 983 -59.29 49.04 -6.59
N GLU B 984 -60.20 49.25 -5.63
CA GLU B 984 -61.22 48.27 -5.29
C GLU B 984 -62.54 49.01 -5.22
N GLY B 985 -63.44 48.71 -6.16
CA GLY B 985 -64.71 49.41 -6.20
C GLY B 985 -64.48 50.87 -6.52
N ASN B 986 -65.09 51.75 -5.72
CA ASN B 986 -64.95 53.18 -5.93
C ASN B 986 -63.78 53.79 -5.17
N TYR B 987 -63.12 53.04 -4.28
CA TYR B 987 -62.04 53.59 -3.49
C TYR B 987 -60.70 52.95 -3.87
N TYR B 988 -59.66 53.30 -3.10
CA TYR B 988 -58.31 52.79 -3.31
C TYR B 988 -57.77 52.19 -2.02
N ARG B 989 -56.86 51.24 -2.18
CA ARG B 989 -56.19 50.59 -1.05
C ARG B 989 -54.74 50.31 -1.42
N ILE B 990 -53.92 50.13 -0.39
CA ILE B 990 -52.50 49.82 -0.53
C ILE B 990 -52.26 48.47 0.11
N THR B 991 -51.51 47.60 -0.56
CA THR B 991 -51.22 46.27 -0.03
C THR B 991 -49.76 45.92 -0.27
N SER B 992 -49.26 45.00 0.55
CA SER B 992 -47.92 44.48 0.34
C SER B 992 -47.94 43.48 -0.80
N ARG B 993 -46.88 43.50 -1.61
CA ARG B 993 -46.77 42.56 -2.72
C ARG B 993 -46.50 41.14 -2.27
N ILE B 994 -45.89 40.97 -1.09
CA ILE B 994 -45.52 39.64 -0.61
C ILE B 994 -46.70 38.92 0.01
N MET B 995 -47.59 39.66 0.67
CA MET B 995 -48.75 39.09 1.35
C MET B 995 -49.87 40.11 1.26
N PHE B 996 -51.09 39.64 1.01
CA PHE B 996 -52.24 40.53 0.88
C PHE B 996 -52.67 41.07 2.23
N GLU B 997 -52.20 42.27 2.53
CA GLU B 997 -52.51 42.99 3.78
C GLU B 997 -53.05 44.36 3.37
N PRO B 998 -54.37 44.50 3.29
CA PRO B 998 -54.93 45.80 2.88
C PRO B 998 -54.67 46.90 3.89
N ARG B 999 -54.47 48.11 3.38
CA ARG B 999 -54.13 49.26 4.18
C ARG B 999 -54.76 50.52 3.58
N ILE B 1000 -55.30 51.37 4.46
CA ILE B 1000 -55.89 52.63 4.02
C ILE B 1000 -54.78 53.60 3.64
N PRO B 1001 -54.80 54.19 2.45
CA PRO B 1001 -53.73 55.11 2.05
C PRO B 1001 -53.68 56.37 2.90
N THR B 1002 -52.49 56.66 3.43
CA THR B 1002 -52.21 57.84 4.22
C THR B 1002 -51.13 58.64 3.49
N ILE B 1003 -51.10 59.95 3.69
CA ILE B 1003 -50.14 60.80 2.97
C ILE B 1003 -48.71 60.38 3.26
N ALA B 1004 -48.46 59.77 4.41
CA ALA B 1004 -47.11 59.31 4.76
C ALA B 1004 -46.67 58.09 3.95
N ASP B 1005 -47.59 57.44 3.24
CA ASP B 1005 -47.25 56.29 2.41
C ASP B 1005 -46.66 56.67 1.07
N PHE B 1006 -46.60 57.95 0.72
CA PHE B 1006 -46.12 58.39 -0.57
C PHE B 1006 -44.82 59.18 -0.46
N VAL B 1007 -44.06 59.15 -1.55
CA VAL B 1007 -42.82 59.89 -1.70
C VAL B 1007 -42.97 60.78 -2.93
N GLN B 1008 -42.73 62.08 -2.77
CA GLN B 1008 -42.84 63.01 -3.88
C GLN B 1008 -41.64 62.97 -4.79
N ILE B 1009 -41.90 63.05 -6.10
CA ILE B 1009 -40.87 63.06 -7.12
C ILE B 1009 -41.07 64.29 -8.01
N GLU B 1010 -40.06 64.58 -8.82
CA GLU B 1010 -40.05 65.81 -9.61
C GLU B 1010 -41.07 65.82 -10.73
N ASN B 1011 -41.25 64.72 -11.45
CA ASN B 1011 -42.14 64.69 -12.60
C ASN B 1011 -43.15 63.56 -12.49
N CYS B 1012 -44.10 63.54 -13.42
CA CYS B 1012 -45.11 62.50 -13.44
C CYS B 1012 -44.87 61.59 -14.64
N ASN B 1013 -45.55 60.45 -14.65
CA ASN B 1013 -45.47 59.53 -15.76
C ASN B 1013 -46.87 59.37 -16.35
N VAL B 1014 -46.95 59.06 -17.64
CA VAL B 1014 -48.23 58.89 -18.32
C VAL B 1014 -49.11 57.81 -17.71
N THR B 1015 -48.54 56.82 -17.04
CA THR B 1015 -49.32 55.72 -16.44
C THR B 1015 -49.82 56.01 -15.03
N PHE B 1016 -49.53 57.18 -14.48
CA PHE B 1016 -49.99 57.56 -13.16
C PHE B 1016 -51.48 57.90 -13.14
N VAL B 1017 -52.08 57.75 -11.96
CA VAL B 1017 -53.54 58.01 -11.75
C VAL B 1017 -53.75 59.53 -11.64
N ASN B 1018 -54.48 60.13 -12.57
CA ASN B 1018 -54.61 61.60 -12.66
C ASN B 1018 -55.74 62.09 -11.76
N ILE B 1019 -55.40 62.79 -10.68
CA ILE B 1019 -56.40 63.48 -9.83
C ILE B 1019 -55.94 64.93 -9.67
N SER B 1020 -56.86 65.75 -9.21
CA SER B 1020 -56.70 67.13 -8.77
C SER B 1020 -56.60 67.18 -7.24
N ARG B 1021 -56.13 68.32 -6.72
CA ARG B 1021 -56.04 68.48 -5.27
C ARG B 1021 -57.41 68.39 -4.61
N SER B 1022 -58.46 68.81 -5.30
CA SER B 1022 -59.80 68.78 -4.76
C SER B 1022 -60.34 67.37 -4.59
N GLU B 1023 -59.93 66.45 -5.46
CA GLU B 1023 -60.40 65.07 -5.41
C GLU B 1023 -59.42 64.10 -4.75
N LEU B 1024 -58.28 64.58 -4.26
CA LEU B 1024 -57.32 63.69 -3.63
C LEU B 1024 -57.87 62.96 -2.41
N GLN B 1025 -58.96 63.48 -1.83
CA GLN B 1025 -59.58 62.80 -0.69
C GLN B 1025 -60.09 61.41 -1.05
N THR B 1026 -60.50 61.20 -2.30
CA THR B 1026 -60.99 59.88 -2.69
C THR B 1026 -59.90 58.83 -2.59
N ILE B 1027 -58.65 59.22 -2.79
CA ILE B 1027 -57.53 58.30 -2.66
C ILE B 1027 -56.99 58.29 -1.24
N VAL B 1028 -56.82 59.46 -0.63
CA VAL B 1028 -56.32 59.57 0.73
C VAL B 1028 -57.42 60.18 1.60
N PRO B 1029 -58.17 59.34 2.33
CA PRO B 1029 -59.29 59.85 3.12
C PRO B 1029 -58.94 60.91 4.15
N GLU B 1030 -57.73 60.87 4.70
CA GLU B 1030 -57.30 61.84 5.70
C GLU B 1030 -56.77 63.14 5.12
N TYR B 1031 -56.69 63.28 3.80
CA TYR B 1031 -56.14 64.51 3.23
C TYR B 1031 -57.15 65.64 3.25
N ILE B 1032 -56.78 66.73 3.94
CA ILE B 1032 -57.55 67.96 3.97
C ILE B 1032 -56.71 69.02 3.29
N ASP B 1033 -57.27 69.70 2.30
CA ASP B 1033 -56.55 70.75 1.58
C ASP B 1033 -56.56 72.00 2.44
N VAL B 1034 -55.50 72.18 3.24
CA VAL B 1034 -55.44 73.36 4.09
C VAL B 1034 -55.41 74.63 3.25
N ASN B 1035 -54.49 74.68 2.29
CA ASN B 1035 -54.50 75.75 1.32
C ASN B 1035 -55.71 75.54 0.40
N LYS B 1036 -56.12 76.60 -0.29
CA LYS B 1036 -57.31 76.63 -1.14
C LYS B 1036 -58.57 76.59 -0.25
N THR B 1037 -58.43 76.18 1.00
CA THR B 1037 -59.57 76.23 1.91
C THR B 1037 -59.56 77.49 2.74
N LEU B 1038 -58.39 77.89 3.24
CA LEU B 1038 -58.30 79.17 3.93
C LEU B 1038 -58.48 80.32 2.95
N GLN B 1039 -57.97 80.16 1.73
CA GLN B 1039 -58.11 81.17 0.70
C GLN B 1039 -59.57 81.34 0.29
N GLU B 1040 -60.35 80.28 0.38
CA GLU B 1040 -61.79 80.33 0.09
C GLU B 1040 -62.62 80.70 1.30
N LEU B 1041 -62.20 80.31 2.50
CA LEU B 1041 -62.92 80.67 3.72
C LEU B 1041 -62.89 82.16 4.01
N SER B 1042 -61.96 82.90 3.41
CA SER B 1042 -61.90 84.34 3.61
C SER B 1042 -63.16 85.06 3.13
N TYR B 1043 -63.88 84.49 2.18
CA TYR B 1043 -65.10 85.10 1.67
C TYR B 1043 -66.32 84.68 2.48
N CYS C 32 5.71 6.40 -53.20
CA CYS C 32 5.58 6.95 -54.54
C CYS C 32 4.16 6.91 -55.13
N VAL C 33 4.05 7.47 -56.34
CA VAL C 33 2.82 7.58 -57.13
C VAL C 33 1.78 8.42 -56.39
N GLY C 34 1.42 9.56 -56.96
CA GLY C 34 0.43 10.46 -56.41
C GLY C 34 0.96 11.58 -55.54
N HIS C 35 0.38 12.78 -55.72
CA HIS C 35 0.65 14.00 -54.96
C HIS C 35 2.09 14.49 -55.10
N SER C 36 2.95 13.71 -55.76
CA SER C 36 4.38 13.97 -55.88
C SER C 36 5.10 13.96 -54.54
N GLU C 37 4.36 13.85 -53.43
CA GLU C 37 4.94 13.91 -52.09
C GLU C 37 4.84 12.61 -51.31
N ASN C 38 4.20 11.57 -51.87
CA ASN C 38 4.26 10.25 -51.24
C ASN C 38 5.71 9.79 -51.16
N VAL C 39 6.57 10.34 -52.00
CA VAL C 39 8.01 10.21 -51.90
C VAL C 39 8.54 11.63 -51.70
N PHE C 40 8.64 12.03 -50.44
CA PHE C 40 9.02 13.36 -49.97
C PHE C 40 10.53 13.58 -49.99
N ALA C 41 10.90 14.85 -49.89
CA ALA C 41 12.29 15.28 -49.80
C ALA C 41 12.75 15.23 -48.35
N VAL C 42 13.75 14.42 -48.06
CA VAL C 42 14.22 14.27 -46.69
C VAL C 42 14.81 15.58 -46.20
N GLU C 43 14.37 16.02 -45.02
CA GLU C 43 14.86 17.26 -44.44
C GLU C 43 16.26 17.07 -43.86
N SER C 44 16.92 18.18 -43.58
CA SER C 44 18.28 18.14 -43.05
C SER C 44 18.34 17.40 -41.72
N GLY C 45 19.29 16.48 -41.62
CA GLY C 45 19.45 15.65 -40.45
C GLY C 45 18.73 14.32 -40.52
N GLY C 46 17.90 14.10 -41.53
CA GLY C 46 17.21 12.85 -41.71
C GLY C 46 15.80 12.80 -41.16
N TYR C 47 15.20 13.94 -40.87
CA TYR C 47 13.84 13.98 -40.37
C TYR C 47 12.83 13.89 -41.50
N ILE C 48 11.62 13.46 -41.16
CA ILE C 48 10.52 13.33 -42.12
C ILE C 48 9.60 14.55 -41.96
N PRO C 49 9.15 15.15 -43.06
CA PRO C 49 8.29 16.34 -42.95
C PRO C 49 7.08 16.09 -42.08
N SER C 50 6.72 17.13 -41.31
CA SER C 50 5.63 17.05 -40.35
C SER C 50 4.25 16.88 -40.98
N ASN C 51 4.10 17.07 -42.28
CA ASN C 51 2.83 16.86 -42.95
C ASN C 51 2.77 15.60 -43.80
N PHE C 52 3.73 14.70 -43.66
CA PHE C 52 3.72 13.46 -44.41
C PHE C 52 2.57 12.56 -43.97
N ALA C 53 1.88 11.96 -44.94
CA ALA C 53 0.72 11.11 -44.65
C ALA C 53 1.08 9.73 -44.11
N PHE C 54 2.35 9.33 -44.17
CA PHE C 54 2.80 8.02 -43.67
C PHE C 54 2.02 6.85 -44.25
N ASN C 55 1.60 6.95 -45.51
CA ASN C 55 0.85 5.86 -46.11
C ASN C 55 1.76 4.66 -46.37
N ASN C 56 1.33 3.49 -45.89
CA ASN C 56 2.09 2.25 -45.95
C ASN C 56 3.37 2.27 -45.13
N TRP C 57 3.53 3.23 -44.23
CA TRP C 57 4.64 3.26 -43.30
C TRP C 57 4.11 2.66 -42.00
N PHE C 58 4.70 1.56 -41.56
CA PHE C 58 4.16 0.83 -40.43
C PHE C 58 4.96 1.01 -39.15
N LEU C 59 4.22 0.95 -38.04
CA LEU C 59 4.78 0.96 -36.70
C LEU C 59 5.26 -0.46 -36.44
N LEU C 60 6.57 -0.65 -36.38
CA LEU C 60 7.14 -1.98 -36.20
C LEU C 60 6.96 -2.43 -34.77
N THR C 61 6.74 -3.74 -34.62
CA THR C 61 6.52 -4.35 -33.28
C THR C 61 6.99 -5.80 -33.28
N ASN C 62 7.46 -6.30 -32.14
CA ASN C 62 7.90 -7.71 -32.03
C ASN C 62 6.76 -8.56 -31.47
N THR C 63 5.85 -7.96 -30.70
CA THR C 63 4.76 -8.73 -30.06
C THR C 63 3.39 -8.20 -30.48
N SER C 64 2.72 -7.43 -29.61
CA SER C 64 1.34 -6.94 -29.90
C SER C 64 1.38 -5.67 -30.75
N SER C 65 0.22 -5.21 -31.20
CA SER C 65 0.14 -4.00 -32.06
C SER C 65 -0.88 -3.03 -31.47
N VAL C 66 -0.47 -1.79 -31.24
CA VAL C 66 -1.38 -0.78 -30.68
C VAL C 66 -2.44 -0.43 -31.71
N VAL C 67 -3.68 -0.26 -31.25
CA VAL C 67 -4.77 0.10 -32.16
C VAL C 67 -4.90 1.63 -32.22
N ASP C 68 -5.20 2.25 -31.08
CA ASP C 68 -5.30 3.70 -30.96
C ASP C 68 -4.54 4.15 -29.73
N GLY C 69 -3.93 5.34 -29.83
CA GLY C 69 -3.21 5.88 -28.69
C GLY C 69 -1.95 6.62 -29.04
N VAL C 70 -1.22 7.05 -28.01
CA VAL C 70 0.05 7.75 -28.16
C VAL C 70 1.10 6.90 -27.48
N VAL C 71 2.16 6.55 -28.20
CA VAL C 71 3.20 5.67 -27.68
C VAL C 71 4.58 6.21 -28.05
N ARG C 72 5.51 6.06 -27.13
CA ARG C 72 6.91 6.44 -27.32
C ARG C 72 7.73 5.17 -27.51
N SER C 73 8.52 5.13 -28.58
CA SER C 73 9.32 3.94 -28.85
C SER C 73 10.46 4.29 -29.79
N PHE C 74 11.45 3.41 -29.83
CA PHE C 74 12.57 3.54 -30.76
C PHE C 74 12.15 2.92 -32.08
N GLN C 75 12.06 3.73 -33.12
CA GLN C 75 11.66 3.25 -34.42
C GLN C 75 12.64 3.70 -35.48
N PRO C 76 12.83 2.91 -36.54
CA PRO C 76 13.73 3.27 -37.64
C PRO C 76 13.06 4.28 -38.58
N LEU C 77 13.08 5.53 -38.14
CA LEU C 77 12.46 6.63 -38.87
C LEU C 77 13.43 7.75 -39.18
N LEU C 78 14.69 7.65 -38.79
CA LEU C 78 15.71 8.65 -39.14
C LEU C 78 16.32 8.19 -40.46
N LEU C 79 15.79 8.71 -41.56
CA LEU C 79 16.19 8.30 -42.90
C LEU C 79 17.54 8.86 -43.29
N ASN C 80 18.47 7.98 -43.68
CA ASN C 80 19.74 8.48 -44.20
C ASN C 80 19.53 9.08 -45.58
N CYS C 81 18.80 8.39 -46.45
CA CYS C 81 18.32 8.99 -47.70
C CYS C 81 17.31 8.04 -48.31
N LEU C 82 16.33 8.62 -49.00
CA LEU C 82 15.22 7.89 -49.59
C LEU C 82 15.13 8.21 -51.08
N TRP C 83 14.97 7.16 -51.90
CA TRP C 83 14.82 7.34 -53.33
C TRP C 83 13.62 6.55 -53.84
N SER C 84 13.11 7.00 -54.97
CA SER C 84 11.99 6.37 -55.64
C SER C 84 12.46 5.26 -56.58
N VAL C 85 11.58 4.30 -56.82
CA VAL C 85 11.84 3.18 -57.72
C VAL C 85 10.94 3.24 -58.94
N SER C 86 9.64 3.42 -58.73
CA SER C 86 8.72 3.56 -59.85
C SER C 86 8.99 4.86 -60.58
N GLY C 87 9.09 4.78 -61.91
CA GLY C 87 9.36 5.94 -62.72
C GLY C 87 10.80 6.40 -62.72
N SER C 88 11.70 5.65 -62.12
CA SER C 88 13.12 6.02 -62.08
C SER C 88 13.95 5.26 -63.11
N GLN C 89 13.50 4.07 -63.51
CA GLN C 89 14.18 3.23 -64.49
C GLN C 89 15.58 2.77 -64.08
N PHE C 90 16.01 3.09 -62.86
CA PHE C 90 17.33 2.67 -62.42
C PHE C 90 17.36 1.23 -61.93
N THR C 91 16.20 0.66 -61.60
CA THR C 91 15.95 -0.70 -61.12
C THR C 91 16.55 -1.00 -59.74
N THR C 92 17.42 -0.12 -59.23
CA THR C 92 18.01 -0.20 -57.90
C THR C 92 19.01 -1.34 -57.68
N GLY C 93 19.02 -2.35 -58.54
CA GLY C 93 19.95 -3.46 -58.37
C GLY C 93 19.93 -4.04 -56.97
N PHE C 94 21.12 -4.19 -56.38
CA PHE C 94 21.30 -4.62 -55.01
C PHE C 94 21.45 -3.40 -54.10
N VAL C 95 21.11 -3.59 -52.82
CA VAL C 95 21.24 -2.54 -51.82
C VAL C 95 22.01 -3.08 -50.63
N TYR C 96 23.03 -2.34 -50.18
CA TYR C 96 23.83 -2.71 -49.03
C TYR C 96 23.47 -1.83 -47.85
N PHE C 97 23.88 -2.26 -46.66
CA PHE C 97 23.60 -1.45 -45.48
C PHE C 97 24.47 -0.21 -45.44
N ASN C 98 25.65 -0.25 -46.06
CA ASN C 98 26.38 0.99 -46.22
C ASN C 98 25.81 1.69 -47.46
N GLY C 99 26.34 2.85 -47.82
CA GLY C 99 25.78 3.58 -48.96
C GLY C 99 25.85 2.87 -50.31
N THR C 100 26.60 1.79 -50.43
CA THR C 100 26.75 1.11 -51.71
C THR C 100 25.41 0.61 -52.23
N GLY C 101 25.15 0.84 -53.51
CA GLY C 101 23.92 0.43 -54.13
C GLY C 101 22.76 1.39 -54.01
N ARG C 102 22.93 2.50 -53.31
CA ARG C 102 21.85 3.46 -53.16
C ARG C 102 21.54 4.12 -54.49
N GLY C 103 20.27 4.51 -54.66
CA GLY C 103 19.83 5.22 -55.84
C GLY C 103 20.01 6.70 -55.70
N ALA C 104 19.48 7.45 -56.67
CA ALA C 104 19.51 8.90 -56.63
C ALA C 104 18.44 9.35 -55.63
N CYS C 105 18.81 9.31 -54.35
CA CYS C 105 17.89 9.68 -53.30
C CYS C 105 17.69 11.20 -53.26
N LYS C 106 16.46 11.61 -52.98
CA LYS C 106 16.05 13.00 -53.03
C LYS C 106 16.09 13.68 -51.67
N GLY C 107 16.60 14.90 -51.66
CA GLY C 107 16.71 15.69 -50.45
C GLY C 107 18.00 15.46 -49.69
N PHE C 108 17.95 15.62 -48.38
CA PHE C 108 19.14 15.40 -47.57
C PHE C 108 19.56 13.94 -47.66
N TYR C 109 20.87 13.71 -47.59
CA TYR C 109 21.40 12.36 -47.63
C TYR C 109 22.64 12.30 -46.75
N SER C 110 22.98 11.09 -46.32
CA SER C 110 24.13 10.88 -45.46
C SER C 110 24.95 9.71 -45.96
N ASN C 111 26.22 9.72 -45.60
CA ASN C 111 27.17 8.67 -45.94
C ASN C 111 27.40 7.70 -44.79
N ALA C 112 26.69 7.86 -43.68
CA ALA C 112 26.85 6.96 -42.55
C ALA C 112 26.20 5.61 -42.81
N SER C 113 26.53 4.66 -41.95
CA SER C 113 25.97 3.31 -42.02
C SER C 113 24.57 3.26 -41.45
N SER C 114 23.69 2.53 -42.13
CA SER C 114 22.33 2.33 -41.69
C SER C 114 22.18 0.96 -41.03
N ASP C 115 21.03 0.77 -40.37
CA ASP C 115 20.74 -0.51 -39.74
C ASP C 115 19.39 -1.08 -40.15
N VAL C 116 18.61 -0.38 -40.97
CA VAL C 116 17.32 -0.85 -41.45
C VAL C 116 17.13 -0.43 -42.89
N ILE C 117 16.61 -1.35 -43.71
CA ILE C 117 16.25 -1.08 -45.09
C ILE C 117 14.74 -1.25 -45.21
N ARG C 118 14.06 -0.22 -45.68
CA ARG C 118 12.60 -0.23 -45.83
C ARG C 118 12.22 -0.28 -47.31
N TYR C 119 11.28 -1.16 -47.64
CA TYR C 119 10.77 -1.35 -48.99
C TYR C 119 9.27 -1.11 -49.01
N ASN C 120 8.84 -0.05 -49.62
CA ASN C 120 7.45 0.27 -49.69
C ASN C 120 6.58 -0.24 -50.84
N ILE C 121 6.24 -1.53 -50.88
CA ILE C 121 5.45 -2.10 -51.99
C ILE C 121 4.05 -1.55 -52.17
N ASN C 122 3.55 -1.59 -53.40
CA ASN C 122 2.20 -1.07 -53.72
C ASN C 122 0.87 -1.81 -53.35
N PHE C 123 -0.10 -0.97 -52.98
CA PHE C 123 -1.44 -1.26 -52.49
C PHE C 123 -1.82 -2.69 -52.87
N GLU C 124 -1.90 -3.56 -51.86
CA GLU C 124 -2.33 -4.96 -52.01
C GLU C 124 -1.50 -5.76 -53.02
N GLU C 125 -0.20 -5.50 -53.07
CA GLU C 125 0.66 -6.27 -53.96
C GLU C 125 1.20 -7.47 -53.19
N ASN C 126 1.34 -8.61 -53.88
CA ASN C 126 1.86 -9.83 -53.28
C ASN C 126 3.18 -10.25 -53.91
N LEU C 127 4.16 -10.57 -53.05
CA LEU C 127 5.50 -11.01 -53.42
C LEU C 127 5.55 -12.51 -53.73
N ARG C 128 4.40 -13.10 -54.02
CA ARG C 128 4.25 -14.54 -54.21
C ARG C 128 4.95 -15.06 -55.46
N ARG C 129 5.34 -14.18 -56.38
CA ARG C 129 5.87 -14.59 -57.68
C ARG C 129 7.32 -14.17 -57.89
N GLY C 130 8.15 -14.31 -56.88
CA GLY C 130 9.54 -13.87 -57.01
C GLY C 130 10.39 -14.38 -55.85
N THR C 131 11.59 -13.82 -55.75
CA THR C 131 12.53 -14.17 -54.70
C THR C 131 13.08 -12.92 -54.04
N ILE C 132 13.73 -13.10 -52.90
CA ILE C 132 14.44 -12.05 -52.18
C ILE C 132 15.85 -12.55 -51.92
N LEU C 133 16.83 -11.91 -52.55
CA LEU C 133 18.22 -12.31 -52.43
C LEU C 133 18.91 -11.61 -51.28
N PHE C 134 19.87 -12.30 -50.67
CA PHE C 134 20.63 -11.77 -49.54
C PHE C 134 22.10 -12.10 -49.71
N LYS C 135 22.95 -11.25 -49.16
CA LYS C 135 24.39 -11.44 -49.14
C LYS C 135 24.87 -11.38 -47.70
N THR C 136 25.59 -12.41 -47.28
CA THR C 136 26.11 -12.48 -45.93
C THR C 136 27.61 -12.72 -46.00
N SER C 137 28.23 -12.85 -44.82
CA SER C 137 29.65 -13.13 -44.76
C SER C 137 29.96 -14.58 -45.10
N TYR C 138 29.04 -15.49 -44.83
CA TYR C 138 29.24 -16.91 -45.12
C TYR C 138 28.79 -17.33 -46.52
N GLY C 139 28.22 -16.44 -47.30
CA GLY C 139 27.77 -16.82 -48.63
C GLY C 139 26.53 -16.05 -49.03
N ALA C 140 25.74 -16.68 -49.89
CA ALA C 140 24.49 -16.13 -50.39
C ALA C 140 23.30 -16.90 -49.86
N VAL C 141 22.21 -16.18 -49.61
CA VAL C 141 20.97 -16.72 -49.08
C VAL C 141 19.82 -16.16 -49.90
N VAL C 142 18.84 -16.99 -50.22
CA VAL C 142 17.67 -16.56 -50.97
C VAL C 142 16.40 -17.03 -50.27
N PHE C 143 15.45 -16.12 -50.13
CA PHE C 143 14.14 -16.38 -49.52
C PHE C 143 13.10 -16.43 -50.62
N TYR C 144 12.28 -17.48 -50.64
CA TYR C 144 11.27 -17.63 -51.68
C TYR C 144 10.04 -18.29 -51.10
N CYS C 145 8.90 -18.05 -51.76
CA CYS C 145 7.63 -18.63 -51.36
C CYS C 145 7.07 -19.38 -52.58
N THR C 146 6.59 -20.60 -52.36
CA THR C 146 6.20 -21.44 -53.48
C THR C 146 4.99 -22.33 -53.16
N ASN C 147 4.46 -22.93 -54.23
CA ASN C 147 3.29 -23.79 -54.24
C ASN C 147 3.60 -25.18 -54.79
N ASN C 148 4.68 -25.35 -55.53
CA ASN C 148 5.00 -26.64 -56.13
C ASN C 148 6.11 -27.27 -55.30
N THR C 149 5.88 -28.51 -54.87
CA THR C 149 6.86 -29.20 -54.05
C THR C 149 8.14 -29.49 -54.81
N LEU C 150 8.10 -29.38 -56.14
CA LEU C 150 9.28 -29.58 -56.95
C LEU C 150 10.21 -28.38 -56.95
N VAL C 151 9.79 -27.27 -56.35
CA VAL C 151 10.59 -26.05 -56.31
C VAL C 151 11.35 -25.90 -55.01
N SER C 152 10.81 -26.45 -53.92
CA SER C 152 11.48 -26.35 -52.63
C SER C 152 12.49 -27.47 -52.40
N GLY C 153 12.50 -28.50 -53.24
CA GLY C 153 13.41 -29.61 -53.03
C GLY C 153 13.08 -30.39 -51.78
N ASP C 154 13.93 -30.27 -50.77
CA ASP C 154 13.70 -30.90 -49.49
C ASP C 154 13.04 -29.94 -48.51
N ALA C 155 12.06 -30.45 -47.77
CA ALA C 155 11.33 -29.70 -46.77
C ALA C 155 11.19 -30.63 -45.57
N HIS C 156 11.79 -30.26 -44.45
CA HIS C 156 11.81 -31.15 -43.29
C HIS C 156 10.45 -31.12 -42.60
N ILE C 157 9.69 -32.19 -42.81
CA ILE C 157 8.36 -32.49 -42.25
C ILE C 157 7.41 -31.31 -42.02
N PRO C 158 7.01 -30.59 -43.09
CA PRO C 158 6.03 -29.51 -42.91
C PRO C 158 4.64 -30.09 -42.70
N SER C 159 4.32 -30.46 -41.46
CA SER C 159 3.07 -31.10 -41.09
C SER C 159 1.99 -30.09 -40.71
N GLY C 160 0.74 -30.58 -40.72
CA GLY C 160 -0.41 -29.76 -40.33
C GLY C 160 -0.73 -28.66 -41.30
N THR C 161 -0.07 -28.67 -42.46
CA THR C 161 -0.22 -27.68 -43.50
C THR C 161 -1.40 -27.98 -44.41
N VAL C 162 -1.94 -26.91 -45.01
CA VAL C 162 -2.98 -27.03 -46.03
C VAL C 162 -2.22 -27.13 -47.35
N LEU C 163 -2.25 -28.30 -47.96
CA LEU C 163 -1.45 -28.55 -49.16
C LEU C 163 -1.89 -27.73 -50.38
N GLY C 164 -3.00 -27.00 -50.30
CA GLY C 164 -3.45 -26.20 -51.42
C GLY C 164 -2.92 -24.78 -51.54
N ASN C 165 -2.15 -24.27 -50.59
CA ASN C 165 -1.67 -22.90 -50.66
C ASN C 165 -0.16 -22.81 -50.44
N PHE C 166 0.37 -21.64 -50.80
CA PHE C 166 1.82 -21.36 -50.79
C PHE C 166 2.41 -21.21 -49.40
N TYR C 167 3.67 -21.66 -49.27
CA TYR C 167 4.49 -21.53 -48.08
C TYR C 167 5.88 -21.11 -48.54
N CYS C 168 6.59 -20.42 -47.66
CA CYS C 168 7.92 -19.92 -47.96
C CYS C 168 9.03 -20.73 -47.30
N PHE C 169 10.18 -20.78 -47.96
CA PHE C 169 11.35 -21.52 -47.49
C PHE C 169 12.59 -20.63 -47.62
N VAL C 170 13.77 -21.18 -47.35
CA VAL C 170 15.02 -20.45 -47.49
C VAL C 170 16.09 -21.38 -48.05
N ASN C 171 16.85 -20.90 -49.02
CA ASN C 171 17.96 -21.63 -49.63
C ASN C 171 19.26 -20.95 -49.22
N THR C 172 20.09 -21.66 -48.46
CA THR C 172 21.37 -21.14 -47.97
C THR C 172 22.52 -21.88 -48.65
N THR C 173 23.47 -21.13 -49.18
CA THR C 173 24.64 -21.71 -49.85
C THR C 173 25.88 -21.37 -49.01
N ILE C 174 26.36 -22.35 -48.25
CA ILE C 174 27.55 -22.18 -47.44
C ILE C 174 28.71 -22.52 -48.36
N GLY C 175 29.15 -21.52 -49.12
CA GLY C 175 30.15 -21.83 -50.12
C GLY C 175 29.57 -22.77 -51.16
N ASN C 176 30.17 -23.95 -51.26
CA ASN C 176 29.72 -25.01 -52.16
C ASN C 176 28.77 -25.97 -51.46
N GLU C 177 27.68 -25.43 -50.89
CA GLU C 177 26.75 -26.29 -50.17
C GLU C 177 25.36 -25.66 -50.13
N THR C 178 24.49 -26.06 -51.06
CA THR C 178 23.13 -25.55 -51.08
C THR C 178 22.27 -26.35 -50.09
N THR C 179 21.62 -25.65 -49.17
CA THR C 179 20.77 -26.27 -48.15
C THR C 179 19.44 -25.53 -48.08
N SER C 180 18.35 -26.28 -48.07
CA SER C 180 17.01 -25.72 -47.97
C SER C 180 16.46 -25.89 -46.56
N ALA C 181 15.54 -25.00 -46.18
CA ALA C 181 14.90 -25.07 -44.88
C ALA C 181 13.57 -24.32 -44.91
N PHE C 182 12.54 -24.92 -44.33
CA PHE C 182 11.24 -24.28 -44.22
C PHE C 182 11.30 -23.14 -43.20
N VAL C 183 10.70 -22.00 -43.53
CA VAL C 183 10.69 -20.87 -42.62
C VAL C 183 9.30 -20.46 -42.17
N GLY C 184 8.28 -20.73 -42.98
CA GLY C 184 6.93 -20.39 -42.57
C GLY C 184 5.99 -19.93 -43.68
N ALA C 185 5.09 -19.01 -43.35
CA ALA C 185 4.16 -18.45 -44.33
C ALA C 185 4.10 -16.93 -44.21
N LEU C 186 3.78 -16.29 -45.34
CA LEU C 186 3.59 -14.85 -45.44
C LEU C 186 2.14 -14.55 -45.81
N PRO C 187 1.62 -13.39 -45.44
CA PRO C 187 0.24 -13.05 -45.77
C PRO C 187 -0.03 -13.04 -47.26
N LYS C 188 -1.33 -12.96 -47.58
CA LYS C 188 -1.78 -12.86 -48.97
C LYS C 188 -1.20 -11.64 -49.68
N THR C 189 -1.17 -10.49 -49.00
CA THR C 189 -0.65 -9.26 -49.55
C THR C 189 0.31 -8.61 -48.58
N VAL C 190 1.36 -7.99 -49.11
CA VAL C 190 2.38 -7.31 -48.32
C VAL C 190 2.39 -5.84 -48.72
N ARG C 191 2.22 -4.97 -47.73
CA ARG C 191 2.19 -3.53 -47.97
C ARG C 191 3.58 -2.91 -47.83
N GLU C 192 4.37 -3.40 -46.88
CA GLU C 192 5.72 -2.91 -46.66
C GLU C 192 6.57 -4.04 -46.10
N PHE C 193 7.80 -4.13 -46.61
CA PHE C 193 8.79 -5.09 -46.16
C PHE C 193 10.01 -4.37 -45.62
N VAL C 194 10.44 -4.73 -44.41
CA VAL C 194 11.59 -4.12 -43.75
C VAL C 194 12.53 -5.22 -43.28
N ILE C 195 13.82 -5.03 -43.53
CA ILE C 195 14.86 -5.97 -43.15
C ILE C 195 15.92 -5.23 -42.35
N SER C 196 16.31 -5.78 -41.22
CA SER C 196 17.34 -5.20 -40.36
C SER C 196 18.70 -5.82 -40.64
N ARG C 197 19.75 -5.08 -40.26
CA ARG C 197 21.10 -5.58 -40.45
C ARG C 197 21.37 -6.82 -39.62
N THR C 198 20.65 -6.98 -38.51
CA THR C 198 20.78 -8.17 -37.68
C THR C 198 19.84 -9.28 -38.12
N GLY C 199 19.26 -9.16 -39.32
CA GLY C 199 18.41 -10.18 -39.90
C GLY C 199 16.96 -10.16 -39.49
N HIS C 200 16.52 -9.17 -38.73
CA HIS C 200 15.11 -9.12 -38.34
C HIS C 200 14.27 -8.86 -39.58
N PHE C 201 13.32 -9.75 -39.83
CA PHE C 201 12.47 -9.72 -41.02
C PHE C 201 11.09 -9.24 -40.62
N TYR C 202 10.72 -8.05 -41.06
CA TYR C 202 9.44 -7.44 -40.75
C TYR C 202 8.55 -7.37 -41.99
N ILE C 203 7.30 -7.79 -41.83
CA ILE C 203 6.30 -7.72 -42.88
C ILE C 203 5.06 -7.07 -42.27
N ASN C 204 4.54 -6.03 -42.93
CA ASN C 204 3.36 -5.33 -42.46
C ASN C 204 3.50 -4.87 -41.00
N GLY C 205 4.73 -4.55 -40.60
CA GLY C 205 5.00 -4.11 -39.26
C GLY C 205 5.21 -5.18 -38.21
N TYR C 206 5.20 -6.46 -38.60
CA TYR C 206 5.37 -7.55 -37.61
C TYR C 206 6.59 -8.40 -37.96
N ARG C 207 7.42 -8.72 -36.96
CA ARG C 207 8.61 -9.54 -37.18
C ARG C 207 8.21 -11.01 -37.30
N TYR C 208 8.48 -11.60 -38.46
CA TYR C 208 8.15 -13.01 -38.68
C TYR C 208 9.34 -13.94 -38.51
N PHE C 209 10.52 -13.56 -38.96
CA PHE C 209 11.69 -14.44 -38.90
C PHE C 209 12.88 -13.71 -38.29
N SER C 210 14.03 -14.40 -38.31
CA SER C 210 15.31 -13.86 -37.87
C SER C 210 16.38 -14.61 -38.66
N LEU C 211 16.84 -14.00 -39.76
CA LEU C 211 17.76 -14.65 -40.68
C LEU C 211 19.22 -14.53 -40.28
N GLY C 212 19.56 -13.82 -39.21
CA GLY C 212 20.96 -13.60 -38.88
C GLY C 212 21.53 -12.39 -39.60
N ASP C 213 22.79 -12.10 -39.31
CA ASP C 213 23.45 -10.94 -39.88
C ASP C 213 23.39 -10.95 -41.40
N VAL C 214 22.98 -9.82 -41.97
CA VAL C 214 22.84 -9.66 -43.41
C VAL C 214 23.55 -8.38 -43.84
N GLU C 215 24.32 -8.46 -44.92
CA GLU C 215 25.03 -7.29 -45.43
C GLU C 215 24.37 -6.63 -46.63
N ALA C 216 23.54 -7.35 -47.39
CA ALA C 216 22.88 -6.75 -48.54
C ALA C 216 21.63 -7.55 -48.87
N VAL C 217 20.67 -6.88 -49.51
CA VAL C 217 19.40 -7.49 -49.90
C VAL C 217 19.08 -7.08 -51.33
N ASN C 218 18.23 -7.88 -51.97
CA ASN C 218 17.73 -7.56 -53.30
C ASN C 218 16.30 -8.05 -53.44
N PHE C 219 15.42 -7.15 -53.90
CA PHE C 219 14.01 -7.46 -54.11
C PHE C 219 13.77 -7.89 -55.56
N ASN C 220 14.47 -8.94 -55.97
CA ASN C 220 14.36 -9.48 -57.33
C ASN C 220 13.04 -10.24 -57.45
N VAL C 221 12.00 -9.53 -57.85
CA VAL C 221 10.68 -10.09 -58.06
C VAL C 221 10.17 -9.61 -59.40
N THR C 222 9.44 -10.48 -60.11
CA THR C 222 8.87 -10.08 -61.39
C THR C 222 7.93 -8.88 -61.19
N ASN C 223 7.63 -8.20 -62.29
CA ASN C 223 6.83 -6.96 -62.33
C ASN C 223 7.50 -5.90 -61.46
N ALA C 224 8.83 -5.88 -61.49
CA ALA C 224 9.68 -4.92 -60.80
C ALA C 224 9.47 -3.52 -61.38
N ALA C 225 9.99 -2.52 -60.67
CA ALA C 225 9.82 -1.11 -61.04
C ALA C 225 8.37 -0.67 -60.92
N THR C 226 7.47 -1.59 -60.60
CA THR C 226 6.08 -1.26 -60.37
C THR C 226 5.64 -1.92 -59.07
N THR C 227 6.29 -3.02 -58.71
CA THR C 227 6.02 -3.69 -57.45
C THR C 227 6.69 -3.02 -56.27
N VAL C 228 7.66 -2.14 -56.51
CA VAL C 228 8.35 -1.42 -55.45
C VAL C 228 8.13 0.06 -55.70
N CYS C 229 7.66 0.76 -54.68
CA CYS C 229 7.38 2.18 -54.80
C CYS C 229 8.58 3.01 -54.37
N THR C 230 9.04 2.83 -53.13
CA THR C 230 10.17 3.59 -52.59
C THR C 230 11.04 2.69 -51.72
N VAL C 231 12.34 3.01 -51.65
CA VAL C 231 13.30 2.30 -50.81
C VAL C 231 14.05 3.33 -49.98
N ALA C 232 14.17 3.08 -48.68
CA ALA C 232 14.85 4.00 -47.78
C ALA C 232 15.72 3.28 -46.76
N LEU C 233 16.92 3.81 -46.55
CA LEU C 233 17.80 3.35 -45.48
C LEU C 233 17.50 4.19 -44.25
N ALA C 234 17.26 3.54 -43.12
CA ALA C 234 16.87 4.24 -41.89
C ALA C 234 17.72 3.82 -40.71
N SER C 235 17.66 4.63 -39.67
CA SER C 235 18.33 4.40 -38.39
C SER C 235 17.35 4.58 -37.25
N TYR C 236 17.64 3.92 -36.13
CA TYR C 236 16.81 4.03 -34.94
C TYR C 236 16.82 5.44 -34.37
N ALA C 237 15.65 5.89 -33.93
CA ALA C 237 15.51 7.20 -33.29
C ALA C 237 14.38 7.17 -32.29
N ASP C 238 14.49 8.01 -31.26
CA ASP C 238 13.46 8.13 -30.24
C ASP C 238 12.34 9.03 -30.74
N VAL C 239 11.14 8.46 -30.91
CA VAL C 239 10.01 9.18 -31.46
C VAL C 239 8.74 8.94 -30.64
N LEU C 240 7.81 9.89 -30.77
CA LEU C 240 6.48 9.82 -30.19
C LEU C 240 5.50 9.69 -31.35
N VAL C 241 4.65 8.67 -31.31
CA VAL C 241 3.76 8.35 -32.42
C VAL C 241 2.30 8.46 -32.02
N ASN C 242 1.52 9.08 -32.90
CA ASN C 242 0.06 9.23 -32.82
C ASN C 242 -0.51 8.18 -33.77
N VAL C 243 -0.96 7.04 -33.20
CA VAL C 243 -1.48 5.93 -33.99
C VAL C 243 -3.00 5.88 -33.93
N SER C 244 -3.61 5.65 -35.09
CA SER C 244 -5.05 5.52 -35.24
C SER C 244 -5.33 4.34 -36.16
N GLN C 245 -6.17 3.41 -35.70
CA GLN C 245 -6.49 2.20 -36.46
C GLN C 245 -5.22 1.45 -36.87
N THR C 246 -4.31 1.31 -35.91
CA THR C 246 -2.99 0.68 -36.06
C THR C 246 -2.13 1.35 -37.12
N ALA C 247 -2.44 2.58 -37.52
CA ALA C 247 -1.68 3.26 -38.56
C ALA C 247 -1.04 4.52 -38.01
N ILE C 248 0.19 4.80 -38.45
CA ILE C 248 0.89 6.00 -38.03
C ILE C 248 0.26 7.22 -38.68
N ALA C 249 -0.08 8.23 -37.88
CA ALA C 249 -0.64 9.46 -38.43
C ALA C 249 0.31 10.63 -38.37
N ASN C 250 1.01 10.84 -37.25
CA ASN C 250 2.02 11.89 -37.16
C ASN C 250 3.05 11.49 -36.11
N ILE C 251 4.25 12.04 -36.24
CA ILE C 251 5.35 11.76 -35.32
C ILE C 251 6.10 13.04 -35.00
N ILE C 252 6.83 13.02 -33.89
CA ILE C 252 7.76 14.07 -33.50
C ILE C 252 9.02 13.42 -32.98
N TYR C 253 10.17 14.02 -33.27
CA TYR C 253 11.46 13.51 -32.83
C TYR C 253 11.84 14.11 -31.48
N CYS C 254 12.31 13.28 -30.57
CA CYS C 254 12.69 13.73 -29.22
C CYS C 254 14.14 14.22 -29.23
N ASN C 255 14.36 15.33 -29.94
CA ASN C 255 15.70 15.88 -30.11
C ASN C 255 15.91 17.23 -29.44
N SER C 256 14.94 18.14 -29.51
CA SER C 256 15.05 19.46 -28.92
C SER C 256 14.63 19.46 -27.46
N VAL C 257 14.74 20.63 -26.83
CA VAL C 257 14.37 20.77 -25.42
C VAL C 257 12.86 20.62 -25.25
N ILE C 258 12.10 21.31 -26.08
CA ILE C 258 10.64 21.25 -25.98
C ILE C 258 10.13 19.87 -26.38
N ASN C 259 10.75 19.26 -27.40
CA ASN C 259 10.32 17.94 -27.84
C ASN C 259 10.60 16.88 -26.78
N ARG C 260 11.75 16.96 -26.11
CA ARG C 260 12.05 16.00 -25.06
C ARG C 260 11.01 16.08 -23.95
N LEU C 261 10.59 17.29 -23.60
CA LEU C 261 9.55 17.45 -22.58
C LEU C 261 8.24 16.83 -23.03
N ARG C 262 7.89 16.98 -24.31
CA ARG C 262 6.70 16.36 -24.84
C ARG C 262 6.79 14.84 -24.79
N CYS C 263 7.93 14.28 -25.17
CA CYS C 263 8.11 12.83 -25.15
C CYS C 263 8.04 12.29 -23.73
N ASP C 264 8.63 13.01 -22.77
CA ASP C 264 8.57 12.58 -21.38
C ASP C 264 7.16 12.70 -20.83
N GLN C 265 6.44 13.76 -21.20
CA GLN C 265 5.06 13.93 -20.77
C GLN C 265 4.09 13.04 -21.55
N LEU C 266 4.57 12.32 -22.56
CA LEU C 266 3.75 11.42 -23.37
C LEU C 266 2.53 12.12 -23.97
N SER C 267 2.72 13.36 -24.42
CA SER C 267 1.63 14.11 -25.01
C SER C 267 2.18 15.04 -26.08
N PHE C 268 1.37 15.29 -27.11
CA PHE C 268 1.78 16.21 -28.15
C PHE C 268 1.58 17.67 -27.77
N ASP C 269 0.72 17.93 -26.79
CA ASP C 269 0.44 19.28 -26.32
C ASP C 269 0.78 19.35 -24.84
N VAL C 270 1.53 20.38 -24.46
CA VAL C 270 1.97 20.55 -23.07
C VAL C 270 1.23 21.75 -22.46
N PRO C 271 0.43 21.54 -21.43
CA PRO C 271 -0.25 22.68 -20.80
C PRO C 271 0.76 23.64 -20.19
N ASP C 272 0.40 24.92 -20.19
CA ASP C 272 1.27 25.95 -19.65
C ASP C 272 1.53 25.72 -18.16
N GLY C 273 2.77 25.94 -17.74
CA GLY C 273 3.11 25.72 -16.34
C GLY C 273 4.62 25.55 -16.17
N PHE C 274 4.98 25.01 -15.01
CA PHE C 274 6.37 24.76 -14.63
C PHE C 274 6.61 23.26 -14.55
N TYR C 275 7.62 22.78 -15.28
CA TYR C 275 7.93 21.37 -15.35
C TYR C 275 9.34 21.08 -14.86
N SER C 276 9.48 20.04 -14.04
CA SER C 276 10.77 19.61 -13.54
C SER C 276 11.55 18.87 -14.61
N THR C 277 12.88 18.98 -14.55
CA THR C 277 13.74 18.26 -15.48
C THR C 277 15.12 18.11 -14.86
N SER C 278 15.92 17.20 -15.43
CA SER C 278 17.26 16.95 -14.93
C SER C 278 18.25 16.88 -16.08
N PRO C 279 19.40 17.53 -15.97
CA PRO C 279 20.43 17.42 -17.00
C PRO C 279 21.00 16.02 -17.10
N ILE C 280 21.53 15.69 -18.28
CA ILE C 280 22.16 14.39 -18.47
C ILE C 280 23.45 14.31 -17.66
N GLN C 281 23.79 13.10 -17.23
CA GLN C 281 24.97 12.81 -16.42
C GLN C 281 26.17 12.48 -17.30
N PRO C 282 27.37 12.93 -16.95
CA PRO C 282 28.57 12.59 -17.72
C PRO C 282 28.86 11.09 -17.67
N VAL C 283 29.84 10.67 -18.45
CA VAL C 283 30.21 9.26 -18.53
C VAL C 283 31.67 8.99 -18.20
N GLU C 284 32.52 10.01 -18.10
CA GLU C 284 33.94 9.84 -17.84
C GLU C 284 34.26 9.91 -16.36
N LEU C 285 33.32 9.51 -15.52
CA LEU C 285 33.40 9.66 -14.07
C LEU C 285 34.62 8.97 -13.46
N PRO C 286 35.52 9.72 -12.83
CA PRO C 286 36.66 9.10 -12.15
C PRO C 286 36.20 8.36 -10.91
N VAL C 287 37.14 7.67 -10.26
CA VAL C 287 36.86 6.92 -9.05
C VAL C 287 37.61 7.55 -7.89
N SER C 288 36.89 7.80 -6.79
CA SER C 288 37.44 8.39 -5.58
C SER C 288 37.22 7.40 -4.44
N ILE C 289 38.28 7.12 -3.68
CA ILE C 289 38.22 6.13 -2.61
C ILE C 289 38.77 6.73 -1.33
N VAL C 290 38.04 6.55 -0.23
CA VAL C 290 38.48 6.93 1.10
C VAL C 290 38.24 5.74 2.03
N SER C 291 39.28 5.34 2.76
CA SER C 291 39.15 4.21 3.66
C SER C 291 40.11 4.39 4.83
N LEU C 292 39.68 3.92 5.99
CA LEU C 292 40.52 4.05 7.18
C LEU C 292 41.65 3.03 7.16
N PRO C 293 42.87 3.42 7.51
CA PRO C 293 43.98 2.46 7.60
C PRO C 293 43.81 1.58 8.83
N VAL C 294 43.91 0.27 8.63
CA VAL C 294 43.76 -0.71 9.70
C VAL C 294 44.78 -1.81 9.48
N TYR C 295 44.82 -2.76 10.42
CA TYR C 295 45.70 -3.92 10.31
C TYR C 295 45.25 -4.72 9.10
N HIS C 296 46.06 -4.71 8.04
CA HIS C 296 45.67 -5.33 6.79
C HIS C 296 46.59 -6.45 6.32
N LYS C 297 45.95 -7.49 5.79
CA LYS C 297 46.59 -8.60 5.09
C LYS C 297 45.75 -8.84 3.85
N HIS C 298 46.37 -9.30 2.77
CA HIS C 298 45.68 -9.50 1.52
C HIS C 298 45.68 -10.96 1.09
N THR C 299 44.50 -11.49 0.79
CA THR C 299 44.33 -12.86 0.33
C THR C 299 43.82 -12.85 -1.11
N PHE C 300 44.44 -13.65 -1.96
CA PHE C 300 44.09 -13.74 -3.37
C PHE C 300 43.28 -15.02 -3.61
N ILE C 301 42.00 -14.86 -3.92
CA ILE C 301 41.13 -15.98 -4.26
C ILE C 301 41.17 -16.11 -5.78
N VAL C 302 42.11 -16.91 -6.26
CA VAL C 302 42.32 -17.12 -7.69
C VAL C 302 41.67 -18.42 -8.12
N LEU C 303 40.84 -18.35 -9.16
CA LEU C 303 40.16 -19.50 -9.73
C LEU C 303 40.73 -19.75 -11.11
N TYR C 304 41.22 -20.96 -11.35
CA TYR C 304 41.81 -21.35 -12.63
C TYR C 304 40.87 -22.28 -13.36
N VAL C 305 40.59 -22.00 -14.63
CA VAL C 305 39.75 -22.85 -15.46
C VAL C 305 40.50 -23.22 -16.72
N ASN C 306 40.56 -24.51 -17.02
CA ASN C 306 41.21 -25.00 -18.23
C ASN C 306 40.50 -26.26 -18.70
N PHE C 307 40.34 -26.42 -20.01
CA PHE C 307 39.75 -27.62 -20.55
C PHE C 307 40.27 -27.85 -21.96
N GLU C 308 40.19 -29.09 -22.43
CA GLU C 308 40.64 -29.37 -23.78
C GLU C 308 39.88 -30.57 -24.33
N HIS C 309 39.88 -30.66 -25.65
CA HIS C 309 39.25 -31.76 -26.36
C HIS C 309 40.10 -33.03 -26.23
N ARG C 310 39.43 -34.17 -26.21
CA ARG C 310 40.15 -35.43 -26.07
C ARG C 310 40.95 -35.71 -27.33
N ARG C 311 42.26 -35.81 -27.18
CA ARG C 311 43.11 -36.10 -28.33
C ARG C 311 42.84 -37.51 -28.83
N GLY C 312 42.58 -37.63 -30.12
CA GLY C 312 42.26 -38.91 -30.71
C GLY C 312 42.05 -38.82 -32.21
N PRO C 313 41.44 -39.88 -32.78
CA PRO C 313 41.21 -39.90 -34.23
C PRO C 313 40.20 -38.88 -34.72
N GLY C 314 39.34 -38.35 -33.85
CA GLY C 314 38.32 -37.39 -34.25
C GLY C 314 38.68 -35.97 -33.89
N LYS C 315 38.86 -35.14 -34.91
CA LYS C 315 39.17 -33.73 -34.70
C LYS C 315 37.88 -32.90 -34.64
N CYS C 316 36.96 -33.31 -33.77
CA CYS C 316 35.72 -32.58 -33.60
C CYS C 316 35.98 -31.32 -32.76
N TYR C 317 35.30 -30.24 -33.10
CA TYR C 317 35.50 -28.99 -32.36
C TYR C 317 34.24 -28.50 -31.66
N ASN C 318 33.08 -28.65 -32.30
CA ASN C 318 31.83 -28.16 -31.73
C ASN C 318 31.33 -29.01 -30.58
N CYS C 319 31.95 -30.16 -30.34
CA CYS C 319 31.59 -31.06 -29.26
C CYS C 319 31.94 -30.47 -27.90
N ARG C 320 31.29 -31.01 -26.87
CA ARG C 320 31.57 -30.61 -25.50
C ARG C 320 32.97 -31.09 -25.10
N PRO C 321 33.73 -30.29 -24.37
CA PRO C 321 35.07 -30.72 -23.93
C PRO C 321 34.98 -31.91 -22.98
N ALA C 322 36.04 -32.73 -23.01
CA ALA C 322 36.07 -33.97 -22.25
C ALA C 322 36.95 -33.97 -21.00
N VAL C 323 37.98 -33.13 -20.94
CA VAL C 323 38.88 -33.09 -19.79
C VAL C 323 38.78 -31.70 -19.16
N ILE C 324 38.60 -31.65 -17.84
CA ILE C 324 38.34 -30.39 -17.15
C ILE C 324 39.28 -30.13 -15.97
N ASN C 325 40.02 -29.02 -16.04
CA ASN C 325 40.80 -28.44 -14.96
C ASN C 325 40.04 -27.31 -14.29
N ILE C 326 39.77 -27.47 -13.00
CA ILE C 326 39.22 -26.40 -12.18
C ILE C 326 39.97 -26.44 -10.86
N THR C 327 40.74 -25.41 -10.56
CA THR C 327 41.47 -25.31 -9.31
C THR C 327 41.15 -24.00 -8.62
N LEU C 328 41.42 -23.96 -7.31
CA LEU C 328 41.12 -22.79 -6.50
C LEU C 328 42.33 -22.45 -5.65
N ALA C 329 43.50 -22.39 -6.29
CA ALA C 329 44.76 -22.08 -5.65
C ALA C 329 45.06 -23.02 -4.50
N ASN C 330 45.10 -22.49 -3.27
CA ASN C 330 45.44 -23.32 -2.13
C ASN C 330 44.28 -24.18 -1.62
N PHE C 331 43.18 -24.29 -2.37
CA PHE C 331 42.09 -25.13 -1.93
C PHE C 331 42.50 -26.59 -1.89
N ASN C 332 42.09 -27.31 -0.85
CA ASN C 332 42.47 -28.72 -0.78
C ASN C 332 41.32 -29.39 -0.04
N GLU C 333 40.52 -30.20 -0.74
CA GLU C 333 39.29 -30.78 -0.20
C GLU C 333 39.49 -31.53 1.11
N THR C 334 40.56 -32.32 1.24
CA THR C 334 40.72 -33.06 2.50
C THR C 334 40.83 -32.11 3.68
N LYS C 335 41.40 -30.94 3.48
CA LYS C 335 41.57 -29.96 4.56
C LYS C 335 40.31 -29.18 4.84
N GLY C 336 39.40 -29.09 3.87
CA GLY C 336 38.17 -28.35 4.03
C GLY C 336 38.08 -27.13 3.15
N PRO C 337 36.99 -26.38 3.30
CA PRO C 337 36.78 -25.18 2.47
C PRO C 337 37.83 -24.11 2.75
N LEU C 338 38.11 -23.33 1.71
CA LEU C 338 39.05 -22.21 1.83
C LEU C 338 38.26 -20.98 2.28
N CYS C 339 38.46 -20.57 3.52
CA CYS C 339 37.78 -19.42 4.09
C CYS C 339 38.76 -18.25 4.19
N VAL C 340 38.35 -17.08 3.74
CA VAL C 340 39.16 -15.89 3.84
C VAL C 340 39.11 -15.38 5.28
N ASP C 341 40.26 -15.12 5.88
CA ASP C 341 40.32 -14.63 7.24
C ASP C 341 40.98 -13.26 7.39
N THR C 342 41.67 -12.75 6.38
CA THR C 342 42.26 -11.44 6.45
C THR C 342 41.23 -10.34 6.16
N SER C 343 41.58 -9.12 6.56
CA SER C 343 40.68 -7.98 6.40
C SER C 343 40.40 -7.63 4.94
N HIS C 344 41.41 -7.68 4.08
CA HIS C 344 41.22 -7.39 2.67
C HIS C 344 41.46 -8.61 1.81
N PHE C 345 40.68 -8.75 0.73
CA PHE C 345 40.87 -9.84 -0.21
C PHE C 345 40.36 -9.43 -1.58
N THR C 346 40.80 -10.16 -2.60
CA THR C 346 40.37 -9.92 -3.97
C THR C 346 40.21 -11.25 -4.69
N THR C 347 39.37 -11.25 -5.71
CA THR C 347 39.09 -12.45 -6.51
C THR C 347 39.62 -12.25 -7.92
N GLN C 348 40.27 -13.29 -8.46
CA GLN C 348 40.82 -13.26 -9.81
C GLN C 348 40.38 -14.49 -10.57
N PHE C 349 40.04 -14.29 -11.84
CA PHE C 349 39.61 -15.35 -12.74
C PHE C 349 40.66 -15.50 -13.84
N VAL C 350 41.24 -16.69 -13.94
CA VAL C 350 42.30 -16.96 -14.91
C VAL C 350 41.80 -18.01 -15.90
N ASP C 351 41.78 -17.64 -17.18
CA ASP C 351 41.36 -18.51 -18.27
C ASP C 351 42.60 -19.11 -18.92
N ASN C 352 42.91 -20.36 -18.58
CA ASN C 352 44.09 -21.02 -19.13
C ASN C 352 43.82 -21.80 -20.40
N VAL C 353 42.60 -21.78 -20.95
CA VAL C 353 42.33 -22.50 -22.18
C VAL C 353 43.03 -21.79 -23.34
N LYS C 354 43.59 -22.57 -24.25
CA LYS C 354 44.30 -22.01 -25.39
C LYS C 354 43.60 -22.26 -26.70
N LEU C 355 42.56 -23.09 -26.71
CA LEU C 355 41.83 -23.39 -27.93
C LEU C 355 41.20 -22.11 -28.48
N ALA C 356 41.38 -21.88 -29.78
CA ALA C 356 40.77 -20.71 -30.39
C ALA C 356 39.25 -20.83 -30.35
N ARG C 357 38.58 -19.69 -30.37
CA ARG C 357 37.12 -19.59 -30.33
C ARG C 357 36.51 -20.18 -29.06
N TRP C 358 37.32 -20.49 -28.05
CA TRP C 358 36.84 -21.06 -26.80
C TRP C 358 37.17 -20.12 -25.65
N SER C 359 36.24 -20.00 -24.70
CA SER C 359 36.42 -19.11 -23.56
C SER C 359 35.64 -19.65 -22.37
N ALA C 360 36.07 -19.25 -21.18
CA ALA C 360 35.42 -19.63 -19.92
C ALA C 360 34.67 -18.44 -19.33
N SER C 361 33.65 -18.75 -18.52
CA SER C 361 32.84 -17.72 -17.89
C SER C 361 32.25 -18.27 -16.60
N ILE C 362 31.83 -17.36 -15.72
CA ILE C 362 31.21 -17.70 -14.45
C ILE C 362 29.94 -16.87 -14.27
N ASN C 363 28.87 -17.51 -13.79
CA ASN C 363 27.59 -16.85 -13.62
C ASN C 363 27.23 -16.70 -12.14
N THR C 364 26.34 -15.74 -11.89
CA THR C 364 25.88 -15.46 -10.52
C THR C 364 25.11 -16.63 -9.92
N GLY C 365 24.26 -17.28 -10.69
CA GLY C 365 23.48 -18.38 -10.17
C GLY C 365 22.48 -17.87 -9.14
N ASN C 366 22.43 -18.52 -7.98
CA ASN C 366 21.54 -18.11 -6.91
C ASN C 366 22.25 -17.29 -5.84
N CYS C 367 23.52 -16.96 -6.04
CA CYS C 367 24.24 -16.18 -5.05
C CYS C 367 23.78 -14.73 -5.06
N PRO C 368 23.83 -14.04 -3.92
CA PRO C 368 23.43 -12.64 -3.86
C PRO C 368 24.51 -11.67 -4.30
N PHE C 369 25.62 -12.17 -4.87
CA PHE C 369 26.69 -11.33 -5.36
C PHE C 369 27.39 -12.07 -6.49
N SER C 370 28.09 -11.32 -7.32
CA SER C 370 28.84 -11.89 -8.44
C SER C 370 30.31 -12.03 -8.10
N PHE C 371 30.92 -13.08 -8.64
CA PHE C 371 32.32 -13.38 -8.36
C PHE C 371 33.23 -12.21 -8.70
N GLY C 372 33.01 -11.56 -9.84
CA GLY C 372 33.82 -10.44 -10.23
C GLY C 372 33.47 -9.12 -9.57
N LYS C 373 32.28 -9.02 -9.00
CA LYS C 373 31.83 -7.78 -8.38
C LYS C 373 32.18 -7.68 -6.89
N VAL C 374 32.73 -8.74 -6.30
CA VAL C 374 33.13 -8.70 -4.90
C VAL C 374 34.22 -7.66 -4.67
N ASN C 375 34.99 -7.34 -5.68
CA ASN C 375 36.06 -6.35 -5.63
C ASN C 375 35.57 -4.92 -5.52
N ASN C 376 34.28 -4.67 -5.31
CA ASN C 376 33.73 -3.33 -5.22
C ASN C 376 33.41 -2.92 -3.78
N PHE C 377 34.29 -3.30 -2.85
CA PHE C 377 34.15 -2.99 -1.42
C PHE C 377 32.92 -3.64 -0.80
N VAL C 378 32.77 -4.95 -1.02
CA VAL C 378 31.67 -5.71 -0.44
C VAL C 378 32.08 -6.15 0.95
N LYS C 379 31.18 -5.99 1.91
CA LYS C 379 31.44 -6.33 3.32
C LYS C 379 30.91 -7.70 3.67
N PHE C 380 31.70 -8.45 4.45
CA PHE C 380 31.32 -9.77 4.91
C PHE C 380 31.87 -10.00 6.32
N GLY C 381 31.22 -10.92 7.03
CA GLY C 381 31.67 -11.33 8.35
C GLY C 381 32.61 -12.50 8.18
N SER C 382 32.30 -13.31 7.17
CA SER C 382 33.11 -14.46 6.78
C SER C 382 32.68 -14.86 5.39
N VAL C 383 33.59 -15.50 4.65
CA VAL C 383 33.29 -16.00 3.32
C VAL C 383 34.18 -17.19 3.03
N CYS C 384 33.62 -18.21 2.39
CA CYS C 384 34.37 -19.41 2.07
C CYS C 384 34.03 -19.87 0.66
N PHE C 385 35.03 -20.44 -0.01
CA PHE C 385 34.91 -20.93 -1.36
C PHE C 385 35.30 -22.41 -1.40
N SER C 386 34.64 -23.19 -2.24
CA SER C 386 34.97 -24.60 -2.34
C SER C 386 34.48 -25.15 -3.67
N LEU C 387 35.16 -26.19 -4.14
CA LEU C 387 34.77 -26.88 -5.36
C LEU C 387 33.70 -27.94 -5.12
N LYS C 388 33.40 -28.24 -3.85
CA LYS C 388 32.34 -29.17 -3.50
C LYS C 388 31.23 -28.42 -2.78
N ASP C 389 30.05 -29.05 -2.79
CA ASP C 389 28.86 -28.44 -2.21
C ASP C 389 29.08 -28.09 -0.73
N ILE C 390 28.66 -26.89 -0.37
CA ILE C 390 28.70 -26.37 0.99
C ILE C 390 27.26 -26.22 1.47
N PRO C 391 26.88 -26.85 2.57
CA PRO C 391 25.48 -26.77 3.02
C PRO C 391 25.08 -25.35 3.37
N GLY C 392 23.87 -24.97 2.96
CA GLY C 392 23.40 -23.64 3.26
C GLY C 392 24.12 -22.53 2.51
N GLY C 393 24.78 -22.86 1.41
CA GLY C 393 25.46 -21.87 0.60
C GLY C 393 24.79 -21.59 -0.72
N CYS C 394 25.58 -21.18 -1.72
CA CYS C 394 25.08 -20.88 -3.04
C CYS C 394 26.05 -21.42 -4.08
N ALA C 395 25.56 -21.60 -5.31
CA ALA C 395 26.34 -22.14 -6.41
C ALA C 395 26.50 -21.13 -7.53
N MET C 396 27.73 -21.02 -8.04
CA MET C 396 28.07 -20.14 -9.15
C MET C 396 28.44 -21.00 -10.36
N PRO C 397 27.54 -21.20 -11.31
CA PRO C 397 27.85 -22.05 -12.47
C PRO C 397 29.02 -21.55 -13.29
N ILE C 398 29.81 -22.49 -13.80
CA ILE C 398 30.97 -22.23 -14.65
C ILE C 398 30.64 -22.74 -16.04
N MET C 399 30.80 -21.89 -17.05
CA MET C 399 30.41 -22.24 -18.41
C MET C 399 31.56 -22.05 -19.39
N ALA C 400 31.58 -22.90 -20.41
CA ALA C 400 32.52 -22.84 -21.52
C ALA C 400 31.74 -22.39 -22.74
N ASN C 401 32.25 -21.38 -23.45
CA ASN C 401 31.53 -20.81 -24.58
C ASN C 401 32.34 -20.84 -25.87
N LEU C 402 31.62 -21.08 -26.97
CA LEU C 402 32.14 -20.99 -28.33
C LEU C 402 31.57 -19.75 -28.98
N VAL C 403 32.29 -19.22 -29.97
CA VAL C 403 31.79 -18.06 -30.70
C VAL C 403 30.61 -18.48 -31.55
N ASN C 404 29.51 -17.72 -31.44
CA ASN C 404 28.26 -17.96 -32.18
C ASN C 404 27.80 -19.41 -32.11
N SER C 405 28.13 -20.10 -31.01
CA SER C 405 27.74 -21.49 -30.83
C SER C 405 27.32 -21.70 -29.38
N LYS C 406 26.55 -22.76 -29.15
CA LYS C 406 26.00 -23.01 -27.83
C LYS C 406 27.09 -23.26 -26.79
N SER C 407 26.84 -22.79 -25.58
CA SER C 407 27.73 -22.95 -24.44
C SER C 407 27.35 -24.18 -23.62
N HIS C 408 28.32 -24.67 -22.84
CA HIS C 408 28.13 -25.86 -22.04
C HIS C 408 28.51 -25.61 -20.59
N ASN C 409 27.74 -26.18 -19.67
CA ASN C 409 28.09 -26.12 -18.26
C ASN C 409 29.25 -27.07 -18.00
N ILE C 410 30.26 -26.61 -17.27
CA ILE C 410 31.42 -27.46 -17.01
C ILE C 410 31.75 -27.59 -15.53
N GLY C 411 30.86 -27.17 -14.66
CA GLY C 411 31.12 -27.24 -13.23
C GLY C 411 30.45 -26.10 -12.49
N SER C 412 30.87 -25.92 -11.24
CA SER C 412 30.31 -24.87 -10.41
C SER C 412 31.26 -24.54 -9.27
N LEU C 413 31.12 -23.32 -8.76
CA LEU C 413 31.87 -22.83 -7.60
C LEU C 413 30.88 -22.62 -6.46
N TYR C 414 31.19 -23.15 -5.28
CA TYR C 414 30.30 -23.02 -4.13
C TYR C 414 30.84 -21.98 -3.16
N VAL C 415 29.97 -21.08 -2.73
CA VAL C 415 30.32 -19.98 -1.84
C VAL C 415 29.38 -19.96 -0.64
N SER C 416 29.92 -19.62 0.52
CA SER C 416 29.15 -19.45 1.74
C SER C 416 29.59 -18.13 2.37
N TRP C 417 28.67 -17.45 3.06
CA TRP C 417 29.01 -16.16 3.64
C TRP C 417 28.13 -15.85 4.83
N SER C 418 28.55 -14.86 5.60
CA SER C 418 27.79 -14.32 6.71
C SER C 418 27.97 -12.81 6.71
N ASP C 419 26.96 -12.09 7.21
CA ASP C 419 27.04 -10.64 7.24
C ASP C 419 28.01 -10.17 8.31
N GLY C 420 28.66 -9.04 8.04
CA GLY C 420 29.62 -8.48 8.96
C GLY C 420 30.49 -7.45 8.28
N ASP C 421 31.26 -6.74 9.10
CA ASP C 421 32.11 -5.65 8.65
C ASP C 421 33.60 -5.94 8.82
N VAL C 422 33.96 -7.14 9.29
CA VAL C 422 35.37 -7.43 9.58
C VAL C 422 36.20 -7.58 8.30
N ILE C 423 35.66 -8.20 7.27
CA ILE C 423 36.42 -8.38 6.02
C ILE C 423 35.70 -7.72 4.85
N THR C 424 36.48 -7.29 3.86
CA THR C 424 35.94 -6.64 2.68
C THR C 424 36.83 -6.92 1.47
N GLY C 425 36.23 -6.81 0.29
CA GLY C 425 36.91 -7.03 -0.97
C GLY C 425 37.40 -5.72 -1.57
N VAL C 426 38.58 -5.77 -2.18
CA VAL C 426 39.18 -4.57 -2.78
C VAL C 426 39.62 -4.94 -4.19
N PRO C 427 39.74 -3.95 -5.09
CA PRO C 427 40.10 -4.27 -6.48
C PRO C 427 41.43 -5.00 -6.63
N LYS C 428 42.54 -4.36 -6.24
CA LYS C 428 43.85 -4.99 -6.29
C LYS C 428 44.91 -4.09 -5.68
N PRO C 429 45.86 -4.64 -4.93
CA PRO C 429 46.98 -3.82 -4.46
C PRO C 429 47.91 -3.44 -5.61
N VAL C 430 47.91 -2.17 -5.97
CA VAL C 430 48.81 -1.61 -6.97
C VAL C 430 50.01 -1.01 -6.25
N GLU C 431 51.20 -1.23 -6.79
CA GLU C 431 52.42 -0.70 -6.19
C GLU C 431 52.51 0.80 -6.43
N GLY C 432 52.31 1.58 -5.37
CA GLY C 432 52.42 3.02 -5.39
C GLY C 432 51.14 3.82 -5.54
N VAL C 433 50.06 3.37 -4.89
CA VAL C 433 48.78 4.08 -4.90
C VAL C 433 48.31 4.22 -3.45
N SER C 434 48.05 5.47 -3.03
CA SER C 434 47.59 5.74 -1.67
C SER C 434 46.07 5.60 -1.64
N SER C 435 45.63 4.36 -1.49
CA SER C 435 44.20 4.04 -1.47
C SER C 435 43.48 4.60 -0.26
N PHE C 436 44.21 5.11 0.74
CA PHE C 436 43.56 5.68 1.91
C PHE C 436 42.84 6.99 1.61
N MET C 437 43.45 7.87 0.81
CA MET C 437 42.82 9.16 0.49
C MET C 437 43.11 9.53 -0.96
N ASN C 438 42.12 9.33 -1.83
CA ASN C 438 42.22 9.61 -3.25
C ASN C 438 40.89 10.12 -3.78
N VAL C 439 40.75 11.44 -3.84
CA VAL C 439 39.48 12.04 -4.23
C VAL C 439 39.79 13.18 -5.18
N THR C 440 38.89 13.38 -6.13
CA THR C 440 38.97 14.48 -7.09
C THR C 440 37.93 15.52 -6.67
N LEU C 441 38.22 16.78 -6.95
CA LEU C 441 37.37 17.86 -6.51
C LEU C 441 36.76 18.64 -7.68
N ASN C 442 35.56 19.16 -7.45
CA ASN C 442 34.82 19.97 -8.41
C ASN C 442 34.47 19.23 -9.70
N LYS C 443 34.39 17.91 -9.67
CA LYS C 443 34.00 17.16 -10.85
C LYS C 443 33.10 16.01 -10.44
N CYS C 444 32.18 15.66 -11.34
CA CYS C 444 31.33 14.51 -11.09
C CYS C 444 32.19 13.25 -11.05
N THR C 445 32.04 12.46 -9.99
CA THR C 445 32.87 11.28 -9.82
C THR C 445 32.13 10.22 -9.03
N LYS C 446 32.50 8.97 -9.27
CA LYS C 446 31.97 7.85 -8.52
C LYS C 446 32.86 7.68 -7.29
N TYR C 447 32.25 7.62 -6.12
CA TYR C 447 33.00 7.53 -4.87
C TYR C 447 32.59 6.33 -4.03
N ASN C 448 33.55 5.87 -3.22
CA ASN C 448 33.33 4.86 -2.20
C ASN C 448 34.07 5.42 -0.99
N ILE C 449 33.36 6.20 -0.18
CA ILE C 449 33.94 6.91 0.95
C ILE C 449 33.43 6.26 2.23
N TYR C 450 34.35 5.67 3.00
CA TYR C 450 34.03 5.01 4.27
C TYR C 450 32.87 4.04 4.12
N ASP C 451 33.03 3.11 3.18
CA ASP C 451 32.07 2.05 2.93
C ASP C 451 30.70 2.57 2.48
N VAL C 452 30.67 3.73 1.83
CA VAL C 452 29.43 4.28 1.27
C VAL C 452 29.69 4.59 -0.19
N SER C 453 28.87 4.02 -1.08
CA SER C 453 29.04 4.16 -2.52
C SER C 453 27.97 5.06 -3.12
N GLY C 454 28.38 5.89 -4.06
CA GLY C 454 27.46 6.82 -4.70
C GLY C 454 28.19 7.63 -5.75
N VAL C 455 27.46 8.57 -6.35
CA VAL C 455 27.98 9.45 -7.38
C VAL C 455 27.70 10.88 -6.96
N GLY C 456 28.71 11.74 -7.05
CA GLY C 456 28.51 13.11 -6.61
C GLY C 456 29.70 13.99 -6.92
N VAL C 457 29.69 15.17 -6.30
CA VAL C 457 30.75 16.16 -6.42
C VAL C 457 31.28 16.47 -5.04
N ILE C 458 32.60 16.48 -4.90
CA ILE C 458 33.28 16.70 -3.62
C ILE C 458 33.92 18.08 -3.64
N ARG C 459 33.69 18.85 -2.57
CA ARG C 459 34.23 20.20 -2.41
C ARG C 459 34.67 20.37 -0.97
N ILE C 460 35.30 21.51 -0.69
CA ILE C 460 35.79 21.85 0.64
C ILE C 460 34.92 22.93 1.26
N SER C 461 34.48 22.58 2.47
CA SER C 461 33.57 23.32 3.36
C SER C 461 34.39 24.05 4.41
N ASN C 462 33.91 25.21 4.85
CA ASN C 462 34.42 25.86 6.07
C ASN C 462 33.57 25.43 7.27
N ASP C 463 33.13 24.17 7.28
CA ASP C 463 32.51 23.63 8.53
C ASP C 463 33.61 23.02 9.40
N THR C 464 33.46 23.16 10.71
CA THR C 464 34.42 22.64 11.68
C THR C 464 33.80 21.63 12.66
N PHE C 465 32.99 20.70 12.17
CA PHE C 465 32.37 19.71 13.05
C PHE C 465 33.43 18.89 13.78
N LEU C 466 33.17 18.63 15.06
CA LEU C 466 34.16 17.94 15.89
C LEU C 466 33.91 16.45 16.04
N ASN C 467 32.67 15.99 15.93
CA ASN C 467 32.31 14.60 16.16
C ASN C 467 32.20 13.79 14.88
N GLY C 468 32.71 12.56 14.91
CA GLY C 468 32.55 11.63 13.81
C GLY C 468 33.40 11.89 12.58
N ILE C 469 33.17 11.02 11.59
CA ILE C 469 33.83 11.09 10.30
C ILE C 469 32.87 11.13 9.12
N THR C 470 31.62 10.71 9.29
CA THR C 470 30.64 10.72 8.21
C THR C 470 29.36 11.38 8.70
N TYR C 471 28.75 12.17 7.81
CA TYR C 471 27.51 12.89 8.11
C TYR C 471 26.48 12.55 7.05
N THR C 472 25.33 12.04 7.48
CA THR C 472 24.29 11.58 6.57
C THR C 472 22.97 12.29 6.84
N SER C 473 22.18 12.42 5.78
CA SER C 473 20.86 13.03 5.85
C SER C 473 19.83 12.00 6.33
N THR C 474 18.59 12.45 6.46
CA THR C 474 17.52 11.57 6.91
C THR C 474 17.30 10.41 5.94
N SER C 475 17.41 10.66 4.64
CA SER C 475 17.26 9.60 3.66
C SER C 475 18.38 8.57 3.69
N GLY C 476 19.50 8.88 4.35
CA GLY C 476 20.64 8.00 4.41
C GLY C 476 21.78 8.41 3.50
N ASN C 477 21.54 9.32 2.56
CA ASN C 477 22.57 9.75 1.62
C ASN C 477 23.67 10.51 2.36
N LEU C 478 24.90 10.30 1.93
CA LEU C 478 26.07 10.92 2.54
C LEU C 478 26.17 12.39 2.15
N LEU C 479 26.21 13.27 3.14
CA LEU C 479 26.31 14.71 2.93
C LEU C 479 27.73 15.24 3.08
N GLY C 480 28.57 14.56 3.83
CA GLY C 480 29.94 15.02 4.01
C GLY C 480 30.76 14.01 4.78
N PHE C 481 32.07 14.25 4.79
CA PHE C 481 33.00 13.39 5.49
C PHE C 481 34.21 14.19 5.95
N LYS C 482 34.94 13.63 6.91
CA LYS C 482 36.13 14.27 7.47
C LYS C 482 37.37 13.43 7.19
N ASP C 483 38.45 14.10 6.79
CA ASP C 483 39.73 13.44 6.60
C ASP C 483 40.42 13.36 7.97
N VAL C 484 40.72 12.15 8.42
CA VAL C 484 41.34 11.97 9.73
C VAL C 484 42.78 12.49 9.78
N THR C 485 43.49 12.50 8.67
CA THR C 485 44.89 12.91 8.70
C THR C 485 45.09 14.42 8.82
N ASN C 486 44.09 15.22 8.50
CA ASN C 486 44.26 16.67 8.51
C ASN C 486 43.11 17.44 9.16
N GLY C 487 41.94 16.83 9.32
CA GLY C 487 40.78 17.44 9.93
C GLY C 487 39.89 18.24 9.01
N THR C 488 40.19 18.27 7.71
CA THR C 488 39.37 18.99 6.76
C THR C 488 38.05 18.25 6.52
N ILE C 489 36.97 19.00 6.33
CA ILE C 489 35.66 18.41 6.10
C ILE C 489 35.24 18.74 4.68
N TYR C 490 34.78 17.72 3.96
CA TYR C 490 34.34 17.83 2.57
C TYR C 490 32.84 17.61 2.44
N SER C 491 32.22 18.32 1.50
CA SER C 491 30.80 18.20 1.23
C SER C 491 30.56 17.40 -0.06
N ILE C 492 29.37 16.81 -0.16
CA ILE C 492 28.99 16.02 -1.32
C ILE C 492 27.67 16.53 -1.87
N THR C 493 27.62 16.76 -3.18
CA THR C 493 26.46 17.27 -3.89
C THR C 493 26.17 16.42 -5.12
N PRO C 494 24.90 16.14 -5.43
CA PRO C 494 24.60 15.38 -6.65
C PRO C 494 25.06 16.11 -7.90
N CYS C 495 25.47 15.33 -8.90
CA CYS C 495 26.00 15.89 -10.13
C CYS C 495 24.96 16.67 -10.93
N ASN C 496 23.72 16.18 -11.00
CA ASN C 496 22.67 16.81 -11.79
C ASN C 496 21.40 17.07 -10.98
N PRO C 497 21.38 18.14 -10.19
CA PRO C 497 20.16 18.46 -9.45
C PRO C 497 19.05 18.90 -10.38
N PRO C 498 17.79 18.73 -9.98
CA PRO C 498 16.66 19.11 -10.84
C PRO C 498 16.52 20.61 -11.06
N ASP C 499 16.00 20.95 -12.22
CA ASP C 499 15.69 22.31 -12.64
C ASP C 499 14.21 22.40 -12.97
N GLN C 500 13.73 23.61 -13.26
CA GLN C 500 12.35 23.83 -13.67
C GLN C 500 12.31 24.62 -14.96
N LEU C 501 11.43 24.22 -15.88
CA LEU C 501 11.25 24.86 -17.16
C LEU C 501 9.87 25.52 -17.24
N VAL C 502 9.83 26.73 -17.79
CA VAL C 502 8.59 27.48 -17.92
C VAL C 502 8.14 27.34 -19.37
N VAL C 503 6.94 26.82 -19.58
CA VAL C 503 6.39 26.62 -20.91
C VAL C 503 5.19 27.55 -21.10
N TYR C 504 5.10 28.13 -22.29
CA TYR C 504 4.03 29.06 -22.63
C TYR C 504 3.81 28.96 -24.13
N GLN C 505 2.57 28.67 -24.53
CA GLN C 505 2.20 28.55 -25.94
C GLN C 505 3.10 27.56 -26.68
N GLN C 506 3.27 26.39 -26.07
CA GLN C 506 4.06 25.28 -26.62
C GLN C 506 5.54 25.61 -26.82
N ALA C 507 6.09 26.54 -26.05
CA ALA C 507 7.50 26.86 -26.18
C ALA C 507 8.10 27.07 -24.81
N VAL C 508 9.40 26.80 -24.68
CA VAL C 508 10.11 26.99 -23.43
C VAL C 508 10.61 28.43 -23.40
N VAL C 509 10.07 29.22 -22.48
CA VAL C 509 10.40 30.64 -22.39
C VAL C 509 11.45 30.95 -21.33
N GLY C 510 11.71 30.04 -20.40
CA GLY C 510 12.72 30.29 -19.38
C GLY C 510 13.00 29.05 -18.57
N ALA C 511 13.99 29.17 -17.70
CA ALA C 511 14.39 28.05 -16.85
C ALA C 511 14.90 28.58 -15.51
N MET C 512 14.58 27.85 -14.44
CA MET C 512 15.07 28.18 -13.11
C MET C 512 16.24 27.26 -12.82
N LEU C 513 17.37 27.85 -12.47
CA LEU C 513 18.59 27.11 -12.28
C LEU C 513 19.19 27.37 -10.92
N SER C 514 20.05 26.45 -10.49
CA SER C 514 20.76 26.56 -9.24
C SER C 514 22.18 27.10 -9.42
N GLU C 515 22.60 27.39 -10.66
CA GLU C 515 23.96 27.82 -10.94
C GLU C 515 23.90 28.98 -11.91
N ASN C 516 24.98 29.76 -11.93
CA ASN C 516 25.09 30.94 -12.79
C ASN C 516 25.59 30.57 -14.18
N PHE C 517 24.84 29.70 -14.85
CA PHE C 517 25.15 29.23 -16.19
C PHE C 517 23.99 29.51 -17.12
N THR C 518 24.30 29.96 -18.34
CA THR C 518 23.27 30.20 -19.35
C THR C 518 22.89 28.87 -20.00
N SER C 519 22.21 28.04 -19.24
CA SER C 519 21.83 26.71 -19.70
C SER C 519 20.62 26.76 -20.63
N TYR C 520 20.39 25.64 -21.31
CA TYR C 520 19.28 25.43 -22.24
C TYR C 520 19.28 26.40 -23.41
N GLY C 521 20.42 27.02 -23.70
CA GLY C 521 20.55 27.92 -24.82
C GLY C 521 20.08 29.34 -24.61
N PHE C 522 19.62 29.68 -23.42
CA PHE C 522 19.18 31.05 -23.18
C PHE C 522 20.40 31.98 -23.11
N SER C 523 20.21 33.22 -23.59
CA SER C 523 21.30 34.18 -23.64
C SER C 523 21.37 35.11 -22.44
N ASN C 524 20.32 35.21 -21.62
CA ASN C 524 20.33 36.12 -20.49
C ASN C 524 20.09 35.36 -19.19
N VAL C 525 20.79 35.77 -18.14
CA VAL C 525 20.64 35.17 -16.82
C VAL C 525 20.62 36.29 -15.77
N VAL C 526 19.70 36.19 -14.81
CA VAL C 526 19.58 37.17 -13.75
C VAL C 526 19.54 36.43 -12.42
N GLU C 527 19.88 37.15 -11.36
CA GLU C 527 19.91 36.59 -10.01
C GLU C 527 18.67 36.99 -9.24
N MET C 528 17.98 36.00 -8.71
CA MET C 528 16.79 36.17 -7.91
C MET C 528 17.10 35.84 -6.45
N PRO C 529 16.23 36.22 -5.51
CA PRO C 529 16.53 35.96 -4.09
C PRO C 529 16.90 34.52 -3.75
N LYS C 530 16.32 33.51 -4.39
CA LYS C 530 16.64 32.14 -4.02
C LYS C 530 16.99 31.22 -5.18
N PHE C 531 17.22 31.74 -6.37
CA PHE C 531 17.60 30.92 -7.51
C PHE C 531 18.08 31.84 -8.63
N PHE C 532 18.63 31.24 -9.67
CA PHE C 532 19.00 31.96 -10.87
C PHE C 532 17.92 31.74 -11.91
N TYR C 533 17.71 32.74 -12.75
CA TYR C 533 16.69 32.64 -13.79
C TYR C 533 17.32 32.95 -15.13
N ALA C 534 17.15 32.02 -16.06
CA ALA C 534 17.65 32.13 -17.41
C ALA C 534 16.48 32.26 -18.37
N SER C 535 16.51 33.28 -19.21
CA SER C 535 15.46 33.50 -20.17
C SER C 535 16.10 34.12 -21.39
N ASN C 536 15.32 34.48 -22.39
CA ASN C 536 15.90 34.99 -23.60
C ASN C 536 15.48 36.33 -23.85
N GLY C 537 14.59 36.77 -23.04
CA GLY C 537 13.94 38.07 -23.17
C GLY C 537 14.75 39.28 -22.70
N THR C 538 14.12 40.47 -22.82
CA THR C 538 14.78 41.76 -22.58
C THR C 538 14.33 42.53 -21.33
N TYR C 539 13.39 42.05 -20.53
CA TYR C 539 12.94 42.74 -19.31
C TYR C 539 12.41 44.16 -19.56
N ASN C 540 11.58 44.33 -20.57
CA ASN C 540 10.97 45.62 -20.91
C ASN C 540 9.45 45.49 -20.94
N CYS C 541 8.92 44.67 -20.02
CA CYS C 541 7.52 44.32 -19.95
C CYS C 541 6.97 44.51 -18.54
N THR C 542 5.63 44.58 -18.46
CA THR C 542 4.93 44.75 -17.19
C THR C 542 3.76 43.79 -17.00
N ASP C 543 3.38 43.01 -18.01
CA ASP C 543 2.25 42.08 -17.92
C ASP C 543 2.77 40.66 -17.87
N ALA C 544 2.25 39.87 -16.93
CA ALA C 544 2.66 38.48 -16.73
C ALA C 544 1.61 37.52 -17.25
N VAL C 545 2.04 36.56 -18.06
CA VAL C 545 1.13 35.56 -18.62
C VAL C 545 1.01 34.34 -17.71
N LEU C 546 2.07 34.01 -16.98
CA LEU C 546 2.07 32.91 -16.03
C LEU C 546 2.55 33.46 -14.69
N THR C 547 1.86 33.10 -13.63
CA THR C 547 2.22 33.59 -12.31
C THR C 547 2.21 32.50 -11.25
N TYR C 548 3.01 32.72 -10.22
CA TYR C 548 3.03 31.89 -9.03
C TYR C 548 3.50 32.80 -7.91
N SER C 549 2.69 32.88 -6.84
CA SER C 549 2.95 33.75 -5.70
C SER C 549 3.27 35.18 -6.13
N SER C 550 4.48 35.65 -5.83
CA SER C 550 4.92 36.99 -6.19
C SER C 550 5.74 37.02 -7.47
N PHE C 551 5.81 35.93 -8.21
CA PHE C 551 6.64 35.85 -9.41
C PHE C 551 5.76 35.66 -10.64
N GLY C 552 6.16 36.29 -11.74
CA GLY C 552 5.44 36.14 -12.99
C GLY C 552 6.39 36.29 -14.15
N VAL C 553 5.98 35.75 -15.30
CA VAL C 553 6.79 35.79 -16.51
C VAL C 553 5.99 36.41 -17.64
N CYS C 554 6.63 37.31 -18.39
CA CYS C 554 6.00 37.93 -19.55
C CYS C 554 6.04 36.97 -20.74
N ALA C 555 5.51 37.44 -21.87
CA ALA C 555 5.45 36.61 -23.06
C ALA C 555 6.84 36.28 -23.59
N ASP C 556 7.80 37.18 -23.43
CA ASP C 556 9.16 36.95 -23.89
C ASP C 556 10.01 36.21 -22.87
N GLY C 557 9.46 35.90 -21.70
CA GLY C 557 10.17 35.13 -20.68
C GLY C 557 10.82 35.92 -19.58
N SER C 558 10.76 37.25 -19.61
CA SER C 558 11.32 38.04 -18.53
C SER C 558 10.53 37.81 -17.25
N ILE C 559 11.23 37.69 -16.13
CA ILE C 559 10.59 37.47 -14.84
C ILE C 559 10.41 38.81 -14.13
N ILE C 560 9.21 39.05 -13.63
CA ILE C 560 8.86 40.29 -12.94
C ILE C 560 8.07 39.96 -11.69
N ALA C 561 8.00 40.94 -10.78
CA ALA C 561 7.25 40.79 -9.54
C ALA C 561 5.80 41.21 -9.77
N VAL C 562 4.87 40.32 -9.46
CA VAL C 562 3.45 40.62 -9.64
C VAL C 562 2.93 41.41 -8.45
N GLN C 563 2.03 42.35 -8.72
CA GLN C 563 1.43 43.23 -7.73
C GLN C 563 -0.04 42.90 -7.52
N PRO C 564 -0.59 43.21 -6.34
CA PRO C 564 -2.01 42.96 -6.10
C PRO C 564 -2.88 43.79 -7.04
N ARG C 565 -4.07 43.25 -7.34
CA ARG C 565 -5.01 43.96 -8.19
C ARG C 565 -5.55 45.19 -7.46
N ASN C 566 -5.48 46.34 -8.12
CA ASN C 566 -5.93 47.61 -7.54
C ASN C 566 -7.44 47.77 -7.68
N VAL C 567 -8.13 47.91 -6.54
CA VAL C 567 -9.57 48.11 -6.51
C VAL C 567 -9.89 49.25 -5.55
N SER C 568 -11.10 49.79 -5.67
CA SER C 568 -11.58 50.85 -4.80
C SER C 568 -12.66 50.27 -3.87
N TYR C 569 -12.38 50.25 -2.57
CA TYR C 569 -13.32 49.70 -1.61
C TYR C 569 -14.54 50.60 -1.41
N ASP C 570 -15.69 49.96 -1.20
CA ASP C 570 -16.91 50.69 -0.87
C ASP C 570 -16.85 51.18 0.56
N SER C 571 -17.60 52.24 0.85
CA SER C 571 -17.56 52.85 2.17
C SER C 571 -18.96 53.17 2.65
N VAL C 572 -19.11 53.20 3.97
CA VAL C 572 -20.39 53.51 4.60
C VAL C 572 -20.51 55.03 4.68
N SER C 573 -21.52 55.58 4.01
CA SER C 573 -21.70 57.03 3.98
C SER C 573 -22.12 57.52 5.36
N ALA C 574 -21.25 58.31 5.98
CA ALA C 574 -21.48 58.80 7.33
C ALA C 574 -22.56 59.86 7.37
N ILE C 575 -23.21 59.97 8.53
CA ILE C 575 -24.24 60.98 8.77
C ILE C 575 -23.53 62.17 9.40
N VAL C 576 -23.19 63.17 8.59
CA VAL C 576 -22.49 64.35 9.07
C VAL C 576 -22.70 65.47 8.06
N THR C 577 -22.64 66.70 8.55
CA THR C 577 -22.75 67.88 7.68
C THR C 577 -21.40 68.16 7.00
N ALA C 578 -21.28 67.73 5.76
CA ALA C 578 -20.10 67.96 4.93
C ALA C 578 -20.46 67.57 3.51
N ASN C 579 -19.54 67.84 2.58
CA ASN C 579 -19.73 67.38 1.21
C ASN C 579 -19.53 65.88 1.11
N LEU C 580 -20.47 65.22 0.43
CA LEU C 580 -20.52 63.78 0.22
C LEU C 580 -20.45 63.46 -1.27
N SER C 581 -19.85 62.32 -1.59
CA SER C 581 -19.77 61.83 -2.96
C SER C 581 -20.75 60.68 -3.12
N ILE C 582 -21.60 60.78 -4.13
CA ILE C 582 -22.64 59.79 -4.39
C ILE C 582 -22.58 59.34 -5.84
N PRO C 583 -22.62 58.03 -6.11
CA PRO C 583 -22.58 57.55 -7.49
C PRO C 583 -23.71 58.14 -8.32
N PHE C 584 -23.39 58.54 -9.55
CA PHE C 584 -24.32 59.23 -10.43
C PHE C 584 -24.52 58.52 -11.76
N ASN C 585 -23.48 57.95 -12.33
CA ASN C 585 -23.51 57.12 -13.55
C ASN C 585 -23.17 55.68 -13.22
N TRP C 586 -23.71 54.77 -14.03
CA TRP C 586 -23.52 53.34 -13.82
C TRP C 586 -23.25 52.64 -15.14
N THR C 587 -22.45 51.59 -15.07
CA THR C 587 -22.14 50.74 -16.20
C THR C 587 -22.47 49.30 -15.84
N THR C 588 -22.77 48.50 -16.85
CA THR C 588 -23.13 47.10 -16.64
C THR C 588 -21.91 46.22 -16.89
N SER C 589 -21.61 45.37 -15.92
CA SER C 589 -20.49 44.45 -16.02
C SER C 589 -20.97 43.03 -15.79
N VAL C 590 -20.41 42.10 -16.56
CA VAL C 590 -20.75 40.68 -16.45
C VAL C 590 -19.51 39.93 -15.98
N GLN C 591 -19.67 39.14 -14.93
CA GLN C 591 -18.58 38.39 -14.35
C GLN C 591 -18.94 36.91 -14.35
N VAL C 592 -17.96 36.06 -14.63
CA VAL C 592 -18.18 34.63 -14.82
C VAL C 592 -17.60 33.84 -13.66
N GLU C 593 -18.34 32.83 -13.23
CA GLU C 593 -17.93 31.90 -12.19
C GLU C 593 -18.31 30.50 -12.61
N TYR C 594 -17.44 29.53 -12.35
CA TYR C 594 -17.71 28.13 -12.67
C TYR C 594 -17.64 27.28 -11.41
N LEU C 595 -18.66 26.43 -11.22
CA LEU C 595 -18.71 25.54 -10.07
C LEU C 595 -19.07 24.14 -10.53
N GLN C 596 -18.24 23.17 -10.15
CA GLN C 596 -18.51 21.76 -10.46
C GLN C 596 -19.61 21.25 -9.55
N ILE C 597 -20.61 20.60 -10.12
CA ILE C 597 -21.72 20.06 -9.34
C ILE C 597 -21.81 18.55 -9.39
N THR C 598 -21.06 17.87 -10.25
CA THR C 598 -21.17 16.42 -10.31
C THR C 598 -19.87 15.81 -10.80
N SER C 599 -19.68 14.54 -10.45
CA SER C 599 -18.58 13.72 -10.92
C SER C 599 -19.19 12.42 -11.43
N THR C 600 -18.68 11.92 -12.55
CA THR C 600 -19.22 10.69 -13.10
C THR C 600 -19.00 9.52 -12.15
N PRO C 601 -20.06 8.86 -11.70
CA PRO C 601 -19.90 7.74 -10.77
C PRO C 601 -19.36 6.52 -11.49
N ILE C 602 -18.51 5.77 -10.80
CA ILE C 602 -17.89 4.57 -11.33
C ILE C 602 -18.05 3.46 -10.31
N VAL C 603 -18.52 2.30 -10.77
CA VAL C 603 -18.66 1.11 -9.94
C VAL C 603 -17.83 0.01 -10.57
N VAL C 604 -17.20 -0.81 -9.73
CA VAL C 604 -16.34 -1.89 -10.18
C VAL C 604 -16.83 -3.20 -9.58
N ASP C 605 -16.95 -4.22 -10.42
CA ASP C 605 -17.25 -5.57 -9.94
C ASP C 605 -15.93 -6.17 -9.44
N CYS C 606 -15.87 -6.41 -8.14
CA CYS C 606 -14.64 -6.89 -7.50
C CYS C 606 -14.20 -8.25 -8.03
N SER C 607 -15.14 -9.16 -8.25
CA SER C 607 -14.80 -10.50 -8.73
C SER C 607 -14.16 -10.49 -10.11
N THR C 608 -14.69 -9.69 -11.04
CA THR C 608 -14.12 -9.67 -12.38
C THR C 608 -12.78 -8.96 -12.44
N TYR C 609 -12.62 -7.87 -11.69
CA TYR C 609 -11.35 -7.15 -11.72
C TYR C 609 -10.20 -7.97 -11.15
N VAL C 610 -10.43 -8.71 -10.07
CA VAL C 610 -9.34 -9.45 -9.46
C VAL C 610 -9.14 -10.86 -10.03
N CYS C 611 -10.18 -11.49 -10.56
CA CYS C 611 -10.05 -12.86 -11.03
C CYS C 611 -10.14 -13.04 -12.54
N ASN C 612 -10.55 -12.02 -13.28
CA ASN C 612 -10.65 -12.09 -14.74
C ASN C 612 -11.51 -13.25 -15.22
N GLY C 613 -12.54 -13.60 -14.44
CA GLY C 613 -13.41 -14.70 -14.80
C GLY C 613 -12.89 -16.09 -14.54
N ASN C 614 -11.73 -16.24 -13.90
CA ASN C 614 -11.22 -17.58 -13.61
C ASN C 614 -12.04 -18.20 -12.50
N VAL C 615 -12.57 -19.41 -12.76
CA VAL C 615 -13.45 -20.08 -11.80
C VAL C 615 -12.71 -20.42 -10.52
N ARG C 616 -11.48 -20.93 -10.63
CA ARG C 616 -10.72 -21.29 -9.43
C ARG C 616 -10.35 -20.07 -8.60
N CYS C 617 -10.10 -18.94 -9.25
CA CYS C 617 -9.75 -17.72 -8.52
C CYS C 617 -10.89 -17.22 -7.65
N VAL C 618 -12.13 -17.25 -8.15
CA VAL C 618 -13.24 -16.71 -7.37
C VAL C 618 -13.48 -17.53 -6.10
N GLU C 619 -13.15 -18.81 -6.11
CA GLU C 619 -13.31 -19.63 -4.91
C GLU C 619 -12.32 -19.22 -3.82
N LEU C 620 -11.09 -18.89 -4.21
CA LEU C 620 -10.12 -18.40 -3.24
C LEU C 620 -10.50 -17.02 -2.72
N LEU C 621 -11.04 -16.17 -3.61
CA LEU C 621 -11.43 -14.82 -3.22
C LEU C 621 -12.52 -14.82 -2.14
N LYS C 622 -13.33 -15.88 -2.08
CA LYS C 622 -14.39 -15.95 -1.08
C LYS C 622 -13.84 -15.94 0.35
N GLN C 623 -12.58 -16.32 0.54
CA GLN C 623 -11.99 -16.30 1.87
C GLN C 623 -11.77 -14.87 2.37
N TYR C 624 -11.57 -13.92 1.45
CA TYR C 624 -11.47 -12.51 1.82
C TYR C 624 -12.90 -11.97 1.92
N THR C 625 -13.56 -12.39 3.00
CA THR C 625 -14.98 -12.14 3.21
C THR C 625 -15.34 -10.65 3.19
N SER C 626 -14.56 -9.83 3.87
CA SER C 626 -14.85 -8.40 3.94
C SER C 626 -14.13 -7.56 2.89
N ALA C 627 -13.35 -8.16 2.01
CA ALA C 627 -12.58 -7.36 1.06
C ALA C 627 -13.46 -6.78 -0.04
N CYS C 628 -14.10 -7.64 -0.83
CA CYS C 628 -14.93 -7.17 -1.93
C CYS C 628 -16.17 -6.40 -1.44
N LYS C 629 -16.82 -6.86 -0.37
CA LYS C 629 -18.02 -6.19 0.11
C LYS C 629 -17.77 -4.74 0.47
N THR C 630 -16.63 -4.45 1.10
CA THR C 630 -16.32 -3.07 1.48
C THR C 630 -16.12 -2.19 0.25
N ILE C 631 -15.48 -2.72 -0.80
CA ILE C 631 -15.22 -1.93 -1.99
C ILE C 631 -16.52 -1.60 -2.73
N GLU C 632 -17.36 -2.61 -2.95
CA GLU C 632 -18.60 -2.38 -3.69
C GLU C 632 -19.55 -1.46 -2.92
N ASP C 633 -19.67 -1.64 -1.61
CA ASP C 633 -20.57 -0.81 -0.83
C ASP C 633 -20.14 0.66 -0.84
N ALA C 634 -18.83 0.92 -0.77
CA ALA C 634 -18.35 2.30 -0.81
C ALA C 634 -18.67 2.98 -2.13
N LEU C 635 -18.47 2.29 -3.25
CA LEU C 635 -18.73 2.90 -4.55
C LEU C 635 -20.22 3.01 -4.86
N ARG C 636 -20.99 1.98 -4.50
CA ARG C 636 -22.43 1.99 -4.80
C ARG C 636 -23.17 3.03 -3.98
N ASN C 637 -22.92 3.10 -2.67
CA ASN C 637 -23.62 4.07 -1.84
C ASN C 637 -23.29 5.50 -2.25
N SER C 638 -22.03 5.74 -2.58
CA SER C 638 -21.63 7.08 -3.01
C SER C 638 -22.34 7.49 -4.30
N ALA C 639 -22.48 6.55 -5.25
CA ALA C 639 -23.18 6.85 -6.49
C ALA C 639 -24.65 7.12 -6.26
N MET C 640 -25.30 6.36 -5.38
CA MET C 640 -26.71 6.59 -5.10
C MET C 640 -26.94 7.96 -4.47
N LEU C 641 -26.09 8.34 -3.51
CA LEU C 641 -26.25 9.63 -2.85
C LEU C 641 -25.95 10.77 -3.80
N GLU C 642 -24.96 10.61 -4.67
CA GLU C 642 -24.66 11.65 -5.64
C GLU C 642 -25.80 11.85 -6.61
N SER C 643 -26.45 10.77 -7.05
CA SER C 643 -27.59 10.88 -7.95
C SER C 643 -28.87 11.34 -7.27
N ALA C 644 -28.93 11.28 -5.94
CA ALA C 644 -30.13 11.69 -5.23
C ALA C 644 -30.20 13.20 -5.01
N ASP C 645 -29.13 13.79 -4.46
CA ASP C 645 -29.15 15.23 -4.22
C ASP C 645 -29.01 16.06 -5.49
N VAL C 646 -28.43 15.50 -6.55
CA VAL C 646 -28.38 16.21 -7.82
C VAL C 646 -29.77 16.30 -8.42
N SER C 647 -30.55 15.23 -8.31
CA SER C 647 -31.92 15.25 -8.81
C SER C 647 -32.81 16.22 -8.06
N GLU C 648 -32.54 16.44 -6.76
CA GLU C 648 -33.31 17.40 -5.99
C GLU C 648 -33.06 18.82 -6.48
N MET C 649 -31.82 19.12 -6.90
CA MET C 649 -31.52 20.45 -7.42
C MET C 649 -32.24 20.71 -8.73
N LEU C 650 -32.32 19.71 -9.61
CA LEU C 650 -32.90 19.89 -10.95
C LEU C 650 -34.43 19.96 -10.88
N THR C 651 -34.93 21.15 -10.59
CA THR C 651 -36.35 21.41 -10.58
C THR C 651 -36.76 21.95 -11.96
N PHE C 652 -38.06 21.99 -12.22
CA PHE C 652 -38.53 22.48 -13.51
C PHE C 652 -39.80 23.30 -13.34
N ASP C 653 -40.00 24.24 -14.27
CA ASP C 653 -41.19 25.08 -14.32
C ASP C 653 -41.56 25.29 -15.79
N LYS C 654 -42.57 24.57 -16.26
CA LYS C 654 -43.00 24.68 -17.65
C LYS C 654 -43.47 26.09 -18.00
N LYS C 655 -44.11 26.78 -17.05
CA LYS C 655 -44.61 28.12 -17.33
C LYS C 655 -43.47 29.09 -17.61
N ALA C 656 -42.45 29.11 -16.74
CA ALA C 656 -41.31 29.98 -16.93
C ALA C 656 -40.43 29.54 -18.09
N PHE C 657 -40.46 28.26 -18.45
CA PHE C 657 -39.63 27.78 -19.55
C PHE C 657 -40.07 28.40 -20.88
N THR C 658 -41.37 28.55 -21.10
CA THR C 658 -41.82 29.12 -22.36
C THR C 658 -41.45 30.59 -22.52
N LEU C 659 -40.98 31.27 -21.48
CA LEU C 659 -40.56 32.65 -21.62
C LEU C 659 -39.07 32.81 -21.93
N ALA C 660 -38.41 31.77 -22.43
CA ALA C 660 -36.99 31.83 -22.73
C ALA C 660 -36.70 32.23 -24.17
N ASN C 661 -37.64 32.86 -24.85
CA ASN C 661 -37.40 33.38 -26.18
C ASN C 661 -36.43 34.56 -26.13
N VAL C 662 -36.07 35.07 -27.31
CA VAL C 662 -35.33 36.32 -27.39
C VAL C 662 -36.27 37.52 -27.30
N SER C 663 -37.50 37.38 -27.78
CA SER C 663 -38.46 38.48 -27.72
C SER C 663 -38.83 38.87 -26.30
N SER C 664 -38.63 37.98 -25.33
CA SER C 664 -38.96 38.28 -23.95
C SER C 664 -37.95 39.19 -23.26
N PHE C 665 -36.83 39.50 -23.88
CA PHE C 665 -35.80 40.31 -23.25
C PHE C 665 -35.55 41.66 -23.92
N GLY C 666 -36.19 41.94 -25.05
CA GLY C 666 -36.03 43.24 -25.70
C GLY C 666 -34.60 43.58 -26.11
N ASP C 667 -34.13 44.73 -25.62
CA ASP C 667 -32.78 45.22 -25.93
C ASP C 667 -31.68 44.34 -25.35
N TYR C 668 -31.95 43.63 -24.26
CA TYR C 668 -31.00 42.71 -23.65
C TYR C 668 -30.93 41.46 -24.52
N ASN C 669 -29.83 41.30 -25.26
CA ASN C 669 -29.70 40.26 -26.27
C ASN C 669 -29.10 39.03 -25.58
N LEU C 670 -29.97 38.09 -25.21
CA LEU C 670 -29.62 36.86 -24.53
C LEU C 670 -29.61 35.65 -25.44
N SER C 671 -29.37 35.81 -26.75
CA SER C 671 -29.40 34.64 -27.62
C SER C 671 -28.31 33.63 -27.32
N SER C 672 -27.21 34.05 -26.71
CA SER C 672 -26.13 33.13 -26.39
C SER C 672 -26.41 32.19 -25.23
N VAL C 673 -27.48 32.39 -24.46
CA VAL C 673 -27.73 31.54 -23.30
C VAL C 673 -29.03 30.75 -23.37
N ILE C 674 -30.02 31.15 -24.15
CA ILE C 674 -31.28 30.40 -24.21
C ILE C 674 -31.11 29.06 -24.91
N PRO C 675 -31.92 28.05 -24.58
CA PRO C 675 -31.79 26.75 -25.21
C PRO C 675 -32.08 26.81 -26.71
N SER C 676 -31.43 25.91 -27.45
CA SER C 676 -31.68 25.83 -28.88
C SER C 676 -32.96 25.05 -29.18
N LEU C 677 -33.51 25.33 -30.36
CA LEU C 677 -34.74 24.70 -30.81
C LEU C 677 -34.53 23.21 -31.06
N PRO C 678 -35.41 22.33 -30.58
CA PRO C 678 -35.24 20.90 -30.84
C PRO C 678 -35.31 20.62 -32.34
N ARG C 679 -34.21 20.09 -32.88
CA ARG C 679 -34.07 19.92 -34.32
C ARG C 679 -35.08 18.94 -34.91
N SER C 680 -35.33 17.80 -34.25
CA SER C 680 -36.19 16.80 -34.86
C SER C 680 -37.18 16.22 -33.85
N GLY C 681 -37.69 17.04 -32.94
CA GLY C 681 -38.64 16.52 -31.97
C GLY C 681 -38.00 15.54 -31.00
N SER C 682 -38.87 14.80 -30.31
CA SER C 682 -38.51 13.80 -29.31
C SER C 682 -37.77 14.40 -28.12
N ARG C 683 -37.66 15.73 -28.06
CA ARG C 683 -37.00 16.43 -26.97
C ARG C 683 -37.61 17.83 -26.90
N VAL C 684 -37.42 18.48 -25.75
CA VAL C 684 -37.97 19.81 -25.57
C VAL C 684 -36.96 20.92 -25.81
N ALA C 685 -35.69 20.69 -25.48
CA ALA C 685 -34.71 21.75 -25.62
C ALA C 685 -33.34 21.17 -25.99
N GLY C 686 -32.46 22.06 -26.45
CA GLY C 686 -31.10 21.70 -26.78
C GLY C 686 -30.11 22.66 -26.13
N ARG C 687 -28.83 22.39 -26.38
CA ARG C 687 -27.76 23.21 -25.83
C ARG C 687 -27.74 24.59 -26.47
N SER C 688 -27.40 25.59 -25.66
CA SER C 688 -27.30 26.97 -26.12
C SER C 688 -25.96 27.21 -26.82
N ALA C 689 -25.81 28.42 -27.36
CA ALA C 689 -24.59 28.78 -28.08
C ALA C 689 -23.36 28.88 -27.18
N ILE C 690 -23.53 28.78 -25.87
CA ILE C 690 -22.40 28.75 -24.94
C ILE C 690 -22.14 27.34 -24.44
N GLU C 691 -23.21 26.60 -24.18
CA GLU C 691 -23.12 25.22 -23.69
C GLU C 691 -22.48 24.29 -24.71
N ASP C 692 -22.49 24.64 -25.99
CA ASP C 692 -21.80 23.82 -26.98
C ASP C 692 -20.36 24.26 -27.18
N ILE C 693 -20.07 25.54 -26.97
CA ILE C 693 -18.69 26.02 -27.04
C ILE C 693 -17.86 25.42 -25.91
N LEU C 694 -18.41 25.42 -24.70
CA LEU C 694 -17.71 24.85 -23.56
C LEU C 694 -17.66 23.33 -23.60
N PHE C 695 -18.48 22.68 -24.42
CA PHE C 695 -18.49 21.23 -24.50
C PHE C 695 -17.75 20.67 -25.70
N SER C 696 -17.45 21.50 -26.71
CA SER C 696 -16.75 21.03 -27.89
C SER C 696 -15.41 21.71 -28.08
N LYS C 697 -15.32 23.02 -27.85
CA LYS C 697 -14.04 23.72 -27.98
C LYS C 697 -13.03 23.25 -26.94
N LEU C 698 -13.51 22.67 -25.84
CA LEU C 698 -12.62 22.06 -24.86
C LEU C 698 -12.11 20.73 -25.41
N VAL C 699 -11.24 20.07 -24.64
CA VAL C 699 -10.67 18.80 -25.07
C VAL C 699 -11.76 17.74 -25.15
N THR C 700 -11.86 17.10 -26.31
CA THR C 700 -12.81 16.01 -26.52
C THR C 700 -12.31 14.81 -25.73
N SER C 701 -12.97 14.55 -24.59
CA SER C 701 -12.53 13.52 -23.66
C SER C 701 -12.98 12.12 -24.11
N GLY C 702 -12.45 11.70 -25.25
CA GLY C 702 -12.73 10.36 -25.73
C GLY C 702 -12.04 9.30 -24.90
N LEU C 703 -10.97 9.68 -24.22
CA LEU C 703 -10.21 8.82 -23.32
C LEU C 703 -10.72 8.94 -21.89
N GLY C 704 -11.75 9.75 -21.66
CA GLY C 704 -12.29 9.98 -20.35
C GLY C 704 -13.39 9.03 -19.93
N THR C 705 -14.18 9.47 -18.96
CA THR C 705 -15.28 8.70 -18.39
C THR C 705 -16.54 8.81 -19.24
N VAL C 706 -16.51 8.14 -20.39
CA VAL C 706 -17.66 8.01 -21.27
C VAL C 706 -18.25 6.63 -21.03
N ASP C 707 -19.55 6.56 -20.76
CA ASP C 707 -20.17 5.28 -20.51
C ASP C 707 -20.14 4.39 -21.75
N ALA C 708 -20.06 3.08 -21.50
CA ALA C 708 -19.94 2.09 -22.55
C ALA C 708 -21.31 1.58 -22.98
N ASP C 709 -21.47 1.38 -24.28
CA ASP C 709 -22.68 0.76 -24.82
C ASP C 709 -22.55 -0.74 -24.57
N TYR C 710 -23.04 -1.17 -23.40
CA TYR C 710 -22.89 -2.57 -22.98
C TYR C 710 -23.56 -3.52 -23.96
N LYS C 711 -24.56 -3.04 -24.70
CA LYS C 711 -25.24 -3.86 -25.69
C LYS C 711 -24.35 -4.13 -26.91
N LYS C 712 -23.40 -3.26 -27.18
CA LYS C 712 -22.45 -3.42 -28.28
C LYS C 712 -21.22 -4.23 -27.90
N CYS C 713 -20.75 -4.14 -26.66
CA CYS C 713 -19.51 -4.81 -26.27
C CYS C 713 -19.64 -6.33 -26.34
N THR C 714 -20.80 -6.88 -26.01
CA THR C 714 -20.98 -8.33 -26.06
C THR C 714 -21.14 -8.86 -27.47
N LYS C 715 -21.69 -8.06 -28.39
CA LYS C 715 -21.92 -8.56 -29.74
C LYS C 715 -20.62 -8.95 -30.43
N GLY C 716 -19.55 -8.20 -30.18
CA GLY C 716 -18.27 -8.55 -30.76
C GLY C 716 -18.12 -8.29 -32.24
N LEU C 717 -19.01 -7.50 -32.84
CA LEU C 717 -18.94 -7.22 -34.27
C LEU C 717 -17.72 -6.40 -34.63
N SER C 718 -17.03 -5.83 -33.66
CA SER C 718 -15.83 -5.03 -33.89
C SER C 718 -14.93 -5.16 -32.67
N ILE C 719 -13.64 -4.86 -32.87
CA ILE C 719 -12.70 -4.93 -31.77
C ILE C 719 -13.07 -3.89 -30.72
N ALA C 720 -13.05 -4.31 -29.47
CA ALA C 720 -13.50 -3.47 -28.36
C ALA C 720 -12.68 -2.20 -28.24
N ASP C 721 -13.37 -1.08 -28.07
CA ASP C 721 -12.74 0.22 -27.87
C ASP C 721 -12.34 0.38 -26.41
N LEU C 722 -11.92 1.59 -26.04
CA LEU C 722 -11.48 1.85 -24.67
C LEU C 722 -12.60 1.63 -23.67
N ALA C 723 -13.84 2.02 -24.01
CA ALA C 723 -14.96 1.85 -23.11
C ALA C 723 -15.33 0.37 -22.92
N CYS C 724 -15.41 -0.38 -24.02
CA CYS C 724 -15.76 -1.80 -23.89
C CYS C 724 -14.65 -2.60 -23.23
N ALA C 725 -13.39 -2.23 -23.45
CA ALA C 725 -12.28 -2.95 -22.83
C ALA C 725 -12.32 -2.84 -21.31
N GLN C 726 -12.68 -1.67 -20.79
CA GLN C 726 -12.81 -1.51 -19.34
C GLN C 726 -13.94 -2.35 -18.78
N TYR C 727 -15.03 -2.50 -19.53
CA TYR C 727 -16.14 -3.31 -19.07
C TYR C 727 -15.72 -4.76 -18.88
N TYR C 728 -14.79 -5.25 -19.70
CA TYR C 728 -14.30 -6.62 -19.55
C TYR C 728 -13.53 -6.81 -18.26
N ASN C 729 -13.08 -5.73 -17.63
CA ASN C 729 -12.37 -5.78 -16.36
C ASN C 729 -13.25 -5.42 -15.18
N GLY C 730 -14.57 -5.36 -15.39
CA GLY C 730 -15.52 -5.04 -14.36
C GLY C 730 -15.73 -3.57 -14.08
N ILE C 731 -15.00 -2.69 -14.74
CA ILE C 731 -15.16 -1.25 -14.51
C ILE C 731 -16.34 -0.78 -15.35
N MET C 732 -17.39 -0.32 -14.70
CA MET C 732 -18.60 0.16 -15.36
C MET C 732 -18.81 1.64 -15.05
N VAL C 733 -18.60 2.48 -16.06
CA VAL C 733 -18.85 3.92 -15.94
C VAL C 733 -20.35 4.14 -16.09
N LEU C 734 -20.99 4.62 -15.02
CA LEU C 734 -22.43 4.82 -15.05
C LEU C 734 -22.78 6.07 -15.87
N PRO C 735 -24.00 6.10 -16.44
CA PRO C 735 -24.42 7.28 -17.22
C PRO C 735 -24.44 8.54 -16.37
N GLY C 736 -24.11 9.66 -17.00
CA GLY C 736 -24.05 10.92 -16.31
C GLY C 736 -25.35 11.31 -15.64
N VAL C 737 -25.27 11.76 -14.39
CA VAL C 737 -26.46 12.20 -13.67
C VAL C 737 -27.04 13.46 -14.28
N ALA C 738 -26.19 14.33 -14.84
CA ALA C 738 -26.65 15.58 -15.46
C ALA C 738 -26.98 15.32 -16.91
N ASP C 739 -28.18 14.78 -17.12
CA ASP C 739 -28.67 14.48 -18.47
C ASP C 739 -28.73 15.76 -19.29
N ALA C 740 -28.28 15.68 -20.54
CA ALA C 740 -28.25 16.84 -21.41
C ALA C 740 -29.64 17.42 -21.65
N GLU C 741 -30.68 16.58 -21.65
CA GLU C 741 -32.03 17.10 -21.81
C GLU C 741 -32.52 17.77 -20.54
N ARG C 742 -32.32 17.12 -19.39
CA ARG C 742 -32.78 17.66 -18.12
C ARG C 742 -32.07 18.96 -17.77
N MET C 743 -30.80 19.10 -18.16
CA MET C 743 -30.07 20.32 -17.90
C MET C 743 -30.62 21.49 -18.72
N ALA C 744 -30.94 21.27 -19.98
CA ALA C 744 -31.48 22.34 -20.82
C ALA C 744 -32.83 22.82 -20.29
N MET C 745 -33.64 21.91 -19.77
CA MET C 745 -34.91 22.30 -19.15
C MET C 745 -34.69 23.04 -17.84
N TYR C 746 -33.67 22.64 -17.08
CA TYR C 746 -33.36 23.30 -15.82
C TYR C 746 -32.85 24.72 -16.04
N THR C 747 -31.84 24.88 -16.89
CA THR C 747 -31.30 26.21 -17.17
C THR C 747 -32.28 27.08 -17.94
N GLY C 748 -33.07 26.49 -18.83
CA GLY C 748 -34.07 27.26 -19.55
C GLY C 748 -35.14 27.84 -18.65
N SER C 749 -35.57 27.09 -17.65
CA SER C 749 -36.57 27.61 -16.71
C SER C 749 -36.01 28.75 -15.87
N LEU C 750 -34.77 28.63 -15.41
CA LEU C 750 -34.18 29.69 -14.60
C LEU C 750 -34.01 30.98 -15.39
N ILE C 751 -33.61 30.87 -16.66
CA ILE C 751 -33.47 32.07 -17.49
C ILE C 751 -34.81 32.73 -17.73
N GLY C 752 -35.86 31.94 -17.93
CA GLY C 752 -37.19 32.50 -18.13
C GLY C 752 -37.83 33.08 -16.88
N GLY C 753 -37.32 32.71 -15.70
CA GLY C 753 -37.87 33.25 -14.47
C GLY C 753 -37.67 34.75 -14.33
N ILE C 754 -36.57 35.28 -14.86
CA ILE C 754 -36.30 36.71 -14.78
C ILE C 754 -37.36 37.53 -15.50
N ALA C 755 -37.99 36.96 -16.54
CA ALA C 755 -39.05 37.64 -17.26
C ALA C 755 -40.41 37.61 -16.56
N LEU C 756 -40.56 36.86 -15.48
CA LEU C 756 -41.83 36.84 -14.76
C LEU C 756 -41.96 38.05 -13.85
N GLY C 757 -43.14 38.66 -13.87
CA GLY C 757 -43.40 39.84 -13.07
C GLY C 757 -44.57 39.74 -12.13
N GLY C 758 -45.13 38.54 -11.97
CA GLY C 758 -46.27 38.35 -11.10
C GLY C 758 -47.56 39.03 -11.53
N LEU C 759 -47.90 38.95 -12.82
CA LEU C 759 -49.14 39.50 -13.33
C LEU C 759 -50.26 38.46 -13.29
N THR C 760 -51.48 38.93 -13.51
CA THR C 760 -52.63 38.04 -13.60
C THR C 760 -52.45 37.20 -14.86
N SER C 761 -52.60 35.88 -14.73
CA SER C 761 -52.30 34.91 -15.79
C SER C 761 -50.80 34.89 -16.06
N ALA C 762 -50.08 35.79 -15.39
CA ALA C 762 -48.63 35.93 -15.49
C ALA C 762 -48.14 36.07 -16.93
N ALA C 763 -48.72 37.04 -17.64
CA ALA C 763 -48.23 37.37 -18.95
C ALA C 763 -46.84 38.01 -18.82
N SER C 764 -46.07 37.97 -19.89
CA SER C 764 -44.73 38.54 -19.85
C SER C 764 -44.79 40.07 -19.84
N ILE C 765 -43.96 40.67 -18.98
CA ILE C 765 -43.79 42.12 -18.93
C ILE C 765 -42.66 42.55 -19.85
N PRO C 766 -42.64 43.80 -20.31
CA PRO C 766 -41.45 44.29 -21.03
C PRO C 766 -40.23 44.16 -20.12
N PHE C 767 -39.10 43.77 -20.71
CA PHE C 767 -37.93 43.54 -19.88
C PHE C 767 -37.40 44.80 -19.23
N SER C 768 -37.76 45.98 -19.76
CA SER C 768 -37.35 47.22 -19.10
C SER C 768 -37.97 47.33 -17.72
N LEU C 769 -39.20 46.86 -17.55
CA LEU C 769 -39.85 46.86 -16.25
C LEU C 769 -39.17 45.89 -15.29
N ALA C 770 -38.69 44.76 -15.80
CA ALA C 770 -37.99 43.80 -14.95
C ALA C 770 -36.69 44.39 -14.40
N ILE C 771 -35.93 45.10 -15.23
CA ILE C 771 -34.72 45.75 -14.76
C ILE C 771 -35.06 46.90 -13.81
N GLN C 772 -36.12 47.64 -14.10
CA GLN C 772 -36.52 48.74 -13.23
C GLN C 772 -36.94 48.24 -11.85
N SER C 773 -37.66 47.13 -11.79
CA SER C 773 -38.06 46.57 -10.49
C SER C 773 -36.84 46.10 -9.69
N ARG C 774 -35.86 45.51 -10.36
CA ARG C 774 -34.65 45.09 -9.66
C ARG C 774 -33.79 46.26 -9.23
N LEU C 775 -33.88 47.40 -9.93
CA LEU C 775 -33.17 48.58 -9.46
C LEU C 775 -33.82 49.16 -8.21
N ASN C 776 -35.15 49.07 -8.13
CA ASN C 776 -35.88 49.58 -6.97
C ASN C 776 -35.47 48.85 -5.70
N TYR C 777 -35.12 47.57 -5.81
CA TYR C 777 -34.66 46.81 -4.65
C TYR C 777 -33.40 47.42 -4.05
N VAL C 778 -32.57 48.07 -4.87
CA VAL C 778 -31.36 48.70 -4.37
C VAL C 778 -31.68 50.03 -3.71
N ALA C 779 -32.39 50.90 -4.43
CA ALA C 779 -32.81 52.19 -3.93
C ALA C 779 -34.10 52.58 -4.65
N LEU C 780 -34.95 53.31 -3.94
CA LEU C 780 -36.23 53.72 -4.52
C LEU C 780 -36.01 54.64 -5.70
N GLN C 781 -36.48 54.21 -6.88
CA GLN C 781 -36.27 54.96 -8.11
C GLN C 781 -37.13 56.20 -8.18
N THR C 782 -36.50 57.33 -8.49
CA THR C 782 -37.19 58.60 -8.68
C THR C 782 -37.10 59.11 -10.11
N ASP C 783 -36.22 58.54 -10.93
CA ASP C 783 -36.15 58.85 -12.35
C ASP C 783 -37.38 58.25 -13.02
N VAL C 784 -38.38 59.09 -13.25
CA VAL C 784 -39.65 58.67 -13.79
C VAL C 784 -39.56 58.26 -15.26
N LEU C 785 -38.70 58.92 -16.04
CA LEU C 785 -38.57 58.60 -17.46
C LEU C 785 -37.58 57.48 -17.78
N GLN C 786 -36.76 57.05 -16.81
CA GLN C 786 -35.83 55.92 -16.97
C GLN C 786 -34.88 56.09 -18.16
N GLU C 787 -34.12 57.18 -18.15
CA GLU C 787 -33.20 57.44 -19.26
C GLU C 787 -32.00 56.50 -19.24
N ASN C 788 -31.54 56.09 -18.04
CA ASN C 788 -30.39 55.22 -17.91
C ASN C 788 -30.61 53.79 -18.41
N GLN C 789 -31.81 53.43 -18.84
CA GLN C 789 -32.04 52.05 -19.28
C GLN C 789 -31.28 51.72 -20.56
N ARG C 790 -31.04 52.71 -21.41
CA ARG C 790 -30.38 52.46 -22.69
C ARG C 790 -28.88 52.23 -22.53
N ILE C 791 -28.20 53.02 -21.69
CA ILE C 791 -26.78 52.79 -21.48
C ILE C 791 -26.54 51.45 -20.80
N LEU C 792 -27.40 51.06 -19.87
CA LEU C 792 -27.24 49.77 -19.21
C LEU C 792 -27.41 48.62 -20.19
N ALA C 793 -28.40 48.71 -21.07
CA ALA C 793 -28.61 47.65 -22.07
C ALA C 793 -27.47 47.59 -23.07
N ALA C 794 -27.01 48.74 -23.55
CA ALA C 794 -25.90 48.75 -24.51
C ALA C 794 -24.63 48.19 -23.89
N SER C 795 -24.38 48.52 -22.63
CA SER C 795 -23.20 48.00 -21.95
C SER C 795 -23.28 46.49 -21.75
N PHE C 796 -24.48 45.98 -21.44
CA PHE C 796 -24.66 44.55 -21.27
C PHE C 796 -24.41 43.80 -22.57
N ASN C 797 -24.92 44.32 -23.69
CA ASN C 797 -24.69 43.66 -24.98
C ASN C 797 -23.22 43.62 -25.34
N LYS C 798 -22.48 44.69 -25.05
CA LYS C 798 -21.04 44.68 -25.31
C LYS C 798 -20.33 43.65 -24.46
N ALA C 799 -20.69 43.56 -23.17
CA ALA C 799 -20.06 42.59 -22.28
C ALA C 799 -20.34 41.16 -22.71
N MET C 800 -21.57 40.88 -23.13
CA MET C 800 -21.93 39.53 -23.57
C MET C 800 -21.11 39.10 -24.78
N THR C 801 -20.86 40.03 -25.70
CA THR C 801 -20.05 39.70 -26.87
C THR C 801 -18.62 39.34 -26.50
N ASN C 802 -18.01 40.11 -25.60
CA ASN C 802 -16.65 39.82 -25.18
C ASN C 802 -16.54 38.49 -24.44
N ILE C 803 -17.57 38.10 -23.71
CA ILE C 803 -17.54 36.81 -23.02
C ILE C 803 -17.50 35.65 -24.01
N VAL C 804 -18.32 35.72 -25.06
CA VAL C 804 -18.31 34.67 -26.07
C VAL C 804 -16.98 34.67 -26.83
N ASP C 805 -16.44 35.86 -27.10
CA ASP C 805 -15.14 35.96 -27.75
C ASP C 805 -14.04 35.37 -26.88
N ALA C 806 -14.11 35.61 -25.57
CA ALA C 806 -13.13 35.04 -24.65
C ALA C 806 -13.26 33.53 -24.54
N PHE C 807 -14.48 33.00 -24.68
CA PHE C 807 -14.64 31.55 -24.62
C PHE C 807 -14.03 30.87 -25.84
N THR C 808 -13.98 31.55 -26.98
CA THR C 808 -13.38 30.98 -28.19
C THR C 808 -11.87 31.22 -28.22
N GLY C 809 -11.45 32.48 -28.14
CA GLY C 809 -10.03 32.81 -28.15
C GLY C 809 -9.61 33.87 -29.15
N VAL C 810 -10.58 34.54 -29.77
CA VAL C 810 -10.32 35.55 -30.79
C VAL C 810 -9.76 36.85 -30.22
N ASN C 811 -9.74 37.02 -28.90
CA ASN C 811 -9.24 38.22 -28.26
C ASN C 811 -8.25 37.89 -27.15
N ASP C 812 -7.49 36.80 -27.35
CA ASP C 812 -6.58 36.30 -26.33
C ASP C 812 -5.51 37.32 -25.92
N ALA C 813 -4.91 38.00 -26.90
CA ALA C 813 -3.87 38.97 -26.61
C ALA C 813 -4.36 40.24 -25.90
N ILE C 814 -5.67 40.40 -25.74
CA ILE C 814 -6.24 41.58 -25.09
C ILE C 814 -7.12 41.25 -23.89
N THR C 815 -7.26 39.98 -23.55
CA THR C 815 -8.10 39.58 -22.42
C THR C 815 -7.59 40.12 -21.08
N GLN C 816 -6.31 40.46 -20.98
CA GLN C 816 -5.78 40.98 -19.72
C GLN C 816 -6.21 42.41 -19.44
N THR C 817 -6.79 43.11 -20.41
CA THR C 817 -7.15 44.51 -20.24
C THR C 817 -8.34 44.73 -19.30
N SER C 818 -9.07 43.70 -18.92
CA SER C 818 -10.22 43.87 -18.05
C SER C 818 -10.29 42.75 -17.02
N GLN C 819 -10.68 43.12 -15.79
CA GLN C 819 -10.88 42.12 -14.74
C GLN C 819 -12.04 41.20 -15.08
N ALA C 820 -13.04 41.70 -15.82
CA ALA C 820 -14.15 40.86 -16.22
C ALA C 820 -13.67 39.74 -17.12
N LEU C 821 -12.79 40.06 -18.07
CA LEU C 821 -12.26 39.03 -18.96
C LEU C 821 -11.31 38.11 -18.21
N GLN C 822 -10.72 38.59 -17.11
CA GLN C 822 -9.88 37.74 -16.28
C GLN C 822 -10.68 36.62 -15.63
N THR C 823 -11.93 36.90 -15.24
CA THR C 823 -12.77 35.85 -14.67
C THR C 823 -13.05 34.75 -15.68
N VAL C 824 -13.10 35.10 -16.96
CA VAL C 824 -13.33 34.09 -17.99
C VAL C 824 -12.12 33.18 -18.11
N ALA C 825 -10.91 33.75 -18.01
CA ALA C 825 -9.71 32.94 -18.04
C ALA C 825 -9.67 31.99 -16.84
N THR C 826 -10.06 32.48 -15.67
CA THR C 826 -10.11 31.63 -14.48
C THR C 826 -11.12 30.51 -14.65
N ALA C 827 -12.29 30.83 -15.22
CA ALA C 827 -13.30 29.80 -15.46
C ALA C 827 -12.82 28.76 -16.46
N LEU C 828 -12.18 29.20 -17.55
CA LEU C 828 -11.67 28.27 -18.54
C LEU C 828 -10.60 27.36 -17.96
N ASN C 829 -9.70 27.91 -17.13
CA ASN C 829 -8.67 27.10 -16.51
C ASN C 829 -9.26 26.01 -15.62
N LYS C 830 -10.29 26.34 -14.84
CA LYS C 830 -10.90 25.35 -13.97
C LYS C 830 -11.62 24.27 -14.77
N ILE C 831 -12.30 24.65 -15.85
CA ILE C 831 -12.97 23.67 -16.70
C ILE C 831 -11.94 22.76 -17.37
N GLN C 832 -10.82 23.33 -17.81
CA GLN C 832 -9.76 22.55 -18.45
C GLN C 832 -9.17 21.52 -17.48
N ASP C 833 -8.95 21.90 -16.22
CA ASP C 833 -8.42 20.96 -15.25
C ASP C 833 -9.39 19.81 -14.99
N VAL C 834 -10.68 20.10 -14.88
CA VAL C 834 -11.67 19.05 -14.67
C VAL C 834 -11.75 18.12 -15.87
N VAL C 835 -11.70 18.68 -17.08
CA VAL C 835 -11.77 17.89 -18.31
C VAL C 835 -10.52 17.05 -18.50
N ASN C 836 -9.39 17.45 -17.95
CA ASN C 836 -8.15 16.69 -18.07
C ASN C 836 -7.90 15.69 -16.94
N GLN C 837 -8.82 15.52 -15.99
CA GLN C 837 -8.55 14.64 -14.87
C GLN C 837 -9.44 13.41 -14.69
N GLN C 838 -10.46 13.19 -15.52
CA GLN C 838 -11.33 12.05 -15.24
C GLN C 838 -10.62 10.73 -15.47
N GLY C 839 -9.88 10.61 -16.57
CA GLY C 839 -9.23 9.35 -16.89
C GLY C 839 -8.02 9.00 -16.05
N ASN C 840 -7.52 9.92 -15.23
CA ASN C 840 -6.33 9.63 -14.45
C ASN C 840 -6.57 8.52 -13.43
N SER C 841 -7.73 8.53 -12.77
CA SER C 841 -8.04 7.48 -11.79
C SER C 841 -8.25 6.13 -12.45
N LEU C 842 -8.94 6.09 -13.59
CA LEU C 842 -9.18 4.84 -14.29
C LEU C 842 -7.92 4.27 -14.90
N ASN C 843 -7.06 5.12 -15.47
CA ASN C 843 -5.83 4.64 -16.07
C ASN C 843 -4.89 4.04 -15.03
N HIS C 844 -4.90 4.59 -13.82
CA HIS C 844 -4.08 4.03 -12.75
C HIS C 844 -4.59 2.66 -12.32
N LEU C 845 -5.91 2.47 -12.28
CA LEU C 845 -6.47 1.18 -11.88
C LEU C 845 -6.30 0.11 -12.95
N THR C 846 -6.48 0.46 -14.23
CA THR C 846 -6.31 -0.54 -15.30
C THR C 846 -4.84 -0.92 -15.50
N SER C 847 -3.93 0.03 -15.34
CA SER C 847 -2.52 -0.29 -15.50
C SER C 847 -2.00 -1.19 -14.38
N GLN C 848 -2.62 -1.16 -13.21
CA GLN C 848 -2.22 -2.02 -12.12
C GLN C 848 -2.49 -3.49 -12.39
N LEU C 849 -3.25 -3.82 -13.44
CA LEU C 849 -3.47 -5.21 -13.79
C LEU C 849 -2.26 -5.85 -14.45
N ARG C 850 -1.34 -5.05 -14.98
CA ARG C 850 -0.16 -5.59 -15.65
C ARG C 850 0.94 -5.98 -14.66
N GLN C 851 0.81 -5.60 -13.40
CA GLN C 851 1.84 -5.92 -12.42
C GLN C 851 1.86 -7.40 -12.08
N ASN C 852 3.06 -7.94 -11.91
CA ASN C 852 3.23 -9.34 -11.53
C ASN C 852 3.12 -9.54 -10.02
N PHE C 853 3.36 -8.50 -9.23
CA PHE C 853 3.32 -8.59 -7.78
C PHE C 853 4.19 -9.72 -7.27
N GLN C 854 5.34 -9.90 -7.91
CA GLN C 854 6.30 -10.96 -7.57
C GLN C 854 5.68 -12.35 -7.71
N ALA C 855 5.04 -12.58 -8.84
CA ALA C 855 4.48 -13.87 -9.23
C ALA C 855 5.11 -14.26 -10.56
N ILE C 856 4.79 -15.46 -11.03
CA ILE C 856 5.36 -15.89 -12.30
C ILE C 856 4.85 -15.01 -13.43
N SER C 857 3.56 -14.69 -13.42
CA SER C 857 2.97 -13.87 -14.46
C SER C 857 1.76 -13.15 -13.90
N SER C 858 1.37 -12.09 -14.60
CA SER C 858 0.18 -11.34 -14.23
C SER C 858 -1.11 -12.01 -14.71
N SER C 859 -1.01 -12.99 -15.61
CA SER C 859 -2.19 -13.69 -16.11
C SER C 859 -2.47 -14.89 -15.22
N ILE C 860 -3.68 -14.92 -14.64
CA ILE C 860 -4.07 -16.01 -13.76
C ILE C 860 -4.12 -17.32 -14.51
N GLN C 861 -4.60 -17.31 -15.76
CA GLN C 861 -4.65 -18.53 -16.55
C GLN C 861 -3.26 -19.10 -16.82
N ALA C 862 -2.25 -18.24 -16.93
CA ALA C 862 -0.90 -18.71 -17.19
C ALA C 862 -0.35 -19.51 -16.00
N ILE C 863 -0.71 -19.11 -14.78
CA ILE C 863 -0.25 -19.83 -13.60
C ILE C 863 -0.85 -21.23 -13.55
N TYR C 864 -2.16 -21.35 -13.79
CA TYR C 864 -2.81 -22.65 -13.76
C TYR C 864 -2.43 -23.53 -14.94
N ASP C 865 -1.85 -22.97 -15.98
CA ASP C 865 -1.34 -23.76 -17.09
C ASP C 865 0.07 -24.26 -16.86
N ARG C 866 0.74 -23.80 -15.80
CA ARG C 866 2.12 -24.16 -15.54
C ARG C 866 2.36 -24.94 -14.25
N LEU C 867 1.45 -24.90 -13.28
CA LEU C 867 1.69 -25.52 -11.98
C LEU C 867 0.49 -26.35 -11.54
N ASP C 868 0.74 -27.27 -10.62
CA ASP C 868 -0.35 -28.01 -10.01
C ASP C 868 -1.10 -27.10 -9.05
N PRO C 869 -2.38 -27.36 -8.83
CA PRO C 869 -3.20 -26.48 -7.96
C PRO C 869 -2.57 -26.20 -6.60
N PRO C 870 -1.92 -27.18 -5.95
CA PRO C 870 -1.30 -26.85 -4.65
C PRO C 870 -0.29 -25.72 -4.71
N GLN C 871 0.47 -25.61 -5.80
CA GLN C 871 1.47 -24.55 -5.93
C GLN C 871 0.95 -23.31 -6.62
N ALA C 872 0.00 -23.47 -7.54
CA ALA C 872 -0.55 -22.32 -8.25
C ALA C 872 -1.38 -21.44 -7.32
N ASP C 873 -2.09 -22.05 -6.37
CA ASP C 873 -2.91 -21.27 -5.45
C ASP C 873 -2.06 -20.31 -4.62
N GLN C 874 -0.88 -20.74 -4.19
CA GLN C 874 -0.01 -19.86 -3.43
C GLN C 874 0.46 -18.67 -4.23
N GLN C 875 0.69 -18.85 -5.54
CA GLN C 875 1.10 -17.74 -6.39
C GLN C 875 -0.06 -16.84 -6.79
N VAL C 876 -1.26 -17.40 -6.96
CA VAL C 876 -2.42 -16.58 -7.29
C VAL C 876 -2.76 -15.64 -6.13
N ASP C 877 -2.57 -16.11 -4.89
CA ASP C 877 -2.83 -15.26 -3.73
C ASP C 877 -2.04 -13.96 -3.77
N ARG C 878 -0.86 -13.97 -4.41
CA ARG C 878 -0.11 -12.73 -4.58
C ARG C 878 -0.85 -11.73 -5.44
N LEU C 879 -1.48 -12.20 -6.52
CA LEU C 879 -2.24 -11.33 -7.40
C LEU C 879 -3.52 -10.83 -6.71
N ILE C 880 -4.16 -11.68 -5.91
CA ILE C 880 -5.37 -11.28 -5.22
C ILE C 880 -5.11 -10.15 -4.23
N THR C 881 -4.09 -10.31 -3.40
CA THR C 881 -3.76 -9.26 -2.43
C THR C 881 -3.30 -7.98 -3.11
N GLY C 882 -2.48 -8.11 -4.15
CA GLY C 882 -2.00 -6.93 -4.85
C GLY C 882 -3.10 -6.16 -5.58
N ARG C 883 -4.02 -6.88 -6.21
CA ARG C 883 -5.10 -6.22 -6.93
C ARG C 883 -6.14 -5.63 -5.98
N LEU C 884 -6.39 -6.26 -4.85
CA LEU C 884 -7.30 -5.66 -3.87
C LEU C 884 -6.74 -4.35 -3.33
N ALA C 885 -5.42 -4.26 -3.20
CA ALA C 885 -4.79 -3.02 -2.77
C ALA C 885 -5.03 -1.92 -3.79
N ALA C 886 -4.98 -2.25 -5.08
CA ALA C 886 -5.24 -1.27 -6.12
C ALA C 886 -6.67 -0.76 -6.05
N LEU C 887 -7.63 -1.65 -5.77
CA LEU C 887 -9.02 -1.23 -5.64
C LEU C 887 -9.20 -0.29 -4.45
N ASN C 888 -8.52 -0.58 -3.34
CA ASN C 888 -8.62 0.29 -2.16
C ASN C 888 -8.07 1.68 -2.46
N VAL C 889 -7.00 1.75 -3.25
CA VAL C 889 -6.45 3.04 -3.64
C VAL C 889 -7.43 3.80 -4.52
N PHE C 890 -8.08 3.09 -5.45
CA PHE C 890 -9.07 3.72 -6.31
C PHE C 890 -10.26 4.25 -5.52
N VAL C 891 -10.73 3.49 -4.53
CA VAL C 891 -11.82 3.97 -3.68
C VAL C 891 -11.42 5.23 -2.93
N SER C 892 -10.16 5.31 -2.50
CA SER C 892 -9.67 6.50 -1.83
C SER C 892 -9.67 7.71 -2.76
N HIS C 893 -9.35 7.50 -4.05
CA HIS C 893 -9.38 8.61 -5.01
C HIS C 893 -10.80 9.10 -5.26
N THR C 894 -11.76 8.19 -5.41
CA THR C 894 -13.13 8.59 -5.68
C THR C 894 -13.79 9.25 -4.48
N LEU C 895 -13.59 8.71 -3.27
CA LEU C 895 -14.20 9.29 -2.09
C LEU C 895 -13.71 10.72 -1.82
N THR C 896 -12.43 10.97 -2.09
CA THR C 896 -11.91 12.33 -1.91
C THR C 896 -12.54 13.29 -2.91
N LYS C 897 -12.72 12.85 -4.16
CA LYS C 897 -13.31 13.70 -5.17
C LYS C 897 -14.77 14.01 -4.88
N TYR C 898 -15.51 13.06 -4.30
CA TYR C 898 -16.91 13.33 -3.94
C TYR C 898 -17.00 14.40 -2.87
N THR C 899 -16.06 14.45 -1.94
CA THR C 899 -16.07 15.48 -0.91
C THR C 899 -15.90 16.87 -1.53
N GLU C 900 -14.94 17.01 -2.43
CA GLU C 900 -14.71 18.29 -3.11
C GLU C 900 -15.91 18.69 -3.97
N VAL C 901 -16.49 17.74 -4.69
CA VAL C 901 -17.63 18.05 -5.56
C VAL C 901 -18.86 18.42 -4.74
N ARG C 902 -19.09 17.73 -3.62
CA ARG C 902 -20.26 18.04 -2.79
C ARG C 902 -20.18 19.44 -2.19
N ALA C 903 -18.99 19.86 -1.74
CA ALA C 903 -18.88 21.22 -1.22
C ALA C 903 -19.18 22.25 -2.30
N SER C 904 -18.66 22.04 -3.51
CA SER C 904 -18.94 22.95 -4.62
C SER C 904 -20.39 22.88 -5.06
N ARG C 905 -21.02 21.71 -4.94
CA ARG C 905 -22.44 21.57 -5.28
C ARG C 905 -23.33 22.35 -4.31
N GLN C 906 -23.00 22.34 -3.03
CA GLN C 906 -23.81 23.10 -2.07
C GLN C 906 -23.70 24.60 -2.35
N LEU C 907 -22.51 25.07 -2.71
CA LEU C 907 -22.36 26.49 -3.03
C LEU C 907 -23.16 26.84 -4.28
N ALA C 908 -23.17 25.95 -5.27
CA ALA C 908 -23.94 26.19 -6.49
C ALA C 908 -25.43 26.30 -6.21
N GLN C 909 -25.94 25.43 -5.33
CA GLN C 909 -27.35 25.51 -4.96
C GLN C 909 -27.68 26.81 -4.26
N GLN C 910 -26.81 27.27 -3.36
CA GLN C 910 -27.03 28.54 -2.70
C GLN C 910 -27.00 29.71 -3.69
N LYS C 911 -26.11 29.65 -4.67
CA LYS C 911 -26.04 30.71 -5.67
C LYS C 911 -27.25 30.70 -6.60
N VAL C 912 -27.83 29.54 -6.85
CA VAL C 912 -29.04 29.49 -7.66
C VAL C 912 -30.22 30.07 -6.90
N ASN C 913 -30.32 29.75 -5.61
CA ASN C 913 -31.42 30.26 -4.80
C ASN C 913 -31.27 31.73 -4.43
N GLU C 914 -30.04 32.21 -4.24
CA GLU C 914 -29.82 33.59 -3.82
C GLU C 914 -29.40 34.55 -4.93
N CYS C 915 -28.74 34.10 -5.99
CA CYS C 915 -28.34 35.01 -7.06
C CYS C 915 -29.16 34.86 -8.33
N VAL C 916 -29.69 33.68 -8.62
CA VAL C 916 -30.42 33.48 -9.86
C VAL C 916 -31.92 33.69 -9.67
N LYS C 917 -32.52 33.02 -8.70
CA LYS C 917 -33.94 33.22 -8.45
C LYS C 917 -34.22 34.55 -7.77
N SER C 918 -33.43 34.90 -6.75
CA SER C 918 -33.61 36.11 -5.97
C SER C 918 -32.52 37.12 -6.31
N GLN C 919 -32.65 38.31 -5.74
CA GLN C 919 -31.65 39.35 -5.83
C GLN C 919 -30.97 39.43 -4.48
N SER C 920 -29.64 39.39 -4.47
CA SER C 920 -28.87 39.36 -3.24
C SER C 920 -28.20 40.68 -2.91
N LYS C 921 -28.22 41.03 -1.63
CA LYS C 921 -27.53 42.19 -1.10
C LYS C 921 -26.26 41.80 -0.35
N ARG C 922 -25.99 40.51 -0.22
CA ARG C 922 -24.77 40.04 0.44
C ARG C 922 -23.60 40.42 -0.44
N TYR C 923 -22.77 41.35 0.02
CA TYR C 923 -21.66 41.82 -0.80
C TYR C 923 -20.67 40.71 -1.13
N GLY C 924 -20.31 40.62 -2.41
CA GLY C 924 -19.34 39.67 -2.91
C GLY C 924 -19.85 38.28 -3.22
N PHE C 925 -21.11 37.98 -2.93
CA PHE C 925 -21.61 36.63 -3.18
C PHE C 925 -21.96 36.41 -4.64
N CYS C 926 -22.45 37.43 -5.34
CA CYS C 926 -22.83 37.29 -6.74
C CYS C 926 -22.08 38.30 -7.60
N GLY C 927 -20.78 38.43 -7.37
CA GLY C 927 -19.93 39.35 -8.12
C GLY C 927 -19.20 40.29 -7.18
N ASN C 928 -18.73 41.44 -7.67
CA ASN C 928 -18.03 42.37 -6.81
C ASN C 928 -18.73 43.73 -6.71
N GLY C 929 -19.83 43.92 -7.44
CA GLY C 929 -20.56 45.18 -7.39
C GLY C 929 -22.00 44.98 -6.95
N THR C 930 -22.87 45.93 -7.28
CA THR C 930 -24.28 45.81 -6.90
C THR C 930 -24.96 44.82 -7.84
N HIS C 931 -25.47 43.72 -7.26
CA HIS C 931 -26.08 42.66 -8.05
C HIS C 931 -27.45 43.07 -8.59
N ILE C 932 -27.71 42.70 -9.85
CA ILE C 932 -28.99 42.97 -10.49
C ILE C 932 -29.68 41.64 -10.79
N PHE C 933 -29.05 40.80 -11.61
CA PHE C 933 -29.59 39.49 -11.91
C PHE C 933 -28.44 38.60 -12.36
N SER C 934 -28.69 37.29 -12.32
CA SER C 934 -27.71 36.30 -12.75
C SER C 934 -28.34 35.30 -13.70
N LEU C 935 -27.50 34.77 -14.60
CA LEU C 935 -27.89 33.74 -15.55
C LEU C 935 -27.04 32.50 -15.27
N VAL C 936 -27.52 31.35 -15.76
CA VAL C 936 -26.81 30.09 -15.58
C VAL C 936 -26.89 29.27 -16.85
N ASN C 937 -25.84 28.49 -17.10
CA ASN C 937 -25.77 27.62 -18.27
C ASN C 937 -25.05 26.33 -17.89
N ALA C 938 -25.30 25.29 -18.67
CA ALA C 938 -24.66 24.01 -18.45
C ALA C 938 -23.19 24.07 -18.84
N ALA C 939 -22.36 23.38 -18.07
CA ALA C 939 -20.93 23.30 -18.29
C ALA C 939 -20.49 21.87 -18.03
N PRO C 940 -19.32 21.46 -18.54
CA PRO C 940 -18.84 20.11 -18.28
C PRO C 940 -18.79 19.79 -16.79
N GLU C 941 -19.60 18.82 -16.36
CA GLU C 941 -19.70 18.39 -14.96
C GLU C 941 -20.09 19.51 -14.00
N GLY C 942 -20.76 20.56 -14.47
CA GLY C 942 -21.03 21.65 -13.58
C GLY C 942 -21.92 22.71 -14.19
N LEU C 943 -21.95 23.86 -13.52
CA LEU C 943 -22.70 25.03 -13.95
C LEU C 943 -21.77 26.21 -14.14
N VAL C 944 -22.16 27.12 -15.02
CA VAL C 944 -21.44 28.37 -15.24
C VAL C 944 -22.42 29.50 -14.98
N PHE C 945 -22.00 30.47 -14.16
CA PHE C 945 -22.82 31.60 -13.78
C PHE C 945 -22.32 32.87 -14.46
N LEU C 946 -23.26 33.68 -14.95
CA LEU C 946 -22.97 34.96 -15.58
C LEU C 946 -23.63 36.01 -14.71
N HIS C 947 -22.90 36.47 -13.68
CA HIS C 947 -23.40 37.50 -12.79
C HIS C 947 -23.40 38.85 -13.47
N THR C 948 -24.50 39.58 -13.33
CA THR C 948 -24.62 40.92 -13.88
C THR C 948 -24.65 41.90 -12.71
N VAL C 949 -23.69 42.82 -12.69
CA VAL C 949 -23.53 43.77 -11.60
C VAL C 949 -23.42 45.18 -12.16
N LEU C 950 -23.65 46.16 -11.30
CA LEU C 950 -23.50 47.56 -11.63
C LEU C 950 -22.25 48.11 -10.98
N LEU C 951 -21.44 48.83 -11.76
CA LEU C 951 -20.23 49.46 -11.28
C LEU C 951 -20.33 50.95 -11.51
N PRO C 952 -20.12 51.77 -10.49
CA PRO C 952 -20.20 53.22 -10.69
C PRO C 952 -19.04 53.73 -11.53
N THR C 953 -19.32 54.75 -12.33
CA THR C 953 -18.33 55.38 -13.16
C THR C 953 -18.12 56.86 -12.86
N GLN C 954 -19.15 57.57 -12.44
CA GLN C 954 -19.04 58.98 -12.10
C GLN C 954 -19.69 59.23 -10.75
N TYR C 955 -19.22 60.26 -10.06
CA TYR C 955 -19.73 60.62 -8.74
C TYR C 955 -20.19 62.07 -8.74
N LYS C 956 -21.19 62.35 -7.92
CA LYS C 956 -21.71 63.70 -7.75
C LYS C 956 -21.46 64.18 -6.33
N ASP C 957 -20.99 65.41 -6.19
CA ASP C 957 -20.74 66.01 -4.90
C ASP C 957 -21.95 66.84 -4.46
N VAL C 958 -22.39 66.63 -3.23
CA VAL C 958 -23.52 67.35 -2.66
C VAL C 958 -23.18 67.81 -1.25
N GLU C 959 -23.57 69.04 -0.93
CA GLU C 959 -23.38 69.61 0.41
C GLU C 959 -24.49 69.09 1.29
N ALA C 960 -24.19 68.09 2.11
CA ALA C 960 -25.17 67.43 2.95
C ALA C 960 -25.21 68.00 4.36
N TRP C 961 -26.34 67.76 5.03
CA TRP C 961 -26.58 68.21 6.39
C TRP C 961 -27.10 67.05 7.21
N SER C 962 -26.78 67.07 8.51
CA SER C 962 -27.14 65.99 9.41
C SER C 962 -28.62 66.00 9.79
N GLY C 963 -29.24 67.16 9.90
CA GLY C 963 -30.64 67.21 10.28
C GLY C 963 -31.16 68.63 10.31
N LEU C 964 -32.35 68.78 10.89
CA LEU C 964 -32.98 70.08 11.01
C LEU C 964 -33.25 70.43 12.46
N CYS C 965 -33.14 71.72 12.75
CA CYS C 965 -33.50 72.25 14.06
C CYS C 965 -34.48 73.39 13.80
N VAL C 966 -35.72 73.21 14.25
CA VAL C 966 -36.77 74.19 14.03
C VAL C 966 -37.07 74.90 15.34
N ASP C 967 -37.04 76.23 15.30
CA ASP C 967 -37.27 77.10 16.46
C ASP C 967 -36.29 76.85 17.59
N GLY C 968 -35.18 76.18 17.31
CA GLY C 968 -34.21 75.90 18.34
C GLY C 968 -34.63 74.92 19.40
N ILE C 969 -35.80 74.30 19.28
CA ILE C 969 -36.26 73.38 20.31
C ILE C 969 -36.72 72.04 19.74
N ASN C 970 -36.93 71.96 18.43
CA ASN C 970 -37.33 70.71 17.79
C ASN C 970 -36.27 70.22 16.83
N GLY C 971 -35.85 68.97 17.00
CA GLY C 971 -34.84 68.34 16.17
C GLY C 971 -35.45 67.28 15.27
N TYR C 972 -34.99 67.21 14.03
CA TYR C 972 -35.49 66.24 13.07
C TYR C 972 -34.32 65.56 12.36
N VAL C 973 -34.37 64.24 12.28
CA VAL C 973 -33.41 63.44 11.54
C VAL C 973 -34.17 62.76 10.40
N LEU C 974 -33.43 62.08 9.53
CA LEU C 974 -34.09 61.39 8.42
C LEU C 974 -34.64 60.04 8.87
N ARG C 975 -35.78 59.67 8.26
CA ARG C 975 -36.48 58.44 8.63
C ARG C 975 -35.64 57.20 8.37
N GLN C 976 -34.84 57.20 7.31
CA GLN C 976 -33.96 56.10 6.99
C GLN C 976 -32.51 56.52 7.09
N PRO C 977 -31.64 55.74 7.72
CA PRO C 977 -30.24 56.13 7.81
C PRO C 977 -29.52 56.14 6.46
N ASN C 978 -30.05 55.45 5.45
CA ASN C 978 -29.43 55.41 4.15
C ASN C 978 -29.83 56.58 3.25
N LEU C 979 -30.59 57.53 3.77
CA LEU C 979 -30.95 58.74 3.04
C LEU C 979 -30.10 59.90 3.52
N ALA C 980 -29.93 60.90 2.65
CA ALA C 980 -29.16 62.08 2.98
C ALA C 980 -29.87 63.33 2.50
N LEU C 981 -29.80 64.39 3.31
CA LEU C 981 -30.41 65.67 3.00
C LEU C 981 -29.32 66.62 2.53
N TYR C 982 -29.53 67.25 1.38
CA TYR C 982 -28.52 68.13 0.80
C TYR C 982 -29.15 69.35 0.16
N LYS C 983 -28.31 70.37 -0.02
CA LYS C 983 -28.72 71.65 -0.59
C LYS C 983 -28.22 71.79 -2.02
N GLU C 984 -29.12 72.17 -2.92
CA GLU C 984 -28.78 72.36 -4.33
C GLU C 984 -29.35 73.71 -4.74
N GLY C 985 -28.47 74.66 -5.01
CA GLY C 985 -28.91 76.00 -5.35
C GLY C 985 -29.59 76.65 -4.16
N ASN C 986 -30.78 77.19 -4.37
CA ASN C 986 -31.52 77.84 -3.30
C ASN C 986 -32.48 76.91 -2.57
N TYR C 987 -32.71 75.70 -3.07
CA TYR C 987 -33.64 74.77 -2.45
C TYR C 987 -32.89 73.60 -1.81
N TYR C 988 -33.65 72.64 -1.29
CA TYR C 988 -33.14 71.44 -0.65
C TYR C 988 -33.72 70.19 -1.31
N ARG C 989 -32.96 69.11 -1.26
CA ARG C 989 -33.37 67.83 -1.82
C ARG C 989 -32.85 66.70 -0.94
N ILE C 990 -33.49 65.54 -1.08
CA ILE C 990 -33.11 64.33 -0.35
C ILE C 990 -32.76 63.27 -1.39
N THR C 991 -31.64 62.58 -1.17
CA THR C 991 -31.20 61.53 -2.07
C THR C 991 -30.76 60.30 -1.28
N SER C 992 -30.77 59.16 -1.93
CA SER C 992 -30.22 57.95 -1.34
C SER C 992 -28.70 57.99 -1.43
N ARG C 993 -28.05 57.55 -0.36
CA ARG C 993 -26.58 57.52 -0.35
C ARG C 993 -26.02 56.46 -1.29
N ILE C 994 -26.71 55.35 -1.46
CA ILE C 994 -26.21 54.28 -2.33
C ILE C 994 -26.29 54.68 -3.80
N MET C 995 -27.41 55.26 -4.20
CA MET C 995 -27.66 55.65 -5.58
C MET C 995 -28.33 57.02 -5.60
N PHE C 996 -27.86 57.90 -6.48
CA PHE C 996 -28.36 59.28 -6.55
C PHE C 996 -29.75 59.33 -7.17
N GLU C 997 -30.76 59.38 -6.31
CA GLU C 997 -32.17 59.44 -6.67
C GLU C 997 -32.76 60.66 -5.97
N PRO C 998 -32.78 61.81 -6.63
CA PRO C 998 -33.31 63.02 -5.98
C PRO C 998 -34.78 62.90 -5.66
N ARG C 999 -35.16 63.49 -4.53
CA ARG C 999 -36.52 63.42 -4.00
C ARG C 999 -36.87 64.75 -3.33
N ILE C 1000 -38.09 65.21 -3.58
CA ILE C 1000 -38.57 66.44 -2.92
C ILE C 1000 -38.86 66.14 -1.46
N PRO C 1001 -38.31 66.90 -0.52
CA PRO C 1001 -38.58 66.63 0.89
C PRO C 1001 -40.05 66.77 1.27
N THR C 1002 -40.51 65.86 2.12
CA THR C 1002 -41.87 65.81 2.63
C THR C 1002 -41.78 65.61 4.14
N ILE C 1003 -42.82 66.05 4.86
CA ILE C 1003 -42.77 65.99 6.31
C ILE C 1003 -42.67 64.55 6.81
N ALA C 1004 -43.15 63.59 6.02
CA ALA C 1004 -43.06 62.19 6.41
C ALA C 1004 -41.64 61.63 6.30
N ASP C 1005 -40.75 62.34 5.60
CA ASP C 1005 -39.37 61.89 5.48
C ASP C 1005 -38.56 62.12 6.75
N PHE C 1006 -39.08 62.84 7.73
CA PHE C 1006 -38.34 63.16 8.94
C PHE C 1006 -38.89 62.43 10.15
N VAL C 1007 -38.01 62.25 11.14
CA VAL C 1007 -38.33 61.66 12.43
C VAL C 1007 -37.95 62.68 13.49
N GLN C 1008 -38.90 62.98 14.37
CA GLN C 1008 -38.66 63.94 15.44
C GLN C 1008 -37.89 63.33 16.60
N ILE C 1009 -36.96 64.12 17.15
CA ILE C 1009 -36.14 63.72 18.30
C ILE C 1009 -36.23 64.83 19.34
N GLU C 1010 -35.80 64.50 20.56
CA GLU C 1010 -35.94 65.40 21.69
C GLU C 1010 -35.08 66.66 21.60
N ASN C 1011 -33.84 66.54 21.15
CA ASN C 1011 -32.94 67.70 21.14
C ASN C 1011 -32.29 67.90 19.78
N CYS C 1012 -31.75 69.10 19.59
CA CYS C 1012 -31.08 69.39 18.34
C CYS C 1012 -29.58 69.25 18.55
N ASN C 1013 -28.86 69.21 17.44
CA ASN C 1013 -27.41 69.21 17.47
C ASN C 1013 -26.96 70.60 16.98
N VAL C 1014 -25.69 70.91 17.21
CA VAL C 1014 -25.12 72.16 16.70
C VAL C 1014 -24.98 72.19 15.19
N THR C 1015 -24.74 71.05 14.55
CA THR C 1015 -24.54 71.01 13.10
C THR C 1015 -25.84 70.91 12.29
N PHE C 1016 -27.00 70.92 12.94
CA PHE C 1016 -28.27 70.87 12.21
C PHE C 1016 -28.54 72.20 11.52
N VAL C 1017 -29.37 72.14 10.47
CA VAL C 1017 -29.80 73.35 9.78
C VAL C 1017 -30.62 74.19 10.75
N ASN C 1018 -30.47 75.51 10.66
CA ASN C 1018 -31.07 76.45 11.61
C ASN C 1018 -32.22 77.17 10.92
N ILE C 1019 -33.46 76.74 11.17
CA ILE C 1019 -34.61 77.35 10.52
C ILE C 1019 -35.75 77.52 11.52
N SER C 1020 -36.66 78.45 11.21
CA SER C 1020 -37.83 78.70 12.02
C SER C 1020 -39.07 78.12 11.33
N ARG C 1021 -40.16 78.01 12.10
CA ARG C 1021 -41.38 77.41 11.55
C ARG C 1021 -41.92 78.19 10.37
N SER C 1022 -41.80 79.51 10.39
CA SER C 1022 -42.31 80.34 9.30
C SER C 1022 -41.53 80.16 8.01
N GLU C 1023 -40.25 79.77 8.09
CA GLU C 1023 -39.43 79.61 6.89
C GLU C 1023 -39.24 78.16 6.48
N LEU C 1024 -39.85 77.20 7.18
CA LEU C 1024 -39.69 75.79 6.86
C LEU C 1024 -40.18 75.43 5.47
N GLN C 1025 -41.00 76.27 4.83
CA GLN C 1025 -41.47 75.96 3.49
C GLN C 1025 -40.32 75.85 2.50
N THR C 1026 -39.24 76.60 2.72
CA THR C 1026 -38.10 76.55 1.82
C THR C 1026 -37.45 75.17 1.79
N ILE C 1027 -37.62 74.38 2.86
CA ILE C 1027 -37.11 73.02 2.92
C ILE C 1027 -38.18 72.00 2.57
N VAL C 1028 -39.37 72.15 3.14
CA VAL C 1028 -40.49 71.26 2.85
C VAL C 1028 -41.56 72.06 2.14
N PRO C 1029 -41.63 71.98 0.81
CA PRO C 1029 -42.58 72.81 0.05
C PRO C 1029 -44.04 72.61 0.42
N GLU C 1030 -44.44 71.44 0.91
CA GLU C 1030 -45.83 71.22 1.27
C GLU C 1030 -46.20 71.63 2.68
N TYR C 1031 -45.24 72.05 3.50
CA TYR C 1031 -45.57 72.39 4.88
C TYR C 1031 -46.39 73.67 4.98
N ILE C 1032 -47.39 73.64 5.85
CA ILE C 1032 -48.24 74.80 6.15
C ILE C 1032 -48.36 74.91 7.66
N ASP C 1033 -48.06 76.09 8.19
CA ASP C 1033 -48.15 76.34 9.63
C ASP C 1033 -49.60 76.62 9.97
N VAL C 1034 -50.35 75.56 10.28
CA VAL C 1034 -51.77 75.70 10.60
C VAL C 1034 -51.97 76.43 11.93
N ASN C 1035 -51.21 76.05 12.96
CA ASN C 1035 -51.42 76.60 14.29
C ASN C 1035 -51.05 78.08 14.39
N LYS C 1036 -50.22 78.58 13.49
CA LYS C 1036 -49.93 80.01 13.43
C LYS C 1036 -50.87 80.75 12.49
N THR C 1037 -51.18 80.15 11.33
CA THR C 1037 -52.03 80.83 10.36
C THR C 1037 -53.44 81.04 10.90
N LEU C 1038 -54.02 80.04 11.55
CA LEU C 1038 -55.36 80.22 12.10
C LEU C 1038 -55.35 81.22 13.25
N GLN C 1039 -54.25 81.28 14.02
CA GLN C 1039 -54.17 82.22 15.14
C GLN C 1039 -54.21 83.66 14.67
N GLU C 1040 -53.48 83.99 13.61
CA GLU C 1040 -53.50 85.36 13.08
C GLU C 1040 -54.71 85.62 12.19
N LEU C 1041 -55.36 84.56 11.70
CA LEU C 1041 -56.55 84.74 10.88
C LEU C 1041 -57.72 85.27 11.68
N SER C 1042 -57.68 85.15 13.02
CA SER C 1042 -58.74 85.68 13.85
C SER C 1042 -58.83 87.20 13.82
N TYR C 1043 -57.75 87.88 13.42
CA TYR C 1043 -57.77 89.33 13.34
C TYR C 1043 -58.13 89.79 11.93
N VAL D 2 33.89 -13.56 37.36
CA VAL D 2 33.30 -14.86 37.66
C VAL D 2 33.46 -15.22 39.14
N GLN D 3 32.49 -14.82 39.96
CA GLN D 3 32.55 -15.02 41.40
C GLN D 3 31.58 -16.10 41.83
N LEU D 4 32.03 -16.98 42.73
CA LEU D 4 31.21 -18.04 43.30
C LEU D 4 31.24 -17.93 44.82
N VAL D 5 30.07 -17.96 45.45
CA VAL D 5 29.94 -17.88 46.90
C VAL D 5 28.89 -18.90 47.37
N GLU D 6 29.19 -19.59 48.45
CA GLU D 6 28.30 -20.62 49.00
C GLU D 6 27.75 -20.22 50.35
N SER D 7 26.77 -20.99 50.83
CA SER D 7 26.14 -20.76 52.12
C SER D 7 25.43 -22.04 52.57
N GLY D 8 24.96 -22.02 53.82
CA GLY D 8 24.26 -23.14 54.39
C GLY D 8 25.04 -24.09 55.27
N GLY D 9 26.28 -23.75 55.63
CA GLY D 9 27.06 -24.61 56.50
C GLY D 9 26.58 -24.58 57.94
N GLY D 10 26.98 -25.60 58.70
CA GLY D 10 26.60 -25.69 60.09
C GLY D 10 26.81 -27.09 60.63
N LEU D 11 26.20 -27.34 61.79
CA LEU D 11 26.24 -28.63 62.47
C LEU D 11 24.86 -29.28 62.41
N VAL D 12 24.79 -30.48 61.85
CA VAL D 12 23.53 -31.22 61.71
C VAL D 12 23.70 -32.62 62.26
N GLN D 13 22.67 -33.11 62.94
CA GLN D 13 22.70 -34.46 63.47
C GLN D 13 22.56 -35.46 62.33
N PRO D 14 23.18 -36.64 62.44
CA PRO D 14 23.05 -37.64 61.38
C PRO D 14 21.60 -38.01 61.10
N GLY D 15 21.29 -38.22 59.83
CA GLY D 15 19.97 -38.60 59.39
C GLY D 15 19.01 -37.46 59.13
N GLY D 16 19.37 -36.22 59.45
CA GLY D 16 18.48 -35.10 59.22
C GLY D 16 18.51 -34.55 57.80
N SER D 17 18.51 -33.23 57.66
CA SER D 17 18.54 -32.60 56.35
C SER D 17 19.30 -31.28 56.43
N LEU D 18 19.84 -30.86 55.29
CA LEU D 18 20.56 -29.60 55.19
C LEU D 18 20.40 -29.07 53.77
N ARG D 19 20.11 -27.77 53.66
CA ARG D 19 19.87 -27.10 52.38
C ARG D 19 21.05 -26.20 52.02
N LEU D 20 22.03 -26.77 51.33
CA LEU D 20 23.22 -26.04 50.88
C LEU D 20 22.87 -25.20 49.65
N SER D 21 23.69 -24.17 49.39
CA SER D 21 23.47 -23.26 48.27
C SER D 21 24.78 -22.67 47.78
N CYS D 22 24.78 -22.21 46.53
CA CYS D 22 25.91 -21.54 45.91
C CYS D 22 25.39 -20.55 44.89
N ALA D 23 26.00 -19.36 44.83
CA ALA D 23 25.61 -18.28 43.93
C ALA D 23 26.69 -18.00 42.90
N ALA D 24 26.27 -17.67 41.68
CA ALA D 24 27.17 -17.41 40.57
C ALA D 24 26.86 -16.08 39.92
N SER D 25 27.91 -15.41 39.43
CA SER D 25 27.73 -14.13 38.76
C SER D 25 28.96 -13.84 37.89
N GLY D 26 28.78 -12.92 36.95
CA GLY D 26 29.83 -12.52 36.04
C GLY D 26 30.01 -13.37 34.81
N PHE D 27 29.07 -14.26 34.51
CA PHE D 27 29.12 -15.10 33.32
C PHE D 27 27.71 -15.61 33.03
N THR D 28 27.51 -16.08 31.81
CA THR D 28 26.23 -16.67 31.44
C THR D 28 26.10 -18.02 32.14
N PHE D 29 25.23 -18.05 33.15
CA PHE D 29 25.09 -19.23 34.00
C PHE D 29 24.52 -20.45 33.27
N SER D 30 23.57 -20.24 32.37
CA SER D 30 22.92 -21.38 31.72
C SER D 30 23.81 -22.13 30.72
N SER D 31 24.93 -21.57 30.30
CA SER D 31 25.78 -22.24 29.33
C SER D 31 26.83 -23.16 29.93
N TYR D 32 26.94 -23.25 31.26
CA TYR D 32 28.00 -24.04 31.85
C TYR D 32 27.45 -25.04 32.86
N ALA D 33 28.00 -26.25 32.82
CA ALA D 33 27.63 -27.30 33.76
C ALA D 33 28.26 -27.04 35.11
N MET D 34 27.48 -27.19 36.17
CA MET D 34 27.97 -27.01 37.52
C MET D 34 28.39 -28.35 38.12
N SER D 35 29.16 -28.26 39.21
CA SER D 35 29.60 -29.46 39.92
C SER D 35 29.77 -29.14 41.40
N TRP D 36 29.68 -30.19 42.22
CA TRP D 36 29.82 -30.11 43.67
C TRP D 36 30.89 -31.10 44.08
N VAL D 37 31.82 -30.66 44.93
CA VAL D 37 32.94 -31.48 45.35
C VAL D 37 33.31 -31.11 46.78
N ARG D 38 33.77 -32.09 47.56
CA ARG D 38 34.15 -31.84 48.94
C ARG D 38 35.50 -32.46 49.24
N GLN D 39 36.22 -31.82 50.16
CA GLN D 39 37.53 -32.27 50.63
C GLN D 39 37.41 -32.67 52.10
N ALA D 40 37.56 -33.97 52.35
CA ALA D 40 37.51 -34.47 53.71
C ALA D 40 38.78 -34.07 54.47
N PRO D 41 38.70 -33.95 55.79
CA PRO D 41 39.88 -33.53 56.57
C PRO D 41 41.02 -34.52 56.38
N GLY D 42 42.13 -34.02 55.86
CA GLY D 42 43.28 -34.85 55.59
C GLY D 42 43.18 -35.70 54.35
N LYS D 43 42.10 -35.58 53.58
CA LYS D 43 41.91 -36.34 52.35
C LYS D 43 41.95 -35.39 51.16
N GLY D 44 41.96 -35.97 49.96
CA GLY D 44 41.97 -35.21 48.73
C GLY D 44 40.60 -34.68 48.37
N LEU D 45 40.35 -34.55 47.06
CA LEU D 45 39.07 -34.08 46.56
C LEU D 45 38.20 -35.27 46.17
N GLU D 46 36.94 -35.25 46.61
CA GLU D 46 35.96 -36.28 46.30
C GLU D 46 34.80 -35.60 45.59
N TRP D 47 34.51 -36.04 44.37
CA TRP D 47 33.43 -35.49 43.58
C TRP D 47 32.10 -35.89 44.21
N VAL D 48 31.15 -34.96 44.28
CA VAL D 48 29.83 -35.23 44.88
C VAL D 48 28.76 -35.39 43.82
N SER D 49 28.52 -34.35 43.02
CA SER D 49 27.44 -34.39 42.03
C SER D 49 27.72 -33.34 40.96
N ALA D 50 26.95 -33.42 39.88
CA ALA D 50 27.08 -32.47 38.77
C ALA D 50 25.73 -32.29 38.10
N ILE D 51 25.56 -31.15 37.45
CA ILE D 51 24.32 -30.80 36.77
C ILE D 51 24.63 -30.15 35.43
N ILE D 52 23.85 -30.51 34.41
CA ILE D 52 24.02 -29.93 33.08
C ILE D 52 23.49 -28.50 33.06
N GLY D 53 23.95 -27.71 32.10
CA GLY D 53 23.51 -26.32 32.01
C GLY D 53 22.01 -26.17 31.94
N SER D 54 21.34 -27.06 31.21
CA SER D 54 19.88 -27.02 31.15
C SER D 54 19.23 -27.65 32.37
N GLY D 55 19.97 -28.45 33.13
CA GLY D 55 19.41 -29.14 34.26
C GLY D 55 18.66 -30.40 33.93
N SER D 56 18.70 -30.85 32.67
CA SER D 56 17.97 -32.04 32.27
C SER D 56 18.63 -33.32 32.78
N ASN D 57 19.96 -33.39 32.78
CA ASN D 57 20.67 -34.58 33.22
C ASN D 57 21.36 -34.36 34.55
N THR D 58 21.24 -35.35 35.43
CA THR D 58 21.77 -35.34 36.79
C THR D 58 22.63 -36.58 37.03
N TYR D 59 23.81 -36.41 37.62
CA TYR D 59 24.72 -37.51 37.88
C TYR D 59 25.18 -37.50 39.33
N TYR D 60 25.60 -38.66 39.83
CA TYR D 60 26.08 -38.79 41.20
C TYR D 60 27.13 -39.89 41.30
N ALA D 61 27.89 -39.83 42.39
CA ALA D 61 28.85 -40.88 42.70
C ALA D 61 28.13 -42.04 43.39
N ASP D 62 28.86 -43.13 43.64
CA ASP D 62 28.22 -44.28 44.27
C ASP D 62 27.77 -44.00 45.70
N SER D 63 28.60 -43.34 46.51
CA SER D 63 28.22 -43.06 47.89
C SER D 63 27.21 -41.93 47.97
N VAL D 64 27.30 -40.99 47.04
CA VAL D 64 26.37 -39.87 46.95
C VAL D 64 25.00 -40.35 46.47
N LYS D 65 25.00 -41.37 45.62
CA LYS D 65 23.79 -41.81 44.92
C LYS D 65 22.67 -42.13 45.90
N GLY D 66 21.48 -41.60 45.59
CA GLY D 66 20.30 -41.83 46.38
C GLY D 66 20.14 -40.96 47.62
N ARG D 67 21.25 -40.62 48.28
CA ARG D 67 21.15 -39.83 49.50
C ARG D 67 20.84 -38.35 49.23
N PHE D 68 21.48 -37.75 48.23
CA PHE D 68 21.29 -36.33 47.98
C PHE D 68 20.80 -36.06 46.56
N THR D 69 20.14 -34.91 46.41
CA THR D 69 19.65 -34.46 45.12
C THR D 69 20.27 -33.11 44.78
N ILE D 70 20.64 -32.95 43.51
CA ILE D 70 21.27 -31.75 42.98
C ILE D 70 20.24 -30.99 42.15
N SER D 71 20.17 -29.68 42.33
CA SER D 71 19.25 -28.87 41.55
C SER D 71 19.87 -27.51 41.27
N ARG D 72 19.36 -26.85 40.24
CA ARG D 72 19.82 -25.52 39.86
C ARG D 72 18.64 -24.69 39.40
N ASP D 73 18.74 -23.38 39.61
CA ASP D 73 17.71 -22.43 39.19
C ASP D 73 18.38 -21.41 38.28
N ASN D 74 18.09 -21.52 36.98
CA ASN D 74 18.69 -20.63 35.99
C ASN D 74 18.12 -19.23 36.00
N ALA D 75 16.96 -19.03 36.63
CA ALA D 75 16.34 -17.71 36.65
C ALA D 75 17.07 -16.74 37.57
N LYS D 76 17.89 -17.24 38.49
CA LYS D 76 18.61 -16.34 39.38
C LYS D 76 20.08 -16.71 39.56
N ASN D 77 20.63 -17.52 38.66
CA ASN D 77 22.05 -17.92 38.71
C ASN D 77 22.43 -18.54 40.04
N THR D 78 21.63 -19.49 40.51
CA THR D 78 21.86 -20.12 41.78
C THR D 78 21.94 -21.63 41.61
N LEU D 79 22.83 -22.25 42.37
CA LEU D 79 23.04 -23.69 42.38
C LEU D 79 22.60 -24.22 43.74
N TYR D 80 21.76 -25.25 43.74
CA TYR D 80 21.19 -25.78 44.97
C TYR D 80 21.57 -27.24 45.18
N LEU D 81 21.70 -27.63 46.45
CA LEU D 81 21.95 -29.01 46.86
C LEU D 81 21.11 -29.39 48.09
N GLN D 82 20.65 -30.64 48.10
CA GLN D 82 19.83 -31.22 49.16
C GLN D 82 20.53 -32.33 49.95
N MET D 83 21.14 -31.98 51.09
CA MET D 83 21.77 -32.96 51.97
C MET D 83 20.68 -33.73 52.71
N ASN D 84 20.56 -35.03 52.46
CA ASN D 84 19.60 -35.87 53.15
C ASN D 84 20.28 -37.15 53.62
N SER D 85 19.81 -37.66 54.75
CA SER D 85 20.34 -38.88 55.36
C SER D 85 21.85 -38.74 55.60
N LEU D 86 22.18 -37.82 56.50
CA LEU D 86 23.57 -37.57 56.84
C LEU D 86 24.22 -38.74 57.59
N ARG D 87 25.47 -39.01 57.21
CA ARG D 87 26.37 -39.91 57.93
C ARG D 87 27.51 -39.09 58.51
N ALA D 88 28.34 -39.71 59.34
CA ALA D 88 29.46 -38.99 59.94
C ALA D 88 30.56 -38.62 58.95
N GLU D 89 30.63 -39.31 57.82
CA GLU D 89 31.70 -39.07 56.85
C GLU D 89 31.43 -37.90 55.90
N ASP D 90 30.30 -37.21 56.04
CA ASP D 90 30.04 -36.03 55.22
C ASP D 90 30.61 -34.75 55.83
N THR D 91 31.31 -34.84 56.96
CA THR D 91 31.99 -33.71 57.58
C THR D 91 33.18 -33.30 56.71
N ALA D 92 33.01 -32.21 55.96
CA ALA D 92 34.03 -31.74 55.05
C ALA D 92 33.65 -30.35 54.56
N VAL D 93 34.48 -29.79 53.68
CA VAL D 93 34.25 -28.49 53.04
C VAL D 93 33.84 -28.73 51.59
N TYR D 94 32.80 -28.03 51.15
CA TYR D 94 32.23 -28.22 49.81
C TYR D 94 32.52 -27.02 48.92
N TYR D 95 32.88 -27.30 47.67
CA TYR D 95 33.17 -26.30 46.64
C TYR D 95 32.25 -26.48 45.44
N CYS D 96 31.73 -25.37 44.92
CA CYS D 96 30.97 -25.37 43.68
C CYS D 96 31.89 -24.90 42.57
N ALA D 97 31.99 -25.70 41.50
CA ALA D 97 32.86 -25.41 40.37
C ALA D 97 32.08 -25.11 39.10
N LYS D 98 32.78 -24.50 38.15
CA LYS D 98 32.27 -24.12 36.86
C LYS D 98 33.03 -24.86 35.76
N ASP D 99 32.29 -25.46 34.82
CA ASP D 99 32.94 -26.09 33.69
C ASP D 99 33.48 -25.04 32.72
N THR D 100 34.49 -25.46 31.94
CA THR D 100 35.13 -24.56 30.99
C THR D 100 34.51 -24.60 29.59
N THR D 101 33.63 -25.55 29.30
CA THR D 101 33.08 -25.67 27.95
C THR D 101 31.69 -25.09 27.85
N PRO D 102 31.47 -24.02 27.08
CA PRO D 102 30.11 -23.51 26.91
C PRO D 102 29.35 -24.39 25.92
N ARG D 103 28.14 -24.77 26.30
CA ARG D 103 27.31 -25.61 25.43
C ARG D 103 25.95 -24.98 25.24
N PRO D 104 25.33 -25.20 24.09
CA PRO D 104 23.99 -24.66 23.86
C PRO D 104 22.99 -25.29 24.83
N LEU D 105 21.96 -24.52 25.18
CA LEU D 105 20.96 -24.98 26.13
C LEU D 105 20.17 -26.18 25.63
N TYR D 106 20.17 -26.42 24.32
CA TYR D 106 19.44 -27.55 23.75
C TYR D 106 20.30 -28.81 23.64
N SER D 107 21.49 -28.80 24.21
CA SER D 107 22.43 -29.91 24.08
C SER D 107 22.90 -30.42 25.42
N SER D 108 23.01 -31.74 25.52
CA SER D 108 23.63 -32.41 26.65
C SER D 108 25.08 -32.72 26.27
N GLY D 109 25.99 -32.63 27.24
CA GLY D 109 27.37 -32.89 26.88
C GLY D 109 28.24 -33.31 28.05
N TRP D 110 29.50 -33.56 27.70
CA TRP D 110 30.52 -34.00 28.64
C TRP D 110 30.89 -32.86 29.59
N TYR D 111 31.63 -33.21 30.63
CA TYR D 111 32.13 -32.25 31.59
C TYR D 111 33.41 -32.78 32.21
N GLY D 112 34.06 -31.95 33.02
CA GLY D 112 35.21 -32.43 33.77
C GLY D 112 36.37 -31.48 33.95
N SER D 113 36.50 -30.46 33.11
CA SER D 113 37.62 -29.51 33.20
C SER D 113 37.14 -28.22 33.86
N PHE D 114 37.12 -28.23 35.19
CA PHE D 114 36.68 -27.07 35.96
C PHE D 114 37.82 -26.05 36.07
N ASP D 115 37.49 -24.78 35.87
CA ASP D 115 38.46 -23.69 35.94
C ASP D 115 38.26 -22.74 37.10
N TYR D 116 37.03 -22.41 37.46
CA TYR D 116 36.74 -21.46 38.52
C TYR D 116 35.97 -22.16 39.64
N TRP D 117 36.39 -21.90 40.88
CA TRP D 117 35.79 -22.50 42.07
C TRP D 117 35.32 -21.39 42.99
N GLY D 118 34.60 -21.78 44.03
CA GLY D 118 34.13 -20.84 45.02
C GLY D 118 35.08 -20.71 46.18
N GLN D 119 34.54 -20.39 47.36
CA GLN D 119 35.38 -20.18 48.54
C GLN D 119 35.31 -21.34 49.53
N GLY D 120 34.24 -22.12 49.53
CA GLY D 120 34.14 -23.28 50.40
C GLY D 120 33.34 -23.14 51.68
N THR D 121 32.16 -23.75 51.72
CA THR D 121 31.35 -23.77 52.93
C THR D 121 31.42 -25.14 53.60
N PRO D 122 32.04 -25.28 54.76
CA PRO D 122 32.11 -26.58 55.43
C PRO D 122 30.88 -26.89 56.26
N VAL D 123 30.69 -28.20 56.52
CA VAL D 123 29.59 -28.69 57.34
C VAL D 123 30.16 -29.69 58.34
N SER D 124 29.41 -29.90 59.41
CA SER D 124 29.81 -30.81 60.48
C SER D 124 28.64 -31.70 60.90
N VAL D 125 28.95 -32.95 61.21
CA VAL D 125 27.94 -33.93 61.59
C VAL D 125 28.56 -35.00 62.49
N ILE E 2 37.25 -46.11 37.78
CA ILE E 2 38.61 -45.83 37.33
C ILE E 2 39.46 -45.31 38.48
N GLN E 3 40.57 -45.99 38.75
CA GLN E 3 41.46 -45.61 39.83
C GLN E 3 42.70 -44.92 39.28
N MET E 4 43.16 -43.88 39.97
CA MET E 4 44.31 -43.09 39.57
C MET E 4 45.25 -42.94 40.76
N THR E 5 46.55 -43.14 40.52
CA THR E 5 47.56 -43.09 41.58
C THR E 5 48.57 -41.98 41.30
N GLN E 6 48.83 -41.14 42.32
CA GLN E 6 49.82 -40.08 42.26
C GLN E 6 51.03 -40.49 43.10
N SER E 7 52.22 -40.48 42.47
CA SER E 7 53.44 -40.88 43.16
C SER E 7 54.61 -40.01 42.71
N PRO E 8 55.44 -39.51 43.66
CA PRO E 8 55.38 -39.70 45.11
C PRO E 8 54.36 -38.81 45.80
N SER E 9 53.86 -39.23 46.96
CA SER E 9 52.90 -38.42 47.70
C SER E 9 53.50 -37.13 48.24
N SER E 10 54.82 -37.10 48.44
CA SER E 10 55.49 -35.90 48.91
C SER E 10 56.93 -35.90 48.44
N LEU E 11 57.43 -34.72 48.09
CA LEU E 11 58.82 -34.56 47.71
C LEU E 11 59.24 -33.13 48.00
N SER E 12 60.53 -32.95 48.28
CA SER E 12 61.10 -31.65 48.55
C SER E 12 62.15 -31.31 47.50
N ALA E 13 62.21 -30.04 47.12
CA ALA E 13 63.17 -29.58 46.13
C ALA E 13 63.52 -28.13 46.42
N SER E 14 64.59 -27.68 45.79
CA SER E 14 65.14 -26.35 45.99
C SER E 14 64.77 -25.42 44.84
N VAL E 15 64.94 -24.13 45.07
CA VAL E 15 64.63 -23.10 44.08
C VAL E 15 65.51 -23.27 42.85
N GLY E 16 64.88 -23.61 41.72
CA GLY E 16 65.57 -23.85 40.48
C GLY E 16 65.63 -25.31 40.06
N ASP E 17 65.16 -26.23 40.89
CA ASP E 17 65.17 -27.64 40.54
C ASP E 17 64.14 -27.94 39.46
N ARG E 18 64.46 -28.89 38.58
CA ARG E 18 63.53 -29.33 37.54
C ARG E 18 62.61 -30.41 38.09
N VAL E 19 61.67 -29.97 38.93
CA VAL E 19 60.73 -30.89 39.59
C VAL E 19 59.85 -31.59 38.56
N THR E 20 59.53 -32.85 38.83
CA THR E 20 58.71 -33.66 37.93
C THR E 20 57.81 -34.57 38.77
N ILE E 21 56.52 -34.62 38.41
CA ILE E 21 55.54 -35.47 39.08
C ILE E 21 54.74 -36.25 38.05
N THR E 22 54.55 -37.55 38.31
CA THR E 22 53.81 -38.45 37.42
C THR E 22 52.66 -39.12 38.16
N CYS E 23 51.57 -39.39 37.44
CA CYS E 23 50.44 -40.13 38.00
C CYS E 23 49.93 -41.11 36.94
N GLN E 24 49.58 -42.32 37.40
CA GLN E 24 49.05 -43.40 36.58
C GLN E 24 47.52 -43.40 36.56
N ALA E 25 46.94 -44.03 35.53
CA ALA E 25 45.50 -44.00 35.34
C ALA E 25 44.77 -45.34 35.36
N SER E 26 45.47 -46.47 35.25
CA SER E 26 44.88 -47.81 35.27
C SER E 26 43.91 -48.07 34.11
N GLN E 27 43.85 -47.18 33.12
CA GLN E 27 42.97 -47.40 31.98
C GLN E 27 43.48 -46.49 30.87
N ASP E 28 43.11 -46.80 29.64
CA ASP E 28 43.49 -45.98 28.51
C ASP E 28 42.64 -44.71 28.49
N ILE E 29 43.21 -43.62 28.99
CA ILE E 29 42.52 -42.33 29.06
C ILE E 29 42.82 -41.49 27.83
N THR E 30 43.70 -41.97 26.97
CA THR E 30 44.05 -41.24 25.71
C THR E 30 44.73 -39.91 26.02
N THR E 31 43.96 -38.87 26.29
CA THR E 31 44.47 -37.52 26.51
C THR E 31 43.63 -36.71 27.49
N TYR E 32 42.62 -37.30 28.12
CA TYR E 32 41.66 -36.55 28.95
C TYR E 32 42.09 -36.45 30.42
N LEU E 33 42.96 -35.47 30.69
CA LEU E 33 43.45 -35.25 32.05
C LEU E 33 43.70 -33.76 32.22
N ASN E 34 43.49 -33.27 33.45
CA ASN E 34 43.82 -31.89 33.79
C ASN E 34 44.51 -31.89 35.15
N TRP E 35 45.36 -30.87 35.36
CA TRP E 35 46.13 -30.69 36.58
C TRP E 35 45.67 -29.46 37.34
N TYR E 36 45.73 -29.55 38.67
CA TYR E 36 45.24 -28.49 39.52
C TYR E 36 46.29 -28.02 40.53
N GLN E 37 46.12 -26.77 40.97
CA GLN E 37 46.95 -26.09 41.94
C GLN E 37 46.13 -25.91 43.21
N GLN E 38 46.62 -26.38 44.34
CA GLN E 38 45.89 -26.26 45.60
C GLN E 38 46.72 -25.65 46.73
N LYS E 39 46.53 -24.37 46.94
CA LYS E 39 47.15 -23.65 48.05
C LYS E 39 46.30 -23.90 49.28
N PRO E 40 46.84 -24.52 50.33
CA PRO E 40 46.00 -24.81 51.51
C PRO E 40 45.32 -23.56 52.03
N GLY E 41 44.08 -23.72 52.47
CA GLY E 41 43.26 -22.62 52.92
C GLY E 41 42.59 -21.87 51.78
N LYS E 42 42.73 -22.37 50.55
CA LYS E 42 42.15 -21.78 49.35
C LYS E 42 41.57 -22.89 48.48
N ALA E 43 40.62 -22.53 47.62
CA ALA E 43 40.09 -23.48 46.67
C ALA E 43 41.09 -23.73 45.54
N PRO E 44 41.04 -24.89 44.90
CA PRO E 44 41.99 -25.20 43.83
C PRO E 44 41.83 -24.29 42.62
N LYS E 45 42.87 -24.31 41.77
CA LYS E 45 42.89 -23.61 40.49
C LYS E 45 43.38 -24.54 39.39
N LEU E 46 42.93 -24.27 38.18
CA LEU E 46 43.30 -25.07 37.00
C LEU E 46 44.69 -24.69 36.51
N LEU E 47 45.55 -25.70 36.32
CA LEU E 47 46.89 -25.46 35.77
C LEU E 47 47.01 -25.82 34.29
N ILE E 48 46.79 -27.09 33.95
CA ILE E 48 46.92 -27.55 32.56
C ILE E 48 45.78 -28.49 32.24
N TYR E 49 45.13 -28.28 31.10
CA TYR E 49 44.02 -29.12 30.66
C TYR E 49 44.42 -29.87 29.39
N ASP E 50 43.76 -31.01 29.18
CA ASP E 50 44.03 -31.89 28.05
C ASP E 50 45.47 -32.41 28.12
N ALA E 51 46.02 -32.41 29.32
CA ALA E 51 47.37 -32.87 29.66
C ALA E 51 48.52 -32.10 29.02
N SER E 52 48.22 -31.15 28.12
CA SER E 52 49.32 -30.45 27.46
C SER E 52 49.12 -28.95 27.25
N ASN E 53 47.95 -28.39 27.54
CA ASN E 53 47.67 -27.00 27.25
C ASN E 53 47.82 -26.12 28.48
N LEU E 54 48.54 -25.02 28.32
CA LEU E 54 48.80 -24.08 29.41
C LEU E 54 47.64 -23.08 29.48
N GLU E 55 46.99 -23.02 30.64
CA GLU E 55 45.89 -22.08 30.82
C GLU E 55 46.41 -20.64 30.79
N THR E 56 45.60 -19.75 30.21
CA THR E 56 46.01 -18.36 30.02
C THR E 56 46.34 -17.63 31.32
N GLY E 57 45.85 -18.10 32.45
CA GLY E 57 46.14 -17.45 33.71
C GLY E 57 47.33 -17.99 34.48
N VAL E 58 48.13 -18.86 33.87
CA VAL E 58 49.25 -19.51 34.56
C VAL E 58 50.58 -19.21 33.88
N PRO E 59 51.66 -19.01 34.62
CA PRO E 59 52.96 -18.73 33.99
C PRO E 59 53.43 -19.91 33.16
N SER E 60 54.20 -19.62 32.12
CA SER E 60 54.65 -20.60 31.13
C SER E 60 55.70 -21.56 31.63
N ARG E 61 55.98 -21.60 32.92
CA ARG E 61 57.02 -22.45 33.49
C ARG E 61 56.54 -23.87 33.78
N PHE E 62 55.29 -24.19 33.42
CA PHE E 62 54.73 -25.52 33.62
C PHE E 62 54.57 -26.23 32.27
N SER E 63 54.72 -27.56 32.29
CA SER E 63 54.55 -28.36 31.10
C SER E 63 54.12 -29.76 31.48
N GLY E 64 53.30 -30.36 30.63
CA GLY E 64 52.81 -31.71 30.87
C GLY E 64 52.72 -32.47 29.56
N SER E 65 52.81 -33.79 29.65
CA SER E 65 52.71 -34.62 28.47
C SER E 65 52.48 -36.08 28.87
N GLY E 66 52.13 -36.88 27.89
CA GLY E 66 51.87 -38.29 28.04
C GLY E 66 50.65 -38.73 27.24
N SER E 67 50.55 -40.04 27.02
CA SER E 67 49.44 -40.63 26.31
C SER E 67 49.21 -42.04 26.84
N GLY E 68 47.98 -42.49 26.79
CA GLY E 68 47.65 -43.84 27.27
C GLY E 68 47.31 -43.86 28.76
N THR E 69 48.16 -44.54 29.55
CA THR E 69 47.89 -44.77 30.96
C THR E 69 48.83 -44.05 31.91
N ASP E 70 50.01 -43.64 31.47
CA ASP E 70 50.95 -42.93 32.33
C ASP E 70 51.06 -41.50 31.82
N PHE E 71 50.91 -40.52 32.72
CA PHE E 71 50.92 -39.12 32.36
C PHE E 71 51.91 -38.39 33.28
N THR E 72 52.51 -37.32 32.77
CA THR E 72 53.54 -36.57 33.48
C THR E 72 53.29 -35.07 33.52
N LEU E 73 53.73 -34.44 34.61
CA LEU E 73 53.65 -32.99 34.79
C LEU E 73 55.00 -32.53 35.33
N THR E 74 55.71 -31.72 34.54
CA THR E 74 57.03 -31.24 34.89
C THR E 74 57.07 -29.72 35.06
N ILE E 75 57.85 -29.26 36.03
CA ILE E 75 58.09 -27.83 36.25
C ILE E 75 59.49 -27.50 35.74
N SER E 76 59.59 -26.46 34.91
CA SER E 76 60.88 -26.10 34.33
C SER E 76 61.90 -25.71 35.41
N SER E 77 61.48 -24.90 36.37
CA SER E 77 62.34 -24.48 37.47
C SER E 77 61.45 -24.02 38.62
N LEU E 78 61.80 -24.44 39.83
CA LEU E 78 60.98 -24.17 41.00
C LEU E 78 61.14 -22.74 41.50
N GLN E 79 60.02 -22.04 41.65
CA GLN E 79 59.93 -20.68 42.16
C GLN E 79 59.36 -20.68 43.58
N PRO E 80 59.57 -19.60 44.35
CA PRO E 80 59.14 -19.62 45.75
C PRO E 80 57.66 -19.82 46.01
N GLU E 81 56.77 -19.48 45.07
CA GLU E 81 55.34 -19.67 45.29
C GLU E 81 54.82 -21.03 44.81
N ASP E 82 55.68 -21.86 44.22
CA ASP E 82 55.28 -23.17 43.72
C ASP E 82 54.90 -24.15 44.82
N ILE E 83 55.21 -23.85 46.08
CA ILE E 83 54.92 -24.75 47.19
C ILE E 83 53.43 -24.84 47.46
N ALA E 84 52.81 -25.93 46.99
CA ALA E 84 51.38 -26.14 47.14
C ALA E 84 51.05 -27.57 46.74
N THR E 85 49.84 -28.01 47.10
CA THR E 85 49.38 -29.34 46.78
C THR E 85 48.98 -29.43 45.30
N TYR E 86 49.23 -30.60 44.70
CA TYR E 86 48.92 -30.82 43.30
C TYR E 86 47.96 -32.00 43.17
N TYR E 87 47.15 -31.98 42.11
CA TYR E 87 46.19 -33.04 41.84
C TYR E 87 45.99 -33.24 40.35
N CYS E 88 45.86 -34.50 39.95
CA CYS E 88 45.49 -34.83 38.59
C CYS E 88 44.08 -35.40 38.62
N GLN E 89 43.32 -35.13 37.55
CA GLN E 89 41.95 -35.62 37.47
C GLN E 89 41.61 -35.92 36.02
N GLN E 90 40.95 -37.05 35.81
CA GLN E 90 40.57 -37.48 34.47
C GLN E 90 39.09 -37.17 34.22
N TYR E 91 38.75 -36.96 32.95
CA TYR E 91 37.38 -36.71 32.54
C TYR E 91 36.97 -37.62 31.38
N ASP E 92 37.56 -38.81 31.30
CA ASP E 92 37.18 -39.77 30.27
C ASP E 92 35.84 -40.43 30.57
N ASN E 93 35.37 -40.33 31.81
CA ASN E 93 34.11 -40.90 32.24
C ASN E 93 33.36 -39.89 33.11
N LEU E 94 32.03 -39.91 33.02
CA LEU E 94 31.23 -38.97 33.81
C LEU E 94 31.46 -39.19 35.30
N PHE E 95 31.71 -40.43 35.71
CA PHE E 95 32.09 -40.69 37.10
C PHE E 95 33.59 -40.52 37.24
N LEU E 96 34.01 -39.26 37.08
CA LEU E 96 35.40 -38.87 37.12
C LEU E 96 35.97 -39.05 38.53
N THR E 97 37.29 -39.24 38.58
CA THR E 97 38.01 -39.46 39.83
C THR E 97 39.23 -38.55 39.91
N PHE E 98 39.67 -38.30 41.13
CA PHE E 98 40.87 -37.51 41.39
C PHE E 98 42.01 -38.44 41.77
N GLY E 99 43.24 -37.94 41.66
CA GLY E 99 44.39 -38.70 42.08
C GLY E 99 44.62 -38.65 43.57
N GLY E 100 45.69 -39.34 44.00
CA GLY E 100 46.01 -39.41 45.42
C GLY E 100 46.44 -38.10 46.04
N GLY E 101 46.94 -37.16 45.23
CA GLY E 101 47.38 -35.87 45.70
C GLY E 101 48.81 -35.89 46.20
N THR E 102 49.60 -34.89 45.83
CA THR E 102 50.98 -34.76 46.27
C THR E 102 51.22 -33.42 46.95
N LYS E 103 52.13 -33.43 47.93
CA LYS E 103 52.50 -32.25 48.71
C LYS E 103 53.98 -31.92 48.46
N VAL E 104 54.24 -30.95 47.57
CA VAL E 104 55.60 -30.50 47.32
C VAL E 104 56.11 -29.73 48.53
N GLU E 105 57.43 -29.71 48.71
CA GLU E 105 58.03 -29.03 49.85
C GLU E 105 59.31 -28.31 49.44
N ILE E 106 59.68 -27.32 50.25
CA ILE E 106 60.82 -26.46 50.00
C ILE E 106 62.09 -27.04 50.61
N LYS E 107 63.23 -26.59 50.09
CA LYS E 107 64.54 -26.95 50.63
C LYS E 107 65.38 -25.70 50.77
N VAL F 2 -19.33 -47.93 -6.22
CA VAL F 2 -18.66 -48.34 -7.44
C VAL F 2 -19.57 -49.23 -8.29
N GLN F 3 -20.45 -48.60 -9.07
CA GLN F 3 -21.43 -49.30 -9.88
C GLN F 3 -21.03 -49.27 -11.34
N LEU F 4 -21.14 -50.42 -12.00
CA LEU F 4 -20.90 -50.54 -13.44
C LEU F 4 -22.17 -51.09 -14.08
N VAL F 5 -22.60 -50.47 -15.18
CA VAL F 5 -23.77 -50.91 -15.92
C VAL F 5 -23.42 -50.97 -17.41
N GLU F 6 -23.92 -51.99 -18.09
CA GLU F 6 -23.68 -52.19 -19.52
C GLU F 6 -24.97 -52.09 -20.31
N SER F 7 -24.84 -51.71 -21.58
CA SER F 7 -26.01 -51.56 -22.45
C SER F 7 -25.56 -51.69 -23.90
N GLY F 8 -26.53 -51.95 -24.77
CA GLY F 8 -26.31 -52.12 -26.19
C GLY F 8 -26.41 -53.54 -26.72
N GLY F 9 -26.84 -54.50 -25.91
CA GLY F 9 -26.98 -55.87 -26.37
C GLY F 9 -28.11 -56.03 -27.37
N GLY F 10 -27.97 -57.02 -28.26
CA GLY F 10 -28.97 -57.23 -29.28
C GLY F 10 -28.55 -58.27 -30.30
N LEU F 11 -29.32 -58.33 -31.39
CA LEU F 11 -29.08 -59.23 -32.50
C LEU F 11 -28.98 -58.43 -33.80
N VAL F 12 -27.86 -58.58 -34.50
CA VAL F 12 -27.64 -57.92 -35.79
C VAL F 12 -26.99 -58.91 -36.74
N GLN F 13 -27.24 -58.74 -38.03
CA GLN F 13 -26.64 -59.59 -39.04
C GLN F 13 -25.12 -59.35 -39.09
N PRO F 14 -24.34 -60.37 -39.42
CA PRO F 14 -22.88 -60.18 -39.47
C PRO F 14 -22.49 -59.11 -40.47
N GLY F 15 -21.49 -58.30 -40.08
CA GLY F 15 -21.02 -57.20 -40.89
C GLY F 15 -21.51 -55.83 -40.49
N GLY F 16 -22.51 -55.73 -39.61
CA GLY F 16 -23.03 -54.45 -39.17
C GLY F 16 -22.15 -53.75 -38.16
N SER F 17 -22.79 -53.02 -37.25
CA SER F 17 -22.07 -52.27 -36.22
C SER F 17 -22.93 -52.12 -34.98
N LEU F 18 -22.30 -52.18 -33.81
CA LEU F 18 -22.98 -51.97 -32.54
C LEU F 18 -22.20 -50.96 -31.72
N ARG F 19 -22.91 -50.01 -31.12
CA ARG F 19 -22.29 -49.00 -30.25
C ARG F 19 -22.55 -49.39 -28.80
N LEU F 20 -21.71 -50.30 -28.30
CA LEU F 20 -21.84 -50.82 -26.94
C LEU F 20 -21.34 -49.78 -25.93
N SER F 21 -22.02 -49.68 -24.79
CA SER F 21 -21.66 -48.69 -23.77
C SER F 21 -21.65 -49.30 -22.38
N CYS F 22 -20.89 -48.66 -21.48
CA CYS F 22 -20.80 -49.03 -20.07
C CYS F 22 -20.60 -47.76 -19.25
N ALA F 23 -21.46 -47.55 -18.25
CA ALA F 23 -21.38 -46.39 -17.38
C ALA F 23 -20.78 -46.75 -16.03
N ALA F 24 -20.01 -45.83 -15.46
CA ALA F 24 -19.34 -46.03 -14.19
C ALA F 24 -19.65 -44.88 -13.24
N SER F 25 -19.65 -45.20 -11.94
CA SER F 25 -19.86 -44.18 -10.92
C SER F 25 -19.30 -44.68 -9.59
N GLY F 26 -19.12 -43.75 -8.66
CA GLY F 26 -18.61 -44.05 -7.34
C GLY F 26 -17.11 -44.12 -7.19
N PHE F 27 -16.36 -43.57 -8.14
CA PHE F 27 -14.90 -43.56 -8.06
C PHE F 27 -14.39 -42.53 -9.07
N THR F 28 -13.13 -42.12 -8.92
CA THR F 28 -12.55 -41.17 -9.86
C THR F 28 -12.29 -41.90 -11.16
N PHE F 29 -13.11 -41.60 -12.17
CA PHE F 29 -13.08 -42.34 -13.43
C PHE F 29 -11.77 -42.18 -14.20
N SER F 30 -11.23 -40.97 -14.27
CA SER F 30 -10.02 -40.76 -15.05
C SER F 30 -8.76 -41.37 -14.46
N SER F 31 -8.78 -41.79 -13.20
CA SER F 31 -7.58 -42.33 -12.58
C SER F 31 -7.41 -43.84 -12.76
N TYR F 32 -8.37 -44.54 -13.37
CA TYR F 32 -8.26 -45.98 -13.50
C TYR F 32 -8.42 -46.42 -14.95
N ALA F 33 -7.60 -47.38 -15.34
CA ALA F 33 -7.70 -47.99 -16.66
C ALA F 33 -8.88 -48.94 -16.68
N MET F 34 -9.52 -49.03 -17.83
CA MET F 34 -10.68 -49.89 -18.01
C MET F 34 -10.39 -50.93 -19.09
N SER F 35 -11.17 -52.01 -19.07
CA SER F 35 -11.00 -53.08 -20.03
C SER F 35 -12.35 -53.66 -20.41
N TRP F 36 -12.36 -54.35 -21.55
CA TRP F 36 -13.54 -55.00 -22.09
C TRP F 36 -13.20 -56.47 -22.26
N VAL F 37 -14.10 -57.35 -21.82
CA VAL F 37 -13.87 -58.79 -21.89
C VAL F 37 -15.20 -59.49 -22.17
N ARG F 38 -15.13 -60.60 -22.91
CA ARG F 38 -16.33 -61.35 -23.22
C ARG F 38 -16.12 -62.84 -22.96
N GLN F 39 -17.20 -63.49 -22.54
CA GLN F 39 -17.23 -64.92 -22.25
C GLN F 39 -18.16 -65.60 -23.25
N ALA F 40 -17.58 -66.43 -24.11
CA ALA F 40 -18.37 -67.15 -25.09
C ALA F 40 -19.17 -68.27 -24.41
N PRO F 41 -20.31 -68.67 -24.99
CA PRO F 41 -21.16 -69.68 -24.33
C PRO F 41 -20.44 -71.01 -24.15
N GLY F 42 -20.26 -71.38 -22.89
CA GLY F 42 -19.58 -72.60 -22.51
C GLY F 42 -18.08 -72.48 -22.41
N LYS F 43 -17.49 -71.35 -22.76
CA LYS F 43 -16.05 -71.14 -22.68
C LYS F 43 -15.74 -70.16 -21.55
N GLY F 44 -14.46 -69.91 -21.34
CA GLY F 44 -14.01 -68.99 -20.32
C GLY F 44 -14.06 -67.54 -20.74
N LEU F 45 -13.19 -66.74 -20.14
CA LEU F 45 -13.09 -65.32 -20.43
C LEU F 45 -11.87 -65.04 -21.30
N GLU F 46 -12.06 -64.26 -22.35
CA GLU F 46 -10.98 -63.83 -23.22
C GLU F 46 -11.06 -62.31 -23.35
N TRP F 47 -9.90 -61.67 -23.31
CA TRP F 47 -9.80 -60.22 -23.29
C TRP F 47 -10.18 -59.65 -24.66
N VAL F 48 -10.94 -58.55 -24.67
CA VAL F 48 -11.33 -57.92 -25.92
C VAL F 48 -10.45 -56.69 -26.18
N SER F 49 -10.56 -55.67 -25.33
CA SER F 49 -9.81 -54.43 -25.51
C SER F 49 -9.56 -53.78 -24.16
N ALA F 50 -8.64 -52.80 -24.14
CA ALA F 50 -8.31 -52.08 -22.92
C ALA F 50 -7.87 -50.67 -23.26
N ILE F 51 -7.98 -49.77 -22.29
CA ILE F 51 -7.61 -48.36 -22.48
C ILE F 51 -7.13 -47.78 -21.16
N ILE F 52 -6.12 -46.91 -21.22
CA ILE F 52 -5.54 -46.30 -20.03
C ILE F 52 -6.40 -45.13 -19.58
N GLY F 53 -6.09 -44.57 -18.40
CA GLY F 53 -6.91 -43.52 -17.81
C GLY F 53 -7.14 -42.30 -18.68
N SER F 54 -6.10 -41.79 -19.32
CA SER F 54 -6.29 -40.63 -20.19
C SER F 54 -6.78 -40.97 -21.58
N GLY F 55 -6.80 -42.25 -21.94
CA GLY F 55 -7.23 -42.63 -23.28
C GLY F 55 -6.20 -42.41 -24.36
N SER F 56 -4.95 -42.12 -23.99
CA SER F 56 -3.91 -41.90 -24.98
C SER F 56 -3.41 -43.20 -25.60
N ASN F 57 -3.60 -44.34 -24.95
CA ASN F 57 -3.17 -45.62 -25.47
C ASN F 57 -4.32 -46.62 -25.47
N THR F 58 -4.39 -47.40 -26.55
CA THR F 58 -5.41 -48.43 -26.73
C THR F 58 -4.70 -49.73 -27.10
N TYR F 59 -5.24 -50.84 -26.60
CA TYR F 59 -4.66 -52.15 -26.87
C TYR F 59 -5.75 -53.12 -27.30
N TYR F 60 -5.36 -54.11 -28.10
CA TYR F 60 -6.30 -55.10 -28.61
C TYR F 60 -5.62 -56.45 -28.74
N ALA F 61 -6.43 -57.50 -28.73
CA ALA F 61 -5.93 -58.84 -28.96
C ALA F 61 -5.72 -59.05 -30.46
N ASP F 62 -5.14 -60.19 -30.82
CA ASP F 62 -4.86 -60.44 -32.23
C ASP F 62 -6.12 -60.61 -33.07
N SER F 63 -7.25 -61.00 -32.48
CA SER F 63 -8.48 -61.16 -33.23
C SER F 63 -9.33 -59.91 -33.19
N VAL F 64 -9.28 -59.19 -32.07
CA VAL F 64 -10.00 -57.93 -31.92
C VAL F 64 -9.36 -56.87 -32.79
N LYS F 65 -8.06 -56.98 -33.02
CA LYS F 65 -7.30 -56.00 -33.78
C LYS F 65 -7.90 -55.76 -35.16
N GLY F 66 -8.00 -54.48 -35.54
CA GLY F 66 -8.50 -54.10 -36.84
C GLY F 66 -10.00 -54.14 -36.99
N ARG F 67 -10.71 -54.93 -36.18
CA ARG F 67 -12.16 -55.03 -36.26
C ARG F 67 -12.90 -54.00 -35.41
N PHE F 68 -12.43 -53.71 -34.19
CA PHE F 68 -13.16 -52.83 -33.29
C PHE F 68 -12.23 -51.76 -32.71
N THR F 69 -12.85 -50.67 -32.26
CA THR F 69 -12.13 -49.55 -31.66
C THR F 69 -12.71 -49.24 -30.29
N ILE F 70 -11.83 -49.10 -29.31
CA ILE F 70 -12.16 -48.77 -27.93
C ILE F 70 -12.05 -47.26 -27.73
N SER F 71 -12.95 -46.70 -26.92
CA SER F 71 -12.93 -45.28 -26.64
C SER F 71 -13.58 -45.04 -25.27
N ARG F 72 -13.21 -43.92 -24.66
CA ARG F 72 -13.74 -43.52 -23.37
C ARG F 72 -14.00 -42.03 -23.34
N ASP F 73 -14.97 -41.62 -22.53
CA ASP F 73 -15.30 -40.21 -22.36
C ASP F 73 -15.22 -39.90 -20.87
N ASN F 74 -14.18 -39.16 -20.47
CA ASN F 74 -13.95 -38.84 -19.07
C ASN F 74 -14.91 -37.78 -18.53
N ALA F 75 -15.61 -37.07 -19.41
CA ALA F 75 -16.53 -36.03 -18.94
C ALA F 75 -17.80 -36.60 -18.33
N LYS F 76 -18.25 -37.78 -18.77
CA LYS F 76 -19.47 -38.35 -18.23
C LYS F 76 -19.29 -39.77 -17.68
N ASN F 77 -18.04 -40.17 -17.41
CA ASN F 77 -17.74 -41.49 -16.85
C ASN F 77 -18.34 -42.62 -17.67
N THR F 78 -18.06 -42.60 -18.97
CA THR F 78 -18.61 -43.59 -19.88
C THR F 78 -17.50 -44.32 -20.63
N LEU F 79 -17.78 -45.58 -20.96
CA LEU F 79 -16.88 -46.47 -21.67
C LEU F 79 -17.59 -46.93 -22.94
N TYR F 80 -16.95 -46.74 -24.09
CA TYR F 80 -17.53 -47.04 -25.39
C TYR F 80 -16.73 -48.07 -26.16
N LEU F 81 -17.41 -49.09 -26.68
CA LEU F 81 -16.81 -50.06 -27.58
C LEU F 81 -17.56 -49.95 -28.91
N GLN F 82 -16.80 -49.77 -30.00
CA GLN F 82 -17.38 -49.66 -31.34
C GLN F 82 -17.25 -51.00 -32.07
N MET F 83 -18.28 -51.82 -31.97
CA MET F 83 -18.34 -53.07 -32.73
C MET F 83 -18.42 -52.76 -34.21
N ASN F 84 -17.59 -53.43 -35.02
CA ASN F 84 -17.57 -53.22 -36.46
C ASN F 84 -17.21 -54.52 -37.16
N SER F 85 -17.96 -54.83 -38.23
CA SER F 85 -17.75 -56.05 -39.01
C SER F 85 -17.83 -57.29 -38.12
N LEU F 86 -19.02 -57.52 -37.57
CA LEU F 86 -19.24 -58.65 -36.68
C LEU F 86 -19.06 -59.99 -37.36
N ARG F 87 -18.33 -60.89 -36.71
CA ARG F 87 -18.19 -62.27 -37.10
C ARG F 87 -19.15 -63.13 -36.27
N ALA F 88 -19.30 -64.40 -36.66
CA ALA F 88 -20.25 -65.28 -36.00
C ALA F 88 -19.86 -65.59 -34.55
N GLU F 89 -18.57 -65.79 -34.30
CA GLU F 89 -18.07 -66.17 -32.99
C GLU F 89 -17.93 -65.00 -32.01
N ASP F 90 -18.42 -63.81 -32.35
CA ASP F 90 -18.44 -62.70 -31.40
C ASP F 90 -19.67 -62.71 -30.50
N THR F 91 -20.56 -63.69 -30.69
CA THR F 91 -21.74 -63.84 -29.84
C THR F 91 -21.31 -64.31 -28.45
N ALA F 92 -21.47 -63.43 -27.46
CA ALA F 92 -21.06 -63.70 -26.09
C ALA F 92 -21.62 -62.60 -25.19
N VAL F 93 -21.21 -62.61 -23.92
CA VAL F 93 -21.58 -61.59 -22.94
C VAL F 93 -20.34 -60.75 -22.62
N TYR F 94 -20.48 -59.43 -22.64
CA TYR F 94 -19.38 -58.50 -22.46
C TYR F 94 -19.43 -57.85 -21.07
N TYR F 95 -18.28 -57.83 -20.39
CA TYR F 95 -18.12 -57.21 -19.08
C TYR F 95 -17.10 -56.09 -19.14
N CYS F 96 -17.42 -54.93 -18.56
CA CYS F 96 -16.46 -53.84 -18.44
C CYS F 96 -15.81 -53.95 -17.07
N ALA F 97 -14.47 -53.92 -17.04
CA ALA F 97 -13.71 -54.08 -15.81
C ALA F 97 -12.97 -52.81 -15.43
N LYS F 98 -12.51 -52.79 -14.18
CA LYS F 98 -11.78 -51.67 -13.59
C LYS F 98 -10.44 -52.14 -13.05
N ASP F 99 -9.36 -51.53 -13.53
CA ASP F 99 -8.05 -51.80 -12.98
C ASP F 99 -7.96 -51.19 -11.57
N THR F 100 -7.36 -51.93 -10.64
CA THR F 100 -7.25 -51.47 -9.27
C THR F 100 -6.14 -50.46 -9.02
N THR F 101 -5.20 -50.26 -9.95
CA THR F 101 -4.10 -49.34 -9.70
C THR F 101 -4.45 -47.92 -10.13
N PRO F 102 -4.54 -46.96 -9.22
CA PRO F 102 -4.77 -45.58 -9.63
C PRO F 102 -3.50 -44.98 -10.20
N ARG F 103 -3.63 -44.24 -11.28
CA ARG F 103 -2.48 -43.61 -11.91
C ARG F 103 -2.78 -42.18 -12.28
N PRO F 104 -1.77 -41.31 -12.27
CA PRO F 104 -2.00 -39.91 -12.65
C PRO F 104 -2.41 -39.79 -14.11
N LEU F 105 -3.16 -38.72 -14.40
CA LEU F 105 -3.65 -38.48 -15.74
C LEU F 105 -2.53 -38.26 -16.76
N TYR F 106 -1.33 -37.91 -16.30
CA TYR F 106 -0.22 -37.66 -17.20
C TYR F 106 0.71 -38.86 -17.34
N SER F 107 0.29 -40.04 -16.90
CA SER F 107 1.15 -41.21 -16.90
C SER F 107 0.50 -42.37 -17.65
N SER F 108 1.28 -43.01 -18.51
CA SER F 108 0.90 -44.26 -19.14
C SER F 108 1.39 -45.39 -18.25
N GLY F 109 0.60 -46.44 -18.11
CA GLY F 109 1.06 -47.49 -17.21
C GLY F 109 0.47 -48.86 -17.47
N TRP F 110 0.97 -49.82 -16.70
CA TRP F 110 0.58 -51.21 -16.80
C TRP F 110 -0.82 -51.43 -16.25
N TYR F 111 -1.39 -52.58 -16.54
CA TYR F 111 -2.70 -52.96 -16.04
C TYR F 111 -2.73 -54.48 -15.84
N GLY F 112 -3.88 -54.98 -15.40
CA GLY F 112 -4.05 -56.42 -15.28
C GLY F 112 -4.80 -56.96 -14.08
N SER F 113 -4.77 -56.26 -12.95
CA SER F 113 -5.46 -56.73 -11.74
C SER F 113 -6.82 -56.05 -11.62
N PHE F 114 -7.79 -56.57 -12.37
CA PHE F 114 -9.14 -56.02 -12.34
C PHE F 114 -9.86 -56.46 -11.07
N ASP F 115 -10.51 -55.50 -10.39
CA ASP F 115 -11.21 -55.79 -9.14
C ASP F 115 -12.74 -55.83 -9.30
N TYR F 116 -13.35 -54.78 -9.82
CA TYR F 116 -14.80 -54.67 -9.92
C TYR F 116 -15.26 -54.81 -11.37
N TRP F 117 -16.35 -55.56 -11.56
CA TRP F 117 -16.90 -55.83 -12.87
C TRP F 117 -18.34 -55.36 -12.94
N GLY F 118 -18.85 -55.26 -14.17
CA GLY F 118 -20.22 -54.87 -14.39
C GLY F 118 -21.18 -56.04 -14.41
N GLN F 119 -22.44 -55.73 -14.71
CA GLN F 119 -23.46 -56.78 -14.74
C GLN F 119 -23.28 -57.65 -15.98
N GLY F 120 -22.94 -57.04 -17.09
CA GLY F 120 -22.70 -57.68 -18.38
C GLY F 120 -23.92 -57.61 -19.27
N THR F 121 -23.67 -57.51 -20.57
CA THR F 121 -24.74 -57.50 -21.55
C THR F 121 -24.42 -58.51 -22.65
N PRO F 122 -25.37 -59.37 -23.01
CA PRO F 122 -25.13 -60.36 -24.07
C PRO F 122 -25.48 -59.81 -25.44
N VAL F 123 -24.84 -60.39 -26.45
CA VAL F 123 -25.09 -60.03 -27.85
C VAL F 123 -25.14 -61.29 -28.68
N SER F 124 -25.83 -61.18 -29.82
CA SER F 124 -25.99 -62.28 -30.76
C SER F 124 -25.81 -61.76 -32.17
N VAL F 125 -25.40 -62.65 -33.06
CA VAL F 125 -25.12 -62.28 -34.44
C VAL F 125 -25.46 -63.43 -35.38
N ILE G 2 1.61 -65.88 -24.90
CA ILE G 2 1.57 -66.50 -23.59
C ILE G 2 0.24 -67.24 -23.41
N GLN G 3 0.30 -68.48 -22.94
CA GLN G 3 -0.88 -69.30 -22.73
C GLN G 3 -0.84 -69.90 -21.33
N MET G 4 -2.01 -70.01 -20.72
CA MET G 4 -2.19 -70.46 -19.35
C MET G 4 -2.86 -71.83 -19.35
N THR G 5 -2.33 -72.76 -18.56
CA THR G 5 -2.87 -74.12 -18.48
C THR G 5 -3.35 -74.38 -17.06
N GLN G 6 -4.65 -74.61 -16.90
CA GLN G 6 -5.25 -74.88 -15.60
C GLN G 6 -5.57 -76.37 -15.47
N SER G 7 -5.14 -76.98 -14.36
CA SER G 7 -5.44 -78.38 -14.12
C SER G 7 -5.55 -78.67 -12.63
N PRO G 8 -6.52 -79.51 -12.20
CA PRO G 8 -7.53 -80.20 -13.01
C PRO G 8 -8.70 -79.31 -13.45
N SER G 9 -9.35 -79.66 -14.57
CA SER G 9 -10.48 -78.89 -15.05
C SER G 9 -11.66 -78.96 -14.09
N SER G 10 -11.90 -80.11 -13.48
CA SER G 10 -12.99 -80.30 -12.54
C SER G 10 -12.50 -81.06 -11.32
N LEU G 11 -13.04 -80.74 -10.16
CA LEU G 11 -12.64 -81.41 -8.92
C LEU G 11 -13.76 -81.30 -7.91
N SER G 12 -14.24 -82.43 -7.42
CA SER G 12 -15.31 -82.49 -6.43
C SER G 12 -14.73 -82.81 -5.06
N ALA G 13 -15.25 -82.12 -4.03
CA ALA G 13 -14.79 -82.33 -2.66
C ALA G 13 -15.93 -82.00 -1.70
N SER G 14 -15.79 -82.46 -0.46
CA SER G 14 -16.80 -82.26 0.56
C SER G 14 -16.50 -80.98 1.33
N VAL G 15 -17.22 -80.76 2.43
CA VAL G 15 -17.04 -79.57 3.26
C VAL G 15 -15.94 -79.86 4.29
N GLY G 16 -14.74 -79.34 4.03
CA GLY G 16 -13.64 -79.52 4.95
C GLY G 16 -12.31 -79.97 4.35
N ASP G 17 -12.34 -80.41 3.10
CA ASP G 17 -11.12 -80.86 2.45
C ASP G 17 -10.21 -79.68 2.07
N ARG G 18 -8.91 -79.93 2.08
CA ARG G 18 -7.90 -78.94 1.71
C ARG G 18 -7.75 -78.98 0.19
N VAL G 19 -8.69 -78.33 -0.50
CA VAL G 19 -8.71 -78.29 -1.96
C VAL G 19 -7.58 -77.43 -2.49
N THR G 20 -6.92 -77.91 -3.55
CA THR G 20 -5.79 -77.24 -4.17
C THR G 20 -5.97 -77.22 -5.69
N ILE G 21 -5.66 -76.08 -6.31
CA ILE G 21 -5.72 -75.92 -7.76
C ILE G 21 -4.44 -75.25 -8.23
N THR G 22 -3.88 -75.73 -9.34
CA THR G 22 -2.63 -75.20 -9.89
C THR G 22 -2.78 -74.84 -11.37
N CYS G 23 -1.89 -73.97 -11.84
CA CYS G 23 -1.85 -73.62 -13.26
C CYS G 23 -0.40 -73.25 -13.63
N GLN G 24 0.00 -73.63 -14.84
CA GLN G 24 1.35 -73.40 -15.36
C GLN G 24 1.37 -72.23 -16.34
N ALA G 25 2.46 -71.45 -16.31
CA ALA G 25 2.58 -70.24 -17.12
C ALA G 25 3.32 -70.39 -18.45
N SER G 26 4.08 -71.45 -18.67
CA SER G 26 4.86 -71.66 -19.89
C SER G 26 5.92 -70.60 -20.13
N GLN G 27 6.13 -69.69 -19.19
CA GLN G 27 7.15 -68.66 -19.35
C GLN G 27 7.44 -68.12 -17.95
N ASP G 28 8.61 -67.51 -17.78
CA ASP G 28 8.95 -66.91 -16.50
C ASP G 28 8.08 -65.68 -16.27
N ILE G 29 7.30 -65.71 -15.20
CA ILE G 29 6.38 -64.63 -14.85
C ILE G 29 6.73 -64.00 -13.51
N THR G 30 7.56 -64.67 -12.72
CA THR G 30 8.05 -64.27 -11.40
C THR G 30 6.94 -64.13 -10.36
N THR G 31 6.09 -63.12 -10.45
CA THR G 31 5.06 -62.97 -9.44
C THR G 31 3.76 -62.37 -9.95
N TYR G 32 3.60 -62.13 -11.24
CA TYR G 32 2.45 -61.39 -11.76
C TYR G 32 1.29 -62.31 -12.13
N LEU G 33 0.41 -62.57 -11.16
CA LEU G 33 -0.77 -63.39 -11.38
C LEU G 33 -1.86 -62.98 -10.40
N ASN G 34 -3.11 -62.94 -10.87
CA ASN G 34 -4.27 -62.70 -10.02
C ASN G 34 -5.30 -63.80 -10.26
N TRP G 35 -5.86 -64.31 -9.16
CA TRP G 35 -6.88 -65.37 -9.16
C TRP G 35 -8.28 -64.75 -9.11
N TYR G 36 -9.24 -65.44 -9.70
CA TYR G 36 -10.61 -64.95 -9.74
C TYR G 36 -11.60 -66.01 -9.30
N GLN G 37 -12.72 -65.53 -8.76
CA GLN G 37 -13.84 -66.36 -8.32
C GLN G 37 -15.02 -66.06 -9.22
N GLN G 38 -15.53 -67.08 -9.92
CA GLN G 38 -16.64 -66.91 -10.84
C GLN G 38 -17.85 -67.73 -10.41
N LYS G 39 -18.73 -67.10 -9.66
CA LYS G 39 -19.97 -67.75 -9.26
C LYS G 39 -20.87 -67.88 -10.49
N PRO G 40 -21.50 -69.03 -10.72
CA PRO G 40 -22.33 -69.19 -11.92
C PRO G 40 -23.40 -68.10 -12.02
N GLY G 41 -23.60 -67.64 -13.26
CA GLY G 41 -24.55 -66.59 -13.54
C GLY G 41 -24.18 -65.25 -12.93
N LYS G 42 -22.92 -65.03 -12.63
CA LYS G 42 -22.42 -63.80 -12.05
C LYS G 42 -21.13 -63.39 -12.77
N ALA G 43 -20.75 -62.12 -12.60
CA ALA G 43 -19.47 -61.67 -13.10
C ALA G 43 -18.39 -62.06 -12.10
N PRO G 44 -17.15 -62.27 -12.55
CA PRO G 44 -16.10 -62.68 -11.63
C PRO G 44 -15.78 -61.62 -10.57
N LYS G 45 -15.14 -62.07 -9.50
CA LYS G 45 -14.62 -61.24 -8.43
C LYS G 45 -13.16 -61.59 -8.20
N LEU G 46 -12.39 -60.58 -7.79
CA LEU G 46 -10.97 -60.78 -7.52
C LEU G 46 -10.78 -61.60 -6.25
N LEU G 47 -9.95 -62.63 -6.33
CA LEU G 47 -9.66 -63.50 -5.20
C LEU G 47 -8.33 -63.14 -4.53
N ILE G 48 -7.23 -63.24 -5.26
CA ILE G 48 -5.90 -62.97 -4.72
C ILE G 48 -5.05 -62.36 -5.82
N TYR G 49 -4.44 -61.22 -5.54
CA TYR G 49 -3.57 -60.54 -6.49
C TYR G 49 -2.12 -60.75 -6.12
N ASP G 50 -1.25 -60.59 -7.11
CA ASP G 50 0.19 -60.80 -6.95
C ASP G 50 0.52 -62.22 -6.52
N ALA G 51 -0.42 -63.13 -6.77
CA ALA G 51 -0.37 -64.56 -6.48
C ALA G 51 -0.23 -64.91 -5.00
N SER G 52 -0.13 -63.91 -4.12
CA SER G 52 0.14 -64.21 -2.73
C SER G 52 -0.60 -63.32 -1.73
N ASN G 53 -1.39 -62.34 -2.18
CA ASN G 53 -2.03 -61.42 -1.26
C ASN G 53 -3.54 -61.54 -1.30
N LEU G 54 -4.15 -61.51 -0.13
CA LEU G 54 -5.59 -61.67 0.04
C LEU G 54 -6.31 -60.34 -0.10
N GLU G 55 -7.29 -60.30 -1.00
CA GLU G 55 -8.08 -59.08 -1.18
C GLU G 55 -8.90 -58.82 0.08
N THR G 56 -9.06 -57.53 0.41
CA THR G 56 -9.71 -57.13 1.65
C THR G 56 -11.15 -57.64 1.76
N GLY G 57 -11.83 -57.84 0.64
CA GLY G 57 -13.21 -58.30 0.69
C GLY G 57 -13.43 -59.80 0.62
N VAL G 58 -12.41 -60.61 0.88
CA VAL G 58 -12.53 -62.07 0.77
C VAL G 58 -12.16 -62.74 2.08
N PRO G 59 -12.84 -63.82 2.49
CA PRO G 59 -12.48 -64.49 3.75
C PRO G 59 -11.07 -65.06 3.69
N SER G 60 -10.42 -65.10 4.86
CA SER G 60 -9.01 -65.46 5.00
C SER G 60 -8.72 -66.95 4.88
N ARG G 61 -9.64 -67.75 4.33
CA ARG G 61 -9.42 -69.18 4.18
C ARG G 61 -8.71 -69.52 2.87
N PHE G 62 -8.36 -68.52 2.06
CA PHE G 62 -7.66 -68.69 0.80
C PHE G 62 -6.19 -68.35 0.96
N SER G 63 -5.35 -69.04 0.17
CA SER G 63 -3.92 -68.76 0.16
C SER G 63 -3.34 -69.17 -1.18
N GLY G 64 -2.28 -68.48 -1.58
CA GLY G 64 -1.62 -68.76 -2.83
C GLY G 64 -0.12 -68.57 -2.72
N SER G 65 0.61 -69.27 -3.58
CA SER G 65 2.06 -69.15 -3.57
C SER G 65 2.63 -69.72 -4.87
N GLY G 66 3.88 -69.37 -5.13
CA GLY G 66 4.59 -69.81 -6.30
C GLY G 66 5.49 -68.74 -6.89
N SER G 67 6.37 -69.14 -7.81
CA SER G 67 7.28 -68.22 -8.48
C SER G 67 7.68 -68.85 -9.81
N GLY G 68 8.11 -68.00 -10.73
CA GLY G 68 8.55 -68.50 -12.02
C GLY G 68 7.43 -68.95 -12.93
N THR G 69 7.31 -70.26 -13.14
CA THR G 69 6.31 -70.80 -14.06
C THR G 69 5.20 -71.60 -13.38
N ASP G 70 5.46 -72.21 -12.24
CA ASP G 70 4.44 -72.98 -11.52
C ASP G 70 3.79 -72.09 -10.47
N PHE G 71 2.46 -72.07 -10.45
CA PHE G 71 1.74 -71.22 -9.51
C PHE G 71 0.58 -72.02 -8.93
N THR G 72 0.33 -71.84 -7.64
CA THR G 72 -0.67 -72.64 -6.93
C THR G 72 -1.62 -71.77 -6.10
N LEU G 73 -2.87 -72.25 -5.99
CA LEU G 73 -3.91 -71.63 -5.18
C LEU G 73 -4.49 -72.73 -4.30
N THR G 74 -4.42 -72.56 -2.98
CA THR G 74 -4.91 -73.54 -2.03
C THR G 74 -5.98 -72.96 -1.11
N ILE G 75 -7.00 -73.77 -0.84
CA ILE G 75 -8.06 -73.44 0.11
C ILE G 75 -7.82 -74.26 1.38
N SER G 76 -7.82 -73.60 2.53
CA SER G 76 -7.56 -74.29 3.79
C SER G 76 -8.63 -75.36 4.08
N SER G 77 -9.89 -74.96 4.06
CA SER G 77 -11.00 -75.89 4.30
C SER G 77 -12.22 -75.40 3.53
N LEU G 78 -12.71 -76.25 2.64
CA LEU G 78 -13.83 -75.87 1.77
C LEU G 78 -15.08 -75.62 2.58
N GLN G 79 -15.84 -74.61 2.16
CA GLN G 79 -17.08 -74.15 2.77
C GLN G 79 -18.22 -74.24 1.76
N PRO G 80 -19.48 -74.20 2.22
CA PRO G 80 -20.60 -74.40 1.29
C PRO G 80 -20.70 -73.39 0.14
N GLU G 81 -20.21 -72.17 0.31
CA GLU G 81 -20.28 -71.18 -0.76
C GLU G 81 -19.05 -71.18 -1.67
N ASP G 82 -18.06 -72.03 -1.38
CA ASP G 82 -16.86 -72.13 -2.21
C ASP G 82 -17.13 -72.73 -3.59
N ILE G 83 -18.28 -73.36 -3.79
CA ILE G 83 -18.59 -74.00 -5.07
C ILE G 83 -18.78 -72.94 -6.15
N ALA G 84 -17.81 -72.85 -7.07
CA ALA G 84 -17.81 -71.86 -8.14
C ALA G 84 -16.64 -72.16 -9.08
N THR G 85 -16.61 -71.44 -10.20
CA THR G 85 -15.52 -71.52 -11.16
C THR G 85 -14.35 -70.64 -10.69
N TYR G 86 -13.13 -71.07 -11.03
CA TYR G 86 -11.94 -70.31 -10.67
C TYR G 86 -11.06 -70.13 -11.90
N TYR G 87 -10.35 -69.01 -11.94
CA TYR G 87 -9.46 -68.68 -13.06
C TYR G 87 -8.17 -68.05 -12.59
N CYS G 88 -7.11 -68.28 -13.34
CA CYS G 88 -5.81 -67.66 -13.10
C CYS G 88 -5.50 -66.80 -14.31
N GLN G 89 -5.17 -65.54 -14.09
CA GLN G 89 -4.85 -64.62 -15.17
C GLN G 89 -3.56 -63.89 -14.88
N GLN G 90 -2.67 -63.85 -15.86
CA GLN G 90 -1.37 -63.21 -15.72
C GLN G 90 -1.43 -61.78 -16.25
N TYR G 91 -0.47 -60.97 -15.80
CA TYR G 91 -0.33 -59.61 -16.29
C TYR G 91 1.12 -59.23 -16.51
N ASP G 92 1.97 -60.21 -16.83
CA ASP G 92 3.37 -59.93 -17.08
C ASP G 92 3.56 -59.20 -18.41
N ASN G 93 2.62 -59.34 -19.34
CA ASN G 93 2.72 -58.70 -20.63
C ASN G 93 1.35 -58.10 -20.94
N LEU G 94 1.33 -56.93 -21.59
CA LEU G 94 0.08 -56.24 -21.91
C LEU G 94 -0.93 -57.11 -22.61
N PHE G 95 -0.46 -58.03 -23.47
CA PHE G 95 -1.34 -59.00 -24.10
C PHE G 95 -1.57 -60.15 -23.13
N LEU G 96 -2.31 -59.83 -22.07
CA LEU G 96 -2.61 -60.78 -21.00
C LEU G 96 -3.63 -61.80 -21.47
N THR G 97 -3.58 -62.98 -20.83
CA THR G 97 -4.46 -64.09 -21.15
C THR G 97 -5.02 -64.68 -19.87
N PHE G 98 -6.07 -65.48 -20.02
CA PHE G 98 -6.71 -66.14 -18.90
C PHE G 98 -6.37 -67.63 -18.91
N GLY G 99 -6.63 -68.28 -17.77
CA GLY G 99 -6.37 -69.69 -17.66
C GLY G 99 -7.43 -70.57 -18.27
N GLY G 100 -7.15 -71.88 -18.29
CA GLY G 100 -8.08 -72.83 -18.85
C GLY G 100 -9.35 -73.01 -18.04
N GLY G 101 -9.38 -72.52 -16.81
CA GLY G 101 -10.54 -72.60 -15.95
C GLY G 101 -10.58 -73.88 -15.16
N THR G 102 -11.15 -73.79 -13.95
CA THR G 102 -11.39 -74.96 -13.11
C THR G 102 -12.78 -74.81 -12.50
N LYS G 103 -13.41 -75.95 -12.21
CA LYS G 103 -14.76 -75.98 -11.65
C LYS G 103 -14.82 -76.93 -10.45
N VAL G 104 -14.78 -76.37 -9.24
CA VAL G 104 -14.94 -77.21 -8.06
C VAL G 104 -16.38 -77.68 -7.97
N GLU G 105 -16.58 -78.87 -7.40
CA GLU G 105 -17.89 -79.49 -7.32
C GLU G 105 -18.15 -80.08 -5.94
N ILE G 106 -19.43 -80.24 -5.62
CA ILE G 106 -19.87 -80.76 -4.34
C ILE G 106 -19.60 -82.25 -4.26
N LYS G 107 -19.17 -82.70 -3.09
CA LYS G 107 -18.94 -84.13 -2.84
C LYS G 107 -19.13 -84.42 -1.36
N VAL H 2 34.62 -4.00 -39.08
CA VAL H 2 35.80 -4.01 -38.22
C VAL H 2 36.99 -3.37 -38.91
N GLN H 3 37.17 -2.07 -38.70
CA GLN H 3 38.22 -1.31 -39.34
C GLN H 3 39.29 -0.93 -38.33
N LEU H 4 40.56 -1.06 -38.74
CA LEU H 4 41.70 -0.67 -37.92
C LEU H 4 42.51 0.36 -38.70
N VAL H 5 42.84 1.47 -38.04
CA VAL H 5 43.63 2.53 -38.65
C VAL H 5 44.71 2.96 -37.67
N GLU H 6 45.92 3.19 -38.17
CA GLU H 6 47.06 3.59 -37.35
C GLU H 6 47.52 5.00 -37.70
N SER H 7 48.48 5.48 -36.91
CA SER H 7 49.08 6.80 -37.10
C SER H 7 50.38 6.87 -36.31
N GLY H 8 51.13 7.95 -36.55
CA GLY H 8 52.38 8.21 -35.87
C GLY H 8 53.65 7.86 -36.62
N GLY H 9 53.57 7.50 -37.89
CA GLY H 9 54.77 7.20 -38.64
C GLY H 9 55.61 8.42 -38.93
N GLY H 10 56.92 8.19 -39.14
CA GLY H 10 57.81 9.30 -39.40
C GLY H 10 59.26 8.91 -39.28
N LEU H 11 60.12 9.93 -39.17
CA LEU H 11 61.56 9.77 -39.00
C LEU H 11 62.00 10.53 -37.76
N VAL H 12 62.75 9.86 -36.89
CA VAL H 12 63.31 10.50 -35.71
C VAL H 12 64.75 10.00 -35.54
N GLN H 13 65.58 10.83 -34.89
CA GLN H 13 66.96 10.43 -34.64
C GLN H 13 66.99 9.36 -33.56
N PRO H 14 67.88 8.37 -33.67
CA PRO H 14 67.92 7.30 -32.66
C PRO H 14 68.08 7.86 -31.26
N GLY H 15 67.33 7.27 -30.32
CA GLY H 15 67.31 7.73 -28.93
C GLY H 15 66.13 8.58 -28.55
N GLY H 16 65.22 8.90 -29.48
CA GLY H 16 64.06 9.70 -29.19
C GLY H 16 62.88 8.88 -28.70
N SER H 17 61.68 9.45 -28.89
CA SER H 17 60.46 8.78 -28.46
C SER H 17 59.31 9.14 -29.40
N LEU H 18 58.42 8.18 -29.62
CA LEU H 18 57.22 8.37 -30.45
C LEU H 18 56.00 7.84 -29.71
N ARG H 19 54.83 8.32 -30.12
CA ARG H 19 53.54 7.90 -29.58
C ARG H 19 52.68 7.31 -30.68
N LEU H 20 52.93 6.03 -30.98
CA LEU H 20 52.17 5.31 -31.99
C LEU H 20 50.73 5.08 -31.52
N SER H 21 49.81 4.99 -32.49
CA SER H 21 48.40 4.81 -32.16
C SER H 21 47.70 3.96 -33.21
N CYS H 22 46.59 3.35 -32.79
CA CYS H 22 45.74 2.54 -33.67
C CYS H 22 44.33 2.55 -33.11
N ALA H 23 43.37 3.00 -33.91
CA ALA H 23 41.96 3.06 -33.52
C ALA H 23 41.19 1.88 -34.08
N ALA H 24 40.22 1.39 -33.30
CA ALA H 24 39.39 0.25 -33.68
C ALA H 24 37.92 0.61 -33.62
N SER H 25 37.13 -0.01 -34.49
CA SER H 25 35.68 0.20 -34.50
C SER H 25 34.99 -1.00 -35.12
N GLY H 26 33.72 -1.16 -34.78
CA GLY H 26 32.91 -2.25 -35.29
C GLY H 26 32.85 -3.51 -34.45
N PHE H 27 33.34 -3.48 -33.22
CA PHE H 27 33.26 -4.62 -32.32
C PHE H 27 33.42 -4.12 -30.89
N THR H 28 33.10 -4.98 -29.93
CA THR H 28 33.25 -4.60 -28.53
C THR H 28 34.74 -4.56 -28.21
N PHE H 29 35.27 -3.34 -28.08
CA PHE H 29 36.70 -3.13 -27.94
C PHE H 29 37.31 -3.82 -26.73
N SER H 30 36.64 -3.75 -25.58
CA SER H 30 37.21 -4.31 -24.36
C SER H 30 37.18 -5.82 -24.29
N SER H 31 36.49 -6.50 -25.20
CA SER H 31 36.39 -7.95 -25.12
C SER H 31 37.52 -8.68 -25.82
N TYR H 32 38.39 -8.01 -26.56
CA TYR H 32 39.43 -8.70 -27.30
C TYR H 32 40.81 -8.15 -27.00
N ALA H 33 41.76 -9.08 -26.80
CA ALA H 33 43.16 -8.71 -26.65
C ALA H 33 43.71 -8.27 -28.00
N MET H 34 44.65 -7.33 -27.97
CA MET H 34 45.24 -6.82 -29.20
C MET H 34 46.75 -6.76 -29.05
N SER H 35 47.46 -6.81 -30.18
CA SER H 35 48.91 -6.84 -30.17
C SER H 35 49.50 -5.98 -31.28
N TRP H 36 50.76 -5.62 -31.08
CA TRP H 36 51.57 -4.87 -32.02
C TRP H 36 52.62 -5.80 -32.61
N VAL H 37 52.80 -5.73 -33.92
CA VAL H 37 53.77 -6.57 -34.62
C VAL H 37 54.39 -5.77 -35.75
N ARG H 38 55.69 -5.98 -35.99
CA ARG H 38 56.39 -5.25 -37.04
C ARG H 38 57.11 -6.20 -37.99
N GLN H 39 57.21 -5.78 -39.25
CA GLN H 39 57.88 -6.51 -40.32
C GLN H 39 59.04 -5.67 -40.84
N ALA H 40 60.26 -6.16 -40.62
CA ALA H 40 61.45 -5.48 -41.06
C ALA H 40 61.60 -5.60 -42.58
N PRO H 41 62.27 -4.62 -43.23
CA PRO H 41 62.38 -4.65 -44.70
C PRO H 41 63.13 -5.86 -45.19
N GLY H 42 62.42 -6.76 -45.87
CA GLY H 42 62.99 -8.00 -46.36
C GLY H 42 62.90 -9.17 -45.40
N LYS H 43 62.33 -8.99 -44.22
CA LYS H 43 62.18 -10.06 -43.24
C LYS H 43 60.70 -10.32 -43.01
N GLY H 44 60.41 -11.28 -42.14
CA GLY H 44 59.06 -11.65 -41.79
C GLY H 44 58.44 -10.82 -40.70
N LEU H 45 57.46 -11.41 -40.02
CA LEU H 45 56.77 -10.77 -38.93
C LEU H 45 57.45 -11.10 -37.61
N GLU H 46 57.67 -10.09 -36.79
CA GLU H 46 58.23 -10.25 -35.45
C GLU H 46 57.31 -9.53 -34.46
N TRP H 47 56.95 -10.22 -33.39
CA TRP H 47 56.00 -9.72 -32.41
C TRP H 47 56.64 -8.64 -31.54
N VAL H 48 55.89 -7.56 -31.31
CA VAL H 48 56.39 -6.45 -30.50
C VAL H 48 55.85 -6.51 -29.08
N SER H 49 54.54 -6.38 -28.91
CA SER H 49 53.92 -6.35 -27.58
C SER H 49 52.47 -6.75 -27.68
N ALA H 50 51.87 -7.07 -26.53
CA ALA H 50 50.48 -7.48 -26.47
C ALA H 50 49.85 -7.01 -25.17
N ILE H 51 48.52 -6.93 -25.15
CA ILE H 51 47.79 -6.49 -23.96
C ILE H 51 46.43 -7.19 -23.92
N ILE H 52 45.96 -7.43 -22.70
CA ILE H 52 44.68 -8.09 -22.49
C ILE H 52 43.54 -7.07 -22.65
N GLY H 53 42.32 -7.58 -22.81
CA GLY H 53 41.18 -6.69 -23.01
C GLY H 53 40.98 -5.69 -21.89
N SER H 54 41.21 -6.10 -20.64
CA SER H 54 41.07 -5.17 -19.53
C SER H 54 42.31 -4.31 -19.32
N GLY H 55 43.42 -4.64 -19.97
CA GLY H 55 44.65 -3.89 -19.78
C GLY H 55 45.38 -4.20 -18.50
N SER H 56 44.97 -5.24 -17.78
CA SER H 56 45.62 -5.59 -16.53
C SER H 56 46.97 -6.25 -16.76
N ASN H 57 47.16 -6.96 -17.87
CA ASN H 57 48.41 -7.64 -18.15
C ASN H 57 49.00 -7.18 -19.47
N THR H 58 50.32 -7.01 -19.48
CA THR H 58 51.08 -6.61 -20.64
C THR H 58 52.20 -7.61 -20.89
N TYR H 59 52.51 -7.86 -22.15
CA TYR H 59 53.55 -8.81 -22.53
C TYR H 59 54.47 -8.18 -23.57
N TYR H 60 55.73 -8.60 -23.53
CA TYR H 60 56.74 -8.11 -24.46
C TYR H 60 57.69 -9.24 -24.83
N ALA H 61 58.30 -9.12 -26.01
CA ALA H 61 59.30 -10.09 -26.41
C ALA H 61 60.65 -9.71 -25.80
N ASP H 62 61.61 -10.63 -25.89
CA ASP H 62 62.91 -10.38 -25.28
C ASP H 62 63.63 -9.19 -25.90
N SER H 63 63.71 -9.16 -27.24
CA SER H 63 64.38 -8.03 -27.90
C SER H 63 63.66 -6.72 -27.69
N VAL H 64 62.38 -6.79 -27.34
CA VAL H 64 61.52 -5.64 -27.11
C VAL H 64 61.41 -5.29 -25.63
N LYS H 65 61.88 -6.17 -24.75
CA LYS H 65 61.70 -6.05 -23.31
C LYS H 65 62.39 -4.83 -22.71
N GLY H 66 61.67 -4.17 -21.80
CA GLY H 66 62.24 -3.06 -21.05
C GLY H 66 62.47 -1.80 -21.84
N ARG H 67 62.25 -1.83 -23.14
CA ARG H 67 62.49 -0.71 -24.02
C ARG H 67 61.26 0.12 -24.33
N PHE H 68 60.08 -0.49 -24.49
CA PHE H 68 58.85 0.22 -24.84
C PHE H 68 57.74 -0.13 -23.85
N THR H 69 56.64 0.61 -23.92
CA THR H 69 55.49 0.38 -23.05
C THR H 69 54.22 0.35 -23.88
N ILE H 70 53.38 -0.65 -23.63
CA ILE H 70 52.12 -0.86 -24.32
C ILE H 70 50.98 -0.37 -23.43
N SER H 71 50.02 0.35 -24.02
CA SER H 71 48.88 0.83 -23.26
C SER H 71 47.66 0.88 -24.17
N ARG H 72 46.48 0.87 -23.55
CA ARG H 72 45.22 0.93 -24.28
C ARG H 72 44.21 1.76 -23.49
N ASP H 73 43.25 2.33 -24.20
CA ASP H 73 42.20 3.13 -23.59
C ASP H 73 40.85 2.59 -24.05
N ASN H 74 40.14 1.92 -23.14
CA ASN H 74 38.87 1.30 -23.48
C ASN H 74 37.76 2.32 -23.67
N ALA H 75 37.91 3.52 -23.12
CA ALA H 75 36.85 4.52 -23.27
C ALA H 75 36.78 5.08 -24.68
N LYS H 76 37.90 5.13 -25.39
CA LYS H 76 37.95 5.70 -26.74
C LYS H 76 38.26 4.68 -27.82
N ASN H 77 38.27 3.38 -27.49
CA ASN H 77 38.54 2.33 -28.46
C ASN H 77 39.85 2.57 -29.21
N THR H 78 40.90 2.88 -28.45
CA THR H 78 42.18 3.22 -29.05
C THR H 78 43.31 2.44 -28.39
N LEU H 79 44.36 2.22 -29.18
CA LEU H 79 45.57 1.49 -28.79
C LEU H 79 46.75 2.44 -28.88
N TYR H 80 47.69 2.35 -27.93
CA TYR H 80 48.86 3.20 -27.93
C TYR H 80 50.12 2.39 -27.69
N LEU H 81 51.18 2.73 -28.41
CA LEU H 81 52.50 2.13 -28.24
C LEU H 81 53.50 3.25 -27.97
N GLN H 82 54.12 3.22 -26.80
CA GLN H 82 55.09 4.23 -26.36
C GLN H 82 56.49 3.84 -26.84
N MET H 83 56.90 4.39 -27.97
CA MET H 83 58.24 4.17 -28.49
C MET H 83 59.26 4.93 -27.62
N ASN H 84 60.30 4.25 -27.15
CA ASN H 84 61.32 4.88 -26.32
C ASN H 84 62.70 4.34 -26.61
N SER H 85 63.66 5.25 -26.82
CA SER H 85 65.05 4.91 -27.14
C SER H 85 65.12 3.99 -28.35
N LEU H 86 64.63 4.50 -29.48
CA LEU H 86 64.61 3.70 -30.70
C LEU H 86 66.01 3.50 -31.29
N ARG H 87 66.39 2.24 -31.46
CA ARG H 87 67.63 1.84 -32.12
C ARG H 87 67.40 1.70 -33.62
N ALA H 88 68.49 1.58 -34.38
CA ALA H 88 68.41 1.53 -35.84
C ALA H 88 67.64 0.31 -36.33
N GLU H 89 67.72 -0.81 -35.62
CA GLU H 89 67.04 -2.04 -36.00
C GLU H 89 65.53 -1.97 -35.88
N ASP H 90 64.97 -0.91 -35.29
CA ASP H 90 63.52 -0.77 -35.20
C ASP H 90 62.88 -0.19 -36.45
N THR H 91 63.65 0.18 -37.46
CA THR H 91 63.09 0.68 -38.71
C THR H 91 62.33 -0.43 -39.43
N ALA H 92 61.00 -0.34 -39.43
CA ALA H 92 60.14 -1.35 -40.04
C ALA H 92 58.72 -0.78 -40.13
N VAL H 93 57.77 -1.62 -40.53
CA VAL H 93 56.35 -1.27 -40.59
C VAL H 93 55.60 -2.01 -39.48
N TYR H 94 54.72 -1.30 -38.78
CA TYR H 94 53.99 -1.81 -37.62
C TYR H 94 52.53 -2.07 -37.95
N TYR H 95 51.98 -3.13 -37.35
CA TYR H 95 50.59 -3.53 -37.55
C TYR H 95 49.92 -3.80 -36.21
N CYS H 96 48.67 -3.35 -36.07
CA CYS H 96 47.86 -3.67 -34.90
C CYS H 96 46.87 -4.73 -35.30
N ALA H 97 46.79 -5.80 -34.51
CA ALA H 97 45.88 -6.92 -34.78
C ALA H 97 44.96 -7.20 -33.59
N LYS H 98 43.86 -7.89 -33.89
CA LYS H 98 42.84 -8.27 -32.92
C LYS H 98 42.82 -9.78 -32.72
N ASP H 99 42.79 -10.21 -31.46
CA ASP H 99 42.65 -11.63 -31.18
C ASP H 99 41.21 -12.06 -31.43
N THR H 100 41.03 -13.29 -31.88
CA THR H 100 39.71 -13.76 -32.25
C THR H 100 38.84 -14.19 -31.07
N THR H 101 39.42 -14.49 -29.91
CA THR H 101 38.64 -15.02 -28.79
C THR H 101 38.10 -13.91 -27.90
N PRO H 102 36.79 -13.77 -27.74
CA PRO H 102 36.26 -12.78 -26.81
C PRO H 102 36.38 -13.31 -25.38
N ARG H 103 36.80 -12.44 -24.47
CA ARG H 103 36.92 -12.86 -23.08
C ARG H 103 36.22 -11.87 -22.17
N PRO H 104 35.70 -12.33 -21.04
CA PRO H 104 35.05 -11.41 -20.10
C PRO H 104 36.06 -10.41 -19.54
N LEU H 105 35.54 -9.23 -19.20
CA LEU H 105 36.40 -8.16 -18.70
C LEU H 105 37.09 -8.53 -17.39
N TYR H 106 36.50 -9.42 -16.60
CA TYR H 106 37.08 -9.83 -15.33
C TYR H 106 38.04 -11.00 -15.46
N SER H 107 38.38 -11.40 -16.68
CA SER H 107 39.20 -12.57 -16.92
C SER H 107 40.48 -12.22 -17.66
N SER H 108 41.58 -12.85 -17.26
CA SER H 108 42.86 -12.79 -17.94
C SER H 108 43.06 -14.14 -18.60
N GLY H 109 43.16 -14.16 -19.93
CA GLY H 109 43.29 -15.40 -20.66
C GLY H 109 44.30 -15.35 -21.78
N TRP H 110 44.41 -16.50 -22.47
CA TRP H 110 45.34 -16.73 -23.56
C TRP H 110 44.94 -15.94 -24.80
N TYR H 111 45.88 -15.87 -25.75
CA TYR H 111 45.64 -15.24 -27.04
C TYR H 111 46.50 -15.95 -28.09
N GLY H 112 46.52 -15.41 -29.31
CA GLY H 112 47.40 -15.95 -30.33
C GLY H 112 46.85 -16.09 -31.73
N SER H 113 45.55 -16.32 -31.87
CA SER H 113 44.91 -16.51 -33.17
C SER H 113 44.33 -15.19 -33.68
N PHE H 114 45.21 -14.31 -34.15
CA PHE H 114 44.77 -13.03 -34.68
C PHE H 114 44.03 -13.23 -36.00
N ASP H 115 42.97 -12.44 -36.20
CA ASP H 115 42.14 -12.58 -37.39
C ASP H 115 42.00 -11.31 -38.22
N TYR H 116 42.00 -10.13 -37.61
CA TYR H 116 41.85 -8.87 -38.34
C TYR H 116 43.05 -7.98 -38.11
N TRP H 117 43.45 -7.27 -39.16
CA TRP H 117 44.61 -6.41 -39.14
C TRP H 117 44.26 -5.04 -39.69
N GLY H 118 45.12 -4.07 -39.44
CA GLY H 118 44.95 -2.73 -39.95
C GLY H 118 45.72 -2.48 -41.23
N GLN H 119 45.96 -1.20 -41.50
CA GLN H 119 46.62 -0.81 -42.74
C GLN H 119 48.14 -0.82 -42.64
N GLY H 120 48.67 -0.38 -41.52
CA GLY H 120 50.10 -0.38 -41.30
C GLY H 120 50.66 1.04 -41.25
N THR H 121 51.77 1.19 -40.54
CA THR H 121 52.43 2.48 -40.43
C THR H 121 53.94 2.29 -40.30
N PRO H 122 54.71 2.61 -41.34
CA PRO H 122 56.16 2.48 -41.26
C PRO H 122 56.82 3.61 -40.50
N VAL H 123 57.98 3.31 -39.92
CA VAL H 123 58.80 4.28 -39.21
C VAL H 123 60.24 4.13 -39.63
N SER H 124 61.00 5.21 -39.45
CA SER H 124 62.41 5.26 -39.80
C SER H 124 63.17 5.96 -38.68
N VAL H 125 64.39 5.51 -38.46
CA VAL H 125 65.21 6.06 -37.38
C VAL H 125 66.67 6.11 -37.80
N ILE I 2 61.18 -20.65 -28.12
CA ILE I 2 60.55 -21.45 -29.17
C ILE I 2 60.79 -20.82 -30.54
N GLN I 3 61.17 -21.64 -31.50
CA GLN I 3 61.44 -21.21 -32.86
C GLN I 3 60.88 -22.26 -33.83
N MET I 4 60.47 -21.80 -35.00
CA MET I 4 59.85 -22.65 -36.00
C MET I 4 60.48 -22.43 -37.37
N THR I 5 60.59 -23.50 -38.14
CA THR I 5 61.21 -23.47 -39.46
C THR I 5 60.20 -23.90 -40.52
N GLN I 6 60.09 -23.09 -41.58
CA GLN I 6 59.19 -23.36 -42.69
C GLN I 6 60.01 -23.84 -43.88
N SER I 7 59.61 -24.97 -44.47
CA SER I 7 60.30 -25.53 -45.62
C SER I 7 59.30 -25.96 -46.68
N PRO I 8 59.54 -25.63 -47.96
CA PRO I 8 60.67 -24.87 -48.50
C PRO I 8 60.48 -23.37 -48.37
N SER I 9 61.56 -22.60 -48.45
CA SER I 9 61.45 -21.15 -48.40
C SER I 9 60.74 -20.58 -49.63
N SER I 10 60.92 -21.21 -50.78
CA SER I 10 60.25 -20.75 -52.00
C SER I 10 60.03 -21.92 -52.93
N LEU I 11 58.90 -21.89 -53.63
CA LEU I 11 58.60 -22.91 -54.63
C LEU I 11 57.70 -22.28 -55.68
N SER I 12 57.72 -22.86 -56.88
CA SER I 12 56.91 -22.39 -58.00
C SER I 12 56.00 -23.51 -58.47
N ALA I 13 54.76 -23.16 -58.80
CA ALA I 13 53.77 -24.13 -59.25
C ALA I 13 52.81 -23.45 -60.20
N SER I 14 52.09 -24.27 -60.94
CA SER I 14 51.14 -23.83 -61.95
C SER I 14 49.70 -24.01 -61.46
N VAL I 15 48.77 -23.48 -62.24
CA VAL I 15 47.36 -23.56 -61.89
C VAL I 15 46.90 -25.01 -61.86
N GLY I 16 46.21 -25.38 -60.77
CA GLY I 16 45.74 -26.73 -60.58
C GLY I 16 46.67 -27.67 -59.85
N ASP I 17 47.88 -27.22 -59.51
CA ASP I 17 48.82 -28.08 -58.81
C ASP I 17 48.40 -28.26 -57.36
N ARG I 18 48.61 -29.47 -56.83
CA ARG I 18 48.26 -29.80 -55.44
C ARG I 18 49.46 -29.52 -54.54
N VAL I 19 49.67 -28.24 -54.24
CA VAL I 19 50.84 -27.81 -53.48
C VAL I 19 50.71 -28.19 -52.01
N THR I 20 51.78 -28.75 -51.45
CA THR I 20 51.86 -29.17 -50.06
C THR I 20 53.05 -28.47 -49.41
N ILE I 21 52.86 -27.91 -48.21
CA ILE I 21 53.92 -27.19 -47.52
C ILE I 21 53.87 -27.49 -46.03
N THR I 22 55.04 -27.59 -45.40
CA THR I 22 55.17 -27.97 -43.99
C THR I 22 56.07 -26.99 -43.25
N CYS I 23 55.87 -26.92 -41.92
CA CYS I 23 56.72 -26.16 -41.02
C CYS I 23 56.87 -26.96 -39.73
N GLN I 24 58.08 -26.94 -39.16
CA GLN I 24 58.41 -27.67 -37.95
C GLN I 24 58.45 -26.74 -36.74
N ALA I 25 57.95 -27.23 -35.60
CA ALA I 25 57.83 -26.45 -34.37
C ALA I 25 58.97 -26.60 -33.38
N SER I 26 59.82 -27.61 -33.50
CA SER I 26 60.95 -27.84 -32.59
C SER I 26 60.53 -28.11 -31.15
N GLN I 27 59.24 -28.25 -30.87
CA GLN I 27 58.77 -28.52 -29.51
C GLN I 27 57.36 -29.08 -29.66
N ASP I 28 56.89 -29.77 -28.62
CA ASP I 28 55.54 -30.31 -28.64
C ASP I 28 54.52 -29.18 -28.52
N ILE I 29 53.87 -28.87 -29.64
CA ILE I 29 52.86 -27.81 -29.68
C ILE I 29 51.45 -28.39 -29.61
N THR I 30 51.30 -29.70 -29.84
CA THR I 30 50.05 -30.47 -29.83
C THR I 30 49.08 -30.04 -30.93
N THR I 31 48.46 -28.88 -30.81
CA THR I 31 47.54 -28.42 -31.84
C THR I 31 47.48 -26.91 -32.00
N TYR I 32 48.29 -26.15 -31.25
CA TYR I 32 48.21 -24.69 -31.22
C TYR I 32 49.04 -24.05 -32.33
N LEU I 33 48.54 -24.19 -33.56
CA LEU I 33 49.20 -23.64 -34.74
C LEU I 33 48.14 -23.03 -35.65
N ASN I 34 48.51 -21.98 -36.38
CA ASN I 34 47.60 -21.36 -37.33
C ASN I 34 48.39 -20.82 -38.52
N TRP I 35 47.73 -20.78 -39.69
CA TRP I 35 48.30 -20.37 -40.96
C TRP I 35 47.73 -19.03 -41.42
N TYR I 36 48.57 -18.25 -42.10
CA TYR I 36 48.18 -16.92 -42.56
C TYR I 36 48.48 -16.70 -44.03
N GLN I 37 47.76 -15.73 -44.60
CA GLN I 37 47.87 -15.26 -45.97
C GLN I 37 48.53 -13.89 -46.00
N GLN I 38 49.58 -13.73 -46.79
CA GLN I 38 50.26 -12.43 -46.88
C GLN I 38 50.53 -12.03 -48.33
N LYS I 39 49.61 -11.28 -48.90
CA LYS I 39 49.76 -10.71 -50.23
C LYS I 39 50.70 -9.53 -50.03
N PRO I 40 51.90 -9.51 -50.61
CA PRO I 40 52.82 -8.40 -50.35
C PRO I 40 52.22 -7.04 -50.68
N GLY I 41 52.57 -6.05 -49.87
CA GLY I 41 52.00 -4.73 -49.98
C GLY I 41 50.68 -4.60 -49.27
N LYS I 42 50.25 -5.65 -48.55
CA LYS I 42 49.00 -5.69 -47.81
C LYS I 42 49.27 -6.34 -46.45
N ALA I 43 48.38 -6.07 -45.50
CA ALA I 43 48.48 -6.71 -44.20
C ALA I 43 48.04 -8.18 -44.28
N PRO I 44 48.57 -9.04 -43.42
CA PRO I 44 48.19 -10.46 -43.45
C PRO I 44 46.72 -10.69 -43.13
N LYS I 45 46.28 -11.92 -43.41
CA LYS I 45 44.94 -12.39 -43.10
C LYS I 45 45.02 -13.84 -42.60
N LEU I 46 44.04 -14.21 -41.79
CA LEU I 46 44.00 -15.54 -41.19
C LEU I 46 43.44 -16.55 -42.20
N LEU I 47 44.09 -17.72 -42.30
CA LEU I 47 43.62 -18.77 -43.19
C LEU I 47 43.06 -19.98 -42.43
N ILE I 48 43.85 -20.61 -41.57
CA ILE I 48 43.41 -21.78 -40.82
C ILE I 48 43.90 -21.66 -39.39
N TYR I 49 43.02 -21.90 -38.43
CA TYR I 49 43.37 -21.84 -37.02
C TYR I 49 43.22 -23.23 -36.42
N ASP I 50 43.96 -23.47 -35.33
CA ASP I 50 43.98 -24.77 -34.66
C ASP I 50 44.50 -25.86 -35.59
N ALA I 51 45.23 -25.44 -36.63
CA ALA I 51 45.85 -26.28 -37.66
C ALA I 51 44.86 -27.08 -38.51
N SER I 52 43.56 -26.99 -38.22
CA SER I 52 42.62 -27.80 -39.00
C SER I 52 41.31 -27.11 -39.37
N ASN I 53 41.00 -25.93 -38.83
CA ASN I 53 39.72 -25.29 -39.07
C ASN I 53 39.80 -24.23 -40.17
N LEU I 54 38.88 -24.33 -41.13
CA LEU I 54 38.81 -23.39 -42.24
C LEU I 54 38.04 -22.15 -41.80
N GLU I 55 38.68 -20.98 -41.87
CA GLU I 55 38.00 -19.77 -41.47
C GLU I 55 36.84 -19.46 -42.41
N THR I 56 35.80 -18.86 -41.85
CA THR I 56 34.57 -18.60 -42.60
C THR I 56 34.78 -17.71 -43.82
N GLY I 57 35.81 -16.86 -43.81
CA GLY I 57 36.04 -15.99 -44.95
C GLY I 57 37.02 -16.51 -45.99
N VAL I 58 37.31 -17.81 -45.96
CA VAL I 58 38.31 -18.39 -46.87
C VAL I 58 37.69 -19.53 -47.67
N PRO I 59 38.02 -19.68 -48.96
CA PRO I 59 37.44 -20.77 -49.74
C PRO I 59 37.89 -22.12 -49.24
N SER I 60 37.04 -23.13 -49.48
CA SER I 60 37.25 -24.49 -48.99
C SER I 60 38.41 -25.23 -49.64
N ARG I 61 39.19 -24.60 -50.50
CA ARG I 61 40.29 -25.26 -51.17
C ARG I 61 41.54 -25.39 -50.32
N PHE I 62 41.47 -25.10 -49.02
CA PHE I 62 42.60 -25.19 -48.10
C PHE I 62 42.33 -26.25 -47.04
N SER I 63 43.41 -26.95 -46.63
CA SER I 63 43.31 -27.96 -45.59
C SER I 63 44.64 -28.05 -44.87
N GLY I 64 44.60 -28.49 -43.62
CA GLY I 64 45.79 -28.61 -42.81
C GLY I 64 45.65 -29.71 -41.79
N SER I 65 46.80 -30.23 -41.35
CA SER I 65 46.81 -31.28 -40.34
C SER I 65 48.20 -31.39 -39.73
N GLY I 66 48.26 -32.01 -38.58
CA GLY I 66 49.51 -32.20 -37.86
C GLY I 66 49.26 -32.20 -36.36
N SER I 67 50.27 -32.70 -35.64
CA SER I 67 50.23 -32.77 -34.19
C SER I 67 51.66 -32.98 -33.71
N GLY I 68 51.87 -32.71 -32.43
CA GLY I 68 53.19 -32.87 -31.87
C GLY I 68 54.15 -31.79 -32.32
N THR I 69 55.12 -32.14 -33.17
CA THR I 69 56.14 -31.19 -33.59
C THR I 69 56.08 -30.81 -35.06
N ASP I 70 55.44 -31.61 -35.90
CA ASP I 70 55.35 -31.33 -37.32
C ASP I 70 53.94 -30.85 -37.67
N PHE I 71 53.85 -30.02 -38.71
CA PHE I 71 52.55 -29.51 -39.13
C PHE I 71 52.59 -29.28 -40.64
N THR I 72 51.46 -29.51 -41.30
CA THR I 72 51.36 -29.43 -42.75
C THR I 72 50.16 -28.59 -43.19
N LEU I 73 50.32 -27.93 -44.35
CA LEU I 73 49.29 -27.14 -45.00
C LEU I 73 49.22 -27.58 -46.45
N THR I 74 48.02 -27.85 -46.95
CA THR I 74 47.81 -28.32 -48.32
C THR I 74 46.85 -27.43 -49.08
N ILE I 75 47.14 -27.22 -50.37
CA ILE I 75 46.26 -26.51 -51.29
C ILE I 75 45.75 -27.54 -52.30
N SER I 76 44.43 -27.70 -52.37
CA SER I 76 43.83 -28.70 -53.25
C SER I 76 44.13 -28.41 -54.72
N SER I 77 43.98 -27.16 -55.14
CA SER I 77 44.29 -26.77 -56.51
C SER I 77 44.66 -25.29 -56.52
N LEU I 78 45.79 -24.99 -57.13
CA LEU I 78 46.30 -23.63 -57.18
C LEU I 78 45.47 -22.77 -58.11
N GLN I 79 45.14 -21.57 -57.64
CA GLN I 79 44.35 -20.60 -58.37
C GLN I 79 45.18 -19.34 -58.56
N PRO I 80 44.85 -18.49 -59.55
CA PRO I 80 45.72 -17.35 -59.87
C PRO I 80 45.93 -16.34 -58.75
N GLU I 81 45.07 -16.29 -57.74
CA GLU I 81 45.25 -15.35 -56.64
C GLU I 81 46.04 -15.93 -55.47
N ASP I 82 46.37 -17.21 -55.50
CA ASP I 82 47.10 -17.86 -54.41
C ASP I 82 48.56 -17.44 -54.32
N ILE I 83 49.09 -16.72 -55.31
CA ILE I 83 50.51 -16.35 -55.30
C ILE I 83 50.81 -15.30 -54.24
N ALA I 84 51.24 -15.74 -53.07
CA ALA I 84 51.48 -14.84 -51.95
C ALA I 84 52.29 -15.55 -50.87
N THR I 85 52.83 -14.75 -49.95
CA THR I 85 53.60 -15.27 -48.82
C THR I 85 52.70 -15.98 -47.83
N TYR I 86 53.20 -17.07 -47.23
CA TYR I 86 52.47 -17.82 -46.23
C TYR I 86 53.25 -17.81 -44.92
N TYR I 87 52.54 -18.03 -43.81
CA TYR I 87 53.18 -17.94 -42.51
C TYR I 87 52.46 -18.83 -41.50
N CYS I 88 53.24 -19.54 -40.69
CA CYS I 88 52.69 -20.34 -39.60
C CYS I 88 53.17 -19.70 -38.29
N GLN I 89 52.32 -19.72 -37.28
CA GLN I 89 52.68 -19.12 -36.00
C GLN I 89 52.02 -19.93 -34.90
N GLN I 90 52.74 -20.13 -33.80
CA GLN I 90 52.23 -20.92 -32.70
C GLN I 90 51.73 -20.04 -31.56
N TYR I 91 50.84 -20.61 -30.76
CA TYR I 91 50.33 -19.93 -29.57
C TYR I 91 50.31 -20.84 -28.36
N ASP I 92 51.29 -21.74 -28.25
CA ASP I 92 51.39 -22.60 -27.08
C ASP I 92 52.11 -21.89 -25.94
N ASN I 93 52.63 -20.71 -26.19
CA ASN I 93 53.30 -19.92 -25.17
C ASN I 93 53.01 -18.45 -25.45
N LEU I 94 52.86 -17.67 -24.37
CA LEU I 94 52.56 -16.25 -24.50
C LEU I 94 53.60 -15.52 -25.34
N PHE I 95 54.85 -15.94 -25.29
CA PHE I 95 55.89 -15.38 -26.16
C PHE I 95 55.82 -16.13 -27.49
N LEU I 96 54.75 -15.83 -28.23
CA LEU I 96 54.50 -16.46 -29.51
C LEU I 96 55.52 -16.01 -30.54
N THR I 97 55.81 -16.91 -31.48
CA THR I 97 56.78 -16.66 -32.54
C THR I 97 56.20 -17.03 -33.88
N PHE I 98 56.71 -16.39 -34.93
CA PHE I 98 56.31 -16.69 -36.29
C PHE I 98 57.32 -17.65 -36.93
N GLY I 99 56.90 -18.28 -38.02
CA GLY I 99 57.78 -19.17 -38.73
C GLY I 99 58.78 -18.45 -39.61
N GLY I 100 59.69 -19.23 -40.19
CA GLY I 100 60.71 -18.69 -41.06
C GLY I 100 60.19 -18.06 -42.35
N GLY I 101 58.94 -18.29 -42.70
CA GLY I 101 58.35 -17.69 -43.87
C GLY I 101 58.46 -18.59 -45.10
N THR I 102 57.57 -18.35 -46.06
CA THR I 102 57.58 -19.10 -47.31
C THR I 102 56.84 -18.31 -48.38
N LYS I 103 57.23 -18.55 -49.63
CA LYS I 103 56.62 -17.86 -50.76
C LYS I 103 56.30 -18.84 -51.87
N VAL I 104 55.09 -18.77 -52.40
CA VAL I 104 54.69 -19.55 -53.57
C VAL I 104 54.84 -18.66 -54.80
N GLU I 105 55.20 -19.27 -55.92
CA GLU I 105 55.43 -18.53 -57.16
C GLU I 105 54.69 -19.16 -58.33
N ILE I 106 54.36 -18.31 -59.30
CA ILE I 106 53.63 -18.74 -60.48
C ILE I 106 54.52 -19.59 -61.38
N LYS I 107 53.88 -20.29 -62.31
CA LYS I 107 54.60 -21.10 -63.29
C LYS I 107 53.76 -21.24 -64.56
C1 NAG J . 29.16 -0.53 18.80
C2 NAG J . 28.19 -0.08 19.94
C3 NAG J . 28.44 -0.89 21.18
C4 NAG J . 28.20 -2.34 20.84
C5 NAG J . 29.16 -2.76 19.71
C6 NAG J . 28.96 -4.20 19.32
C7 NAG J . 27.44 2.23 20.22
C8 NAG J . 27.86 3.63 20.63
N2 NAG J . 28.38 1.29 20.28
O3 NAG J . 27.58 -0.49 22.22
O4 NAG J . 28.48 -3.10 22.01
O5 NAG J . 28.99 -1.92 18.56
O6 NAG J . 27.61 -4.40 18.96
O7 NAG J . 26.30 2.00 19.84
C1 NAG J . 27.28 -3.63 22.66
C2 NAG J . 27.76 -4.66 23.71
C3 NAG J . 26.53 -5.17 24.43
C4 NAG J . 25.81 -4.00 25.08
C5 NAG J . 25.32 -3.10 23.94
C6 NAG J . 24.45 -1.92 24.33
C7 NAG J . 29.77 -5.82 22.89
C8 NAG J . 30.26 -7.07 22.22
N2 NAG J . 28.44 -5.76 23.08
O3 NAG J . 26.85 -6.12 25.41
O4 NAG J . 24.75 -4.57 25.84
O5 NAG J . 26.48 -2.63 23.27
O6 NAG J . 25.05 -1.19 25.38
O7 NAG J . 30.53 -4.93 23.21
C1 BMA J . 24.55 -3.97 27.15
C2 BMA J . 23.23 -4.48 27.71
C3 BMA J . 22.94 -3.64 28.98
C4 BMA J . 24.17 -3.63 29.90
C5 BMA J . 25.51 -3.48 29.20
C6 BMA J . 26.63 -3.96 30.11
O2 BMA J . 23.36 -5.83 28.04
O3 BMA J . 21.87 -4.24 29.65
O4 BMA J . 23.99 -2.42 30.59
O5 BMA J . 25.56 -4.32 28.07
O6 BMA J . 26.31 -5.27 30.52
C1 MAN J . 20.96 -3.18 30.03
C2 MAN J . 20.10 -3.66 31.20
C3 MAN J . 19.13 -4.74 30.78
C4 MAN J . 18.33 -4.31 29.56
C5 MAN J . 19.29 -3.89 28.46
C6 MAN J . 18.57 -3.34 27.24
O2 MAN J . 19.43 -2.52 31.70
O3 MAN J . 18.29 -5.02 31.87
O4 MAN J . 17.54 -5.42 29.19
O5 MAN J . 20.13 -2.86 28.95
O6 MAN J . 17.83 -4.35 26.63
C1 MAN J . 27.46 -6.12 30.35
C2 MAN J . 27.19 -6.98 29.12
C3 MAN J . 25.96 -7.85 29.39
C4 MAN J . 26.26 -8.74 30.58
C5 MAN J . 26.57 -7.84 31.78
C6 MAN J . 27.00 -8.63 33.01
O2 MAN J . 28.34 -7.75 28.89
O3 MAN J . 25.68 -8.60 28.22
O4 MAN J . 25.14 -9.57 30.79
O5 MAN J . 27.62 -6.95 31.46
O6 MAN J . 27.19 -7.72 34.06
C1 NAG K . 39.41 -5.17 40.97
C2 NAG K . 39.19 -6.25 42.04
C3 NAG K . 40.55 -6.28 42.72
C4 NAG K . 41.64 -6.46 41.69
C5 NAG K . 41.57 -5.55 40.45
C6 NAG K . 42.54 -6.01 39.39
C7 NAG K . 37.99 -5.00 43.88
C8 NAG K . 36.70 -5.03 44.63
N2 NAG K . 38.11 -5.96 42.92
O3 NAG K . 40.61 -7.32 43.65
O4 NAG K . 42.81 -6.10 42.36
O5 NAG K . 40.26 -5.52 39.89
O6 NAG K . 42.34 -7.38 39.10
O7 NAG K . 38.81 -4.12 44.09
C1 NAG K . 43.79 -7.13 42.52
C2 NAG K . 44.86 -6.45 43.36
C3 NAG K . 46.01 -7.42 43.49
C4 NAG K . 45.47 -8.64 44.22
C5 NAG K . 44.31 -9.25 43.41
C6 NAG K . 43.68 -10.43 44.10
C7 NAG K . 45.34 -4.04 43.45
C8 NAG K . 45.77 -2.84 42.63
N2 NAG K . 45.25 -5.20 42.78
O3 NAG K . 47.08 -6.86 44.22
O4 NAG K . 46.48 -9.61 44.35
O5 NAG K . 43.32 -8.26 43.21
O6 NAG K . 43.30 -10.09 45.40
O7 NAG K . 45.10 -3.93 44.65
C1 BMA K . 46.91 -9.73 45.71
C2 BMA K . 47.14 -11.20 45.95
C3 BMA K . 47.70 -11.35 47.37
C4 BMA K . 49.04 -10.60 47.44
C5 BMA K . 48.83 -9.13 47.08
C6 BMA K . 50.16 -8.42 46.83
O2 BMA K . 48.04 -11.66 44.97
O3 BMA K . 47.85 -12.69 47.71
O4 BMA K . 49.51 -10.69 48.77
O5 BMA K . 48.09 -8.99 45.89
O6 BMA K . 50.72 -8.98 45.67
C1 NAG L . 57.04 -2.43 20.22
C2 NAG L . 58.17 -1.63 21.00
C3 NAG L . 59.47 -1.60 20.20
C4 NAG L . 59.84 -3.02 19.83
C5 NAG L . 58.70 -3.68 19.06
C6 NAG L . 59.07 -5.08 18.61
C7 NAG L . 57.24 0.62 22.12
C8 NAG L . 57.26 2.06 21.67
N2 NAG L . 57.87 -0.23 21.26
O3 NAG L . 60.49 -1.04 20.98
O4 NAG L . 61.01 -2.98 19.01
O5 NAG L . 57.56 -3.71 19.92
O6 NAG L . 59.55 -5.85 19.68
O7 NAG L . 56.86 0.35 23.25
C1 NAG L . 62.28 -3.17 19.71
C2 NAG L . 63.25 -3.95 18.80
C3 NAG L . 64.50 -4.22 19.63
C4 NAG L . 65.08 -2.90 20.10
C5 NAG L . 64.05 -2.10 20.89
C6 NAG L . 64.54 -0.73 21.29
C7 NAG L . 62.46 -5.51 17.08
C8 NAG L . 61.80 -6.84 16.83
N2 NAG L . 62.66 -5.19 18.36
O3 NAG L . 65.47 -4.90 18.89
O4 NAG L . 66.19 -3.21 20.92
O5 NAG L . 62.88 -1.94 20.09
O6 NAG L . 64.95 -0.04 20.15
O7 NAG L . 62.78 -4.78 16.16
C1 NAG M . 18.45 21.86 20.96
C2 NAG M . 17.36 22.63 21.72
C3 NAG M . 17.21 24.03 21.11
C4 NAG M . 18.56 24.73 21.19
C5 NAG M . 19.65 23.89 20.50
C6 NAG M . 21.03 24.50 20.63
C7 NAG M . 15.32 21.81 22.77
C8 NAG M . 14.04 21.05 22.56
N2 NAG M . 16.11 21.94 21.69
O3 NAG M . 16.27 24.80 21.79
O4 NAG M . 18.41 25.97 20.48
O5 NAG M . 19.67 22.59 21.04
O6 NAG M . 21.31 24.76 21.98
O7 NAG M . 15.60 22.27 23.86
C1 NAG M . 18.81 27.14 21.25
C2 NAG M . 19.08 28.29 20.25
C3 NAG M . 19.46 29.55 21.03
C4 NAG M . 18.35 29.85 22.01
C5 NAG M . 18.16 28.66 22.96
C6 NAG M . 17.09 28.91 23.99
C7 NAG M . 19.92 27.70 18.04
C8 NAG M . 21.16 27.35 17.26
N2 NAG M . 20.13 27.94 19.34
O3 NAG M . 19.63 30.63 20.15
O4 NAG M . 18.71 31.01 22.74
O5 NAG M . 17.83 27.52 22.19
O6 NAG M . 15.84 29.05 23.36
O7 NAG M . 18.83 27.75 17.51
C1 BMA M . 17.80 32.11 22.52
C2 BMA M . 17.96 33.08 23.69
C3 BMA M . 17.04 34.29 23.46
C4 BMA M . 17.35 34.91 22.09
C5 BMA M . 17.25 33.89 20.97
C6 BMA M . 17.72 34.42 19.63
O2 BMA M . 19.28 33.53 23.77
O3 BMA M . 17.24 35.23 24.47
O4 BMA M . 16.39 35.93 21.89
O5 BMA M . 18.06 32.77 21.29
O6 BMA M . 16.87 35.47 19.24
C1 NAG N . 30.15 -43.18 16.67
C2 NAG N . 30.75 -44.57 16.87
C3 NAG N . 29.61 -45.52 17.16
C4 NAG N . 28.86 -45.06 18.39
C5 NAG N . 28.38 -43.61 18.18
C6 NAG N . 27.75 -42.97 19.39
C7 NAG N . 32.84 -44.88 15.60
C8 NAG N . 33.41 -45.44 14.32
N2 NAG N . 31.51 -45.01 15.73
O3 NAG N . 30.08 -46.82 17.37
O4 NAG N . 27.75 -45.92 18.51
O5 NAG N . 29.53 -42.84 17.87
O6 NAG N . 26.42 -43.42 19.51
O7 NAG N . 33.56 -44.37 16.43
C1 NAG N . 27.76 -46.47 19.86
C2 NAG N . 26.39 -47.10 20.15
C3 NAG N . 26.43 -47.65 21.57
C4 NAG N . 27.58 -48.64 21.71
C5 NAG N . 28.90 -47.98 21.31
C6 NAG N . 30.04 -48.95 21.30
C7 NAG N . 24.63 -45.94 18.92
C8 NAG N . 23.59 -44.86 19.01
N2 NAG N . 25.35 -46.12 20.04
O3 NAG N . 25.23 -48.27 21.93
O4 NAG N . 27.66 -48.96 23.08
O5 NAG N . 28.79 -47.44 20.01
O6 NAG N . 29.93 -49.80 20.19
O7 NAG N . 24.81 -46.57 17.89
C1 BMA N . 27.20 -50.28 23.46
C2 BMA N . 26.54 -50.07 24.82
C3 BMA N . 26.05 -51.41 25.37
C4 BMA N . 25.15 -52.11 24.35
C5 BMA N . 25.82 -52.17 22.99
C6 BMA N . 24.93 -52.76 21.90
O2 BMA N . 25.45 -49.21 24.63
O3 BMA N . 25.35 -51.19 26.58
O4 BMA N . 24.91 -53.42 24.83
O5 BMA N . 26.25 -50.86 22.60
O6 BMA N . 23.65 -52.19 22.02
C1 NAG O . -46.47 46.95 33.74
C2 NAG O . -47.94 46.58 34.01
C3 NAG O . -48.61 47.48 35.04
C4 NAG O . -47.68 47.76 36.22
C5 NAG O . -46.34 48.26 35.68
C6 NAG O . -45.39 48.66 36.79
C7 NAG O . -48.76 45.66 31.84
C8 NAG O . -49.64 46.00 30.67
N2 NAG O . -48.70 46.62 32.79
O3 NAG O . -49.76 46.83 35.50
O4 NAG O . -48.23 48.76 37.06
O5 NAG O . -45.77 47.21 34.94
O6 NAG O . -44.18 49.11 36.24
O7 NAG O . -48.16 44.60 31.91
C1 NAG O . -48.92 48.23 38.21
C2 NAG O . -49.06 49.35 39.24
C3 NAG O . -49.77 48.75 40.44
C4 NAG O . -51.13 48.22 40.01
C5 NAG O . -50.98 47.19 38.89
C6 NAG O . -52.28 46.78 38.26
C7 NAG O . -47.38 51.12 39.32
C8 NAG O . -45.99 51.47 39.79
N2 NAG O . -47.78 49.87 39.60
O3 NAG O . -49.96 49.73 41.44
O4 NAG O . -51.71 47.61 41.14
O5 NAG O . -50.20 47.77 37.86
O6 NAG O . -53.13 46.17 39.21
O7 NAG O . -48.09 51.93 38.74
C1 NAG P . -2.24 51.56 22.37
C2 NAG P . -1.82 52.71 23.32
C3 NAG P . -0.32 52.63 23.52
C4 NAG P . 0.09 51.25 23.95
C5 NAG P . -0.43 50.19 22.97
C6 NAG P . -0.05 48.78 23.34
C7 NAG P . -2.62 55.03 23.40
C8 NAG P . -2.90 56.27 22.57
N2 NAG P . -2.14 53.98 22.72
O3 NAG P . 0.14 53.57 24.46
O4 NAG P . 1.51 51.31 23.91
O5 NAG P . -1.85 50.31 22.90
O6 NAG P . -0.49 48.49 24.65
O7 NAG P . -2.84 55.01 24.60
C1 NAG P . 2.16 50.88 25.13
C2 NAG P . 3.66 51.03 24.89
C3 NAG P . 4.44 50.51 26.09
C4 NAG P . 3.93 51.20 27.35
C5 NAG P . 2.41 51.08 27.45
C6 NAG P . 1.81 51.77 28.65
C7 NAG P . 3.98 49.13 23.30
C8 NAG P . 4.50 48.83 21.91
N2 NAG P . 4.08 50.43 23.64
O3 NAG P . 5.81 50.80 25.95
O4 NAG P . 4.53 50.57 28.45
O5 NAG P . 1.83 51.63 26.28
O6 NAG P . 2.10 53.15 28.58
O7 NAG P . 3.55 48.25 24.03
C1 NAG Q . -22.79 36.17 23.84
C2 NAG Q . -24.03 35.55 24.54
C3 NAG Q . -24.05 35.82 26.03
C4 NAG Q . -22.71 35.37 26.57
C5 NAG Q . -21.68 36.33 25.99
C6 NAG Q . -20.27 36.33 26.56
C7 NAG Q . -25.80 35.32 22.87
C8 NAG Q . -27.08 35.91 22.35
N2 NAG Q . -25.24 35.97 23.91
O3 NAG Q . -25.07 35.10 26.66
O4 NAG Q . -22.74 35.16 27.98
O5 NAG Q . -21.61 35.99 24.60
O6 NAG Q . -20.01 35.11 27.21
O7 NAG Q . -25.31 34.32 22.36
C1 NAG Q . -23.03 36.24 28.89
C2 NAG Q . -23.70 35.64 30.13
C3 NAG Q . -23.91 36.75 31.14
C4 NAG Q . -22.53 37.17 31.59
C5 NAG Q . -21.88 37.83 30.36
C6 NAG Q . -20.48 38.29 30.64
C7 NAG Q . -25.32 33.95 30.61
C8 NAG Q . -26.67 33.35 30.30
N2 NAG Q . -24.96 35.01 29.87
O3 NAG Q . -24.72 36.32 32.20
O4 NAG Q . -22.62 38.11 32.63
O5 NAG Q . -21.84 36.93 29.26
O6 NAG Q . -19.86 38.67 29.43
O7 NAG Q . -24.62 33.49 31.51
C1 BMA Q . -22.41 37.56 33.95
C2 BMA Q . -22.16 38.74 34.88
C3 BMA Q . -22.01 38.21 36.31
C4 BMA Q . -23.28 37.43 36.72
C5 BMA Q . -23.59 36.33 35.72
C6 BMA Q . -25.02 35.81 35.87
O2 BMA Q . -23.24 39.61 34.83
O3 BMA Q . -21.83 39.30 37.18
O4 BMA Q . -23.02 36.88 37.99
O5 BMA Q . -23.53 36.82 34.40
O6 BMA Q . -25.22 35.39 37.21
C1 NAG R . -56.44 41.59 18.97
C2 NAG R . -55.13 41.38 19.77
C3 NAG R . -55.09 40.07 20.55
C4 NAG R . -56.42 39.84 21.25
C5 NAG R . -57.52 39.83 20.20
C6 NAG R . -58.89 39.51 20.75
C7 NAG R . -53.17 42.48 18.73
C8 NAG R . -52.04 42.27 17.75
N2 NAG R . -53.98 41.42 18.90
O3 NAG R . -54.09 40.14 21.54
O4 NAG R . -56.34 38.57 21.91
O5 NAG R . -57.58 41.15 19.70
O6 NAG R . -59.84 39.74 19.75
O7 NAG R . -53.30 43.53 19.34
C1 NAG R . -56.57 38.60 23.34
C2 NAG R . -56.96 37.17 23.76
C3 NAG R . -57.15 37.13 25.26
C4 NAG R . -55.84 37.54 25.91
C5 NAG R . -55.49 38.96 25.49
C6 NAG R . -54.18 39.45 26.05
C7 NAG R . -58.18 35.82 22.13
C8 NAG R . -59.53 35.55 21.52
N2 NAG R . -58.16 36.77 23.08
O3 NAG R . -57.49 35.83 25.69
O4 NAG R . -56.04 37.48 27.30
O5 NAG R . -55.44 39.03 24.07
O6 NAG R . -53.15 38.55 25.71
O7 NAG R . -57.18 35.22 21.77
C1 NAG S . -61.37 50.59 24.03
C2 NAG S . -61.03 49.78 25.30
C3 NAG S . -61.77 48.46 25.26
C4 NAG S . -63.22 48.58 24.86
C5 NAG S . -63.44 49.52 23.65
C6 NAG S . -64.91 49.81 23.42
C7 NAG S . -58.80 49.69 26.40
C8 NAG S . -57.34 49.33 26.17
N2 NAG S . -59.62 49.51 25.34
O3 NAG S . -61.72 47.82 26.51
O4 NAG S . -63.63 47.28 24.48
O5 NAG S . -62.77 50.72 23.93
O6 NAG S . -65.05 50.66 22.31
O7 NAG S . -59.17 50.10 27.48
C1 NAG S . -64.75 46.89 25.33
C2 NAG S . -65.43 45.68 24.66
C3 NAG S . -66.63 45.32 25.53
C4 NAG S . -66.12 44.96 26.91
C5 NAG S . -65.38 46.14 27.53
C6 NAG S . -64.80 45.86 28.89
C7 NAG S . -65.17 45.73 22.22
C8 NAG S . -65.81 46.15 20.93
N2 NAG S . -65.89 46.01 23.34
O3 NAG S . -67.34 44.25 24.98
O4 NAG S . -67.26 44.65 27.69
O5 NAG S . -64.34 46.54 26.65
O6 NAG S . -64.03 44.68 28.86
O7 NAG S . -64.09 45.17 22.25
C1 NAG T . -13.27 -30.78 8.24
C2 NAG T . -14.54 -30.48 7.46
C3 NAG T . -14.88 -31.67 6.59
C4 NAG T . -13.71 -31.83 5.64
C5 NAG T . -12.46 -32.14 6.47
C6 NAG T . -11.24 -32.39 5.61
C7 NAG T . -16.02 -28.89 8.58
C8 NAG T . -17.18 -28.77 9.54
N2 NAG T . -15.61 -30.14 8.35
O3 NAG T . -16.08 -31.47 5.89
O4 NAG T . -13.96 -32.89 4.74
O5 NAG T . -12.19 -31.06 7.35
O6 NAG T . -11.00 -31.30 4.76
O7 NAG T . -15.51 -27.92 8.07
C1 NAG T . -14.22 -32.45 3.38
C2 NAG T . -14.19 -33.67 2.45
C3 NAG T . -14.50 -33.21 1.05
C4 NAG T . -15.84 -32.49 1.02
C5 NAG T . -15.83 -31.32 2.02
C6 NAG T . -17.17 -30.65 2.20
C7 NAG T . -12.49 -35.27 3.34
C8 NAG T . -11.09 -35.76 3.09
N2 NAG T . -12.91 -34.32 2.47
O3 NAG T . -14.56 -34.30 0.18
O4 NAG T . -16.02 -32.03 -0.30
O5 NAG T . -15.46 -31.82 3.30
O6 NAG T . -17.38 -29.73 1.15
O7 NAG T . -13.19 -35.72 4.24
C1 BMA T . -17.33 -32.40 -0.83
C2 BMA T . -17.57 -31.57 -2.08
C3 BMA T . -19.03 -31.80 -2.50
C4 BMA T . -19.33 -33.31 -2.56
C5 BMA T . -18.72 -34.14 -1.45
C6 BMA T . -18.62 -35.57 -1.93
O2 BMA T . -16.70 -31.98 -3.09
O3 BMA T . -19.24 -31.28 -3.78
O4 BMA T . -20.72 -33.34 -2.30
O5 BMA T . -17.39 -33.76 -1.21
O6 BMA T . -17.63 -35.60 -2.93
C1 MAN T . -20.21 -30.22 -3.69
C2 MAN T . -20.95 -30.14 -5.02
C3 MAN T . -20.01 -29.69 -6.14
C4 MAN T . -19.27 -28.43 -5.75
C5 MAN T . -18.59 -28.64 -4.40
C6 MAN T . -17.92 -27.37 -3.89
O2 MAN T . -22.02 -29.23 -4.84
O3 MAN T . -20.80 -29.49 -7.29
O4 MAN T . -18.34 -28.17 -6.78
O5 MAN T . -19.57 -29.00 -3.44
O6 MAN T . -16.79 -27.10 -4.68
C1 MAN T . -17.24 -36.96 -3.19
C2 MAN T . -15.89 -36.91 -3.92
C3 MAN T . -16.04 -36.41 -5.35
C4 MAN T . -17.07 -37.24 -6.08
C5 MAN T . -18.40 -37.16 -5.32
C6 MAN T . -19.46 -38.05 -5.95
O2 MAN T . -15.35 -38.22 -3.88
O3 MAN T . -14.77 -36.50 -5.96
O4 MAN T . -17.17 -36.70 -7.39
O5 MAN T . -18.21 -37.61 -3.98
O6 MAN T . -20.61 -38.01 -5.15
C1 NAG U . -27.33 -50.13 0.35
C2 NAG U . -28.08 -51.48 -0.11
C3 NAG U . -28.22 -52.52 0.92
C4 NAG U . -26.88 -53.09 1.12
C5 NAG U . -26.16 -51.85 1.61
C6 NAG U . -24.82 -52.14 2.27
C7 NAG U . -29.12 -50.15 -1.62
C8 NAG U . -30.28 -49.23 -1.69
N2 NAG U . -29.29 -51.04 -0.67
O3 NAG U . -28.83 -53.50 0.17
O4 NAG U . -26.93 -54.15 2.07
O5 NAG U . -26.13 -50.86 0.56
O6 NAG U . -24.67 -51.43 3.52
O7 NAG U . -28.10 -50.05 -2.31
C1 NAG U . -26.59 -55.50 1.66
C2 NAG U . -27.90 -56.18 1.65
C3 NAG U . -27.90 -57.55 1.11
C4 NAG U . -27.25 -57.63 -0.20
C5 NAG U . -25.95 -56.92 -0.16
C6 NAG U . -25.57 -56.78 -1.61
C7 NAG U . -29.43 -55.72 3.34
C8 NAG U . -29.63 -55.54 4.79
N2 NAG U . -28.29 -56.23 2.99
O3 NAG U . -29.20 -57.61 0.64
O4 NAG U . -26.62 -58.90 -0.27
O5 NAG U . -26.02 -55.64 0.39
O6 NAG U . -25.84 -57.95 -2.39
O7 NAG U . -30.25 -55.40 2.53
C1 BMA U . -27.37 -60.11 -0.20
C2 BMA U . -26.91 -61.04 -1.31
C3 BMA U . -27.59 -62.37 -1.30
C4 BMA U . -27.54 -62.93 0.08
C5 BMA U . -27.95 -61.99 1.16
C6 BMA U . -27.40 -62.63 2.41
O2 BMA U . -25.54 -61.31 -1.04
O3 BMA U . -26.91 -63.23 -2.20
O4 BMA U . -28.78 -63.59 0.13
O5 BMA U . -27.30 -60.75 1.06
O6 BMA U . -28.40 -62.46 3.40
C1 NAG V . -12.24 -54.72 23.23
C2 NAG V . -13.28 -55.45 24.07
C3 NAG V . -12.60 -55.95 25.34
C4 NAG V . -11.47 -56.88 24.90
C5 NAG V . -10.48 -56.12 24.01
C6 NAG V . -9.37 -57.00 23.49
C7 NAG V . -15.58 -54.54 23.87
C8 NAG V . -16.53 -53.61 24.55
N2 NAG V . -14.39 -54.62 24.47
O3 NAG V . -13.51 -56.63 26.16
O4 NAG V . -10.76 -57.29 26.03
O5 NAG V . -11.16 -55.55 22.94
O6 NAG V . -9.88 -58.24 23.05
O7 NAG V . -15.86 -55.15 22.85
C1 NAG V . -11.13 -58.64 26.32
C2 NAG V . -9.90 -59.41 26.79
C3 NAG V . -10.30 -60.76 27.35
C4 NAG V . -11.40 -60.56 28.39
C5 NAG V . -12.58 -59.83 27.78
C6 NAG V . -13.68 -59.54 28.77
C7 NAG V . -7.63 -59.57 25.83
C8 NAG V . -6.89 -59.71 24.54
N2 NAG V . -8.97 -59.54 25.71
O3 NAG V . -9.21 -61.39 27.94
O4 NAG V . -11.81 -61.85 28.80
O5 NAG V . -12.13 -58.59 27.31
O6 NAG V . -14.62 -58.70 28.12
O7 NAG V . -7.03 -59.52 26.90
C1 NAG W . -30.03 -13.58 14.77
C2 NAG W . -31.06 -12.50 14.41
C3 NAG W . -31.13 -11.50 15.56
C4 NAG W . -31.53 -12.26 16.80
C5 NAG W . -30.53 -13.39 17.08
C6 NAG W . -30.94 -14.23 18.27
C7 NAG W . -31.14 -12.23 11.94
C8 NAG W . -30.68 -11.32 10.83
N2 NAG W . -30.77 -11.84 13.17
O3 NAG W . -32.10 -10.53 15.28
O4 NAG W . -31.55 -11.36 17.89
O5 NAG W . -30.49 -14.24 15.94
O6 NAG W . -32.20 -14.81 18.03
O7 NAG W . -31.81 -13.23 11.70
C1 NAG W . -32.86 -11.26 18.49
C2 NAG W . -32.71 -10.61 19.87
C3 NAG W . -34.09 -10.48 20.49
C4 NAG W . -34.97 -9.66 19.56
C5 NAG W . -35.04 -10.33 18.19
C6 NAG W . -35.83 -9.51 17.18
C7 NAG W . -30.63 -11.08 21.07
C8 NAG W . -29.91 -12.11 21.90
N2 NAG W . -31.86 -11.45 20.68
O3 NAG W . -34.04 -9.83 21.73
O4 NAG W . -36.26 -9.65 20.13
O5 NAG W . -33.73 -10.49 17.68
O6 NAG W . -35.25 -8.24 17.05
O7 NAG W . -30.13 -10.01 20.78
C1 BMA W . -36.70 -8.32 20.47
C2 BMA W . -38.21 -8.39 20.56
C3 BMA W . -38.74 -7.01 20.99
C4 BMA W . -38.12 -6.64 22.34
C5 BMA W . -36.60 -6.65 22.24
C6 BMA W . -35.92 -6.45 23.59
O2 BMA W . -38.53 -9.37 21.50
O3 BMA W . -40.14 -7.01 21.03
O4 BMA W . -38.56 -5.34 22.66
O5 BMA W . -36.16 -7.89 21.71
O6 BMA W . -36.29 -7.53 24.41
C1 NAG X . 15.75 -50.00 -16.79
C2 NAG X . 16.38 -51.26 -17.39
C3 NAG X . 16.78 -50.92 -18.82
C4 NAG X . 15.50 -50.53 -19.56
C5 NAG X . 14.84 -49.34 -18.88
C6 NAG X . 13.51 -48.97 -19.49
C7 NAG X . 17.49 -52.83 -15.88
C8 NAG X . 18.77 -53.12 -15.14
N2 NAG X . 17.50 -51.71 -16.62
O3 NAG X . 17.37 -52.03 -19.44
O4 NAG X . 15.85 -50.21 -20.89
O5 NAG X . 14.60 -49.66 -17.51
O6 NAG X . 13.71 -48.30 -20.70
O7 NAG X . 16.53 -53.57 -15.82
C1 NAG X . 15.23 -51.14 -21.81
C2 NAG X . 15.29 -50.55 -23.23
C3 NAG X . 14.53 -51.55 -24.09
C4 NAG X . 15.31 -52.86 -24.08
C5 NAG X . 15.39 -53.38 -22.65
C6 NAG X . 16.30 -54.58 -22.53
C7 NAG X . 15.34 -48.10 -23.21
C8 NAG X . 14.50 -46.86 -23.35
N2 NAG X . 14.67 -49.27 -23.32
O3 NAG X . 14.33 -51.04 -25.38
O4 NAG X . 14.60 -53.80 -24.86
O5 NAG X . 15.89 -52.38 -21.78
O6 NAG X . 17.64 -54.18 -22.67
O7 NAG X . 16.53 -48.03 -23.00
C1 BMA X . 15.07 -53.98 -26.22
C2 BMA X . 13.79 -54.11 -27.04
C3 BMA X . 14.12 -54.09 -28.54
C4 BMA X . 14.99 -52.88 -28.90
C5 BMA X . 16.24 -52.83 -28.05
C6 BMA X . 17.02 -51.53 -28.18
O2 BMA X . 12.93 -53.04 -26.76
O3 BMA X . 12.92 -54.03 -29.26
O4 BMA X . 15.32 -53.01 -30.26
O5 BMA X . 15.88 -52.90 -26.68
O6 BMA X . 17.32 -51.32 -29.55
C1 NAG Y . -57.82 43.58 -15.01
C2 NAG Y . -57.78 44.01 -16.50
C3 NAG Y . -59.08 44.58 -17.01
C4 NAG Y . -60.32 43.84 -16.51
C5 NAG Y . -60.18 43.45 -15.04
C6 NAG Y . -61.31 42.54 -14.64
C7 NAG Y . -56.48 46.16 -16.27
C8 NAG Y . -55.30 46.90 -16.86
N2 NAG Y . -56.74 44.95 -16.83
O3 NAG Y . -59.05 44.53 -18.42
O4 NAG Y . -61.45 44.70 -16.62
O5 NAG Y . -58.95 42.76 -14.84
O6 NAG Y . -61.16 42.16 -13.30
O7 NAG Y . -57.16 46.67 -15.39
C1 NAG Y . -62.03 44.76 -17.95
C2 NAG Y . -63.53 45.11 -17.87
C3 NAG Y . -64.12 45.24 -19.26
C4 NAG Y . -63.35 46.30 -20.02
C5 NAG Y . -61.85 45.95 -20.06
C6 NAG Y . -61.00 47.07 -20.62
C7 NAG Y . -64.46 42.88 -17.28
C8 NAG Y . -65.26 42.16 -16.23
N2 NAG Y . -64.27 44.19 -17.03
O3 NAG Y . -65.48 45.59 -19.22
O4 NAG Y . -63.86 46.33 -21.33
O5 NAG Y . -61.38 45.73 -18.75
O6 NAG Y . -61.36 47.38 -21.94
O7 NAG Y . -64.04 42.30 -18.26
C1 NAG Z . -50.94 16.28 20.59
C2 NAG Z . -52.34 15.87 21.09
C3 NAG Z . -52.26 14.56 21.88
C4 NAG Z . -51.52 13.50 21.08
C5 NAG Z . -50.16 14.06 20.67
C6 NAG Z . -49.29 13.08 19.90
C7 NAG Z . -53.68 17.90 21.48
C8 NAG Z . -54.20 18.82 22.54
N2 NAG Z . -52.93 16.87 21.93
O3 NAG Z . -53.55 14.11 22.18
O4 NAG Z . -51.37 12.37 21.92
O5 NAG Z . -50.41 15.19 19.87
O6 NAG Z . -49.94 12.70 18.71
O7 NAG Z . -53.91 18.09 20.30
C1 NAG Z . -51.98 11.22 21.32
C2 NAG Z . -51.56 9.95 22.09
C3 NAG Z . -52.20 8.77 21.39
C4 NAG Z . -53.70 8.97 21.33
C5 NAG Z . -54.04 10.29 20.63
C6 NAG Z . -55.51 10.60 20.60
C7 NAG Z . -49.31 10.19 23.08
C8 NAG Z . -47.85 9.90 22.83
N2 NAG Z . -50.14 9.80 22.09
O3 NAG Z . -51.94 7.57 22.07
O4 NAG Z . -54.22 7.90 20.57
O5 NAG Z . -53.38 11.33 21.34
O6 NAG Z . -56.17 9.71 19.75
O7 NAG Z . -49.69 10.73 24.10
C1 NAG AA . -42.15 23.88 -2.32
C2 NAG AA . -42.31 24.08 -3.85
C3 NAG AA . -43.76 24.01 -4.32
C4 NAG AA . -44.43 22.81 -3.68
C5 NAG AA . -44.16 22.75 -2.18
C6 NAG AA . -44.87 21.62 -1.47
C7 NAG AA . -41.92 26.56 -4.09
C8 NAG AA . -41.02 27.55 -4.79
N2 NAG AA . -41.67 25.27 -4.34
O3 NAG AA . -43.81 23.86 -5.72
O4 NAG AA . -45.84 22.93 -3.87
O5 NAG AA . -42.77 22.68 -1.94
O6 NAG AA . -45.12 20.59 -2.38
O7 NAG AA . -42.84 26.97 -3.39
C1 NAG AA . -46.51 22.19 -4.94
C2 NAG AA . -48.00 22.02 -4.57
C3 NAG AA . -48.76 21.28 -5.67
C4 NAG AA . -48.53 22.02 -6.97
C5 NAG AA . -47.04 22.15 -7.27
C6 NAG AA . -46.78 22.90 -8.55
C7 NAG AA . -47.86 20.13 -2.94
C8 NAG AA . -48.17 19.79 -1.50
N2 NAG AA . -48.17 21.40 -3.27
O3 NAG AA . -50.13 21.27 -5.38
O4 NAG AA . -49.14 21.30 -8.02
O5 NAG AA . -46.41 22.85 -6.20
O6 NAG AA . -47.28 24.21 -8.45
O7 NAG AA . -47.38 19.32 -3.71
C1 BMA AA . -50.39 21.84 -8.49
C2 BMA AA . -50.48 21.51 -9.97
C3 BMA AA . -51.82 22.05 -10.51
C4 BMA AA . -52.98 21.46 -9.69
C5 BMA AA . -52.78 21.66 -8.18
C6 BMA AA . -53.80 20.87 -7.38
O2 BMA AA . -50.45 20.12 -10.16
O3 BMA AA . -51.95 21.64 -11.85
O4 BMA AA . -54.16 22.12 -10.11
O5 BMA AA . -51.48 21.25 -7.81
O6 BMA AA . -53.54 21.12 -6.01
C1 NAG BA . -43.39 55.35 -17.42
C2 NAG BA . -43.94 53.94 -17.24
C3 NAG BA . -43.53 53.05 -18.41
C4 NAG BA . -43.92 53.72 -19.72
C5 NAG BA . -43.20 55.06 -19.82
C6 NAG BA . -43.59 55.80 -21.08
C7 NAG BA . -44.06 52.83 -15.05
C8 NAG BA . -43.17 52.40 -13.91
N2 NAG BA . -43.38 53.42 -16.04
O3 NAG BA . -44.13 51.80 -18.33
O4 NAG BA . -43.50 52.89 -20.76
O5 NAG BA . -43.56 55.87 -18.72
O6 NAG BA . -43.08 57.12 -21.02
O7 NAG BA . -45.27 52.66 -15.03
C1 NAG BA . -44.69 52.56 -21.51
C2 NAG BA . -44.22 52.07 -22.88
C3 NAG BA . -45.47 51.73 -23.68
C4 NAG BA . -46.16 50.58 -22.95
C5 NAG BA . -46.57 51.05 -21.54
C6 NAG BA . -47.20 49.99 -20.69
C7 NAG BA . -42.14 53.01 -23.82
C8 NAG BA . -41.57 54.21 -24.53
N2 NAG BA . -43.46 53.08 -23.55
O3 NAG BA . -45.13 51.32 -24.98
O4 NAG BA . -47.30 50.24 -23.70
O5 NAG BA . -45.43 51.55 -20.86
O6 NAG BA . -46.47 48.80 -20.81
O7 NAG BA . -41.44 52.06 -23.52
C1 NAG CA . -53.04 61.85 -17.36
C2 NAG CA . -53.31 60.69 -18.29
C3 NAG CA . -52.24 60.64 -19.36
C4 NAG CA . -52.16 61.97 -20.08
C5 NAG CA . -51.93 63.10 -19.09
C6 NAG CA . -52.02 64.47 -19.73
C7 NAG CA . -54.35 58.95 -16.99
C8 NAG CA . -54.29 57.50 -16.63
N2 NAG CA . -53.28 59.44 -17.57
O3 NAG CA . -52.60 59.62 -20.28
O4 NAG CA . -51.05 61.88 -20.94
O5 NAG CA . -52.94 63.07 -18.10
O6 NAG CA . -50.91 64.71 -20.60
O7 NAG CA . -55.34 59.64 -16.75
C1 NAG CA . -51.46 62.22 -22.26
C2 NAG CA . -50.24 62.51 -23.12
C3 NAG CA . -50.72 63.05 -24.44
C4 NAG CA . -51.61 62.00 -25.06
C5 NAG CA . -52.79 61.74 -24.13
C6 NAG CA . -53.73 60.71 -24.73
C7 NAG CA . -48.26 63.06 -21.87
C8 NAG CA . -48.16 63.32 -20.39
N2 NAG CA . -49.38 63.47 -22.47
O3 NAG CA . -49.60 63.33 -25.28
O4 NAG CA . -52.10 62.46 -26.32
O5 NAG CA . -52.29 61.24 -22.89
O6 NAG CA . -53.05 59.47 -24.86
O7 NAG CA . -47.37 62.51 -22.50
C1 NAG DA . 12.74 -6.78 -31.44
C2 NAG DA . 13.00 -5.26 -31.49
C3 NAG DA . 14.38 -5.05 -32.03
C4 NAG DA . 15.39 -5.73 -31.13
C5 NAG DA . 15.05 -7.23 -31.08
C6 NAG DA . 16.00 -8.00 -30.21
C7 NAG DA . 10.88 -4.01 -32.06
C8 NAG DA . 10.20 -3.31 -33.21
N2 NAG DA . 12.09 -4.54 -32.35
O3 NAG DA . 14.68 -3.68 -32.12
O4 NAG DA . 16.65 -5.55 -31.72
O5 NAG DA . 13.72 -7.39 -30.62
O6 NAG DA . 16.14 -7.39 -28.94
O7 NAG DA . 10.36 -4.10 -30.97
C1 NAG DA . 17.50 -4.76 -30.84
C2 NAG DA . 18.89 -4.73 -31.48
C3 NAG DA . 19.85 -3.94 -30.60
C4 NAG DA . 19.26 -2.55 -30.46
C5 NAG DA . 17.87 -2.66 -29.82
C6 NAG DA . 17.21 -1.33 -29.56
C7 NAG DA . 19.60 -7.08 -31.00
C8 NAG DA . 20.06 -8.34 -31.69
N2 NAG DA . 19.36 -6.06 -31.83
O3 NAG DA . 21.12 -3.86 -31.19
O4 NAG DA . 20.11 -1.74 -29.67
O5 NAG DA . 17.04 -3.43 -30.68
O6 NAG DA . 17.21 -0.54 -30.73
O7 NAG DA . 19.44 -7.05 -29.79
C1 BMA DA . 20.57 -0.57 -30.41
C2 BMA DA . 20.97 0.49 -29.39
C3 BMA DA . 21.31 1.79 -30.17
C4 BMA DA . 22.26 1.49 -31.35
C5 BMA DA . 21.97 0.20 -32.11
C6 BMA DA . 23.24 -0.30 -32.84
O2 BMA DA . 22.07 0.04 -28.66
O3 BMA DA . 21.98 2.65 -29.29
O4 BMA DA . 21.88 2.51 -32.25
O5 BMA DA . 21.68 -0.86 -31.21
O6 BMA DA . 24.49 -0.43 -32.14
C1 MAN DA . 21.22 3.86 -29.18
C2 MAN DA . 22.16 5.04 -29.46
C3 MAN DA . 23.15 5.24 -28.32
C4 MAN DA . 22.44 5.32 -26.98
C5 MAN DA . 21.59 4.06 -26.81
C6 MAN DA . 20.77 4.07 -25.54
O2 MAN DA . 21.35 6.18 -29.65
O3 MAN DA . 23.86 6.44 -28.60
O4 MAN DA . 23.43 5.44 -25.98
O5 MAN DA . 20.67 3.97 -27.89
O6 MAN DA . 21.62 4.04 -24.43
C1 MAN DA . 24.52 -0.86 -30.75
C2 MAN DA . 25.90 -0.41 -30.20
C3 MAN DA . 26.97 -1.50 -30.12
C4 MAN DA . 26.37 -2.79 -29.60
C5 MAN DA . 25.30 -3.22 -30.61
C6 MAN DA . 24.63 -4.52 -30.20
O2 MAN DA . 25.66 0.15 -28.94
O3 MAN DA . 27.99 -1.03 -29.28
O4 MAN DA . 27.43 -3.72 -29.51
O5 MAN DA . 24.27 -2.25 -30.66
O6 MAN DA . 25.57 -5.57 -30.25
C1 NAG EA . 30.23 -1.07 -48.60
C2 NAG EA . 31.55 -0.34 -48.89
C3 NAG EA . 32.09 -0.86 -50.22
C4 NAG EA . 32.12 -2.39 -50.28
C5 NAG EA . 30.76 -2.99 -49.85
C6 NAG EA . 30.80 -4.49 -49.76
C7 NAG EA . 31.24 1.93 -48.01
C8 NAG EA . 31.02 3.36 -48.41
N2 NAG EA . 31.35 1.06 -49.03
O3 NAG EA . 33.39 -0.38 -50.44
O4 NAG EA . 32.35 -2.68 -51.64
O5 NAG EA . 30.42 -2.46 -48.56
O6 NAG EA . 31.74 -4.87 -48.79
O7 NAG EA . 31.31 1.60 -46.83
C1 NAG EA . 33.40 -3.66 -51.86
C2 NAG EA . 33.52 -3.84 -53.40
C3 NAG EA . 34.56 -4.91 -53.72
C4 NAG EA . 35.86 -4.55 -53.01
C5 NAG EA . 35.61 -4.35 -51.51
C6 NAG EA . 36.88 -4.03 -50.77
C7 NAG EA . 31.47 -5.14 -53.87
C8 NAG EA . 30.19 -5.08 -54.68
N2 NAG EA . 32.26 -4.06 -54.03
O3 NAG EA . 34.77 -4.97 -55.10
O4 NAG EA . 36.80 -5.60 -53.16
O5 NAG EA . 34.66 -3.31 -51.35
O6 NAG EA . 37.42 -2.83 -51.27
O7 NAG EA . 31.72 -6.09 -53.15
C1 BMA EA . 37.69 -5.40 -54.27
C2 BMA EA . 39.09 -5.79 -53.81
C3 BMA EA . 40.04 -5.82 -55.02
C4 BMA EA . 39.45 -6.74 -56.10
C5 BMA EA . 38.06 -6.31 -56.50
C6 BMA EA . 37.32 -7.30 -57.40
O2 BMA EA . 39.07 -7.06 -53.21
O3 BMA EA . 41.30 -6.27 -54.62
O4 BMA EA . 40.33 -6.66 -57.21
O5 BMA EA . 37.25 -6.21 -55.35
O6 BMA EA . 38.05 -7.44 -58.60
C1 NAG FA . 16.83 -24.70 -53.21
C2 NAG FA . 16.40 -24.59 -54.67
C3 NAG FA . 15.81 -25.89 -55.15
C4 NAG FA . 16.79 -27.02 -54.92
C5 NAG FA . 17.21 -27.06 -53.44
C6 NAG FA . 18.28 -28.08 -53.14
C7 NAG FA . 15.72 -22.33 -55.32
C8 NAG FA . 14.55 -21.42 -55.51
N2 NAG FA . 15.42 -23.57 -54.88
O3 NAG FA . 15.52 -25.77 -56.51
O4 NAG FA . 16.17 -28.26 -55.22
O5 NAG FA . 17.70 -25.79 -53.04
O6 NAG FA . 19.18 -28.16 -54.22
O7 NAG FA . 16.87 -21.96 -55.56
C1 NAG FA . 16.56 -28.71 -56.54
C2 NAG FA . 16.57 -30.24 -56.58
C3 NAG FA . 16.82 -30.68 -58.02
C4 NAG FA . 15.77 -30.06 -58.92
C5 NAG FA . 15.87 -28.54 -58.82
C6 NAG FA . 14.89 -27.75 -59.67
C7 NAG FA . 17.36 -31.15 -54.44
C8 NAG FA . 18.58 -31.69 -53.72
N2 NAG FA . 17.58 -30.78 -55.71
O3 NAG FA . 16.78 -32.07 -58.13
O4 NAG FA . 16.02 -30.47 -60.23
O5 NAG FA . 15.65 -28.19 -57.47
O6 NAG FA . 13.58 -28.20 -59.41
O7 NAG FA . 16.27 -31.08 -53.89
C1 NAG GA . -4.04 11.41 -33.20
C2 NAG GA . -4.17 12.93 -33.34
C3 NAG GA . -5.64 13.24 -33.59
C4 NAG GA . -6.11 12.57 -34.86
C5 NAG GA . -5.84 11.06 -34.82
C6 NAG GA . -6.06 10.44 -36.17
C7 NAG GA . -2.59 14.12 -31.87
C8 NAG GA . -2.47 14.81 -30.54
N2 NAG GA . -3.81 13.62 -32.13
O3 NAG GA . -5.84 14.62 -33.69
O4 NAG GA . -7.51 12.74 -34.89
O5 NAG GA . -4.50 10.77 -34.38
O6 NAG GA . -5.50 11.25 -37.18
O7 NAG GA . -1.65 14.01 -32.62
C1 NAG GA . -8.00 13.58 -35.98
C2 NAG GA . -9.46 13.22 -36.21
C3 NAG GA . -10.05 14.13 -37.29
C4 NAG GA . -9.83 15.57 -36.89
C5 NAG GA . -8.35 15.84 -36.69
C6 NAG GA . -8.05 17.26 -36.27
C7 NAG GA . -10.20 10.90 -35.96
C8 NAG GA . -10.18 9.54 -36.60
N2 NAG GA . -9.57 11.86 -36.65
O3 NAG GA . -11.41 13.87 -37.47
O4 NAG GA . -10.29 16.37 -37.97
O5 NAG GA . -7.86 14.96 -35.68
O6 NAG GA . -8.65 17.54 -35.03
O7 NAG GA . -10.76 11.10 -34.89
C1 BMA GA . -11.43 17.21 -37.63
C2 BMA GA . -11.59 18.21 -38.77
C3 BMA GA . -12.82 19.09 -38.50
C4 BMA GA . -14.05 18.21 -38.25
C5 BMA GA . -13.80 17.17 -37.17
C6 BMA GA . -14.92 16.15 -37.05
O2 BMA GA . -11.76 17.56 -39.99
O3 BMA GA . -13.05 19.91 -39.61
O4 BMA GA . -15.09 19.08 -37.85
O5 BMA GA . -12.61 16.45 -37.49
O6 BMA GA . -16.12 16.82 -36.72
C1 NAG HA . 45.41 -28.66 -13.87
C2 NAG HA . 46.74 -29.38 -14.11
C3 NAG HA . 47.73 -28.98 -13.00
C4 NAG HA . 47.88 -27.46 -13.03
C5 NAG HA . 46.51 -26.80 -12.91
C6 NAG HA . 46.59 -25.30 -13.04
C7 NAG HA . 46.25 -31.51 -15.23
C8 NAG HA . 46.16 -32.99 -15.03
N2 NAG HA . 46.59 -30.81 -14.14
O3 NAG HA . 48.96 -29.58 -13.24
O4 NAG HA . 48.65 -27.05 -11.89
O5 NAG HA . 45.71 -27.28 -13.96
O6 NAG HA . 46.92 -24.75 -11.80
O7 NAG HA . 46.04 -30.99 -16.31
C1 NAG HA . 49.91 -26.46 -12.32
C2 NAG HA . 50.54 -25.61 -11.19
C3 NAG HA . 51.77 -25.00 -11.83
C4 NAG HA . 52.73 -26.13 -12.14
C5 NAG HA . 52.08 -27.07 -13.15
C6 NAG HA . 52.91 -28.32 -13.38
C7 NAG HA . 49.01 -24.57 -9.59
C8 NAG HA . 48.18 -23.35 -9.29
N2 NAG HA . 49.67 -24.55 -10.75
O3 NAG HA . 52.36 -24.04 -10.98
O4 NAG HA . 53.87 -25.55 -12.73
O5 NAG HA . 50.81 -27.49 -12.68
O6 NAG HA . 53.00 -29.05 -12.19
O7 NAG HA . 49.06 -25.51 -8.80
C1 BMA HA . 55.05 -25.43 -11.90
C2 BMA HA . 55.73 -24.13 -12.30
C3 BMA HA . 56.93 -23.87 -11.38
C4 BMA HA . 56.48 -23.88 -9.92
C5 BMA HA . 55.80 -25.19 -9.58
C6 BMA HA . 55.13 -25.18 -8.21
O2 BMA HA . 54.83 -23.06 -12.17
O3 BMA HA . 57.49 -22.62 -11.70
O4 BMA HA . 57.64 -23.71 -9.13
O5 BMA HA . 54.75 -25.42 -10.51
O6 BMA HA . 56.09 -24.81 -7.24
C1 NAG IA . -18.13 71.83 0.41
C2 NAG IA . -17.62 72.71 1.58
C3 NAG IA . -17.90 74.19 1.30
C4 NAG IA . -17.46 74.58 -0.10
C5 NAG IA . -18.08 73.62 -1.11
C6 NAG IA . -17.69 73.96 -2.54
C7 NAG IA . -18.01 71.31 3.63
C8 NAG IA . -18.90 71.31 4.85
N2 NAG IA . -18.25 72.35 2.82
O3 NAG IA . -17.18 74.95 2.24
O4 NAG IA . -17.93 75.87 -0.42
O5 NAG IA . -17.61 72.33 -0.81
O6 NAG IA . -18.21 73.03 -3.46
O7 NAG IA . -17.17 70.45 3.43
C1 NAG IA . -16.88 76.85 -0.27
C2 NAG IA . -17.15 78.05 -1.18
C3 NAG IA . -16.02 79.04 -0.97
C4 NAG IA . -16.00 79.44 0.50
C5 NAG IA . -15.85 78.22 1.40
C6 NAG IA . -16.01 78.51 2.87
C7 NAG IA . -18.30 77.78 -3.33
C8 NAG IA . -18.15 77.26 -4.75
N2 NAG IA . -17.21 77.63 -2.56
O3 NAG IA . -16.19 80.19 -1.76
O4 NAG IA . -14.89 80.30 0.68
O5 NAG IA . -16.86 77.29 1.06
O6 NAG IA . -14.98 79.37 3.31
O7 NAG IA . -19.34 78.31 -2.95
C1 NAG JA . -28.20 38.66 -30.43
C2 NAG JA . -28.24 39.55 -31.68
C3 NAG JA . -27.90 38.69 -32.87
C4 NAG JA . -26.54 38.04 -32.64
C5 NAG JA . -26.56 37.24 -31.34
C6 NAG JA . -25.26 36.51 -31.02
C7 NAG JA . -29.79 41.39 -32.15
C8 NAG JA . -31.23 41.81 -32.27
N2 NAG JA . -29.56 40.10 -31.83
O3 NAG JA . -27.87 39.46 -34.05
O4 NAG JA . -26.34 37.15 -33.73
O5 NAG JA . -26.91 38.10 -30.27
O6 NAG JA . -24.18 37.41 -31.09
O7 NAG JA . -28.89 42.19 -32.33
C1 NAG JA . -25.36 37.51 -34.72
C2 NAG JA . -25.30 36.34 -35.72
C3 NAG JA . -24.18 36.65 -36.70
C4 NAG JA . -24.50 37.96 -37.38
C5 NAG JA . -24.68 39.08 -36.36
C6 NAG JA . -25.11 40.38 -36.97
C7 NAG JA . -25.98 34.17 -34.76
C8 NAG JA . -25.46 32.94 -34.05
N2 NAG JA . -25.05 35.09 -35.04
O3 NAG JA . -24.09 35.65 -37.67
O4 NAG JA . -23.42 38.26 -38.23
O5 NAG JA . -25.68 38.68 -35.43
O6 NAG JA . -24.07 40.90 -37.78
O7 NAG JA . -27.17 34.28 -35.07
C1 NAG KA . -14.93 45.55 -8.98
C2 NAG KA . -14.11 46.59 -8.19
C3 NAG KA . -13.82 47.81 -9.04
C4 NAG KA . -13.18 47.37 -10.35
C5 NAG KA . -14.06 46.31 -11.03
C6 NAG KA . -13.45 45.83 -12.32
C7 NAG KA . -14.69 46.38 -5.81
C8 NAG KA . -15.52 47.01 -4.72
N2 NAG KA . -14.81 46.98 -7.00
O3 NAG KA . -12.94 48.64 -8.33
O4 NAG KA . -13.14 48.48 -11.21
O5 NAG KA . -14.25 45.19 -10.17
O6 NAG KA . -14.17 44.71 -12.80
O7 NAG KA . -13.99 45.41 -5.59
C1 NAG KA . -11.84 49.09 -11.32
C2 NAG KA . -11.81 49.86 -12.64
C3 NAG KA . -10.45 50.50 -12.79
C4 NAG KA . -10.22 51.42 -11.60
C5 NAG KA . -10.33 50.65 -10.30
C6 NAG KA . -10.21 51.54 -9.08
C7 NAG KA . -13.27 48.78 -14.30
C8 NAG KA . -13.30 47.79 -15.43
N2 NAG KA . -12.06 48.97 -13.74
O3 NAG KA . -10.34 51.22 -13.99
O4 NAG KA . -8.92 51.95 -11.74
O5 NAG KA . -11.58 49.98 -10.25
O6 NAG KA . -11.28 52.47 -9.06
O7 NAG KA . -14.28 49.35 -13.93
C1 BMA KA . -8.89 53.38 -11.94
C2 BMA KA . -7.44 53.81 -11.82
C3 BMA KA . -7.40 55.33 -12.01
C4 BMA KA . -7.92 55.67 -13.41
C5 BMA KA . -9.33 55.11 -13.59
C6 BMA KA . -9.81 55.20 -15.03
O2 BMA KA . -6.75 53.14 -12.83
O3 BMA KA . -6.09 55.80 -11.82
O4 BMA KA . -7.97 57.08 -13.52
O5 BMA KA . -9.38 53.75 -13.22
O6 BMA KA . -8.99 54.38 -15.82
C1 NAG LA . -23.33 66.73 16.74
C2 NAG LA . -22.56 66.18 15.54
C3 NAG LA . -21.10 65.92 15.92
C4 NAG LA . -20.51 67.14 16.60
C5 NAG LA . -21.32 67.44 17.85
C6 NAG LA . -20.83 68.63 18.63
C7 NAG LA . -23.78 64.72 13.96
C8 NAG LA . -24.31 63.33 13.79
N2 NAG LA . -23.15 64.94 15.12
O3 NAG LA . -20.33 65.59 14.80
O4 NAG LA . -19.19 66.81 16.94
O5 NAG LA . -22.64 67.71 17.47
O6 NAG LA . -21.76 68.97 19.63
O7 NAG LA . -23.93 65.58 13.10
C1 NAG LA . -18.35 67.88 16.46
C2 NAG LA . -17.00 67.72 17.17
C3 NAG LA . -16.08 68.82 16.67
C4 NAG LA . -15.92 68.63 15.16
C5 NAG LA . -17.29 68.78 14.50
C6 NAG LA . -17.27 68.58 13.00
C7 NAG LA . -16.92 66.78 19.44
C8 NAG LA . -17.18 67.10 20.89
N2 NAG LA . -17.17 67.79 18.58
O3 NAG LA . -14.82 68.73 17.28
O4 NAG LA . -15.06 69.63 14.70
O5 NAG LA . -18.19 67.84 15.05
O6 NAG LA . -16.79 67.29 12.70
O7 NAG LA . -16.51 65.70 19.08
C1 NAG MA . -27.66 77.10 15.03
C2 NAG MA . -26.15 77.14 14.78
C3 NAG MA . -25.41 76.91 16.08
C4 NAG MA . -25.93 77.82 17.18
C5 NAG MA . -27.46 77.77 17.29
C6 NAG MA . -27.96 78.81 18.27
C7 NAG MA . -25.79 76.36 12.46
C8 NAG MA . -25.35 75.19 11.63
N2 NAG MA . -25.75 76.17 13.80
O3 NAG MA . -24.05 77.15 15.86
O4 NAG MA . -25.38 77.34 18.39
O5 NAG MA . -28.01 78.03 16.02
O6 NAG MA . -29.33 78.62 18.52
O7 NAG MA . -26.17 77.40 11.95
C1 NAG MA . -24.42 78.27 18.94
C2 NAG MA . -23.86 77.64 20.21
C3 NAG MA . -22.88 78.61 20.84
C4 NAG MA . -21.79 78.93 19.82
C5 NAG MA . -22.41 79.47 18.53
C6 NAG MA . -21.43 79.74 17.42
C7 NAG MA . -25.44 76.10 21.31
C8 NAG MA . -26.58 76.02 22.29
N2 NAG MA . -24.95 77.34 21.11
O3 NAG MA . -22.31 78.05 21.99
O4 NAG MA . -20.95 79.91 20.40
O5 NAG MA . -23.33 78.50 18.06
O6 NAG MA . -22.13 80.15 16.27
O7 NAG MA . -25.00 75.10 20.76
C1 NAG NA . 32.44 1.37 48.84
C2 NAG NA . 31.71 2.14 50.01
C3 NAG NA . 32.82 2.74 50.84
C4 NAG NA . 33.66 1.61 51.38
C5 NAG NA . 34.20 0.71 50.28
C6 NAG NA . 34.89 -0.51 50.85
C7 NAG NA . 29.51 3.30 49.24
C8 NAG NA . 29.01 4.69 48.93
N2 NAG NA . 30.82 3.22 49.62
O3 NAG NA . 32.32 3.52 51.89
O4 NAG NA . 34.73 2.19 52.08
O5 NAG NA . 33.14 0.30 49.43
O6 NAG NA . 33.97 -1.26 51.60
O7 NAG NA . 28.78 2.33 49.13
C1 NAG OA . 58.58 12.05 10.30
C2 NAG OA . 59.71 13.14 10.60
C3 NAG OA . 60.19 13.79 9.32
C4 NAG OA . 60.53 12.72 8.30
C5 NAG OA . 59.38 11.76 8.09
C6 NAG OA . 59.67 10.73 7.05
C7 NAG OA . 59.09 14.69 12.70
C8 NAG OA . 58.59 16.10 12.84
N2 NAG OA . 59.31 14.28 11.42
O3 NAG OA . 61.32 14.59 9.55
O4 NAG OA . 60.84 13.41 7.10
O5 NAG OA . 59.14 11.15 9.36
O6 NAG OA . 59.53 11.32 5.78
O7 NAG OA . 59.35 14.07 13.70
C1 NAG PA . 61.49 -15.37 27.37
C2 NAG PA . 62.26 -14.04 27.29
C3 NAG PA . 63.75 -14.27 27.53
C4 NAG PA . 63.98 -15.14 28.75
C5 NAG PA . 63.34 -16.50 28.51
C6 NAG PA . 63.51 -17.51 29.62
C7 NAG PA . 61.05 -12.63 25.70
C8 NAG PA . 61.03 -12.16 24.26
N2 NAG PA . 62.05 -13.47 26.00
O3 NAG PA . 64.42 -13.05 27.71
O4 NAG PA . 65.37 -15.30 28.92
O5 NAG PA . 61.95 -16.26 28.37
O6 NAG PA . 62.64 -18.60 29.43
O7 NAG PA . 60.21 -12.26 26.51
C1 NAG QA . 55.22 6.73 32.11
C2 NAG QA . 56.06 5.44 32.10
C3 NAG QA . 57.56 5.73 32.15
C4 NAG QA . 57.98 6.84 31.18
C5 NAG QA . 57.19 8.10 31.55
C6 NAG QA . 57.46 9.29 30.69
C7 NAG QA . 54.62 3.96 33.49
C8 NAG QA . 54.65 3.20 34.79
N2 NAG QA . 55.77 4.62 33.24
O3 NAG QA . 58.29 4.57 31.86
O4 NAG QA . 59.36 7.05 31.38
O5 NAG QA . 55.82 7.78 31.38
O6 NAG QA . 57.02 9.06 29.36
O7 NAG QA . 53.63 3.96 32.79
C1 NAG RA . 21.41 -50.84 6.65
C2 NAG RA . 22.45 -51.70 7.41
C3 NAG RA . 22.75 -52.98 6.65
C4 NAG RA . 21.43 -53.69 6.38
C5 NAG RA . 20.45 -52.77 5.62
C6 NAG RA . 19.10 -53.41 5.40
C7 NAG RA . 23.93 -50.28 8.74
C8 NAG RA . 25.26 -49.57 8.80
N2 NAG RA . 23.67 -50.96 7.61
O3 NAG RA . 23.54 -53.82 7.44
O4 NAG RA . 21.70 -54.83 5.59
O5 NAG RA . 20.27 -51.62 6.40
O6 NAG RA . 18.55 -53.71 6.66
O7 NAG RA . 23.16 -50.24 9.67
C1 NAG SA . 2.23 -28.56 35.91
C2 NAG SA . 2.26 -29.70 36.96
C3 NAG SA . 3.23 -29.28 38.04
C4 NAG SA . 4.60 -29.10 37.40
C5 NAG SA . 4.51 -28.06 36.28
C6 NAG SA . 5.78 -27.85 35.50
C7 NAG SA . 0.09 -30.95 37.14
C8 NAG SA . -1.16 -31.06 37.99
N2 NAG SA . 0.98 -30.03 37.56
O3 NAG SA . 3.33 -30.24 39.04
O4 NAG SA . 5.47 -28.67 38.41
O5 NAG SA . 3.53 -28.51 35.37
O6 NAG SA . 6.75 -27.22 36.31
O7 NAG SA . 0.27 -31.67 36.18
C1 NAG TA . -22.37 -14.63 35.76
C2 NAG TA . -21.49 -13.37 35.83
C3 NAG TA . -22.33 -12.14 35.49
C4 NAG TA . -23.11 -12.31 34.20
C5 NAG TA . -24.05 -13.50 34.38
C6 NAG TA . -24.86 -13.83 33.14
C7 NAG TA . -20.27 -13.96 37.96
C8 NAG TA . -19.98 -13.36 39.32
N2 NAG TA . -21.00 -13.15 37.16
O3 NAG TA . -21.50 -11.01 35.39
O4 NAG TA . -23.85 -11.14 33.99
O5 NAG TA . -23.28 -14.64 34.67
O6 NAG TA . -24.03 -13.86 32.02
O7 NAG TA . -19.86 -15.07 37.66
C1 NAG UA . -12.20 -28.52 36.79
C2 NAG UA . -12.71 -28.78 38.22
C3 NAG UA . -11.61 -28.18 39.08
C4 NAG UA . -10.35 -29.02 38.90
C5 NAG UA . -9.87 -28.98 37.45
C6 NAG UA . -8.90 -30.09 37.15
C7 NAG UA . -15.18 -28.74 38.41
C8 NAG UA . -16.35 -27.84 38.75
N2 NAG UA . -13.98 -28.15 38.49
O3 NAG UA . -11.99 -28.15 40.43
O4 NAG UA . -9.37 -28.45 39.74
O5 NAG UA . -10.97 -29.19 36.58
O6 NAG UA . -8.81 -30.26 35.76
O7 NAG UA . -15.34 -29.91 38.09
C1 NAG VA . -11.81 0.06 44.60
C2 NAG VA . -13.11 -0.52 45.21
C3 NAG VA . -13.39 0.17 46.54
C4 NAG VA . -12.17 0.05 47.44
C5 NAG VA . -10.95 0.64 46.74
C6 NAG VA . -9.68 0.59 47.55
C7 NAG VA . -14.54 -1.18 43.31
C8 NAG VA . -15.78 -0.82 42.54
N2 NAG VA . -14.23 -0.38 44.34
O3 NAG VA . -14.48 -0.41 47.19
O4 NAG VA . -12.43 0.76 48.62
O5 NAG VA . -10.78 -0.09 45.56
O6 NAG VA . -9.36 -0.74 47.85
O7 NAG VA . -13.88 -2.15 42.99
C1 NAG WA . 1.03 12.44 44.70
C2 NAG WA . 2.42 12.65 44.09
C3 NAG WA . 3.31 11.52 44.56
C4 NAG WA . 3.38 11.55 46.07
C5 NAG WA . 1.98 11.37 46.67
C6 NAG WA . 1.97 11.55 48.16
C7 NAG WA . 2.31 13.61 41.78
C8 NAG WA . 2.28 13.17 40.34
N2 NAG WA . 2.36 12.59 42.65
O3 NAG WA . 4.61 11.64 44.05
O4 NAG WA . 4.21 10.49 46.45
O5 NAG WA . 1.07 12.32 46.11
O6 NAG WA . 2.75 10.55 48.76
O7 NAG WA . 2.28 14.79 42.11
C1 NAG XA . -12.41 23.98 48.78
C2 NAG XA . -11.59 24.07 50.08
C3 NAG XA . -11.71 25.41 50.82
C4 NAG XA . -11.67 26.55 49.82
C5 NAG XA . -12.76 26.33 48.78
C6 NAG XA . -12.98 27.49 47.84
C7 NAG XA . -13.08 22.65 51.48
C8 NAG XA . -13.09 21.40 52.33
N2 NAG XA . -11.89 22.95 50.94
O3 NAG XA . -10.65 25.55 51.73
O4 NAG XA . -11.85 27.75 50.52
O5 NAG XA . -12.38 25.19 48.05
O6 NAG XA . -11.80 27.76 47.12
O7 NAG XA . -14.10 23.30 51.33
C1 NAG YA . -24.89 27.16 33.47
C2 NAG YA . -23.71 27.23 34.48
C3 NAG YA . -23.85 26.09 35.48
C4 NAG YA . -25.18 26.32 36.19
C5 NAG YA . -26.32 26.26 35.18
C6 NAG YA . -27.65 26.48 35.83
C7 NAG YA . -21.41 26.45 33.64
C8 NAG YA . -20.26 27.02 32.86
N2 NAG YA . -22.43 27.34 33.81
O3 NAG YA . -22.82 26.09 36.41
O4 NAG YA . -25.31 25.28 37.13
O5 NAG YA . -26.12 27.23 34.16
O6 NAG YA . -28.66 26.54 34.85
O7 NAG YA . -21.37 25.30 34.05
C1 NAG ZA . -23.79 52.25 31.32
C2 NAG ZA . -24.16 53.54 32.06
C3 NAG ZA . -22.88 54.28 32.38
C4 NAG ZA . -21.99 53.36 33.19
C5 NAG ZA . -21.71 52.08 32.40
C6 NAG ZA . -20.84 51.07 33.12
C7 NAG ZA . -26.34 54.48 31.43
C8 NAG ZA . -27.03 55.39 30.44
N2 NAG ZA . -25.03 54.34 31.24
O3 NAG ZA . -23.14 55.45 33.11
O4 NAG ZA . -20.78 54.03 33.43
O5 NAG ZA . -22.94 51.45 32.11
O6 NAG ZA . -21.36 50.81 34.40
O7 NAG ZA . -26.96 53.95 32.33
C1 NAG AB . 0.90 58.51 10.09
C2 NAG AB . 2.45 58.11 9.79
C3 NAG AB . 3.38 59.07 10.44
C4 NAG AB . 3.07 60.43 9.90
C5 NAG AB . 1.63 60.78 10.19
C6 NAG AB . 1.30 62.11 9.56
C7 NAG AB . 2.87 55.77 9.84
C8 NAG AB . 2.25 54.53 10.41
N2 NAG AB . 2.67 56.88 10.50
O3 NAG AB . 4.69 58.66 10.07
O4 NAG AB . 3.96 61.40 10.48
O5 NAG AB . 0.79 59.83 9.58
O6 NAG AB . 1.75 62.01 8.21
O7 NAG AB . 3.53 55.77 8.82
C1 NAG BB . -64.73 66.70 7.88
C2 NAG BB . -65.92 67.68 7.93
C3 NAG BB . -66.78 67.61 6.67
C4 NAG BB . -65.88 67.79 5.45
C5 NAG BB . -64.88 66.64 5.45
C6 NAG BB . -63.91 66.72 4.29
C7 NAG BB . -67.41 66.42 9.42
C8 NAG BB . -68.16 66.50 10.74
N2 NAG BB . -66.71 67.53 9.13
O3 NAG BB . -67.77 68.60 6.68
O4 NAG BB . -66.68 67.74 4.30
O5 NAG BB . -64.10 66.70 6.62
O6 NAG BB . -63.05 65.60 4.30
O7 NAG BB . -67.45 65.41 8.74
C1 NAG CB . -37.49 -45.04 -2.96
C2 NAG CB . -38.74 -44.51 -3.77
C3 NAG CB . -39.91 -45.37 -3.35
C4 NAG CB . -39.58 -46.79 -3.74
C5 NAG CB . -38.32 -47.28 -3.03
C6 NAG CB . -37.96 -48.68 -3.44
C7 NAG CB . -38.71 -41.93 -4.04
C8 NAG CB . -39.30 -40.70 -3.37
N2 NAG CB . -39.06 -43.11 -3.49
O3 NAG CB . -41.08 -44.96 -4.00
O4 NAG CB . -40.68 -47.59 -3.37
O5 NAG CB . -37.26 -46.40 -3.31
O6 NAG CB . -37.84 -48.75 -4.84
O7 NAG CB . -38.01 -41.82 -5.03
C1 NAG DB . -12.97 -45.31 38.02
C2 NAG DB . -13.79 -46.02 39.22
C3 NAG DB . -13.15 -45.71 40.56
C4 NAG DB . -11.67 -46.03 40.48
C5 NAG DB . -11.01 -45.33 39.31
C6 NAG DB . -9.51 -45.59 39.28
C7 NAG DB . -16.37 -45.86 38.90
C8 NAG DB . -17.53 -45.03 39.39
N2 NAG DB . -15.15 -45.54 39.39
O3 NAG DB . -13.75 -46.45 41.58
O4 NAG DB . -11.11 -45.62 41.71
O5 NAG DB . -11.65 -45.78 38.13
O6 NAG DB . -8.87 -44.78 40.25
O7 NAG DB . -16.60 -46.79 38.15
C1 NAG EB . -9.68 -66.08 14.61
C2 NAG EB . -8.25 -65.53 14.90
C3 NAG EB . -7.40 -66.63 15.46
C4 NAG EB . -8.06 -67.28 16.64
C5 NAG EB . -9.42 -67.88 16.21
C6 NAG EB . -10.24 -68.45 17.34
C7 NAG EB . -7.60 -64.37 12.58
C8 NAG EB . -6.29 -64.16 11.89
N2 NAG EB . -7.47 -65.02 13.77
O3 NAG EB . -6.15 -66.14 15.84
O4 NAG EB . -7.17 -68.29 17.04
O5 NAG EB . -10.25 -66.86 15.64
O6 NAG EB . -9.51 -69.44 18.01
O7 NAG EB . -8.57 -63.91 12.04
C1 NAG FB . -27.51 -53.93 22.48
C2 NAG FB . -26.53 -55.10 22.38
C3 NAG FB . -26.87 -56.10 23.47
C4 NAG FB . -26.85 -55.40 24.82
C5 NAG FB . -27.80 -54.19 24.82
C6 NAG FB . -27.76 -53.36 26.08
C7 NAG FB . -25.91 -55.36 20.02
C8 NAG FB . -26.17 -56.13 18.76
N2 NAG FB . -26.63 -55.72 21.09
O3 NAG FB . -25.95 -57.17 23.48
O4 NAG FB . -27.26 -56.32 25.78
O5 NAG FB . -27.41 -53.35 23.75
O6 NAG FB . -26.46 -52.82 26.23
O7 NAG FB . -25.10 -54.47 20.07
C1 NAG GB . 28.14 -42.01 -22.93
C2 NAG GB . 28.19 -43.51 -23.31
C3 NAG GB . 29.62 -43.93 -23.60
C4 NAG GB . 30.26 -42.94 -24.57
C5 NAG GB . 30.12 -41.50 -24.07
C6 NAG GB . 30.78 -40.49 -24.97
C7 NAG GB . 26.38 -44.64 -22.05
C8 NAG GB . 26.07 -45.46 -20.83
N2 NAG GB . 27.67 -44.29 -22.22
O3 NAG GB . 29.65 -45.21 -24.20
O4 NAG GB . 31.62 -43.26 -24.62
O5 NAG GB . 28.74 -41.23 -23.95
O6 NAG GB . 30.09 -40.40 -26.20
O7 NAG GB . 25.51 -44.33 -22.86
C1 NAG HB . -9.62 -29.14 -34.62
C2 NAG HB . -9.79 -30.16 -35.75
C3 NAG HB . -10.82 -31.17 -35.28
C4 NAG HB . -10.24 -31.86 -34.05
C5 NAG HB . -9.98 -30.81 -32.97
C6 NAG HB . -9.36 -31.35 -31.72
C7 NAG HB . -9.30 -29.16 -37.93
C8 NAG HB . -9.91 -28.54 -39.16
N2 NAG HB . -10.18 -29.54 -36.99
O3 NAG HB . -11.08 -32.13 -36.27
O4 NAG HB . -11.20 -32.79 -33.60
O5 NAG HB . -9.10 -29.84 -33.53
O6 NAG HB . -10.32 -32.05 -30.97
O7 NAG HB . -8.09 -29.28 -37.80
C1 NAG IB . -18.42 -2.64 -41.55
C2 NAG IB . -18.79 -1.32 -40.86
C3 NAG IB . -18.85 -0.18 -41.87
C4 NAG IB . -17.58 -0.16 -42.69
C5 NAG IB . -17.41 -1.51 -43.38
C6 NAG IB . -16.20 -1.60 -44.29
C7 NAG IB . -20.33 -1.95 -39.01
C8 NAG IB . -21.76 -1.91 -38.56
N2 NAG IB . -20.09 -1.41 -40.22
O3 NAG IB . -19.03 1.06 -41.23
O4 NAG IB . -17.69 0.87 -43.64
O5 NAG IB . -17.28 -2.45 -42.35
O6 NAG IB . -15.04 -1.23 -43.57
O7 NAG IB . -19.46 -2.42 -38.30
C1 NAG JB . -10.90 -16.75 -46.20
C2 NAG JB . -12.16 -17.02 -45.36
C3 NAG JB . -13.42 -16.90 -46.20
C4 NAG JB . -13.40 -15.56 -46.92
C5 NAG JB . -12.22 -15.57 -47.88
C6 NAG JB . -12.07 -14.33 -48.72
C7 NAG JB . -11.40 -18.66 -43.64
C8 NAG JB . -11.55 -20.10 -43.23
N2 NAG JB . -12.10 -18.32 -44.73
O3 NAG JB . -14.56 -16.98 -45.40
O4 NAG JB . -14.61 -15.42 -47.64
O5 NAG JB . -11.07 -15.65 -47.07
O6 NAG JB . -10.79 -14.31 -49.31
O7 NAG JB . -10.69 -17.88 -43.03
C1 NAG KB . -34.96 -8.88 -29.02
C2 NAG KB . -35.11 -8.35 -30.45
C3 NAG KB . -36.59 -8.29 -30.81
C4 NAG KB . -37.23 -9.66 -30.60
C5 NAG KB . -36.99 -10.09 -29.15
C6 NAG KB . -37.55 -11.46 -28.80
C7 NAG KB . -33.18 -6.86 -30.84
C8 NAG KB . -32.76 -5.42 -30.99
N2 NAG KB . -34.49 -7.06 -30.63
O3 NAG KB . -36.79 -7.91 -32.14
O4 NAG KB . -38.60 -9.54 -30.85
O5 NAG KB . -35.60 -10.14 -28.95
O6 NAG KB . -36.82 -12.45 -29.47
O7 NAG KB . -32.37 -7.77 -30.92
C1 NAG LB . -41.44 -13.52 -13.08
C2 NAG LB . -41.14 -14.20 -11.73
C3 NAG LB . -41.04 -15.72 -11.90
C4 NAG LB . -42.28 -16.23 -12.60
C5 NAG LB . -42.48 -15.47 -13.91
C6 NAG LB . -43.69 -15.89 -14.71
C7 NAG LB . -39.86 -12.66 -10.31
C8 NAG LB . -38.48 -12.30 -9.83
N2 NAG LB . -39.92 -13.69 -11.17
O3 NAG LB . -40.96 -16.36 -10.65
O4 NAG LB . -42.09 -17.61 -12.86
O5 NAG LB . -42.62 -14.11 -13.56
O6 NAG LB . -43.52 -17.19 -15.23
O7 NAG LB . -40.85 -12.04 -9.94
C1 NAG MB . -53.37 0.55 -16.04
C2 NAG MB . -54.35 -0.58 -16.39
C3 NAG MB . -55.82 -0.26 -16.08
C4 NAG MB . -55.93 0.46 -14.74
C5 NAG MB . -54.98 1.65 -14.69
C6 NAG MB . -55.05 2.44 -13.41
C7 NAG MB . -54.25 -0.22 -18.86
C8 NAG MB . -53.99 -0.94 -20.16
N2 NAG MB . -54.18 -0.99 -17.76
O3 NAG MB . -56.56 -1.45 -16.02
O4 NAG MB . -57.26 0.88 -14.59
O5 NAG MB . -53.66 1.12 -14.79
O6 NAG MB . -54.68 1.63 -12.32
O7 NAG MB . -54.54 0.97 -18.86
C1 NAG NB . -44.69 18.42 -14.94
C2 NAG NB . -45.64 17.21 -14.76
C3 NAG NB . -45.73 16.36 -16.03
C4 NAG NB . -46.00 17.26 -17.21
C5 NAG NB . -44.94 18.35 -17.27
C6 NAG NB . -45.09 19.25 -18.48
C7 NAG NB . -44.25 15.63 -13.41
C8 NAG NB . -44.22 14.87 -12.11
N2 NAG NB . -45.35 16.38 -13.62
O3 NAG NB . -46.76 15.40 -15.93
O4 NAG NB . -45.92 16.46 -18.35
O5 NAG NB . -45.05 19.13 -16.09
O6 NAG NB . -46.25 20.02 -18.33
O7 NAG NB . -43.33 15.53 -14.20
C1 NAG OB . -58.32 29.47 3.14
C2 NAG OB . -59.73 30.05 3.36
C3 NAG OB . -60.42 29.24 4.44
C4 NAG OB . -60.39 27.78 4.05
C5 NAG OB . -58.95 27.32 3.85
C6 NAG OB . -58.82 25.86 3.44
C7 NAG OB . -59.73 32.45 2.83
C8 NAG OB . -59.62 33.82 3.44
N2 NAG OB . -59.64 31.43 3.71
O3 NAG OB . -61.76 29.64 4.58
O4 NAG OB . -60.98 27.04 5.10
O5 NAG OB . -58.37 28.10 2.82
O6 NAG OB . -59.41 25.69 2.18
O7 NAG OB . -59.88 32.29 1.63
C1 NAG PB . -44.53 21.41 32.25
C2 NAG PB . -43.79 20.17 32.73
C3 NAG PB . -44.66 19.61 33.83
C4 NAG PB . -44.82 20.63 34.94
C5 NAG PB . -45.45 21.92 34.38
C6 NAG PB . -45.50 23.06 35.37
C7 NAG PB . -42.62 18.38 31.49
C8 NAG PB . -42.76 17.48 30.29
N2 NAG PB . -43.66 19.22 31.66
O3 NAG PB . -44.17 18.41 34.37
O4 NAG PB . -45.71 20.05 35.88
O5 NAG PB . -44.71 22.38 33.27
O6 NAG PB . -46.35 22.67 36.44
O7 NAG PB . -41.64 18.38 32.23
C1 NAG QB . -51.34 78.55 -1.26
C2 NAG QB . -50.01 79.04 -0.68
C3 NAG QB . -49.83 80.49 -1.15
C4 NAG QB . -49.89 80.53 -2.66
C5 NAG QB . -51.19 79.90 -3.18
C6 NAG QB . -51.30 79.88 -4.68
C7 NAG QB . -48.94 78.92 1.51
C8 NAG QB . -49.19 78.83 3.00
N2 NAG QB . -50.05 78.96 0.75
O3 NAG QB . -48.59 81.03 -0.74
O4 NAG QB . -49.83 81.89 -3.02
O5 NAG QB . -51.29 78.58 -2.67
O6 NAG QB . -52.51 79.29 -5.06
O7 NAG QB . -47.80 78.98 1.06
C1 NAG RB . 29.85 10.66 -49.61
C2 NAG RB . 29.92 12.19 -49.68
C3 NAG RB . 30.10 12.58 -51.12
C4 NAG RB . 31.43 12.00 -51.57
C5 NAG RB . 31.38 10.46 -51.48
C6 NAG RB . 32.68 9.81 -51.86
C7 NAG RB . 28.54 13.09 -47.84
C8 NAG RB . 27.19 13.67 -47.51
N2 NAG RB . 28.72 12.75 -49.13
O3 NAG RB . 30.11 13.96 -51.26
O4 NAG RB . 31.66 12.41 -52.89
O5 NAG RB . 31.02 10.07 -50.16
O6 NAG RB . 33.73 10.39 -51.13
O7 NAG RB . 29.40 12.94 -46.97
C1 NAG SB . -1.37 -24.52 -55.75
C2 NAG SB . -1.76 -24.65 -57.24
C3 NAG SB . -3.10 -25.34 -57.35
C4 NAG SB . -2.96 -26.70 -56.68
C5 NAG SB . -2.52 -26.52 -55.22
C6 NAG SB . -2.33 -27.84 -54.51
C7 NAG SB . -2.54 -22.35 -57.95
C8 NAG SB . -2.15 -21.24 -58.88
N2 NAG SB . -1.69 -23.40 -57.97
O3 NAG SB . -3.49 -25.49 -58.68
O4 NAG SB . -4.22 -27.32 -56.73
O5 NAG SB . -1.31 -25.81 -55.19
O6 NAG SB . -1.24 -28.51 -55.11
O7 NAG SB . -3.53 -22.27 -57.25
C1 NAG TB . 31.21 -28.66 -55.09
C2 NAG TB . 30.00 -28.66 -56.04
C3 NAG TB . 30.33 -29.52 -57.24
C4 NAG TB . 31.67 -29.10 -57.83
C5 NAG TB . 32.77 -29.31 -56.81
C6 NAG TB . 34.16 -28.94 -57.27
C7 NAG TB . 27.94 -28.51 -54.66
C8 NAG TB . 26.86 -29.35 -54.03
N2 NAG TB . 28.86 -29.20 -55.34
O3 NAG TB . 29.34 -29.40 -58.24
O4 NAG TB . 31.92 -29.91 -58.96
O5 NAG TB . 32.47 -28.49 -55.69
O6 NAG TB . 35.04 -28.94 -56.18
O7 NAG TB . 27.95 -27.29 -54.53
C1 NAG UB . 16.58 -11.41 -61.15
C2 NAG UB . 17.15 -12.82 -61.03
C3 NAG UB . 17.10 -13.48 -62.39
C4 NAG UB . 15.65 -13.53 -62.84
C5 NAG UB . 15.16 -12.09 -63.03
C6 NAG UB . 13.70 -12.01 -63.39
C7 NAG UB . 19.01 -13.49 -59.59
C8 NAG UB . 20.47 -13.28 -59.29
N2 NAG UB . 18.51 -12.75 -60.60
O3 NAG UB . 17.62 -14.78 -62.34
O4 NAG UB . 15.59 -14.23 -64.07
O5 NAG UB . 15.33 -11.37 -61.82
O6 NAG UB . 12.94 -12.66 -62.39
O7 NAG UB . 18.34 -14.27 -58.93
C1 NAG VB . 45.99 -32.05 0.21
C2 NAG VB . 46.44 -32.61 1.56
C3 NAG VB . 47.02 -33.99 1.36
C4 NAG VB . 46.06 -34.85 0.55
C5 NAG VB . 45.80 -34.15 -0.78
C6 NAG VB . 44.97 -34.92 -1.79
C7 NAG VB . 47.70 -31.55 3.39
C8 NAG VB . 48.90 -30.66 3.58
N2 NAG VB . 47.48 -31.80 2.09
O3 NAG VB . 47.31 -34.60 2.59
O4 NAG VB . 46.67 -36.10 0.30
O5 NAG VB . 45.15 -32.94 -0.47
O6 NAG VB . 45.07 -34.26 -3.05
O7 NAG VB . 47.04 -31.96 4.34
C1 NAG WB . 44.88 8.62 -7.02
C2 NAG WB . 46.37 8.30 -7.06
C3 NAG WB . 46.84 8.61 -8.48
C4 NAG WB . 46.15 7.65 -9.42
C5 NAG WB . 44.63 7.87 -9.35
C6 NAG WB . 43.88 6.72 -9.97
C7 NAG WB . 48.04 8.71 -5.30
C8 NAG WB . 48.65 9.82 -4.47
N2 NAG WB . 47.09 9.12 -6.15
O3 NAG WB . 48.23 8.48 -8.60
O4 NAG WB . 46.61 7.96 -10.71
O5 NAG WB . 44.16 7.92 -8.01
O6 NAG WB . 44.22 6.63 -11.35
O7 NAG WB . 48.40 7.56 -5.17
C1 NAG XB . 31.58 29.81 5.79
C2 NAG XB . 31.30 30.87 6.83
C3 NAG XB . 29.93 31.47 6.56
C4 NAG XB . 29.92 32.04 5.16
C5 NAG XB . 30.26 30.92 4.18
C6 NAG XB . 30.33 31.46 2.76
C7 NAG XB . 32.51 30.06 8.74
C8 NAG XB . 32.49 29.06 9.86
N2 NAG XB . 31.35 30.29 8.15
O3 NAG XB . 29.65 32.51 7.51
O4 NAG XB . 28.64 32.58 4.85
O5 NAG XB . 31.53 30.38 4.49
O6 NAG XB . 31.50 32.27 2.64
O7 NAG XB . 33.54 30.60 8.39
C1 NAG YB . 45.31 20.50 5.56
C2 NAG YB . 45.02 20.81 4.08
C3 NAG YB . 45.60 22.18 3.79
C4 NAG YB . 45.01 23.23 4.73
C5 NAG YB . 45.28 22.82 6.18
C6 NAG YB . 44.61 23.71 7.20
C7 NAG YB . 45.15 18.61 2.91
C8 NAG YB . 45.98 17.85 1.91
N2 NAG YB . 45.60 19.86 3.18
O3 NAG YB . 45.34 22.55 2.45
O4 NAG YB . 45.65 24.45 4.42
O5 NAG YB . 44.78 21.52 6.38
O6 NAG YB . 44.96 25.06 7.00
O7 NAG YB . 44.16 18.11 3.42
C1 NAG ZB . 26.90 35.58 -12.70
C2 NAG ZB . 27.63 36.52 -11.72
C3 NAG ZB . 27.71 37.91 -12.34
C4 NAG ZB . 28.35 37.83 -13.72
C5 NAG ZB . 27.55 36.84 -14.59
C6 NAG ZB . 28.12 36.66 -15.98
C7 NAG ZB . 27.17 35.67 -9.45
C8 NAG ZB . 26.40 35.94 -8.18
N2 NAG ZB . 27.00 36.57 -10.43
O3 NAG ZB . 28.49 38.76 -11.55
O4 NAG ZB . 28.31 39.11 -14.29
O5 NAG ZB . 27.59 35.60 -13.93
O6 NAG ZB . 29.38 36.03 -15.90
O7 NAG ZB . 27.89 34.70 -9.54
C1 NAG AC . 16.82 32.18 -27.77
C2 NAG AC . 16.77 31.14 -29.01
C3 NAG AC . 18.06 30.54 -29.31
C4 NAG AC . 18.73 31.68 -29.84
C5 NAG AC . 18.91 32.64 -28.72
C6 NAG AC . 19.82 33.76 -29.12
C7 NAG AC . 14.89 30.35 -27.97
C8 NAG AC . 14.55 29.40 -26.88
N2 NAG AC . 15.98 30.06 -28.59
O3 NAG AC . 17.82 29.77 -30.44
O4 NAG AC . 19.95 31.35 -30.43
O5 NAG AC . 17.62 33.10 -28.46
O6 NAG AC . 20.79 33.31 -30.06
O7 NAG AC . 14.26 31.33 -28.23
C1 NAG BC . 10.40 49.22 -24.23
C2 NAG BC . 11.35 49.62 -25.39
C3 NAG BC . 10.84 50.82 -26.19
C4 NAG BC . 9.37 50.63 -26.50
C5 NAG BC . 8.58 50.38 -25.22
C6 NAG BC . 7.09 50.25 -25.43
C7 NAG BC . 13.11 50.69 -23.98
C8 NAG BC . 14.59 50.62 -23.68
N2 NAG BC . 12.69 49.79 -24.90
O3 NAG BC . 11.55 50.91 -27.40
O4 NAG BC . 8.90 51.80 -27.14
O5 NAG BC . 9.07 49.16 -24.68
O6 NAG BC . 6.83 49.16 -26.30
O7 NAG BC . 12.38 51.50 -23.43
C1 NAG CC . -1.58 49.65 -8.66
C2 NAG CC . -0.95 49.77 -10.05
C3 NAG CC . 0.54 50.06 -10.00
C4 NAG CC . 0.80 51.22 -9.06
C5 NAG CC . 0.19 50.88 -7.70
C6 NAG CC . 0.48 51.88 -6.61
C7 NAG CC . -0.88 47.38 -10.73
C8 NAG CC . -1.39 46.41 -11.77
N2 NAG CC . -1.28 48.65 -10.90
O3 NAG CC . 1.05 50.36 -11.27
O4 NAG CC . 2.18 51.36 -8.93
O5 NAG CC . -1.21 50.77 -7.88
O6 NAG CC . -0.29 53.04 -6.82
O7 NAG CC . -0.17 47.00 -9.82
C1 NAG DC . -23.38 58.61 -18.19
C2 NAG DC . -23.96 59.87 -18.83
C3 NAG DC . -24.36 59.55 -20.25
C4 NAG DC . -23.14 59.02 -20.99
C5 NAG DC . -22.61 57.78 -20.27
C6 NAG DC . -21.37 57.17 -20.91
C7 NAG DC . -25.13 61.37 -17.24
C8 NAG DC . -26.50 61.60 -16.68
N2 NAG DC . -25.09 60.34 -18.11
O3 NAG DC . -24.84 60.69 -20.90
O4 NAG DC . -23.56 58.68 -22.29
O5 NAG DC . -22.29 58.15 -18.94
O6 NAG DC . -20.87 56.13 -20.09
O7 NAG DC . -24.17 62.09 -16.98
C1 NAG EC . -40.41 32.13 -29.90
C2 NAG EC . -39.98 30.66 -30.24
C3 NAG EC . -40.60 30.40 -31.60
C4 NAG EC . -42.10 30.59 -31.56
C5 NAG EC . -42.44 31.98 -31.05
C6 NAG EC . -43.94 32.20 -30.93
C7 NAG EC . -37.48 30.08 -29.60
C8 NAG EC . -36.16 30.06 -30.34
N2 NAG EC . -38.56 30.42 -30.37
O3 NAG EC . -40.30 29.09 -32.02
O4 NAG EC . -42.55 30.44 -32.89
O5 NAG EC . -41.82 32.14 -29.77
O6 NAG EC . -44.54 31.21 -30.15
O7 NAG EC . -37.50 29.68 -28.45
C1 NAG FC . -50.72 76.21 19.09
C2 NAG FC . -50.97 74.89 19.83
C3 NAG FC . -51.53 75.25 21.19
C4 NAG FC . -50.57 76.18 21.91
C5 NAG FC . -50.20 77.40 21.07
C6 NAG FC . -49.11 78.24 21.70
C7 NAG FC . -51.88 72.72 19.20
C8 NAG FC . -52.94 72.01 18.40
N2 NAG FC . -51.90 74.07 19.12
O3 NAG FC . -51.74 74.11 21.98
O4 NAG FC . -51.24 76.60 23.08
O5 NAG FC . -49.76 76.97 19.79
O6 NAG FC . -49.03 79.48 21.04
O7 NAG FC . -51.06 72.10 19.86
#